data_2WW3
#
_entry.id   2WW3
#
_cell.length_a   161.260
_cell.length_b   68.590
_cell.length_c   204.009
_cell.angle_alpha   90.00
_cell.angle_beta   94.66
_cell.angle_gamma   90.00
#
_symmetry.space_group_name_H-M   'P 1 21 1'
#
loop_
_entity.id
_entity.type
_entity.pdbx_description
1 polymer 'PUTATIVE ALPHA-1,2-MANNOSIDASE'
2 branched 'alpha-D-mannopyranose-(1-2)-methyl 2-thio-alpha-D-mannopyranoside'
3 non-polymer 'CALCIUM ION'
4 non-polymer GLYCEROL
5 water water
#
_entity_poly.entity_id   1
_entity_poly.type   'polypeptide(L)'
_entity_poly.pdbx_seq_one_letter_code
;KDWTQYVNPLMGSQSTFELSTGNTYPAIARPWGMNFWTPQTGKMGDGWQYTYTANKIRGFKQTHQPSPWINDYGQFSIMP
IVGQPVFDEEKRASWFAHKGEVATPYYYKVYLAEHDIVTEMTPTERAVLFRFTFPENDHSYVVVDAFDKGSYIKIIPEEN
KIIGYTTRNSGGVPENFKNYFIIEFDKPFTYKATVENGNLQENVAEQTTDHAGAIIGFKTRKGEQVNARIASSFISFEQA
AANMNELGKDNIEQLAQKGKDAWNQVLGKIEVEGGNLDQYRTFYSCLYRSLLFPRKFYELDANGQPIHYSPYNGQVLPGY
MFTDTGFWDTFRCLFPLLNLMYPSVNKEMQEGLINTYLESGFFPEWASPGHRGCMVGNNSASILVDAYMKGVKVDDIKTL
YEGLIHGTENVHPEVSSTGRLGYEYYNKLGYVPYDVKINENAARTLEYAYDDWCIYRLAKELKRPKKEISLFAKRAMNYK
NLFDKESKLMRGRNEDGTFQSPFSPLKWGDAFTEGNSWHYTWSVFHDPQGLIDLMGGKEMFVTMMDSVFAVPPIFDDSYY
GQVIHEIREMTVMNMGNYAHGNQPIQHMIYLYDYAGQPWKAQYWLRQVMDRMYTPGPDGYCGDEDNGQTSAWYVFSALGF
YPVCPGTDEYVMGTPLFKKATLHFENGNSLVIDAPNNSTENFYIDSMSFNGADHTKNYLRHEDLFKGGTIKVDMSNRPNL
NRGTKEEDMPYSFSKELEHHHHHH
;
_entity_poly.pdbx_strand_id   A,B,C,D,E,F
#
loop_
_chem_comp.id
_chem_comp.type
_chem_comp.name
_chem_comp.formula
CA non-polymer 'CALCIUM ION' 'Ca 2'
GOL non-polymer GLYCEROL 'C3 H8 O3'
MAN D-saccharide, alpha linking alpha-D-mannopyranose 'C6 H12 O6'
Z5L D-saccharide 'methyl 2-thio-alpha-D-mannopyranoside' 'C7 H14 O5 S'
#
# COMPACT_ATOMS: atom_id res chain seq x y z
N LYS A 1 12.84 -20.33 -46.39
CA LYS A 1 12.30 -19.99 -45.05
C LYS A 1 13.01 -20.85 -43.99
N ASP A 2 13.26 -20.28 -42.82
CA ASP A 2 13.94 -21.04 -41.78
C ASP A 2 12.99 -21.40 -40.64
N TRP A 3 12.99 -22.66 -40.23
CA TRP A 3 12.22 -23.09 -39.09
C TRP A 3 13.12 -23.44 -37.92
N THR A 4 14.40 -23.68 -38.18
CA THR A 4 15.29 -24.07 -37.07
C THR A 4 15.33 -23.00 -36.01
N GLN A 5 15.09 -21.75 -36.40
CA GLN A 5 15.19 -20.63 -35.49
C GLN A 5 14.23 -20.82 -34.33
N TYR A 6 13.19 -21.63 -34.53
CA TYR A 6 12.21 -21.81 -33.48
C TYR A 6 12.52 -23.01 -32.58
N VAL A 7 13.52 -23.80 -32.97
CA VAL A 7 13.82 -25.02 -32.23
C VAL A 7 14.70 -24.70 -31.02
N ASN A 8 14.28 -25.13 -29.83
CA ASN A 8 15.07 -24.94 -28.63
C ASN A 8 15.54 -26.31 -28.11
N PRO A 9 16.81 -26.65 -28.35
CA PRO A 9 17.21 -27.98 -27.89
C PRO A 9 17.34 -28.06 -26.37
N LEU A 10 17.15 -26.94 -25.67
CA LEU A 10 17.30 -26.96 -24.20
C LEU A 10 15.96 -27.29 -23.55
N MET A 11 14.89 -27.35 -24.35
CA MET A 11 13.58 -27.57 -23.78
C MET A 11 13.51 -28.96 -23.16
N GLY A 12 13.31 -29.01 -21.84
CA GLY A 12 13.20 -30.25 -21.14
C GLY A 12 14.44 -30.53 -20.33
N SER A 13 15.45 -29.68 -20.44
CA SER A 13 16.70 -29.89 -19.71
C SER A 13 16.66 -29.46 -18.23
N GLN A 14 15.71 -28.59 -17.87
CA GLN A 14 15.57 -28.17 -16.49
C GLN A 14 14.72 -29.20 -15.71
N SER A 15 15.23 -30.43 -15.62
CA SER A 15 14.51 -31.58 -15.03
C SER A 15 15.32 -32.14 -13.88
N THR A 16 14.63 -32.67 -12.88
CA THR A 16 15.27 -33.37 -11.75
C THR A 16 14.67 -34.78 -11.61
N PHE A 17 15.32 -35.61 -10.78
CA PHE A 17 14.79 -36.93 -10.44
C PHE A 17 13.37 -36.86 -9.88
N GLU A 18 13.12 -35.84 -9.05
CA GLU A 18 11.85 -35.70 -8.34
C GLU A 18 10.72 -35.11 -9.19
N LEU A 19 11.07 -34.35 -10.22
CA LEU A 19 10.04 -33.74 -11.05
C LEU A 19 10.58 -33.55 -12.46
N SER A 20 10.12 -34.39 -13.38
CA SER A 20 10.54 -34.23 -14.77
C SER A 20 9.82 -33.07 -15.44
N THR A 21 10.57 -32.29 -16.22
CA THR A 21 9.99 -31.35 -17.17
C THR A 21 10.37 -31.72 -18.61
N GLY A 22 10.68 -32.99 -18.83
CA GLY A 22 10.96 -33.55 -20.13
C GLY A 22 12.05 -34.60 -20.03
N ASN A 23 12.97 -34.40 -19.09
CA ASN A 23 14.14 -35.27 -19.03
C ASN A 23 14.86 -35.43 -20.38
N THR A 24 15.11 -34.30 -21.05
CA THR A 24 15.86 -34.32 -22.26
C THR A 24 17.26 -33.72 -22.07
N TYR A 25 18.11 -33.93 -23.07
CA TYR A 25 19.36 -33.22 -23.22
C TYR A 25 19.39 -32.62 -24.64
N PRO A 26 20.28 -31.65 -24.88
CA PRO A 26 20.30 -31.02 -26.18
C PRO A 26 20.99 -31.94 -27.16
N ALA A 27 20.18 -32.57 -27.99
CA ALA A 27 20.68 -33.49 -28.99
C ALA A 27 21.13 -32.73 -30.22
N ILE A 28 22.42 -32.48 -30.31
CA ILE A 28 22.97 -31.86 -31.51
C ILE A 28 23.25 -32.96 -32.54
N ALA A 29 22.51 -32.93 -33.66
CA ALA A 29 22.43 -34.11 -34.50
C ALA A 29 21.64 -33.87 -35.78
N ARG A 30 21.86 -34.70 -36.78
CA ARG A 30 20.96 -34.76 -37.92
C ARG A 30 19.73 -35.56 -37.56
N PRO A 31 18.63 -35.36 -38.29
CA PRO A 31 17.45 -36.19 -37.99
C PRO A 31 17.81 -37.69 -37.93
N TRP A 32 17.30 -38.40 -36.92
CA TRP A 32 17.54 -39.84 -36.80
C TRP A 32 19.04 -40.19 -36.86
N GLY A 33 19.89 -39.22 -36.55
CA GLY A 33 21.35 -39.43 -36.60
C GLY A 33 21.79 -40.65 -35.81
N MET A 34 22.74 -41.40 -36.36
CA MET A 34 23.24 -42.57 -35.65
C MET A 34 24.00 -42.12 -34.39
N ASN A 35 24.70 -41.00 -34.49
CA ASN A 35 25.46 -40.50 -33.33
C ASN A 35 24.97 -39.10 -32.96
N PHE A 36 24.52 -38.93 -31.72
CA PHE A 36 24.21 -37.62 -31.18
C PHE A 36 25.38 -37.05 -30.39
N TRP A 37 25.40 -35.72 -30.29
CA TRP A 37 26.44 -35.00 -29.56
C TRP A 37 25.82 -34.01 -28.60
N THR A 38 26.33 -33.94 -27.38
CA THR A 38 25.80 -33.03 -26.37
C THR A 38 26.87 -32.47 -25.45
N PRO A 39 26.71 -31.20 -25.05
CA PRO A 39 27.50 -30.79 -23.90
C PRO A 39 27.21 -31.71 -22.72
N GLN A 40 28.20 -31.99 -21.88
CA GLN A 40 27.96 -32.88 -20.73
C GLN A 40 28.23 -32.13 -19.43
N THR A 41 27.19 -31.91 -18.64
CA THR A 41 27.35 -31.26 -17.34
C THR A 41 27.38 -32.34 -16.26
N GLY A 42 26.77 -33.49 -16.52
CA GLY A 42 26.71 -34.54 -15.48
C GLY A 42 27.99 -35.36 -15.37
N LYS A 43 28.21 -35.97 -14.21
CA LYS A 43 29.34 -36.88 -14.08
C LYS A 43 29.12 -38.10 -14.96
N MET A 44 30.22 -38.71 -15.42
CA MET A 44 30.15 -39.91 -16.26
C MET A 44 29.21 -40.98 -15.70
N GLY A 45 28.32 -41.49 -16.53
CA GLY A 45 27.39 -42.53 -16.07
C GLY A 45 26.06 -41.99 -15.59
N ASP A 46 26.02 -40.72 -15.18
CA ASP A 46 24.76 -40.10 -14.73
C ASP A 46 23.78 -39.93 -15.89
N GLY A 47 22.61 -40.56 -15.75
CA GLY A 47 21.56 -40.43 -16.76
C GLY A 47 21.17 -38.98 -17.01
N TRP A 48 21.31 -38.13 -16.00
CA TRP A 48 21.15 -36.68 -16.20
C TRP A 48 22.44 -36.06 -16.71
N GLN A 49 22.70 -36.24 -18.02
CA GLN A 49 23.98 -35.84 -18.56
C GLN A 49 24.10 -34.33 -18.85
N TYR A 50 22.95 -33.68 -19.05
CA TYR A 50 22.94 -32.23 -19.19
C TYR A 50 21.76 -31.76 -18.40
N THR A 51 21.99 -30.86 -17.44
CA THR A 51 20.87 -30.22 -16.73
C THR A 51 21.06 -28.74 -16.86
N TYR A 52 19.95 -28.01 -17.07
CA TYR A 52 20.00 -26.55 -17.23
C TYR A 52 20.58 -25.85 -16.01
N THR A 53 20.30 -26.33 -14.80
CA THR A 53 20.81 -25.64 -13.61
C THR A 53 22.26 -25.97 -13.26
N ALA A 54 22.93 -26.80 -14.06
CA ALA A 54 24.35 -27.12 -13.78
C ALA A 54 25.27 -25.96 -14.13
N ASN A 55 26.36 -25.79 -13.39
CA ASN A 55 27.29 -24.66 -13.55
C ASN A 55 28.41 -24.97 -14.53
N LYS A 56 28.65 -26.25 -14.76
CA LYS A 56 29.89 -26.69 -15.37
C LYS A 56 29.77 -27.77 -16.45
N ILE A 57 30.50 -27.58 -17.54
CA ILE A 57 30.65 -28.59 -18.57
C ILE A 57 32.00 -29.30 -18.39
N ARG A 58 32.01 -30.64 -18.51
CA ARG A 58 33.21 -31.43 -18.23
C ARG A 58 33.58 -32.23 -19.47
N GLY A 59 32.73 -32.11 -20.48
CA GLY A 59 33.06 -32.60 -21.81
C GLY A 59 31.96 -32.43 -22.83
N PHE A 60 32.28 -32.75 -24.09
CA PHE A 60 31.31 -32.76 -25.19
C PHE A 60 31.27 -34.18 -25.66
N LYS A 61 30.08 -34.76 -25.65
CA LYS A 61 29.95 -36.18 -25.54
C LYS A 61 29.13 -36.81 -26.67
N GLN A 62 29.65 -37.93 -27.18
CA GLN A 62 28.87 -38.71 -28.12
C GLN A 62 27.93 -39.60 -27.33
N THR A 63 26.64 -39.52 -27.64
CA THR A 63 25.63 -40.16 -26.84
C THR A 63 24.59 -40.87 -27.72
N HIS A 64 24.02 -41.94 -27.18
CA HIS A 64 22.88 -42.60 -27.84
C HIS A 64 21.67 -42.66 -26.96
N GLN A 65 21.74 -42.00 -25.80
CA GLN A 65 20.72 -42.16 -24.76
C GLN A 65 19.31 -41.68 -25.11
N PRO A 66 18.32 -42.59 -24.98
CA PRO A 66 16.92 -42.24 -25.18
C PRO A 66 16.25 -41.68 -23.93
N SER A 67 16.77 -41.96 -22.74
CA SER A 67 16.22 -41.38 -21.50
C SER A 67 17.13 -41.62 -20.32
N PRO A 68 16.96 -40.85 -19.23
CA PRO A 68 17.87 -40.99 -18.11
C PRO A 68 17.64 -42.32 -17.41
N TRP A 69 16.44 -42.87 -17.58
CA TRP A 69 16.12 -44.17 -16.98
C TRP A 69 16.83 -45.31 -17.70
N ILE A 70 16.77 -45.30 -19.02
CA ILE A 70 17.40 -46.33 -19.84
C ILE A 70 18.92 -46.13 -19.87
N ASN A 71 19.34 -44.86 -19.90
CA ASN A 71 20.76 -44.50 -19.82
C ASN A 71 21.48 -44.84 -21.14
N ASP A 72 22.81 -44.90 -21.13
CA ASP A 72 23.61 -44.68 -22.36
C ASP A 72 24.46 -45.87 -22.83
N TYR A 73 25.01 -45.75 -24.04
CA TYR A 73 25.92 -46.73 -24.61
C TYR A 73 26.61 -46.05 -25.79
N GLY A 74 27.71 -46.63 -26.23
CA GLY A 74 28.50 -46.07 -27.33
C GLY A 74 28.84 -44.63 -27.03
N GLN A 75 29.51 -44.42 -25.89
CA GLN A 75 29.69 -43.08 -25.33
C GLN A 75 31.15 -42.77 -24.99
N PHE A 76 31.65 -41.65 -25.54
CA PHE A 76 32.98 -41.14 -25.21
C PHE A 76 32.93 -39.61 -25.30
N SER A 77 33.97 -38.93 -24.86
CA SER A 77 33.90 -37.47 -24.87
C SER A 77 35.23 -36.83 -25.15
N ILE A 78 35.18 -35.53 -25.47
CA ILE A 78 36.36 -34.74 -25.70
C ILE A 78 36.18 -33.43 -24.94
N MET A 79 37.27 -32.87 -24.44
CA MET A 79 37.21 -31.63 -23.66
C MET A 79 38.48 -30.81 -23.80
N PRO A 80 38.36 -29.60 -24.31
CA PRO A 80 39.54 -28.75 -24.34
C PRO A 80 39.82 -28.04 -23.00
N ILE A 81 41.11 -27.88 -22.66
CA ILE A 81 41.54 -27.25 -21.39
C ILE A 81 42.85 -26.47 -21.57
N VAL A 82 43.10 -25.49 -20.70
CA VAL A 82 44.44 -24.93 -20.66
C VAL A 82 45.06 -25.04 -19.26
N GLY A 83 46.39 -24.95 -19.19
CA GLY A 83 47.07 -24.95 -17.92
C GLY A 83 47.76 -26.27 -17.67
N GLN A 84 47.24 -27.04 -16.74
CA GLN A 84 47.81 -28.32 -16.38
C GLN A 84 47.06 -29.42 -17.07
N PRO A 85 47.78 -30.34 -17.71
CA PRO A 85 47.06 -31.43 -18.37
C PRO A 85 46.35 -32.30 -17.34
N VAL A 86 45.05 -32.12 -17.14
CA VAL A 86 44.34 -32.97 -16.17
C VAL A 86 43.23 -33.75 -16.82
N PHE A 87 43.18 -35.03 -16.48
CA PHE A 87 42.18 -35.91 -17.03
C PHE A 87 40.91 -35.95 -16.18
N ASP A 88 41.08 -35.83 -14.87
CA ASP A 88 39.94 -35.95 -13.96
C ASP A 88 38.72 -35.16 -14.46
N GLU A 89 37.56 -35.83 -14.48
CA GLU A 89 36.34 -35.27 -15.06
C GLU A 89 35.80 -34.05 -14.27
N GLU A 90 36.13 -33.97 -12.98
CA GLU A 90 35.84 -32.80 -12.14
C GLU A 90 36.93 -31.73 -12.29
N LYS A 91 38.21 -32.13 -12.24
CA LYS A 91 39.31 -31.16 -12.33
C LYS A 91 39.37 -30.42 -13.67
N ARG A 92 38.99 -31.07 -14.77
CA ARG A 92 39.04 -30.46 -16.09
C ARG A 92 37.81 -29.62 -16.39
N ALA A 93 36.81 -29.66 -15.52
CA ALA A 93 35.51 -29.02 -15.79
C ALA A 93 35.56 -27.49 -15.84
N SER A 94 34.58 -26.88 -16.48
CA SER A 94 34.53 -25.42 -16.57
C SER A 94 33.14 -24.82 -16.39
N TRP A 95 33.07 -23.80 -15.52
CA TRP A 95 31.92 -22.89 -15.46
C TRP A 95 31.55 -22.43 -16.86
N PHE A 96 30.26 -22.17 -17.06
CA PHE A 96 29.73 -21.51 -18.26
C PHE A 96 28.40 -20.94 -17.84
N ALA A 97 27.78 -20.12 -18.69
CA ALA A 97 26.42 -19.67 -18.47
C ALA A 97 25.66 -19.80 -19.78
N HIS A 98 24.34 -19.87 -19.71
CA HIS A 98 23.55 -20.09 -20.92
C HIS A 98 23.61 -18.87 -21.87
N LYS A 99 23.92 -17.69 -21.33
CA LYS A 99 24.11 -16.50 -22.16
C LYS A 99 25.47 -16.55 -22.87
N GLY A 100 26.29 -17.52 -22.50
CA GLY A 100 27.53 -17.77 -23.23
C GLY A 100 27.42 -19.03 -24.08
N GLU A 101 26.18 -19.52 -24.27
CA GLU A 101 25.89 -20.76 -24.99
C GLU A 101 24.91 -20.54 -26.12
N VAL A 102 25.18 -21.15 -27.28
CA VAL A 102 24.20 -21.13 -28.38
C VAL A 102 23.89 -22.57 -28.77
N ALA A 103 22.66 -23.01 -28.54
CA ALA A 103 22.28 -24.39 -28.91
C ALA A 103 21.27 -24.41 -30.02
N THR A 104 21.69 -24.95 -31.17
CA THR A 104 20.75 -25.28 -32.24
C THR A 104 20.88 -26.78 -32.57
N PRO A 105 19.92 -27.31 -33.32
CA PRO A 105 20.01 -28.75 -33.66
C PRO A 105 21.20 -29.08 -34.59
N TYR A 106 21.67 -28.09 -35.35
CA TYR A 106 22.77 -28.31 -36.32
C TYR A 106 24.11 -27.73 -35.87
N TYR A 107 24.13 -27.04 -34.74
CA TYR A 107 25.33 -26.34 -34.32
C TYR A 107 25.25 -25.96 -32.84
N TYR A 108 26.31 -26.22 -32.09
CA TYR A 108 26.35 -25.90 -30.65
C TYR A 108 27.64 -25.14 -30.30
N LYS A 109 27.51 -24.03 -29.57
CA LYS A 109 28.67 -23.26 -29.14
C LYS A 109 28.60 -22.98 -27.66
N VAL A 110 29.75 -22.92 -26.98
CA VAL A 110 29.74 -22.50 -25.59
C VAL A 110 31.12 -21.96 -25.18
N TYR A 111 31.11 -20.96 -24.31
CA TYR A 111 32.33 -20.41 -23.77
C TYR A 111 32.64 -21.08 -22.44
N LEU A 112 33.76 -21.81 -22.40
CA LEU A 112 34.25 -22.41 -21.16
C LEU A 112 35.03 -21.37 -20.38
N ALA A 113 34.35 -20.80 -19.39
CA ALA A 113 34.84 -19.62 -18.70
C ALA A 113 36.15 -19.87 -17.94
N GLU A 114 36.43 -21.09 -17.51
CA GLU A 114 37.66 -21.25 -16.71
C GLU A 114 38.89 -21.59 -17.56
N HIS A 115 38.67 -21.98 -18.80
CA HIS A 115 39.78 -22.15 -19.73
C HIS A 115 39.93 -21.02 -20.76
N ASP A 116 39.01 -20.06 -20.77
CA ASP A 116 39.00 -19.00 -21.79
C ASP A 116 39.03 -19.66 -23.16
N ILE A 117 38.18 -20.67 -23.33
CA ILE A 117 38.10 -21.41 -24.57
C ILE A 117 36.66 -21.43 -25.10
N VAL A 118 36.51 -21.14 -26.39
CA VAL A 118 35.24 -21.37 -27.09
C VAL A 118 35.20 -22.72 -27.79
N THR A 119 34.15 -23.50 -27.60
CA THR A 119 33.98 -24.76 -28.31
C THR A 119 32.77 -24.67 -29.22
N GLU A 120 32.92 -25.11 -30.48
CA GLU A 120 31.80 -25.22 -31.43
C GLU A 120 31.76 -26.64 -32.02
N MET A 121 30.59 -27.20 -32.24
CA MET A 121 30.51 -28.51 -32.90
C MET A 121 29.38 -28.55 -33.89
N THR A 122 29.59 -29.19 -35.04
CA THR A 122 28.52 -29.36 -36.00
C THR A 122 28.53 -30.82 -36.43
N PRO A 123 27.46 -31.57 -36.13
CA PRO A 123 27.44 -33.01 -36.48
C PRO A 123 26.93 -33.28 -37.87
N THR A 124 27.29 -34.46 -38.38
CA THR A 124 26.59 -35.08 -39.52
C THR A 124 25.89 -36.31 -38.93
N GLU A 125 25.41 -37.22 -39.79
CA GLU A 125 24.67 -38.39 -39.27
C GLU A 125 25.52 -39.26 -38.36
N ARG A 126 26.79 -39.45 -38.70
CA ARG A 126 27.66 -40.34 -37.95
C ARG A 126 28.97 -39.71 -37.45
N ALA A 127 29.24 -38.48 -37.88
CA ALA A 127 30.49 -37.83 -37.55
C ALA A 127 30.19 -36.43 -37.02
N VAL A 128 31.25 -35.69 -36.68
CA VAL A 128 31.10 -34.33 -36.17
C VAL A 128 32.39 -33.57 -36.28
N LEU A 129 32.31 -32.25 -36.53
CA LEU A 129 33.48 -31.39 -36.51
C LEU A 129 33.52 -30.51 -35.26
N PHE A 130 34.61 -30.58 -34.52
CA PHE A 130 34.87 -29.61 -33.44
C PHE A 130 35.80 -28.50 -33.85
N ARG A 131 35.47 -27.28 -33.42
CA ARG A 131 36.43 -26.18 -33.52
C ARG A 131 36.62 -25.58 -32.14
N PHE A 132 37.84 -25.69 -31.60
CA PHE A 132 38.23 -25.05 -30.35
C PHE A 132 38.99 -23.75 -30.60
N THR A 133 38.50 -22.66 -30.02
CA THR A 133 39.21 -21.38 -30.08
C THR A 133 39.93 -21.18 -28.76
N PHE A 134 41.25 -21.35 -28.77
CA PHE A 134 42.10 -21.24 -27.58
C PHE A 134 42.61 -19.84 -27.33
N PRO A 135 42.92 -19.53 -26.07
CA PRO A 135 43.60 -18.29 -25.70
C PRO A 135 45.12 -18.42 -25.94
N GLU A 136 45.85 -17.34 -25.71
CA GLU A 136 47.29 -17.37 -25.76
C GLU A 136 47.79 -18.17 -24.58
N ASN A 137 48.59 -19.20 -24.82
CA ASN A 137 48.99 -20.10 -23.74
C ASN A 137 50.00 -21.11 -24.23
N ASP A 138 50.97 -21.46 -23.39
CA ASP A 138 52.00 -22.44 -23.71
C ASP A 138 51.47 -23.85 -23.46
N HIS A 139 50.45 -23.94 -22.62
CA HIS A 139 49.91 -25.24 -22.28
C HIS A 139 48.42 -25.32 -22.58
N SER A 140 48.10 -25.58 -23.84
CA SER A 140 46.73 -25.86 -24.23
C SER A 140 46.64 -27.33 -24.54
N TYR A 141 45.50 -27.94 -24.25
CA TYR A 141 45.35 -29.38 -24.39
C TYR A 141 43.96 -29.76 -24.85
N VAL A 142 43.85 -30.97 -25.40
CA VAL A 142 42.56 -31.60 -25.63
C VAL A 142 42.55 -32.99 -24.97
N VAL A 143 41.59 -33.20 -24.10
CA VAL A 143 41.36 -34.49 -23.47
C VAL A 143 40.36 -35.35 -24.26
N VAL A 144 40.76 -36.59 -24.54
CA VAL A 144 39.84 -37.56 -25.10
C VAL A 144 39.57 -38.65 -24.07
N ASP A 145 38.29 -38.94 -23.83
CA ASP A 145 37.91 -39.73 -22.67
C ASP A 145 37.03 -40.85 -23.16
N ALA A 146 37.57 -42.07 -23.13
CA ALA A 146 36.88 -43.20 -23.71
C ALA A 146 35.91 -43.87 -22.73
N PHE A 147 35.75 -43.27 -21.55
CA PHE A 147 34.85 -43.81 -20.53
C PHE A 147 35.37 -45.13 -19.97
N ASP A 148 34.66 -45.69 -18.99
CA ASP A 148 35.16 -46.87 -18.28
C ASP A 148 34.42 -48.17 -18.60
N LYS A 149 34.62 -49.18 -17.78
CA LYS A 149 34.08 -50.53 -17.99
C LYS A 149 34.77 -51.25 -19.14
N GLY A 150 35.96 -50.79 -19.52
CA GLY A 150 36.72 -51.42 -20.58
C GLY A 150 36.75 -50.59 -21.85
N SER A 151 37.83 -49.87 -22.08
CA SER A 151 37.93 -49.08 -23.29
C SER A 151 39.34 -49.12 -23.87
N TYR A 152 39.53 -48.51 -25.02
CA TYR A 152 40.79 -48.60 -25.72
C TYR A 152 41.14 -47.24 -26.29
N ILE A 153 42.43 -46.91 -26.27
CA ILE A 153 42.90 -45.67 -26.90
C ILE A 153 44.30 -45.84 -27.49
N LYS A 154 44.56 -45.14 -28.59
CA LYS A 154 45.86 -45.14 -29.24
C LYS A 154 46.11 -43.81 -29.95
N ILE A 155 47.16 -43.11 -29.54
CA ILE A 155 47.59 -41.87 -30.19
C ILE A 155 48.58 -42.16 -31.32
N ILE A 156 48.31 -41.58 -32.50
CA ILE A 156 49.12 -41.81 -33.69
C ILE A 156 49.66 -40.49 -34.19
N PRO A 157 50.74 -40.01 -33.57
CA PRO A 157 51.21 -38.65 -33.79
C PRO A 157 51.59 -38.39 -35.26
N GLU A 158 52.01 -39.41 -35.98
CA GLU A 158 52.38 -39.17 -37.36
C GLU A 158 51.19 -38.72 -38.21
N GLU A 159 49.97 -38.98 -37.72
CA GLU A 159 48.75 -38.60 -38.45
C GLU A 159 47.95 -37.53 -37.69
N ASN A 160 48.55 -36.95 -36.65
CA ASN A 160 47.83 -36.01 -35.80
C ASN A 160 46.49 -36.59 -35.38
N LYS A 161 46.51 -37.86 -34.97
CA LYS A 161 45.29 -38.61 -34.88
C LYS A 161 45.25 -39.45 -33.62
N ILE A 162 44.08 -39.49 -33.01
CA ILE A 162 43.80 -40.36 -31.88
C ILE A 162 42.63 -41.24 -32.25
N ILE A 163 42.79 -42.56 -32.07
CA ILE A 163 41.70 -43.53 -32.27
C ILE A 163 41.40 -44.31 -30.98
N GLY A 164 40.27 -45.00 -30.94
CA GLY A 164 39.90 -45.71 -29.73
C GLY A 164 38.58 -46.43 -29.85
N TYR A 165 38.24 -47.21 -28.84
CA TYR A 165 36.87 -47.66 -28.73
C TYR A 165 36.34 -47.55 -27.30
N THR A 166 35.03 -47.43 -27.17
CA THR A 166 34.39 -47.32 -25.88
C THR A 166 33.42 -48.49 -25.81
N THR A 167 33.19 -49.06 -24.62
CA THR A 167 32.16 -50.11 -24.44
C THR A 167 31.13 -49.85 -23.33
N ARG A 168 31.39 -48.88 -22.46
CA ARG A 168 30.46 -48.69 -21.37
C ARG A 168 29.05 -48.61 -21.90
N ASN A 169 28.17 -49.43 -21.34
CA ASN A 169 26.79 -49.50 -21.78
C ASN A 169 25.84 -49.76 -20.60
N SER A 170 24.54 -49.82 -20.87
CA SER A 170 23.55 -49.99 -19.82
C SER A 170 22.74 -51.28 -20.01
N GLY A 171 23.31 -52.21 -20.77
CA GLY A 171 22.67 -53.51 -21.02
C GLY A 171 22.08 -53.53 -22.43
N GLY A 172 21.51 -54.67 -22.81
CA GLY A 172 20.97 -54.84 -24.15
C GLY A 172 22.00 -54.81 -25.27
N VAL A 173 23.22 -55.26 -24.99
CA VAL A 173 24.23 -55.44 -26.04
C VAL A 173 24.83 -56.85 -26.02
N PRO A 174 25.30 -57.32 -27.16
CA PRO A 174 26.11 -58.57 -27.26
C PRO A 174 27.48 -58.41 -26.60
N GLU A 175 28.13 -59.55 -26.26
CA GLU A 175 29.40 -59.55 -25.52
C GLU A 175 30.49 -58.82 -26.28
N ASN A 176 30.33 -58.73 -27.59
CA ASN A 176 31.36 -58.16 -28.44
C ASN A 176 31.17 -56.67 -28.78
N PHE A 177 30.27 -56.00 -28.05
CA PHE A 177 29.94 -54.58 -28.30
C PHE A 177 31.13 -53.60 -28.11
N LYS A 178 31.37 -52.77 -29.12
CA LYS A 178 32.35 -51.66 -29.04
C LYS A 178 31.86 -50.52 -29.92
N ASN A 179 32.06 -49.27 -29.50
CA ASN A 179 31.91 -48.17 -30.44
C ASN A 179 33.32 -47.68 -30.83
N TYR A 180 33.67 -47.83 -32.11
CA TYR A 180 35.02 -47.48 -32.60
C TYR A 180 35.03 -46.02 -33.02
N PHE A 181 35.97 -45.25 -32.48
CA PHE A 181 36.06 -43.85 -32.90
C PHE A 181 37.46 -43.43 -33.36
N ILE A 182 37.48 -42.34 -34.12
CA ILE A 182 38.68 -41.80 -34.69
C ILE A 182 38.58 -40.29 -34.63
N ILE A 183 39.69 -39.66 -34.29
CA ILE A 183 39.74 -38.21 -34.11
C ILE A 183 40.99 -37.69 -34.80
N GLU A 184 40.81 -36.78 -35.77
CA GLU A 184 41.92 -36.14 -36.47
C GLU A 184 41.95 -34.64 -36.19
N PHE A 185 43.13 -34.16 -35.77
CA PHE A 185 43.36 -32.76 -35.47
C PHE A 185 44.11 -32.07 -36.62
N ASP A 186 43.90 -30.77 -36.77
CA ASP A 186 44.54 -30.04 -37.85
C ASP A 186 45.76 -29.26 -37.35
N LYS A 187 46.14 -29.50 -36.09
CA LYS A 187 47.36 -28.94 -35.52
C LYS A 187 48.21 -30.05 -34.91
N PRO A 188 49.53 -30.08 -35.20
CA PRO A 188 50.40 -31.18 -34.72
C PRO A 188 50.57 -31.17 -33.19
N PHE A 189 50.63 -32.35 -32.60
CA PHE A 189 50.85 -32.46 -31.16
C PHE A 189 52.26 -32.09 -30.76
N THR A 190 52.37 -31.35 -29.66
CA THR A 190 53.65 -31.02 -29.05
C THR A 190 53.78 -31.78 -27.74
N TYR A 191 52.64 -32.26 -27.24
CA TYR A 191 52.56 -32.99 -25.99
C TYR A 191 51.59 -34.11 -26.23
N LYS A 192 51.92 -35.31 -25.73
CA LYS A 192 51.05 -36.49 -25.84
C LYS A 192 51.19 -37.39 -24.63
N ALA A 193 50.05 -37.89 -24.15
CA ALA A 193 50.02 -38.78 -23.00
C ALA A 193 48.79 -39.65 -23.12
N THR A 194 48.90 -40.93 -22.81
CA THR A 194 47.68 -41.68 -22.62
C THR A 194 47.38 -41.78 -21.14
N VAL A 195 46.15 -42.22 -20.84
CA VAL A 195 45.68 -42.27 -19.47
C VAL A 195 45.17 -43.67 -19.21
N GLU A 196 45.55 -44.21 -18.06
CA GLU A 196 45.23 -45.56 -17.72
C GLU A 196 44.78 -45.53 -16.27
N ASN A 197 43.48 -45.79 -16.08
CA ASN A 197 42.87 -45.74 -14.77
C ASN A 197 43.36 -44.53 -13.95
N GLY A 198 43.13 -43.35 -14.50
CA GLY A 198 43.43 -42.10 -13.81
C GLY A 198 44.89 -41.68 -13.91
N ASN A 199 45.74 -42.58 -14.39
CA ASN A 199 47.16 -42.27 -14.47
C ASN A 199 47.69 -41.74 -15.80
N LEU A 200 48.20 -40.52 -15.74
CA LEU A 200 48.79 -39.83 -16.86
C LEU A 200 50.13 -40.47 -17.27
N GLN A 201 50.21 -40.99 -18.49
CA GLN A 201 51.46 -41.58 -18.99
C GLN A 201 51.99 -40.93 -20.27
N GLU A 202 52.88 -39.96 -20.11
CA GLU A 202 53.43 -39.24 -21.24
C GLU A 202 54.19 -40.16 -22.21
N ASN A 203 53.84 -40.02 -23.48
CA ASN A 203 54.49 -40.72 -24.59
C ASN A 203 54.30 -42.23 -24.58
N VAL A 204 53.38 -42.71 -23.75
CA VAL A 204 52.88 -44.07 -23.90
C VAL A 204 51.76 -43.94 -24.90
N ALA A 205 51.92 -44.59 -26.05
CA ALA A 205 51.03 -44.40 -27.20
C ALA A 205 49.65 -45.05 -27.09
N GLU A 206 49.56 -46.13 -26.30
CA GLU A 206 48.44 -47.05 -26.44
C GLU A 206 47.98 -47.67 -25.09
N GLN A 207 46.67 -47.66 -24.82
CA GLN A 207 46.11 -48.33 -23.62
C GLN A 207 44.93 -49.26 -23.93
N THR A 208 44.92 -50.42 -23.30
CA THR A 208 43.74 -51.24 -23.26
C THR A 208 43.44 -51.53 -21.80
N THR A 209 42.41 -50.89 -21.26
CA THR A 209 42.26 -50.83 -19.81
C THR A 209 40.82 -50.43 -19.45
N ASP A 210 40.48 -50.47 -18.17
CA ASP A 210 39.10 -50.19 -17.77
C ASP A 210 38.69 -48.77 -18.20
N HIS A 211 39.57 -47.80 -17.98
CA HIS A 211 39.22 -46.42 -18.32
C HIS A 211 40.34 -45.74 -19.09
N ALA A 212 40.33 -45.87 -20.41
CA ALA A 212 41.39 -45.33 -21.23
C ALA A 212 41.10 -43.87 -21.56
N GLY A 213 42.15 -43.07 -21.67
CA GLY A 213 42.03 -41.68 -22.08
C GLY A 213 43.30 -41.26 -22.79
N ALA A 214 43.26 -40.10 -23.46
CA ALA A 214 44.46 -39.47 -24.01
C ALA A 214 44.39 -37.98 -23.76
N ILE A 215 45.55 -37.34 -23.69
CA ILE A 215 45.62 -35.88 -23.67
C ILE A 215 46.71 -35.45 -24.63
N ILE A 216 46.33 -34.66 -25.64
CA ILE A 216 47.35 -34.09 -26.51
C ILE A 216 47.39 -32.59 -26.28
N GLY A 217 48.49 -31.98 -26.70
CA GLY A 217 48.70 -30.59 -26.38
C GLY A 217 49.67 -29.83 -27.25
N PHE A 218 49.61 -28.51 -27.15
CA PHE A 218 50.44 -27.66 -27.97
C PHE A 218 50.34 -26.25 -27.45
N LYS A 219 51.09 -25.38 -28.10
CA LYS A 219 51.10 -23.98 -27.75
C LYS A 219 50.13 -23.27 -28.67
N THR A 220 49.43 -22.26 -28.14
CA THR A 220 48.44 -21.52 -28.93
C THR A 220 48.60 -20.00 -28.82
N ARG A 221 48.36 -19.30 -29.92
CA ARG A 221 48.35 -17.85 -29.88
C ARG A 221 46.91 -17.47 -29.52
N LYS A 222 46.69 -16.20 -29.23
CA LYS A 222 45.38 -15.68 -28.86
C LYS A 222 44.37 -15.90 -29.98
N GLY A 223 43.26 -16.55 -29.65
CA GLY A 223 42.22 -16.80 -30.64
C GLY A 223 42.56 -17.88 -31.67
N GLU A 224 43.61 -18.67 -31.44
CA GLU A 224 43.96 -19.70 -32.43
C GLU A 224 42.90 -20.81 -32.48
N GLN A 225 42.53 -21.23 -33.68
CA GLN A 225 41.50 -22.23 -33.82
C GLN A 225 42.09 -23.61 -34.12
N VAL A 226 41.54 -24.64 -33.49
CA VAL A 226 42.01 -25.99 -33.71
C VAL A 226 40.81 -26.86 -34.02
N ASN A 227 40.89 -27.60 -35.11
CA ASN A 227 39.79 -28.41 -35.54
C ASN A 227 40.06 -29.88 -35.30
N ALA A 228 39.02 -30.58 -34.86
CA ALA A 228 39.06 -32.01 -34.65
C ALA A 228 37.89 -32.64 -35.37
N ARG A 229 38.21 -33.49 -36.34
CA ARG A 229 37.24 -34.26 -37.10
C ARG A 229 37.08 -35.58 -36.39
N ILE A 230 35.83 -35.94 -36.10
CA ILE A 230 35.53 -37.12 -35.32
C ILE A 230 34.46 -37.95 -36.00
N ALA A 231 34.65 -39.27 -35.99
CA ALA A 231 33.58 -40.18 -36.39
C ALA A 231 33.67 -41.46 -35.60
N SER A 232 32.54 -42.14 -35.47
CA SER A 232 32.60 -43.46 -34.88
C SER A 232 31.71 -44.43 -35.65
N SER A 233 31.91 -45.71 -35.37
CA SER A 233 31.19 -46.78 -36.02
C SER A 233 30.90 -47.91 -35.03
N PHE A 234 29.87 -48.71 -35.30
CA PHE A 234 29.64 -49.90 -34.47
C PHE A 234 30.19 -51.12 -35.17
N ILE A 235 30.92 -50.90 -36.26
CA ILE A 235 31.38 -52.02 -37.07
C ILE A 235 32.89 -52.26 -36.99
N SER A 236 33.68 -51.26 -37.35
CA SER A 236 35.14 -51.35 -37.31
C SER A 236 35.79 -49.98 -37.38
N PHE A 237 37.10 -49.95 -37.12
CA PHE A 237 37.88 -48.75 -37.31
C PHE A 237 37.82 -48.32 -38.76
N GLU A 238 37.93 -49.29 -39.66
CA GLU A 238 37.87 -49.04 -41.09
C GLU A 238 36.51 -48.44 -41.50
N GLN A 239 35.41 -48.98 -40.98
CA GLN A 239 34.13 -48.35 -41.24
C GLN A 239 34.06 -46.97 -40.56
N ALA A 240 34.72 -46.79 -39.42
CA ALA A 240 34.70 -45.47 -38.82
C ALA A 240 35.35 -44.46 -39.75
N ALA A 241 36.49 -44.86 -40.34
CA ALA A 241 37.21 -44.02 -41.28
C ALA A 241 36.30 -43.65 -42.47
N ALA A 242 35.50 -44.60 -42.96
CA ALA A 242 34.57 -44.25 -44.04
C ALA A 242 33.51 -43.23 -43.58
N ASN A 243 33.01 -43.38 -42.36
CA ASN A 243 32.00 -42.46 -41.85
C ASN A 243 32.55 -41.06 -41.73
N MET A 244 33.85 -40.96 -41.51
CA MET A 244 34.52 -39.67 -41.48
C MET A 244 34.29 -38.83 -42.74
N ASN A 245 34.17 -39.49 -43.90
CA ASN A 245 33.97 -38.79 -45.18
C ASN A 245 32.68 -38.00 -45.25
N GLU A 246 31.77 -38.24 -44.31
CA GLU A 246 30.58 -37.41 -44.20
C GLU A 246 30.96 -35.95 -44.04
N LEU A 247 32.07 -35.70 -43.34
CA LEU A 247 32.55 -34.34 -43.13
C LEU A 247 33.22 -33.71 -44.35
N GLY A 248 33.73 -34.53 -45.27
CA GLY A 248 34.66 -34.03 -46.31
C GLY A 248 35.74 -33.22 -45.62
N LYS A 249 36.16 -32.10 -46.22
CA LYS A 249 37.02 -31.12 -45.54
C LYS A 249 36.24 -29.85 -45.11
N ASP A 250 34.91 -29.96 -45.08
CA ASP A 250 34.06 -28.85 -44.69
C ASP A 250 34.47 -28.21 -43.36
N ASN A 251 34.32 -26.90 -43.27
CA ASN A 251 34.55 -26.26 -42.00
C ASN A 251 33.24 -26.13 -41.20
N ILE A 252 33.33 -25.51 -40.03
CA ILE A 252 32.17 -25.37 -39.17
C ILE A 252 31.00 -24.71 -39.91
N GLU A 253 31.29 -23.59 -40.58
CA GLU A 253 30.21 -22.84 -41.22
C GLU A 253 29.50 -23.70 -42.28
N GLN A 254 30.28 -24.44 -43.05
CA GLN A 254 29.73 -25.29 -44.10
C GLN A 254 28.83 -26.37 -43.52
N LEU A 255 29.29 -27.01 -42.46
CA LEU A 255 28.50 -28.10 -41.88
C LEU A 255 27.27 -27.58 -41.15
N ALA A 256 27.40 -26.44 -40.48
CA ALA A 256 26.23 -25.81 -39.87
C ALA A 256 25.15 -25.55 -40.93
N GLN A 257 25.54 -25.06 -42.10
CA GLN A 257 24.55 -24.79 -43.16
C GLN A 257 23.94 -26.12 -43.65
N LYS A 258 24.78 -27.14 -43.80
CA LYS A 258 24.25 -28.41 -44.27
C LYS A 258 23.27 -29.03 -43.25
N GLY A 259 23.59 -28.92 -41.97
CA GLY A 259 22.69 -29.42 -40.92
C GLY A 259 21.41 -28.61 -40.86
N LYS A 260 21.54 -27.30 -40.97
CA LYS A 260 20.39 -26.39 -40.98
C LYS A 260 19.43 -26.70 -42.15
N ASP A 261 20.00 -26.89 -43.34
CA ASP A 261 19.26 -27.36 -44.51
C ASP A 261 18.57 -28.71 -44.31
N ALA A 262 19.27 -29.67 -43.71
CA ALA A 262 18.69 -30.99 -43.44
C ALA A 262 17.48 -30.88 -42.48
N TRP A 263 17.64 -30.14 -41.40
CA TRP A 263 16.52 -29.90 -40.50
C TRP A 263 15.37 -29.14 -41.19
N ASN A 264 15.67 -28.03 -41.85
CA ASN A 264 14.62 -27.31 -42.57
C ASN A 264 13.86 -28.20 -43.54
N GLN A 265 14.57 -29.11 -44.19
CA GLN A 265 13.91 -30.06 -45.11
C GLN A 265 12.76 -30.82 -44.42
N VAL A 266 13.01 -31.37 -43.24
CA VAL A 266 11.94 -32.08 -42.56
C VAL A 266 11.02 -31.19 -41.71
N LEU A 267 11.58 -30.20 -41.01
CA LEU A 267 10.73 -29.26 -40.30
C LEU A 267 9.75 -28.56 -41.23
N GLY A 268 10.23 -28.20 -42.43
CA GLY A 268 9.42 -27.44 -43.37
C GLY A 268 8.26 -28.19 -44.00
N LYS A 269 8.13 -29.47 -43.67
CA LYS A 269 7.01 -30.25 -44.20
C LYS A 269 5.68 -29.83 -43.52
N ILE A 270 5.79 -29.13 -42.39
CA ILE A 270 4.61 -28.61 -41.71
C ILE A 270 4.84 -27.13 -41.43
N GLU A 271 4.12 -26.27 -42.16
CA GLU A 271 4.25 -24.82 -41.97
C GLU A 271 3.06 -24.27 -41.20
N VAL A 272 3.33 -23.68 -40.03
CA VAL A 272 2.28 -23.08 -39.20
C VAL A 272 2.41 -21.56 -39.19
N GLU A 273 1.27 -20.86 -39.24
CA GLU A 273 1.20 -19.40 -39.31
C GLU A 273 0.11 -18.88 -38.42
N GLY A 274 0.13 -17.58 -38.13
CA GLY A 274 -0.90 -16.97 -37.30
C GLY A 274 -0.94 -17.53 -35.88
N GLY A 275 0.22 -17.57 -35.22
CA GLY A 275 0.32 -17.97 -33.81
C GLY A 275 1.24 -16.98 -33.13
N ASN A 276 1.60 -17.23 -31.88
CA ASN A 276 2.56 -16.34 -31.25
C ASN A 276 3.89 -17.06 -31.13
N LEU A 277 4.94 -16.32 -30.78
CA LEU A 277 6.28 -16.87 -30.75
C LEU A 277 6.45 -18.06 -29.80
N ASP A 278 5.76 -18.04 -28.65
CA ASP A 278 5.76 -19.23 -27.76
C ASP A 278 5.25 -20.47 -28.52
N GLN A 279 4.19 -20.30 -29.28
CA GLN A 279 3.57 -21.45 -29.95
C GLN A 279 4.44 -21.97 -31.10
N TYR A 280 5.10 -21.07 -31.85
CA TYR A 280 6.06 -21.48 -32.89
C TYR A 280 7.22 -22.25 -32.30
N ARG A 281 7.74 -21.81 -31.15
CA ARG A 281 8.86 -22.50 -30.49
C ARG A 281 8.46 -23.86 -29.90
N THR A 282 7.33 -23.90 -29.23
CA THR A 282 6.85 -25.18 -28.72
C THR A 282 6.64 -26.16 -29.87
N PHE A 283 5.92 -25.71 -30.89
CA PHE A 283 5.61 -26.56 -32.04
C PHE A 283 6.86 -27.14 -32.70
N TYR A 284 7.81 -26.29 -33.09
CA TYR A 284 8.98 -26.76 -33.79
C TYR A 284 10.01 -27.48 -32.89
N SER A 285 10.07 -27.10 -31.63
CA SER A 285 10.91 -27.83 -30.70
C SER A 285 10.31 -29.24 -30.61
N CYS A 286 8.98 -29.33 -30.58
CA CYS A 286 8.32 -30.62 -30.48
C CYS A 286 8.52 -31.44 -31.76
N LEU A 287 8.40 -30.81 -32.93
CA LEU A 287 8.65 -31.50 -34.19
C LEU A 287 10.12 -31.96 -34.25
N TYR A 288 11.05 -31.12 -33.82
CA TYR A 288 12.44 -31.56 -33.76
C TYR A 288 12.59 -32.80 -32.90
N ARG A 289 12.07 -32.77 -31.69
CA ARG A 289 12.15 -33.94 -30.81
C ARG A 289 11.46 -35.18 -31.37
N SER A 290 10.56 -35.02 -32.35
CA SER A 290 9.83 -36.14 -32.97
C SER A 290 10.59 -36.78 -34.16
N LEU A 291 11.71 -36.17 -34.55
CA LEU A 291 12.48 -36.63 -35.71
C LEU A 291 13.91 -37.12 -35.32
N LEU A 292 14.06 -37.66 -34.11
CA LEU A 292 15.36 -38.11 -33.58
C LEU A 292 15.42 -39.60 -33.27
N PHE A 293 14.34 -40.13 -32.71
CA PHE A 293 14.31 -41.54 -32.30
C PHE A 293 13.18 -42.20 -33.02
N PRO A 294 13.33 -43.49 -33.36
CA PRO A 294 14.56 -44.28 -33.15
C PRO A 294 15.69 -43.84 -34.08
N ARG A 295 16.94 -43.93 -33.62
CA ARG A 295 18.08 -43.46 -34.39
C ARG A 295 18.41 -44.46 -35.49
N LYS A 296 18.98 -43.98 -36.60
CA LYS A 296 19.58 -44.93 -37.53
C LYS A 296 20.65 -45.72 -36.77
N PHE A 297 20.81 -46.99 -37.09
CA PHE A 297 21.86 -47.82 -36.49
C PHE A 297 22.53 -48.57 -37.61
N TYR A 298 22.37 -48.05 -38.82
CA TYR A 298 23.06 -48.58 -40.00
C TYR A 298 24.09 -47.62 -40.58
N GLU A 299 25.01 -48.19 -41.33
CA GLU A 299 26.17 -47.47 -41.86
C GLU A 299 26.27 -47.81 -43.35
N LEU A 300 27.00 -46.99 -44.12
CA LEU A 300 27.10 -47.20 -45.56
C LEU A 300 28.40 -47.89 -45.95
N ASP A 301 28.30 -49.04 -46.63
CA ASP A 301 29.53 -49.71 -47.12
C ASP A 301 30.11 -49.04 -48.37
N ALA A 302 31.22 -49.58 -48.86
CA ALA A 302 31.91 -49.04 -50.04
C ALA A 302 30.97 -48.80 -51.20
N ASN A 303 29.94 -49.62 -51.33
CA ASN A 303 29.01 -49.45 -52.45
C ASN A 303 27.80 -48.57 -52.15
N GLY A 304 27.82 -47.90 -51.00
CA GLY A 304 26.73 -47.02 -50.59
C GLY A 304 25.54 -47.79 -50.05
N GLN A 305 25.77 -49.03 -49.66
CA GLN A 305 24.68 -49.90 -49.23
C GLN A 305 24.59 -50.01 -47.73
N PRO A 306 23.35 -50.10 -47.22
CA PRO A 306 23.13 -50.22 -45.77
C PRO A 306 23.73 -51.49 -45.20
N ILE A 307 24.57 -51.35 -44.19
CA ILE A 307 24.93 -52.47 -43.36
C ILE A 307 24.83 -52.00 -41.92
N HIS A 308 24.80 -52.95 -40.99
CA HIS A 308 24.72 -52.62 -39.57
C HIS A 308 25.35 -53.70 -38.74
N TYR A 309 25.99 -53.27 -37.65
CA TYR A 309 26.24 -54.13 -36.53
C TYR A 309 24.88 -54.48 -35.90
N SER A 310 24.66 -55.77 -35.61
CA SER A 310 23.45 -56.21 -34.93
C SER A 310 23.60 -56.08 -33.44
N PRO A 311 22.78 -55.23 -32.81
CA PRO A 311 22.80 -55.14 -31.35
C PRO A 311 22.09 -56.34 -30.74
N TYR A 312 21.57 -57.20 -31.61
CA TYR A 312 20.86 -58.39 -31.15
C TYR A 312 21.70 -59.67 -31.16
N ASN A 313 22.48 -59.88 -32.22
CA ASN A 313 23.33 -61.07 -32.27
C ASN A 313 24.79 -60.78 -32.59
N GLY A 314 25.17 -59.51 -32.55
CA GLY A 314 26.58 -59.11 -32.66
C GLY A 314 27.29 -59.40 -33.96
N GLN A 315 26.55 -59.82 -34.99
CA GLN A 315 27.13 -59.98 -36.32
C GLN A 315 27.02 -58.68 -37.07
N VAL A 316 27.69 -58.59 -38.20
CA VAL A 316 27.52 -57.41 -39.03
C VAL A 316 26.79 -57.90 -40.22
N LEU A 317 25.64 -57.29 -40.51
CA LEU A 317 24.72 -57.82 -41.50
C LEU A 317 24.22 -56.72 -42.43
N PRO A 318 23.77 -57.09 -43.63
CA PRO A 318 23.24 -56.13 -44.61
C PRO A 318 21.88 -55.56 -44.19
N GLY A 319 21.50 -54.41 -44.72
CA GLY A 319 20.14 -53.90 -44.52
C GLY A 319 19.99 -52.83 -43.44
N TYR A 320 18.78 -52.31 -43.32
CA TYR A 320 18.48 -51.24 -42.37
C TYR A 320 18.35 -51.75 -40.92
N MET A 321 18.67 -50.86 -39.98
CA MET A 321 18.49 -51.13 -38.54
C MET A 321 18.32 -49.79 -37.83
N PHE A 322 17.39 -49.72 -36.90
CA PHE A 322 17.20 -48.54 -36.06
C PHE A 322 17.05 -48.99 -34.60
N THR A 323 17.23 -48.08 -33.64
CA THR A 323 17.02 -48.46 -32.24
C THR A 323 16.85 -47.23 -31.35
N ASP A 324 16.71 -47.46 -30.04
CA ASP A 324 16.44 -46.40 -29.06
C ASP A 324 15.03 -45.79 -29.13
N THR A 325 14.02 -46.64 -28.98
CA THR A 325 12.66 -46.20 -28.80
C THR A 325 11.94 -47.30 -28.04
N GLY A 326 11.00 -46.94 -27.18
CA GLY A 326 10.11 -47.93 -26.57
C GLY A 326 8.70 -47.80 -27.13
N PHE A 327 8.21 -48.85 -27.78
CA PHE A 327 6.90 -48.76 -28.44
C PHE A 327 5.75 -48.45 -27.48
N TRP A 328 5.91 -48.84 -26.21
CA TRP A 328 4.91 -48.51 -25.19
C TRP A 328 4.69 -46.99 -25.15
N ASP A 329 5.74 -46.21 -25.40
CA ASP A 329 5.57 -44.76 -25.61
C ASP A 329 5.08 -44.46 -27.04
N THR A 330 5.83 -44.96 -28.03
CA THR A 330 5.82 -44.35 -29.35
C THR A 330 4.80 -44.86 -30.36
N PHE A 331 4.09 -45.94 -30.01
CA PHE A 331 3.02 -46.47 -30.87
C PHE A 331 1.84 -45.50 -30.92
N ARG A 332 1.65 -44.76 -29.83
CA ARG A 332 0.48 -43.89 -29.70
C ARG A 332 0.36 -42.82 -30.81
N CYS A 333 1.39 -42.00 -31.00
CA CYS A 333 1.33 -41.02 -32.08
C CYS A 333 2.65 -40.69 -32.76
N LEU A 334 3.77 -41.12 -32.18
CA LEU A 334 5.06 -40.83 -32.79
C LEU A 334 5.24 -41.53 -34.14
N PHE A 335 5.07 -42.84 -34.18
CA PHE A 335 5.19 -43.54 -35.43
C PHE A 335 4.08 -43.15 -36.39
N PRO A 336 2.86 -42.99 -35.88
CA PRO A 336 1.84 -42.47 -36.77
C PRO A 336 2.23 -41.17 -37.48
N LEU A 337 2.87 -40.24 -36.76
CA LEU A 337 3.31 -39.01 -37.38
C LEU A 337 4.24 -39.28 -38.57
N LEU A 338 5.17 -40.22 -38.41
CA LEU A 338 6.00 -40.65 -39.54
C LEU A 338 5.18 -41.22 -40.71
N ASN A 339 4.18 -42.06 -40.40
CA ASN A 339 3.34 -42.60 -41.48
C ASN A 339 2.60 -41.50 -42.25
N LEU A 340 2.28 -40.43 -41.55
CA LEU A 340 1.65 -39.29 -42.17
C LEU A 340 2.66 -38.41 -42.95
N MET A 341 3.71 -37.94 -42.27
CA MET A 341 4.57 -36.91 -42.85
C MET A 341 5.92 -37.42 -43.40
N TYR A 342 6.35 -38.61 -42.98
CA TYR A 342 7.71 -39.10 -43.34
C TYR A 342 7.71 -40.60 -43.60
N PRO A 343 6.75 -41.08 -44.41
CA PRO A 343 6.59 -42.52 -44.62
C PRO A 343 7.84 -43.17 -45.24
N SER A 344 8.58 -42.44 -46.06
CA SER A 344 9.80 -43.02 -46.62
C SER A 344 10.80 -43.33 -45.50
N VAL A 345 10.73 -42.61 -44.40
CA VAL A 345 11.64 -42.88 -43.30
C VAL A 345 11.16 -44.06 -42.48
N ASN A 346 9.86 -44.19 -42.28
CA ASN A 346 9.38 -45.33 -41.51
C ASN A 346 9.59 -46.61 -42.31
N LYS A 347 9.63 -46.51 -43.63
CA LYS A 347 9.90 -47.66 -44.48
C LYS A 347 11.22 -48.29 -44.06
N GLU A 348 12.24 -47.45 -43.89
CA GLU A 348 13.56 -47.90 -43.46
C GLU A 348 13.44 -48.54 -42.09
N MET A 349 12.82 -47.83 -41.17
CA MET A 349 12.58 -48.35 -39.83
C MET A 349 11.86 -49.70 -39.86
N GLN A 350 10.79 -49.82 -40.63
CA GLN A 350 10.05 -51.10 -40.67
C GLN A 350 10.92 -52.25 -41.20
N GLU A 351 11.69 -51.99 -42.26
CA GLU A 351 12.68 -52.96 -42.71
C GLU A 351 13.63 -53.30 -41.55
N GLY A 352 14.08 -52.30 -40.81
CA GLY A 352 14.87 -52.57 -39.62
C GLY A 352 14.17 -53.51 -38.64
N LEU A 353 12.86 -53.39 -38.52
CA LEU A 353 12.15 -54.22 -37.55
C LEU A 353 12.15 -55.69 -38.01
N ILE A 354 11.94 -55.91 -39.30
CA ILE A 354 12.12 -57.25 -39.86
C ILE A 354 13.50 -57.77 -39.42
N ASN A 355 14.57 -57.02 -39.72
CA ASN A 355 15.90 -57.50 -39.36
C ASN A 355 16.06 -57.81 -37.86
N THR A 356 15.49 -56.96 -37.00
CA THR A 356 15.50 -57.25 -35.57
C THR A 356 14.86 -58.62 -35.25
N TYR A 357 13.75 -58.93 -35.90
CA TYR A 357 13.11 -60.22 -35.69
C TYR A 357 13.98 -61.35 -36.25
N LEU A 358 14.56 -61.16 -37.43
CA LEU A 358 15.42 -62.21 -37.99
C LEU A 358 16.63 -62.47 -37.07
N GLU A 359 17.17 -61.40 -36.47
CA GLU A 359 18.44 -61.52 -35.75
C GLU A 359 18.29 -61.86 -34.27
N SER A 360 17.10 -61.68 -33.72
CA SER A 360 16.89 -61.86 -32.27
C SER A 360 15.75 -62.85 -31.94
N GLY A 361 14.92 -63.15 -32.94
CA GLY A 361 13.77 -64.05 -32.76
C GLY A 361 12.45 -63.39 -32.35
N PHE A 362 12.49 -62.09 -32.05
CA PHE A 362 11.33 -61.32 -31.56
C PHE A 362 11.33 -59.93 -32.18
N PHE A 363 10.17 -59.32 -32.34
CA PHE A 363 10.15 -57.88 -32.52
C PHE A 363 10.49 -57.20 -31.18
N PRO A 364 11.11 -56.01 -31.22
CA PRO A 364 11.44 -55.32 -29.98
C PRO A 364 10.18 -54.67 -29.40
N GLU A 365 10.22 -54.34 -28.12
CA GLU A 365 9.23 -53.43 -27.56
C GLU A 365 10.00 -52.21 -27.08
N TRP A 366 10.92 -52.41 -26.13
CA TRP A 366 11.88 -51.37 -25.81
C TRP A 366 13.24 -51.87 -26.28
N ALA A 367 13.94 -51.05 -27.08
CA ALA A 367 15.25 -51.42 -27.58
C ALA A 367 16.24 -50.31 -27.30
N SER A 368 17.36 -50.66 -26.66
CA SER A 368 18.46 -49.72 -26.45
C SER A 368 19.81 -50.33 -26.06
N PRO A 369 20.61 -50.71 -27.06
CA PRO A 369 20.24 -50.73 -28.48
C PRO A 369 19.61 -52.07 -28.83
N GLY A 370 19.86 -53.08 -28.00
CA GLY A 370 19.23 -54.40 -28.15
C GLY A 370 18.00 -54.45 -27.26
N HIS A 371 17.48 -55.65 -27.01
CA HIS A 371 16.27 -55.80 -26.19
C HIS A 371 16.54 -55.39 -24.75
N ARG A 372 15.68 -54.53 -24.19
CA ARG A 372 15.85 -54.02 -22.83
C ARG A 372 14.54 -54.18 -22.08
N GLY A 373 14.63 -54.56 -20.80
CA GLY A 373 13.45 -54.80 -19.99
C GLY A 373 12.87 -53.54 -19.40
N CYS A 374 11.79 -53.04 -20.03
CA CYS A 374 11.17 -51.78 -19.63
C CYS A 374 9.75 -51.69 -20.14
N MET A 375 8.86 -51.21 -19.29
CA MET A 375 7.45 -51.05 -19.63
C MET A 375 6.76 -52.37 -19.99
N VAL A 376 5.63 -52.32 -20.71
CA VAL A 376 4.86 -53.52 -20.99
C VAL A 376 4.16 -53.46 -22.33
N GLY A 377 3.42 -54.52 -22.61
CA GLY A 377 2.61 -54.63 -23.81
C GLY A 377 3.30 -55.29 -24.99
N ASN A 378 2.54 -55.45 -26.09
CA ASN A 378 3.04 -56.00 -27.34
C ASN A 378 2.80 -55.02 -28.49
N ASN A 379 2.97 -53.75 -28.19
CA ASN A 379 2.64 -52.65 -29.10
C ASN A 379 3.49 -52.56 -30.38
N SER A 380 4.50 -53.41 -30.52
CA SER A 380 5.10 -53.59 -31.85
C SER A 380 4.05 -53.99 -32.92
N ALA A 381 3.01 -54.72 -32.51
CA ALA A 381 1.95 -55.09 -33.45
C ALA A 381 1.26 -53.87 -34.03
N SER A 382 1.03 -52.88 -33.18
CA SER A 382 0.50 -51.59 -33.64
C SER A 382 1.44 -50.88 -34.62
N ILE A 383 2.71 -50.74 -34.22
CA ILE A 383 3.73 -50.15 -35.08
C ILE A 383 3.70 -50.79 -36.46
N LEU A 384 3.79 -52.13 -36.47
CA LEU A 384 3.96 -52.86 -37.72
C LEU A 384 2.71 -52.73 -38.56
N VAL A 385 1.56 -52.91 -37.93
CA VAL A 385 0.30 -52.97 -38.67
C VAL A 385 -0.13 -51.59 -39.14
N ASP A 386 0.12 -50.57 -38.33
CA ASP A 386 -0.27 -49.21 -38.72
C ASP A 386 0.48 -48.79 -39.98
N ALA A 387 1.77 -49.07 -40.00
CA ALA A 387 2.60 -48.77 -41.18
C ALA A 387 2.07 -49.51 -42.42
N TYR A 388 1.82 -50.80 -42.28
CA TYR A 388 1.38 -51.60 -43.42
C TYR A 388 0.06 -51.08 -44.00
N MET A 389 -0.92 -50.84 -43.11
CA MET A 389 -2.25 -50.39 -43.54
C MET A 389 -2.18 -48.99 -44.13
N LYS A 390 -1.13 -48.26 -43.78
CA LYS A 390 -0.91 -46.94 -44.37
C LYS A 390 0.02 -46.95 -45.60
N GLY A 391 0.26 -48.10 -46.19
CA GLY A 391 1.05 -48.12 -47.44
C GLY A 391 2.54 -48.08 -47.24
N VAL A 392 2.98 -48.27 -46.00
CA VAL A 392 4.40 -48.41 -45.72
C VAL A 392 4.65 -49.92 -45.57
N LYS A 393 4.94 -50.57 -46.68
CA LYS A 393 4.94 -52.03 -46.69
C LYS A 393 6.35 -52.60 -46.78
N VAL A 394 6.71 -53.44 -45.83
CA VAL A 394 8.00 -54.12 -45.89
C VAL A 394 8.02 -55.09 -47.06
N ASP A 395 9.20 -55.43 -47.51
CA ASP A 395 9.34 -56.33 -48.67
C ASP A 395 8.82 -57.73 -48.41
N ASP A 396 9.06 -58.23 -47.19
CA ASP A 396 8.79 -59.61 -46.85
C ASP A 396 7.63 -59.69 -45.87
N ILE A 397 6.43 -59.60 -46.42
CA ILE A 397 5.24 -59.62 -45.59
C ILE A 397 5.01 -60.95 -44.87
N LYS A 398 5.56 -62.04 -45.41
CA LYS A 398 5.35 -63.39 -44.83
C LYS A 398 6.08 -63.49 -43.49
N THR A 399 7.31 -62.99 -43.46
CA THR A 399 8.10 -62.96 -42.24
C THR A 399 7.53 -62.03 -41.18
N LEU A 400 6.98 -60.90 -41.62
CA LEU A 400 6.33 -59.94 -40.75
C LEU A 400 5.19 -60.63 -40.01
N TYR A 401 4.34 -61.30 -40.76
CA TYR A 401 3.20 -62.00 -40.13
C TYR A 401 3.68 -63.09 -39.14
N GLU A 402 4.63 -63.92 -39.53
CA GLU A 402 5.13 -64.94 -38.62
C GLU A 402 5.69 -64.29 -37.36
N GLY A 403 6.40 -63.18 -37.52
CA GLY A 403 6.93 -62.48 -36.35
C GLY A 403 5.84 -62.05 -35.37
N LEU A 404 4.76 -61.47 -35.89
CA LEU A 404 3.66 -61.03 -35.07
C LEU A 404 3.07 -62.19 -34.30
N ILE A 405 2.82 -63.30 -34.99
CA ILE A 405 2.26 -64.50 -34.38
C ILE A 405 3.19 -65.06 -33.29
N HIS A 406 4.46 -65.20 -33.62
CA HIS A 406 5.45 -65.63 -32.65
C HIS A 406 5.36 -64.81 -31.37
N GLY A 407 5.15 -63.51 -31.52
CA GLY A 407 5.08 -62.61 -30.38
C GLY A 407 3.85 -62.83 -29.51
N THR A 408 2.81 -63.45 -30.06
CA THR A 408 1.59 -63.68 -29.29
C THR A 408 1.69 -64.92 -28.42
N GLU A 409 2.72 -65.73 -28.64
CA GLU A 409 2.83 -66.97 -27.86
C GLU A 409 4.23 -67.29 -27.34
N ASN A 410 4.97 -66.22 -27.02
CA ASN A 410 6.31 -66.34 -26.44
C ASN A 410 6.65 -65.07 -25.67
N VAL A 411 7.53 -65.24 -24.68
CA VAL A 411 8.13 -64.12 -24.02
C VAL A 411 9.63 -64.37 -24.12
N HIS A 412 10.41 -63.30 -24.22
CA HIS A 412 11.84 -63.43 -24.26
C HIS A 412 12.30 -64.01 -22.94
N PRO A 413 13.19 -65.03 -22.96
CA PRO A 413 13.56 -65.65 -21.69
C PRO A 413 14.42 -64.71 -20.86
N GLU A 414 15.08 -63.75 -21.52
CA GLU A 414 15.97 -62.81 -20.83
C GLU A 414 15.28 -61.46 -20.56
N VAL A 415 14.42 -61.01 -21.47
CA VAL A 415 13.79 -59.71 -21.30
C VAL A 415 12.28 -59.85 -21.29
N SER A 416 11.70 -59.71 -20.09
CA SER A 416 10.29 -60.03 -19.87
C SER A 416 9.33 -59.08 -20.57
N SER A 417 9.86 -57.94 -21.04
CA SER A 417 9.06 -56.96 -21.72
C SER A 417 9.14 -57.15 -23.23
N THR A 418 9.88 -58.17 -23.69
CA THR A 418 9.95 -58.48 -25.11
C THR A 418 9.11 -59.71 -25.33
N GLY A 419 8.25 -59.69 -26.34
CA GLY A 419 7.22 -60.72 -26.45
C GLY A 419 6.17 -60.46 -25.38
N ARG A 420 5.35 -61.46 -25.07
CA ARG A 420 4.24 -61.27 -24.15
C ARG A 420 4.36 -62.04 -22.82
N LEU A 421 4.85 -61.37 -21.78
CA LEU A 421 4.75 -61.94 -20.46
C LEU A 421 3.29 -62.28 -20.15
N GLY A 422 3.06 -63.48 -19.62
CA GLY A 422 1.73 -63.93 -19.24
C GLY A 422 0.81 -64.37 -20.38
N TYR A 423 1.37 -64.53 -21.59
CA TYR A 423 0.56 -64.98 -22.72
C TYR A 423 -0.18 -66.25 -22.37
N GLU A 424 0.42 -67.04 -21.50
CA GLU A 424 -0.11 -68.34 -21.13
C GLU A 424 -1.51 -68.15 -20.53
N TYR A 425 -1.59 -67.39 -19.45
CA TYR A 425 -2.85 -67.03 -18.84
C TYR A 425 -3.74 -66.26 -19.79
N TYR A 426 -3.15 -65.40 -20.62
CA TYR A 426 -3.98 -64.50 -21.42
C TYR A 426 -4.74 -65.25 -22.53
N ASN A 427 -4.04 -66.15 -23.22
CA ASN A 427 -4.66 -66.99 -24.22
C ASN A 427 -5.75 -67.93 -23.67
N LYS A 428 -5.62 -68.31 -22.40
CA LYS A 428 -6.50 -69.30 -21.78
C LYS A 428 -7.71 -68.64 -21.10
N LEU A 429 -7.47 -67.56 -20.37
CA LEU A 429 -8.52 -66.92 -19.59
C LEU A 429 -9.04 -65.66 -20.22
N GLY A 430 -8.29 -65.12 -21.18
CA GLY A 430 -8.64 -63.84 -21.79
C GLY A 430 -8.16 -62.63 -20.99
N TYR A 431 -7.30 -62.87 -20.00
CA TYR A 431 -6.69 -61.78 -19.23
C TYR A 431 -5.49 -62.30 -18.42
N VAL A 432 -4.58 -61.40 -18.09
CA VAL A 432 -3.45 -61.73 -17.23
C VAL A 432 -3.89 -61.45 -15.79
N PRO A 433 -3.95 -62.50 -14.95
CA PRO A 433 -4.53 -62.32 -13.62
C PRO A 433 -3.72 -61.40 -12.73
N TYR A 434 -4.29 -61.06 -11.58
CA TYR A 434 -3.70 -60.14 -10.63
C TYR A 434 -2.85 -60.83 -9.56
N ASP A 435 -2.98 -62.15 -9.44
CA ASP A 435 -2.35 -62.85 -8.33
C ASP A 435 -1.51 -64.03 -8.79
N VAL A 436 -0.83 -63.86 -9.92
CA VAL A 436 0.03 -64.92 -10.43
C VAL A 436 1.48 -64.47 -10.59
N LYS A 437 1.87 -63.43 -9.83
CA LYS A 437 3.27 -62.95 -9.80
C LYS A 437 3.66 -62.19 -11.06
N ILE A 438 2.68 -61.66 -11.79
CA ILE A 438 2.98 -60.89 -13.02
C ILE A 438 2.42 -59.49 -12.83
N ASN A 439 3.31 -58.56 -12.47
CA ASN A 439 2.90 -57.19 -12.16
C ASN A 439 2.42 -56.46 -13.39
N GLU A 440 1.66 -55.38 -13.19
CA GLU A 440 1.14 -54.56 -14.30
C GLU A 440 0.27 -55.42 -15.24
N ASN A 441 -0.45 -56.36 -14.62
CA ASN A 441 -1.26 -57.35 -15.33
C ASN A 441 -2.41 -56.74 -16.08
N ALA A 442 -3.11 -55.79 -15.47
CA ALA A 442 -4.22 -55.14 -16.18
C ALA A 442 -3.73 -54.32 -17.38
N ALA A 443 -2.65 -53.57 -17.19
CA ALA A 443 -2.09 -52.80 -18.29
C ALA A 443 -1.68 -53.73 -19.44
N ARG A 444 -1.04 -54.85 -19.13
CA ARG A 444 -0.67 -55.82 -20.19
C ARG A 444 -1.91 -56.34 -20.91
N THR A 445 -2.92 -56.72 -20.13
CA THR A 445 -4.15 -57.23 -20.69
C THR A 445 -4.78 -56.22 -21.69
N LEU A 446 -4.95 -54.98 -21.24
CA LEU A 446 -5.61 -53.98 -22.08
C LEU A 446 -4.84 -53.70 -23.36
N GLU A 447 -3.53 -53.62 -23.26
CA GLU A 447 -2.75 -53.36 -24.45
C GLU A 447 -2.68 -54.62 -25.36
N TYR A 448 -2.47 -55.80 -24.78
CA TYR A 448 -2.57 -57.05 -25.56
C TYR A 448 -3.84 -57.09 -26.41
N ALA A 449 -5.00 -56.75 -25.80
CA ALA A 449 -6.26 -56.79 -26.54
C ALA A 449 -6.23 -55.85 -27.76
N TYR A 450 -5.76 -54.62 -27.56
CA TYR A 450 -5.58 -53.71 -28.70
C TYR A 450 -4.57 -54.26 -29.71
N ASP A 451 -3.41 -54.71 -29.23
CA ASP A 451 -2.45 -55.34 -30.10
C ASP A 451 -3.08 -56.45 -30.90
N ASP A 452 -3.95 -57.23 -30.25
CA ASP A 452 -4.59 -58.34 -30.93
C ASP A 452 -5.56 -57.88 -32.00
N TRP A 453 -6.25 -56.77 -31.75
CA TRP A 453 -7.04 -56.15 -32.80
C TRP A 453 -6.20 -55.72 -34.01
N CYS A 454 -4.97 -55.26 -33.77
CA CYS A 454 -4.09 -54.85 -34.87
C CYS A 454 -3.73 -56.09 -35.71
N ILE A 455 -3.48 -57.18 -35.01
CA ILE A 455 -3.18 -58.44 -35.68
C ILE A 455 -4.37 -58.89 -36.51
N TYR A 456 -5.56 -58.79 -35.91
CA TYR A 456 -6.80 -59.05 -36.60
C TYR A 456 -6.92 -58.29 -37.92
N ARG A 457 -6.59 -57.00 -37.90
CA ARG A 457 -6.66 -56.16 -39.09
C ARG A 457 -5.75 -56.66 -40.22
N LEU A 458 -4.51 -57.00 -39.87
CA LEU A 458 -3.56 -57.46 -40.87
C LEU A 458 -3.98 -58.81 -41.46
N ALA A 459 -4.48 -59.68 -40.58
CA ALA A 459 -4.88 -61.03 -40.94
C ALA A 459 -6.02 -60.94 -41.92
N LYS A 460 -7.01 -60.13 -41.59
CA LYS A 460 -8.15 -59.92 -42.48
C LYS A 460 -7.66 -59.37 -43.81
N GLU A 461 -6.69 -58.46 -43.76
CA GLU A 461 -6.10 -57.83 -44.95
C GLU A 461 -5.35 -58.83 -45.84
N LEU A 462 -4.60 -59.72 -45.19
CA LEU A 462 -3.71 -60.64 -45.88
C LEU A 462 -4.47 -61.89 -46.33
N LYS A 463 -5.72 -62.01 -45.90
CA LYS A 463 -6.54 -63.13 -46.27
C LYS A 463 -6.06 -64.45 -45.68
N ARG A 464 -5.71 -64.40 -44.40
CA ARG A 464 -5.43 -65.57 -43.61
C ARG A 464 -6.68 -66.41 -43.45
N PRO A 465 -6.53 -67.67 -43.04
CA PRO A 465 -7.69 -68.53 -42.84
C PRO A 465 -8.69 -67.89 -41.87
N LYS A 466 -9.97 -68.16 -42.05
CA LYS A 466 -11.01 -67.62 -41.18
C LYS A 466 -10.73 -67.99 -39.72
N LYS A 467 -10.28 -69.22 -39.50
CA LYS A 467 -9.97 -69.68 -38.15
C LYS A 467 -9.06 -68.66 -37.43
N GLU A 468 -8.01 -68.20 -38.10
CA GLU A 468 -7.07 -67.23 -37.51
C GLU A 468 -7.69 -65.86 -37.24
N ILE A 469 -8.39 -65.33 -38.23
CA ILE A 469 -8.99 -64.01 -38.12
C ILE A 469 -9.91 -64.00 -36.91
N SER A 470 -10.74 -65.04 -36.80
CA SER A 470 -11.69 -65.18 -35.69
C SER A 470 -10.99 -65.16 -34.35
N LEU A 471 -9.85 -65.83 -34.26
CA LEU A 471 -9.19 -65.95 -32.99
C LEU A 471 -8.79 -64.56 -32.49
N PHE A 472 -8.23 -63.73 -33.36
CA PHE A 472 -7.78 -62.40 -32.94
C PHE A 472 -8.92 -61.43 -32.77
N ALA A 473 -10.00 -61.64 -33.53
CA ALA A 473 -11.22 -60.87 -33.34
C ALA A 473 -11.74 -61.08 -31.92
N LYS A 474 -11.67 -62.33 -31.46
CA LYS A 474 -12.07 -62.68 -30.11
C LYS A 474 -11.14 -62.05 -29.08
N ARG A 475 -9.83 -62.27 -29.24
CA ARG A 475 -8.85 -61.68 -28.31
C ARG A 475 -8.92 -60.16 -28.24
N ALA A 476 -9.16 -59.50 -29.37
CA ALA A 476 -9.40 -58.07 -29.41
C ALA A 476 -10.47 -57.61 -28.41
N MET A 477 -11.41 -58.50 -28.10
CA MET A 477 -12.49 -58.12 -27.22
C MET A 477 -12.16 -58.45 -25.76
N ASN A 478 -10.93 -58.87 -25.50
CA ASN A 478 -10.53 -59.31 -24.17
C ASN A 478 -10.48 -58.21 -23.13
N TYR A 479 -10.50 -56.96 -23.55
CA TYR A 479 -10.45 -55.86 -22.59
C TYR A 479 -11.65 -55.90 -21.63
N LYS A 480 -12.78 -56.42 -22.10
CA LYS A 480 -13.97 -56.47 -21.22
C LYS A 480 -13.71 -57.39 -20.02
N ASN A 481 -12.75 -58.28 -20.14
CA ASN A 481 -12.55 -59.22 -19.03
C ASN A 481 -12.13 -58.54 -17.74
N LEU A 482 -11.71 -57.29 -17.84
CA LEU A 482 -11.20 -56.55 -16.69
C LEU A 482 -12.05 -55.34 -16.32
N PHE A 483 -13.19 -55.20 -17.00
CA PHE A 483 -14.10 -54.13 -16.67
C PHE A 483 -15.04 -54.55 -15.53
N ASP A 484 -15.10 -53.71 -14.49
CA ASP A 484 -15.90 -53.93 -13.29
C ASP A 484 -17.14 -53.01 -13.25
N LYS A 485 -18.32 -53.57 -13.48
CA LYS A 485 -19.58 -52.80 -13.48
C LYS A 485 -19.72 -51.96 -12.22
N GLU A 486 -19.38 -52.57 -11.09
CA GLU A 486 -19.52 -51.92 -9.78
C GLU A 486 -18.81 -50.54 -9.76
N SER A 487 -17.56 -50.48 -10.21
CA SER A 487 -16.84 -49.21 -10.24
C SER A 487 -16.96 -48.45 -11.56
N LYS A 488 -17.36 -49.14 -12.63
CA LYS A 488 -17.30 -48.54 -13.96
C LYS A 488 -15.86 -48.28 -14.42
N LEU A 489 -14.91 -49.05 -13.91
CA LEU A 489 -13.50 -48.87 -14.25
C LEU A 489 -12.83 -50.24 -14.47
N MET A 490 -11.62 -50.22 -15.05
CA MET A 490 -10.84 -51.43 -15.20
C MET A 490 -10.21 -51.79 -13.85
N ARG A 491 -10.05 -53.09 -13.60
CA ARG A 491 -9.73 -53.58 -12.28
C ARG A 491 -9.03 -54.93 -12.35
N GLY A 492 -7.95 -55.08 -11.58
CA GLY A 492 -7.20 -56.34 -11.58
C GLY A 492 -8.13 -57.52 -11.28
N ARG A 493 -7.96 -58.61 -12.00
CA ARG A 493 -8.82 -59.77 -11.81
C ARG A 493 -7.98 -60.96 -11.38
N ASN A 494 -8.38 -61.61 -10.29
CA ASN A 494 -7.64 -62.80 -9.79
C ASN A 494 -7.77 -63.98 -10.74
N GLU A 495 -6.85 -64.92 -10.63
CA GLU A 495 -6.86 -66.09 -11.49
C GLU A 495 -8.14 -66.94 -11.41
N ASP A 496 -8.86 -66.85 -10.31
CA ASP A 496 -10.06 -67.68 -10.18
C ASP A 496 -11.31 -66.99 -10.74
N GLY A 497 -11.16 -65.75 -11.21
CA GLY A 497 -12.26 -65.07 -11.84
C GLY A 497 -12.81 -63.92 -11.02
N THR A 498 -12.55 -63.94 -9.72
CA THR A 498 -13.04 -62.84 -8.90
C THR A 498 -12.16 -61.61 -9.09
N PHE A 499 -12.78 -60.44 -9.03
CA PHE A 499 -12.06 -59.18 -9.13
C PHE A 499 -11.28 -58.92 -7.84
N GLN A 500 -10.12 -58.27 -7.94
CA GLN A 500 -9.30 -58.14 -6.75
C GLN A 500 -9.88 -57.15 -5.74
N SER A 501 -9.76 -57.46 -4.45
CA SER A 501 -10.12 -56.49 -3.43
C SER A 501 -9.12 -56.56 -2.28
N PRO A 502 -9.00 -55.46 -1.50
CA PRO A 502 -9.78 -54.26 -1.76
C PRO A 502 -9.26 -53.59 -3.04
N PHE A 503 -10.15 -52.92 -3.78
CA PHE A 503 -9.76 -52.27 -5.02
C PHE A 503 -9.74 -50.79 -4.79
N SER A 504 -8.67 -50.12 -5.24
CA SER A 504 -8.66 -48.65 -5.24
C SER A 504 -8.19 -48.03 -6.56
N PRO A 505 -9.13 -47.36 -7.25
CA PRO A 505 -8.86 -46.69 -8.51
C PRO A 505 -7.74 -45.66 -8.40
N LEU A 506 -7.36 -45.27 -7.19
CA LEU A 506 -6.32 -44.28 -7.01
C LEU A 506 -4.93 -44.90 -6.76
N LYS A 507 -4.87 -46.22 -6.66
CA LYS A 507 -3.57 -46.87 -6.46
C LYS A 507 -2.77 -46.99 -7.75
N TRP A 508 -1.60 -46.37 -7.75
CA TRP A 508 -0.74 -46.40 -8.92
C TRP A 508 0.02 -47.73 -9.01
N GLY A 509 0.46 -48.09 -10.21
CA GLY A 509 1.28 -49.31 -10.36
C GLY A 509 0.48 -50.59 -10.08
N ASP A 510 1.18 -51.65 -9.63
CA ASP A 510 0.53 -52.90 -9.24
C ASP A 510 -0.21 -53.57 -10.40
N ALA A 511 -1.52 -53.33 -10.55
CA ALA A 511 -2.25 -53.80 -11.73
C ALA A 511 -1.87 -53.02 -12.98
N PHE A 512 -1.53 -51.75 -12.78
CA PHE A 512 -1.31 -50.86 -13.90
C PHE A 512 0.15 -50.38 -14.01
N THR A 513 0.45 -49.65 -15.07
CA THR A 513 1.80 -49.16 -15.34
C THR A 513 1.78 -47.64 -15.33
N GLU A 514 2.66 -47.02 -14.57
CA GLU A 514 2.84 -45.58 -14.66
C GLU A 514 1.57 -44.81 -14.38
N GLY A 515 0.65 -45.37 -13.62
CA GLY A 515 -0.65 -44.72 -13.44
C GLY A 515 -1.60 -45.56 -12.61
N ASN A 516 -2.85 -45.13 -12.54
CA ASN A 516 -3.87 -45.87 -11.82
C ASN A 516 -5.03 -46.28 -12.73
N SER A 517 -6.09 -46.86 -12.17
CA SER A 517 -7.22 -47.29 -12.99
C SER A 517 -7.85 -46.12 -13.76
N TRP A 518 -7.88 -44.95 -13.13
CA TRP A 518 -8.44 -43.73 -13.74
C TRP A 518 -7.67 -43.32 -14.98
N HIS A 519 -6.40 -43.68 -15.04
CA HIS A 519 -5.60 -43.42 -16.21
C HIS A 519 -5.78 -44.49 -17.28
N TYR A 520 -5.82 -45.75 -16.85
CA TYR A 520 -5.76 -46.88 -17.80
C TYR A 520 -7.09 -47.38 -18.35
N THR A 521 -8.21 -47.03 -17.72
CA THR A 521 -9.49 -47.55 -18.14
C THR A 521 -9.84 -47.17 -19.59
N TRP A 522 -9.29 -46.07 -20.08
CA TRP A 522 -9.63 -45.53 -21.39
C TRP A 522 -8.87 -46.23 -22.51
N SER A 523 -8.01 -47.18 -22.15
CA SER A 523 -7.13 -47.83 -23.16
C SER A 523 -7.81 -48.92 -23.96
N VAL A 524 -8.84 -48.50 -24.70
CA VAL A 524 -9.55 -49.38 -25.63
C VAL A 524 -9.64 -48.63 -26.97
N PHE A 525 -8.45 -48.36 -27.52
CA PHE A 525 -8.28 -47.53 -28.73
C PHE A 525 -9.17 -47.95 -29.90
N HIS A 526 -9.33 -49.26 -30.05
CA HIS A 526 -10.02 -49.86 -31.21
C HIS A 526 -11.52 -50.03 -31.03
N ASP A 527 -12.02 -49.81 -29.82
CA ASP A 527 -13.45 -49.99 -29.59
C ASP A 527 -13.99 -49.05 -28.55
N PRO A 528 -13.87 -47.73 -28.75
CA PRO A 528 -14.36 -46.88 -27.67
C PRO A 528 -15.87 -47.00 -27.47
N GLN A 529 -16.64 -47.23 -28.54
CA GLN A 529 -18.09 -47.42 -28.39
C GLN A 529 -18.37 -48.62 -27.50
N GLY A 530 -17.57 -49.67 -27.65
CA GLY A 530 -17.64 -50.82 -26.78
C GLY A 530 -17.45 -50.44 -25.32
N LEU A 531 -16.51 -49.53 -25.04
CA LEU A 531 -16.27 -49.07 -23.65
C LEU A 531 -17.43 -48.24 -23.13
N ILE A 532 -17.94 -47.39 -24.01
CA ILE A 532 -19.07 -46.55 -23.69
C ILE A 532 -20.25 -47.44 -23.35
N ASP A 533 -20.40 -48.54 -24.07
CA ASP A 533 -21.48 -49.49 -23.85
C ASP A 533 -21.33 -50.15 -22.49
N LEU A 534 -20.09 -50.32 -22.02
CA LEU A 534 -19.85 -50.86 -20.68
C LEU A 534 -20.03 -49.83 -19.57
N MET A 535 -19.81 -48.55 -19.87
CA MET A 535 -19.78 -47.56 -18.80
C MET A 535 -21.11 -46.90 -18.58
N GLY A 536 -22.19 -47.55 -18.98
CA GLY A 536 -23.52 -47.00 -18.74
C GLY A 536 -24.10 -46.21 -19.88
N GLY A 537 -23.45 -46.19 -21.03
CA GLY A 537 -23.95 -45.40 -22.14
C GLY A 537 -23.23 -44.06 -22.21
N LYS A 538 -23.47 -43.30 -23.25
CA LYS A 538 -22.61 -42.17 -23.58
C LYS A 538 -22.69 -41.02 -22.58
N GLU A 539 -23.85 -40.76 -22.00
CA GLU A 539 -23.99 -39.70 -21.01
C GLU A 539 -23.24 -40.07 -19.73
N MET A 540 -23.35 -41.32 -19.32
CA MET A 540 -22.64 -41.77 -18.14
C MET A 540 -21.12 -41.78 -18.40
N PHE A 541 -20.75 -42.00 -19.66
CA PHE A 541 -19.35 -42.13 -20.03
C PHE A 541 -18.68 -40.77 -19.91
N VAL A 542 -19.38 -39.75 -20.39
CA VAL A 542 -18.89 -38.37 -20.34
C VAL A 542 -18.80 -37.93 -18.89
N THR A 543 -19.76 -38.37 -18.08
CA THR A 543 -19.73 -38.07 -16.64
C THR A 543 -18.47 -38.66 -16.01
N MET A 544 -18.12 -39.88 -16.39
CA MET A 544 -16.95 -40.51 -15.83
C MET A 544 -15.70 -39.74 -16.28
N MET A 545 -15.64 -39.37 -17.56
CA MET A 545 -14.48 -38.60 -18.06
C MET A 545 -14.39 -37.26 -17.36
N ASP A 546 -15.51 -36.56 -17.28
CA ASP A 546 -15.53 -35.24 -16.65
C ASP A 546 -14.95 -35.27 -15.24
N SER A 547 -15.12 -36.40 -14.56
CA SER A 547 -14.75 -36.46 -13.17
C SER A 547 -13.24 -36.67 -12.99
N VAL A 548 -12.58 -37.18 -14.04
CA VAL A 548 -11.14 -37.30 -14.01
C VAL A 548 -10.55 -35.93 -13.73
N PHE A 549 -11.08 -34.91 -14.40
CA PHE A 549 -10.59 -33.54 -14.16
C PHE A 549 -10.91 -32.98 -12.77
N ALA A 550 -12.03 -33.43 -12.20
CA ALA A 550 -12.56 -32.90 -10.91
C ALA A 550 -12.08 -33.61 -9.63
N VAL A 551 -11.52 -34.82 -9.73
CA VAL A 551 -11.09 -35.54 -8.50
C VAL A 551 -9.66 -35.21 -8.06
N PRO A 552 -9.50 -34.85 -6.78
CA PRO A 552 -8.25 -34.40 -6.20
C PRO A 552 -7.16 -35.42 -6.49
N PRO A 553 -5.93 -34.93 -6.70
CA PRO A 553 -4.89 -35.85 -7.09
C PRO A 553 -4.40 -36.66 -5.90
N ILE A 554 -5.30 -37.28 -5.15
CA ILE A 554 -4.84 -38.15 -4.08
C ILE A 554 -4.37 -39.42 -4.72
N PHE A 555 -3.47 -40.11 -4.04
CA PHE A 555 -2.86 -41.27 -4.63
C PHE A 555 -2.41 -42.22 -3.53
N ASP A 556 -2.24 -43.49 -3.92
CA ASP A 556 -1.62 -44.50 -3.09
C ASP A 556 -0.36 -44.96 -3.82
N ASP A 557 0.80 -44.65 -3.24
CA ASP A 557 2.05 -44.96 -3.92
C ASP A 557 2.73 -46.21 -3.38
N SER A 558 2.02 -46.99 -2.57
CA SER A 558 2.64 -48.12 -1.87
C SER A 558 3.45 -49.06 -2.77
N TYR A 559 2.99 -49.27 -3.99
CA TYR A 559 3.72 -50.14 -4.90
C TYR A 559 5.13 -49.64 -5.24
N TYR A 560 5.37 -48.33 -5.11
CA TYR A 560 6.71 -47.82 -5.39
C TYR A 560 7.54 -47.57 -4.12
N GLY A 561 6.87 -47.23 -3.03
CA GLY A 561 7.56 -46.91 -1.78
C GLY A 561 8.06 -45.47 -1.71
N GLN A 562 7.62 -44.64 -2.65
CA GLN A 562 8.05 -43.25 -2.70
C GLN A 562 7.16 -42.51 -3.70
N VAL A 563 7.19 -41.18 -3.65
CA VAL A 563 6.44 -40.42 -4.62
C VAL A 563 7.28 -40.36 -5.87
N ILE A 564 7.17 -41.34 -6.75
CA ILE A 564 7.93 -41.22 -7.99
C ILE A 564 7.48 -39.95 -8.71
N HIS A 565 8.37 -39.38 -9.50
CA HIS A 565 8.08 -38.11 -10.13
C HIS A 565 6.78 -38.09 -10.99
N GLU A 566 6.39 -39.19 -11.62
CA GLU A 566 5.08 -39.18 -12.32
C GLU A 566 3.92 -38.81 -11.38
N ILE A 567 3.94 -39.31 -10.15
CA ILE A 567 2.86 -38.95 -9.26
C ILE A 567 2.94 -37.46 -8.94
N ARG A 568 4.13 -37.00 -8.58
CA ARG A 568 4.28 -35.61 -8.20
C ARG A 568 3.77 -34.72 -9.34
N GLU A 569 4.19 -35.06 -10.56
CA GLU A 569 3.82 -34.33 -11.74
C GLU A 569 2.29 -34.19 -11.85
N MET A 570 1.58 -35.30 -11.70
CA MET A 570 0.13 -35.23 -11.63
C MET A 570 -0.35 -34.19 -10.61
N THR A 571 0.23 -34.18 -9.41
CA THR A 571 -0.36 -33.38 -8.33
C THR A 571 -0.21 -31.90 -8.59
N VAL A 572 0.93 -31.48 -9.13
CA VAL A 572 1.17 -30.04 -9.21
C VAL A 572 0.38 -29.30 -10.30
N MET A 573 -0.15 -30.05 -11.27
CA MET A 573 -0.78 -29.39 -12.43
C MET A 573 -2.19 -28.87 -12.20
N ASN A 574 -2.80 -29.27 -11.09
CA ASN A 574 -4.14 -28.85 -10.77
C ASN A 574 -5.18 -29.28 -11.82
N MET A 575 -5.02 -30.47 -12.39
CA MET A 575 -5.98 -30.94 -13.37
C MET A 575 -6.60 -32.25 -12.88
N GLY A 576 -6.80 -32.33 -11.56
CA GLY A 576 -7.37 -33.55 -10.98
C GLY A 576 -6.45 -34.73 -11.22
N ASN A 577 -7.02 -35.83 -11.72
CA ASN A 577 -6.18 -36.98 -12.02
C ASN A 577 -5.69 -36.99 -13.47
N TYR A 578 -5.98 -35.94 -14.24
CA TYR A 578 -5.51 -35.95 -15.63
C TYR A 578 -4.04 -35.58 -15.69
N ALA A 579 -3.18 -36.59 -15.81
CA ALA A 579 -1.74 -36.38 -15.82
C ALA A 579 -1.25 -36.50 -17.26
N HIS A 580 -1.11 -35.36 -17.95
CA HIS A 580 -0.84 -35.42 -19.39
C HIS A 580 0.48 -36.11 -19.75
N GLY A 581 1.48 -36.07 -18.87
CA GLY A 581 2.73 -36.81 -19.10
C GLY A 581 2.55 -38.32 -19.09
N ASN A 582 1.43 -38.77 -18.53
CA ASN A 582 1.06 -40.18 -18.50
C ASN A 582 0.62 -40.70 -19.88
N GLN A 583 1.47 -41.49 -20.53
CA GLN A 583 1.18 -41.93 -21.91
C GLN A 583 -0.19 -42.58 -22.12
N PRO A 584 -0.59 -43.48 -21.21
CA PRO A 584 -1.82 -44.24 -21.45
C PRO A 584 -3.04 -43.37 -21.49
N ILE A 585 -2.95 -42.15 -20.97
CA ILE A 585 -4.11 -41.30 -20.93
C ILE A 585 -4.04 -40.22 -22.01
N GLN A 586 -2.98 -40.21 -22.82
CA GLN A 586 -2.78 -39.10 -23.77
C GLN A 586 -3.87 -38.95 -24.86
N HIS A 587 -4.54 -40.05 -25.20
CA HIS A 587 -5.61 -40.05 -26.19
C HIS A 587 -6.97 -39.80 -25.56
N MET A 588 -7.03 -39.88 -24.23
CA MET A 588 -8.28 -39.85 -23.51
C MET A 588 -9.23 -38.70 -23.90
N ILE A 589 -8.71 -37.49 -23.98
CA ILE A 589 -9.57 -36.33 -24.21
C ILE A 589 -10.29 -36.42 -25.54
N TYR A 590 -9.69 -37.09 -26.52
CA TYR A 590 -10.30 -37.29 -27.85
C TYR A 590 -11.52 -38.21 -27.77
N LEU A 591 -11.61 -38.99 -26.70
CA LEU A 591 -12.74 -39.88 -26.51
C LEU A 591 -14.07 -39.11 -26.36
N TYR A 592 -14.02 -37.84 -25.95
CA TYR A 592 -15.24 -37.04 -25.91
C TYR A 592 -15.95 -37.07 -27.27
N ASP A 593 -15.17 -37.14 -28.33
CA ASP A 593 -15.72 -37.15 -29.70
C ASP A 593 -16.62 -38.35 -29.88
N TYR A 594 -16.19 -39.50 -29.38
CA TYR A 594 -16.91 -40.75 -29.63
C TYR A 594 -18.22 -40.82 -28.85
N ALA A 595 -18.32 -40.03 -27.79
CA ALA A 595 -19.59 -39.98 -27.07
C ALA A 595 -20.48 -38.81 -27.52
N GLY A 596 -20.14 -38.20 -28.65
CA GLY A 596 -20.94 -37.11 -29.18
C GLY A 596 -20.85 -35.75 -28.51
N GLN A 597 -19.76 -35.46 -27.81
CA GLN A 597 -19.56 -34.10 -27.27
C GLN A 597 -18.15 -33.57 -27.58
N PRO A 598 -17.83 -33.41 -28.87
CA PRO A 598 -16.49 -32.99 -29.28
C PRO A 598 -16.14 -31.58 -28.78
N TRP A 599 -17.14 -30.82 -28.34
CA TRP A 599 -16.86 -29.49 -27.76
C TRP A 599 -16.06 -29.61 -26.47
N LYS A 600 -16.31 -30.67 -25.71
CA LYS A 600 -15.53 -30.88 -24.48
C LYS A 600 -14.07 -31.26 -24.78
N ALA A 601 -13.86 -32.01 -25.86
CA ALA A 601 -12.49 -32.33 -26.29
C ALA A 601 -11.79 -31.04 -26.69
N GLN A 602 -12.50 -30.23 -27.46
CA GLN A 602 -11.99 -28.96 -27.89
C GLN A 602 -11.58 -28.08 -26.72
N TYR A 603 -12.45 -27.98 -25.71
CA TYR A 603 -12.11 -27.23 -24.47
C TYR A 603 -10.83 -27.74 -23.81
N TRP A 604 -10.80 -29.04 -23.51
CA TRP A 604 -9.72 -29.61 -22.69
C TRP A 604 -8.40 -29.70 -23.45
N LEU A 605 -8.49 -30.05 -24.73
CA LEU A 605 -7.29 -30.14 -25.54
C LEU A 605 -6.60 -28.78 -25.54
N ARG A 606 -7.38 -27.71 -25.56
CA ARG A 606 -6.79 -26.38 -25.66
C ARG A 606 -6.16 -26.00 -24.32
N GLN A 607 -6.82 -26.37 -23.22
CA GLN A 607 -6.19 -26.23 -21.91
C GLN A 607 -4.82 -26.96 -21.90
N VAL A 608 -4.80 -28.21 -22.36
CA VAL A 608 -3.54 -28.96 -22.33
C VAL A 608 -2.48 -28.29 -23.17
N MET A 609 -2.82 -27.90 -24.39
CA MET A 609 -1.84 -27.28 -25.28
C MET A 609 -1.32 -25.93 -24.75
N ASP A 610 -2.19 -25.15 -24.14
CA ASP A 610 -1.82 -23.83 -23.62
C ASP A 610 -1.04 -23.95 -22.31
N ARG A 611 -1.36 -24.96 -21.50
CA ARG A 611 -0.84 -24.97 -20.14
C ARG A 611 0.25 -26.01 -19.85
N MET A 612 0.21 -27.16 -20.53
CA MET A 612 1.11 -28.27 -20.18
C MET A 612 2.38 -28.28 -21.00
N TYR A 613 2.46 -27.37 -21.98
CA TYR A 613 3.64 -27.24 -22.82
C TYR A 613 4.05 -25.77 -22.83
N THR A 614 5.32 -25.49 -22.52
CA THR A 614 5.89 -24.16 -22.66
C THR A 614 7.22 -24.29 -23.39
N PRO A 615 7.73 -23.17 -23.95
CA PRO A 615 8.92 -23.24 -24.81
C PRO A 615 10.27 -23.21 -24.08
N GLY A 616 10.25 -23.11 -22.76
CA GLY A 616 11.50 -22.90 -22.04
C GLY A 616 12.20 -24.20 -21.61
N PRO A 617 13.32 -24.07 -20.91
CA PRO A 617 14.11 -25.19 -20.42
C PRO A 617 13.26 -26.20 -19.64
N ASP A 618 12.26 -25.71 -18.90
CA ASP A 618 11.30 -26.58 -18.20
C ASP A 618 9.99 -26.76 -18.98
N GLY A 619 10.09 -27.04 -20.28
CA GLY A 619 8.93 -26.96 -21.15
C GLY A 619 7.86 -28.04 -21.13
N TYR A 620 8.22 -29.26 -20.77
CA TYR A 620 7.22 -30.32 -20.73
C TYR A 620 6.60 -30.45 -19.34
N CYS A 621 5.55 -31.27 -19.23
CA CYS A 621 4.85 -31.51 -17.96
C CYS A 621 5.25 -32.86 -17.39
N GLY A 622 6.14 -33.55 -18.10
CA GLY A 622 6.61 -34.89 -17.70
C GLY A 622 7.62 -35.39 -18.72
N ASP A 623 7.98 -36.66 -18.68
CA ASP A 623 9.01 -37.16 -19.57
C ASP A 623 8.63 -37.00 -21.04
N GLU A 624 9.57 -36.60 -21.86
CA GLU A 624 9.26 -36.40 -23.28
C GLU A 624 9.07 -37.72 -24.05
N ASP A 625 9.91 -38.72 -23.72
CA ASP A 625 9.84 -40.10 -24.24
C ASP A 625 9.99 -40.25 -25.74
N ASN A 626 11.12 -39.79 -26.25
CA ASN A 626 11.58 -40.12 -27.61
C ASN A 626 10.61 -39.75 -28.70
N GLY A 627 9.88 -38.67 -28.45
CA GLY A 627 9.02 -38.12 -29.46
C GLY A 627 7.54 -38.23 -29.10
N GLN A 628 7.17 -39.18 -28.24
CA GLN A 628 5.73 -39.36 -28.00
C GLN A 628 5.05 -38.08 -27.51
N THR A 629 5.54 -37.52 -26.41
CA THR A 629 4.89 -36.33 -25.84
C THR A 629 5.00 -35.09 -26.75
N SER A 630 6.07 -35.03 -27.54
CA SER A 630 6.17 -33.91 -28.48
C SER A 630 5.26 -34.09 -29.67
N ALA A 631 5.24 -35.31 -30.22
CA ALA A 631 4.41 -35.58 -31.38
C ALA A 631 2.95 -35.35 -30.98
N TRP A 632 2.63 -35.58 -29.72
CA TRP A 632 1.27 -35.33 -29.24
C TRP A 632 0.85 -33.89 -29.51
N TYR A 633 1.75 -32.95 -29.21
CA TYR A 633 1.49 -31.53 -29.48
C TYR A 633 1.48 -31.19 -30.98
N VAL A 634 2.36 -31.84 -31.75
CA VAL A 634 2.37 -31.60 -33.21
C VAL A 634 1.00 -31.95 -33.79
N PHE A 635 0.56 -33.19 -33.59
CA PHE A 635 -0.78 -33.56 -34.03
C PHE A 635 -1.83 -32.64 -33.42
N SER A 636 -1.82 -32.48 -32.11
CA SER A 636 -2.90 -31.69 -31.48
C SER A 636 -2.95 -30.25 -31.96
N ALA A 637 -1.81 -29.62 -32.16
CA ALA A 637 -1.84 -28.23 -32.62
C ALA A 637 -2.39 -28.16 -34.06
N LEU A 638 -2.24 -29.26 -34.79
CA LEU A 638 -2.80 -29.34 -36.14
C LEU A 638 -4.31 -29.52 -36.07
N GLY A 639 -4.80 -30.09 -34.97
CA GLY A 639 -6.22 -30.24 -34.73
C GLY A 639 -6.75 -31.67 -34.83
N PHE A 640 -5.86 -32.66 -34.85
CA PHE A 640 -6.34 -34.06 -34.88
C PHE A 640 -5.33 -35.08 -34.35
N TYR A 641 -5.75 -36.32 -34.17
CA TYR A 641 -4.90 -37.27 -33.45
C TYR A 641 -5.21 -38.70 -33.85
N PRO A 642 -4.17 -39.49 -34.07
CA PRO A 642 -4.35 -40.93 -34.32
C PRO A 642 -4.71 -41.68 -33.03
N VAL A 643 -5.98 -41.67 -32.65
CA VAL A 643 -6.35 -42.35 -31.43
C VAL A 643 -6.10 -43.85 -31.56
N CYS A 644 -6.35 -44.37 -32.75
CA CYS A 644 -6.23 -45.80 -32.98
C CYS A 644 -5.41 -46.12 -34.22
N PRO A 645 -4.07 -46.13 -34.08
CA PRO A 645 -3.21 -46.56 -35.16
C PRO A 645 -3.65 -47.95 -35.59
N GLY A 646 -3.49 -48.26 -36.89
CA GLY A 646 -4.09 -49.46 -37.43
C GLY A 646 -5.36 -49.16 -38.20
N THR A 647 -6.05 -48.07 -37.84
CA THR A 647 -7.12 -47.55 -38.68
C THR A 647 -6.51 -46.49 -39.56
N ASP A 648 -7.28 -45.99 -40.52
CA ASP A 648 -6.85 -44.88 -41.37
C ASP A 648 -7.32 -43.51 -40.80
N GLU A 649 -7.63 -43.46 -39.51
CA GLU A 649 -8.34 -42.29 -38.99
C GLU A 649 -7.49 -41.38 -38.10
N TYR A 650 -7.72 -40.07 -38.20
CA TYR A 650 -7.27 -39.15 -37.16
C TYR A 650 -8.50 -38.50 -36.56
N VAL A 651 -8.58 -38.51 -35.24
CA VAL A 651 -9.76 -38.03 -34.54
C VAL A 651 -9.64 -36.53 -34.28
N MET A 652 -10.71 -35.80 -34.55
CA MET A 652 -10.69 -34.34 -34.45
C MET A 652 -10.60 -33.81 -33.04
N GLY A 653 -9.78 -32.77 -32.87
CA GLY A 653 -9.73 -32.01 -31.62
C GLY A 653 -9.99 -30.55 -31.95
N THR A 654 -8.98 -29.71 -31.76
CA THR A 654 -9.07 -28.29 -32.13
C THR A 654 -7.70 -27.72 -32.54
N PRO A 655 -7.62 -27.08 -33.71
CA PRO A 655 -6.32 -26.61 -34.17
C PRO A 655 -5.84 -25.39 -33.38
N LEU A 656 -4.52 -25.27 -33.23
CA LEU A 656 -3.92 -24.18 -32.46
C LEU A 656 -3.60 -22.93 -33.26
N PHE A 657 -3.33 -23.09 -34.56
CA PHE A 657 -2.94 -21.95 -35.39
C PHE A 657 -4.05 -21.52 -36.36
N LYS A 658 -3.93 -20.29 -36.87
CA LYS A 658 -4.82 -19.78 -37.92
C LYS A 658 -4.60 -20.51 -39.25
N LYS A 659 -3.39 -20.96 -39.49
CA LYS A 659 -3.14 -21.77 -40.70
C LYS A 659 -2.04 -22.79 -40.51
N ALA A 660 -2.25 -23.96 -41.09
CA ALA A 660 -1.24 -25.01 -41.14
C ALA A 660 -1.23 -25.67 -42.52
N THR A 661 -0.05 -25.81 -43.11
CA THR A 661 0.02 -26.43 -44.41
C THR A 661 0.88 -27.67 -44.33
N LEU A 662 0.33 -28.82 -44.71
CA LEU A 662 1.10 -30.06 -44.76
C LEU A 662 1.61 -30.36 -46.17
N HIS A 663 2.91 -30.68 -46.26
CA HIS A 663 3.53 -31.04 -47.52
C HIS A 663 3.88 -32.52 -47.48
N PHE A 664 3.02 -33.33 -48.09
CA PHE A 664 3.22 -34.78 -48.11
C PHE A 664 4.33 -35.20 -49.07
N GLU A 665 4.84 -36.40 -48.89
CA GLU A 665 5.94 -36.89 -49.69
C GLU A 665 5.43 -37.28 -51.07
N ASN A 666 4.12 -37.46 -51.20
CA ASN A 666 3.55 -37.73 -52.52
C ASN A 666 3.46 -36.45 -53.37
N GLY A 667 3.90 -35.32 -52.82
CA GLY A 667 3.87 -34.05 -53.56
C GLY A 667 2.59 -33.24 -53.43
N ASN A 668 1.59 -33.78 -52.75
CA ASN A 668 0.38 -33.00 -52.47
C ASN A 668 0.56 -32.18 -51.20
N SER A 669 -0.24 -31.13 -51.08
CA SER A 669 -0.23 -30.29 -49.90
C SER A 669 -1.64 -30.10 -49.38
N LEU A 670 -1.78 -29.93 -48.06
CA LEU A 670 -3.09 -29.71 -47.45
C LEU A 670 -3.00 -28.49 -46.56
N VAL A 671 -3.88 -27.53 -46.80
CA VAL A 671 -3.97 -26.34 -45.97
C VAL A 671 -5.09 -26.54 -44.95
N ILE A 672 -4.81 -26.28 -43.68
CA ILE A 672 -5.83 -26.25 -42.66
C ILE A 672 -6.08 -24.79 -42.29
N ASP A 673 -7.18 -24.23 -42.79
CA ASP A 673 -7.50 -22.83 -42.60
C ASP A 673 -8.47 -22.60 -41.47
N ALA A 674 -8.03 -21.87 -40.46
CA ALA A 674 -8.88 -21.50 -39.33
C ALA A 674 -8.61 -20.04 -38.98
N PRO A 675 -9.01 -19.11 -39.88
CA PRO A 675 -8.63 -17.68 -39.79
C PRO A 675 -9.19 -16.97 -38.55
N ASN A 676 -10.24 -17.51 -37.94
CA ASN A 676 -10.80 -16.86 -36.76
C ASN A 676 -10.30 -17.49 -35.46
N ASN A 677 -9.23 -18.27 -35.54
CA ASN A 677 -8.68 -18.91 -34.36
C ASN A 677 -8.11 -17.82 -33.45
N SER A 678 -8.28 -17.97 -32.14
CA SER A 678 -7.69 -17.06 -31.16
C SER A 678 -7.57 -17.72 -29.79
N THR A 679 -7.09 -16.98 -28.80
CA THR A 679 -7.05 -17.53 -27.46
C THR A 679 -8.43 -17.93 -26.98
N GLU A 680 -9.46 -17.21 -27.44
CA GLU A 680 -10.82 -17.46 -26.98
C GLU A 680 -11.59 -18.41 -27.88
N ASN A 681 -11.28 -18.39 -29.18
CA ASN A 681 -12.05 -19.14 -30.15
C ASN A 681 -11.47 -20.52 -30.40
N PHE A 682 -11.66 -21.42 -29.45
CA PHE A 682 -11.10 -22.76 -29.57
C PHE A 682 -12.16 -23.83 -29.83
N TYR A 683 -13.42 -23.42 -30.03
CA TYR A 683 -14.44 -24.37 -30.41
C TYR A 683 -14.52 -24.43 -31.93
N ILE A 684 -14.79 -25.61 -32.48
CA ILE A 684 -15.07 -25.74 -33.89
C ILE A 684 -16.57 -25.52 -34.10
N ASP A 685 -16.97 -24.41 -34.71
CA ASP A 685 -18.38 -24.19 -35.04
C ASP A 685 -18.80 -25.04 -36.24
N SER A 686 -17.97 -25.03 -37.28
CA SER A 686 -18.19 -25.86 -38.46
C SER A 686 -16.89 -26.10 -39.23
N MET A 687 -16.94 -27.04 -40.14
CA MET A 687 -15.75 -27.48 -40.83
C MET A 687 -16.16 -27.92 -42.24
N SER A 688 -15.31 -27.64 -43.23
CA SER A 688 -15.53 -28.19 -44.56
C SER A 688 -14.21 -28.71 -45.15
N PHE A 689 -14.33 -29.70 -46.02
CA PHE A 689 -13.17 -30.37 -46.57
C PHE A 689 -13.33 -30.22 -48.06
N ASN A 690 -12.52 -29.35 -48.66
CA ASN A 690 -12.59 -29.14 -50.10
C ASN A 690 -14.00 -28.81 -50.56
N GLY A 691 -14.66 -27.88 -49.87
CA GLY A 691 -16.00 -27.43 -50.25
C GLY A 691 -17.17 -28.16 -49.64
N ALA A 692 -16.98 -29.44 -49.31
CA ALA A 692 -18.04 -30.26 -48.75
C ALA A 692 -18.12 -30.14 -47.22
N ASP A 693 -19.34 -30.05 -46.69
CA ASP A 693 -19.54 -30.04 -45.22
C ASP A 693 -18.81 -31.21 -44.59
N HIS A 694 -18.23 -30.99 -43.42
CA HIS A 694 -17.53 -32.07 -42.74
C HIS A 694 -17.90 -31.98 -41.27
N THR A 695 -18.89 -32.76 -40.86
CA THR A 695 -19.40 -32.72 -39.47
C THR A 695 -18.90 -33.92 -38.68
N LYS A 696 -18.24 -34.84 -39.37
CA LYS A 696 -17.61 -36.00 -38.72
C LYS A 696 -16.51 -35.60 -37.74
N ASN A 697 -16.30 -36.43 -36.71
CA ASN A 697 -15.21 -36.23 -35.75
C ASN A 697 -13.88 -36.87 -36.14
N TYR A 698 -13.69 -37.13 -37.44
CA TYR A 698 -12.44 -37.75 -37.86
C TYR A 698 -12.13 -37.43 -39.31
N LEU A 699 -10.84 -37.47 -39.62
CA LEU A 699 -10.33 -37.34 -40.99
C LEU A 699 -9.66 -38.65 -41.37
N ARG A 700 -9.72 -38.96 -42.66
CA ARG A 700 -9.13 -40.19 -43.19
C ARG A 700 -7.78 -39.96 -43.87
N HIS A 701 -6.86 -40.86 -43.59
CA HIS A 701 -5.51 -40.84 -44.17
C HIS A 701 -5.53 -40.59 -45.68
N GLU A 702 -6.32 -41.38 -46.39
CA GLU A 702 -6.32 -41.31 -47.85
C GLU A 702 -6.89 -39.99 -48.32
N ASP A 703 -7.74 -39.37 -47.50
CA ASP A 703 -8.29 -38.07 -47.87
C ASP A 703 -7.28 -36.95 -47.70
N LEU A 704 -6.56 -36.95 -46.57
CA LEU A 704 -5.56 -35.93 -46.31
C LEU A 704 -4.54 -35.93 -47.42
N PHE A 705 -4.13 -37.12 -47.87
CA PHE A 705 -3.11 -37.27 -48.89
C PHE A 705 -3.49 -36.75 -50.26
N LYS A 706 -4.79 -36.55 -50.51
CA LYS A 706 -5.22 -36.00 -51.81
C LYS A 706 -4.98 -34.50 -51.84
N GLY A 707 -4.75 -33.94 -50.65
CA GLY A 707 -4.42 -32.54 -50.52
C GLY A 707 -5.66 -31.66 -50.68
N GLY A 708 -5.45 -30.36 -50.62
CA GLY A 708 -6.55 -29.42 -50.81
C GLY A 708 -6.63 -28.49 -49.63
N THR A 709 -7.85 -28.22 -49.19
CA THR A 709 -8.09 -27.25 -48.15
C THR A 709 -9.18 -27.72 -47.21
N ILE A 710 -8.87 -27.69 -45.92
CA ILE A 710 -9.84 -27.90 -44.87
C ILE A 710 -10.08 -26.54 -44.24
N LYS A 711 -11.34 -26.13 -44.14
CA LYS A 711 -11.65 -24.87 -43.50
C LYS A 711 -12.33 -25.12 -42.17
N VAL A 712 -11.91 -24.41 -41.13
CA VAL A 712 -12.42 -24.64 -39.78
C VAL A 712 -12.90 -23.30 -39.23
N ASP A 713 -14.22 -23.13 -39.03
CA ASP A 713 -14.78 -21.90 -38.45
C ASP A 713 -14.66 -21.97 -36.92
N MET A 714 -13.83 -21.12 -36.32
CA MET A 714 -13.58 -21.19 -34.86
C MET A 714 -14.48 -20.23 -34.10
N SER A 715 -14.73 -20.52 -32.82
CA SER A 715 -15.71 -19.75 -32.07
C SER A 715 -15.48 -19.87 -30.55
N ASN A 716 -15.93 -18.86 -29.81
CA ASN A 716 -15.85 -18.89 -28.35
C ASN A 716 -17.04 -19.60 -27.70
N ARG A 717 -17.98 -20.05 -28.52
CA ARG A 717 -19.18 -20.78 -28.06
C ARG A 717 -19.21 -22.20 -28.61
N PRO A 718 -19.51 -23.18 -27.76
CA PRO A 718 -19.59 -24.55 -28.25
C PRO A 718 -20.76 -24.73 -29.20
N ASN A 719 -20.58 -25.57 -30.22
CA ASN A 719 -21.70 -25.97 -31.05
C ASN A 719 -22.19 -27.33 -30.58
N LEU A 720 -23.29 -27.32 -29.82
CA LEU A 720 -23.85 -28.51 -29.20
C LEU A 720 -24.47 -29.48 -30.21
N ASN A 721 -24.62 -29.08 -31.47
CA ASN A 721 -25.24 -29.97 -32.46
C ASN A 721 -24.25 -30.63 -33.41
N ARG A 722 -23.11 -29.97 -33.61
CA ARG A 722 -22.12 -30.50 -34.52
C ARG A 722 -21.45 -31.76 -33.98
N GLY A 723 -21.46 -32.82 -34.78
CA GLY A 723 -20.70 -34.01 -34.46
C GLY A 723 -21.33 -34.91 -33.42
N THR A 724 -22.65 -34.88 -33.33
CA THR A 724 -23.34 -35.71 -32.37
C THR A 724 -23.94 -36.96 -33.00
N LYS A 725 -23.83 -37.09 -34.32
CA LYS A 725 -24.52 -38.15 -35.07
C LYS A 725 -23.69 -39.43 -35.22
N GLU A 726 -24.35 -40.57 -35.35
CA GLU A 726 -23.65 -41.85 -35.43
C GLU A 726 -22.71 -41.87 -36.65
N GLU A 727 -23.15 -41.30 -37.76
CA GLU A 727 -22.29 -41.25 -38.94
C GLU A 727 -21.09 -40.32 -38.72
N ASP A 728 -21.17 -39.45 -37.70
CA ASP A 728 -20.04 -38.56 -37.35
C ASP A 728 -18.94 -39.24 -36.52
N MET A 729 -19.22 -40.44 -36.02
CA MET A 729 -18.34 -41.08 -35.05
C MET A 729 -17.16 -41.77 -35.73
N PRO A 730 -15.99 -41.81 -35.07
CA PRO A 730 -14.86 -42.51 -35.63
C PRO A 730 -15.04 -44.00 -35.46
N TYR A 731 -14.06 -44.76 -35.90
CA TYR A 731 -14.14 -46.21 -35.90
C TYR A 731 -14.33 -46.79 -34.51
N SER A 732 -15.22 -47.77 -34.38
CA SER A 732 -15.20 -48.68 -33.22
C SER A 732 -15.39 -50.11 -33.69
N PHE A 733 -14.53 -51.02 -33.23
CA PHE A 733 -14.59 -52.43 -33.62
C PHE A 733 -15.99 -53.06 -33.48
N SER A 734 -16.69 -52.76 -32.39
CA SER A 734 -18.00 -53.38 -32.16
C SER A 734 -19.04 -52.90 -33.16
N LYS A 735 -18.77 -51.80 -33.84
CA LYS A 735 -19.68 -51.29 -34.86
C LYS A 735 -19.26 -51.74 -36.26
N GLU A 736 -18.11 -52.41 -36.36
CA GLU A 736 -17.72 -53.06 -37.61
C GLU A 736 -18.40 -54.42 -37.75
N LYS B 1 -5.91 -1.71 -24.43
CA LYS B 1 -4.47 -1.92 -24.80
C LYS B 1 -3.60 -2.30 -23.59
N ASP B 2 -3.44 -3.60 -23.36
CA ASP B 2 -2.78 -4.07 -22.15
C ASP B 2 -1.28 -4.27 -22.33
N TRP B 3 -0.47 -3.77 -21.40
CA TRP B 3 0.95 -4.01 -21.47
C TRP B 3 1.39 -4.97 -20.37
N THR B 4 0.55 -5.16 -19.35
CA THR B 4 0.86 -6.12 -18.28
C THR B 4 1.10 -7.56 -18.79
N GLN B 5 0.56 -7.89 -19.96
CA GLN B 5 0.70 -9.26 -20.48
C GLN B 5 2.18 -9.59 -20.71
N TYR B 6 2.97 -8.55 -20.95
CA TYR B 6 4.40 -8.70 -21.22
C TYR B 6 5.28 -8.80 -19.97
N VAL B 7 4.74 -8.42 -18.82
CA VAL B 7 5.53 -8.38 -17.59
C VAL B 7 5.69 -9.75 -16.97
N ASN B 8 6.93 -10.18 -16.79
CA ASN B 8 7.21 -11.44 -16.11
C ASN B 8 7.88 -11.19 -14.74
N PRO B 9 7.11 -11.32 -13.66
CA PRO B 9 7.62 -10.98 -12.33
C PRO B 9 8.66 -11.99 -11.82
N LEU B 10 8.78 -13.11 -12.54
CA LEU B 10 9.69 -14.18 -12.16
C LEU B 10 11.06 -13.98 -12.79
N MET B 11 11.19 -12.93 -13.61
CA MET B 11 12.43 -12.65 -14.29
C MET B 11 13.50 -12.27 -13.27
N GLY B 12 14.48 -13.15 -13.13
CA GLY B 12 15.57 -12.88 -12.20
C GLY B 12 15.44 -13.72 -10.94
N SER B 13 14.43 -14.59 -10.91
CA SER B 13 14.28 -15.53 -9.78
C SER B 13 15.14 -16.80 -9.86
N GLN B 14 15.63 -17.15 -11.04
CA GLN B 14 16.52 -18.30 -11.16
C GLN B 14 17.95 -17.88 -10.87
N SER B 15 18.19 -17.53 -9.61
CA SER B 15 19.44 -16.92 -9.19
C SER B 15 20.05 -17.69 -8.03
N THR B 16 21.37 -17.80 -8.03
CA THR B 16 22.08 -18.42 -6.88
C THR B 16 23.11 -17.46 -6.30
N PHE B 17 23.65 -17.82 -5.13
CA PHE B 17 24.69 -17.06 -4.46
C PHE B 17 25.89 -16.94 -5.40
N GLU B 18 26.21 -18.04 -6.08
CA GLU B 18 27.40 -18.11 -6.91
C GLU B 18 27.25 -17.34 -8.23
N LEU B 19 26.03 -17.27 -8.75
CA LEU B 19 25.81 -16.61 -10.03
C LEU B 19 24.43 -16.01 -10.04
N SER B 20 24.37 -14.68 -10.09
CA SER B 20 23.11 -13.97 -10.08
C SER B 20 22.58 -13.80 -11.51
N THR B 21 21.29 -14.02 -11.69
CA THR B 21 20.67 -13.70 -12.96
C THR B 21 19.65 -12.62 -12.71
N GLY B 22 19.75 -11.99 -11.54
CA GLY B 22 18.98 -10.78 -11.25
C GLY B 22 18.75 -10.65 -9.76
N ASN B 23 18.73 -11.79 -9.07
CA ASN B 23 18.43 -11.83 -7.67
C ASN B 23 17.18 -11.00 -7.33
N THR B 24 16.07 -11.36 -7.97
CA THR B 24 14.78 -10.74 -7.74
C THR B 24 13.82 -11.76 -7.12
N TYR B 25 12.68 -11.29 -6.61
CA TYR B 25 11.57 -12.18 -6.26
C TYR B 25 10.39 -11.56 -6.98
N PRO B 26 9.31 -12.33 -7.14
CA PRO B 26 8.10 -11.85 -7.78
C PRO B 26 7.46 -10.81 -6.90
N ALA B 27 7.61 -9.53 -7.23
CA ALA B 27 7.04 -8.47 -6.41
C ALA B 27 5.61 -8.17 -6.86
N ILE B 28 4.65 -8.76 -6.18
CA ILE B 28 3.23 -8.54 -6.50
C ILE B 28 2.80 -7.28 -5.76
N ALA B 29 2.41 -6.23 -6.49
CA ALA B 29 2.36 -4.92 -5.88
C ALA B 29 1.81 -3.86 -6.85
N ARG B 30 1.51 -2.69 -6.28
CA ARG B 30 1.23 -1.50 -7.06
C ARG B 30 2.53 -0.76 -7.32
N PRO B 31 2.57 0.06 -8.38
CA PRO B 31 3.77 0.84 -8.63
C PRO B 31 4.22 1.56 -7.36
N TRP B 32 5.49 1.36 -7.00
CA TRP B 32 6.06 1.94 -5.78
C TRP B 32 5.21 1.69 -4.54
N GLY B 33 4.57 0.53 -4.46
CA GLY B 33 3.73 0.19 -3.31
C GLY B 33 4.45 0.30 -1.98
N MET B 34 3.73 0.59 -0.90
CA MET B 34 4.38 0.65 0.42
C MET B 34 4.72 -0.76 0.86
N ASN B 35 3.80 -1.67 0.56
CA ASN B 35 3.97 -3.07 0.89
C ASN B 35 3.92 -3.97 -0.34
N PHE B 36 4.93 -4.83 -0.48
CA PHE B 36 4.99 -5.81 -1.54
C PHE B 36 4.61 -7.15 -0.97
N TRP B 37 4.08 -8.03 -1.83
CA TRP B 37 3.78 -9.40 -1.44
C TRP B 37 4.41 -10.41 -2.42
N THR B 38 4.94 -11.50 -1.87
CA THR B 38 5.51 -12.52 -2.72
C THR B 38 5.30 -13.90 -2.12
N PRO B 39 5.17 -14.91 -2.99
CA PRO B 39 5.23 -16.30 -2.51
C PRO B 39 6.63 -16.53 -1.94
N GLN B 40 6.73 -17.34 -0.86
CA GLN B 40 7.97 -17.49 -0.14
C GLN B 40 8.43 -18.93 -0.18
N THR B 41 9.57 -19.17 -0.85
CA THR B 41 10.14 -20.49 -0.96
C THR B 41 11.29 -20.71 0.02
N GLY B 42 11.99 -19.63 0.34
CA GLY B 42 13.11 -19.67 1.29
C GLY B 42 12.68 -19.71 2.76
N LYS B 43 13.56 -20.22 3.62
CA LYS B 43 13.27 -20.21 5.05
C LYS B 43 13.33 -18.78 5.54
N MET B 44 12.60 -18.51 6.61
CA MET B 44 12.56 -17.17 7.19
C MET B 44 13.97 -16.58 7.32
N GLY B 45 14.13 -15.33 6.91
CA GLY B 45 15.42 -14.64 7.03
C GLY B 45 16.41 -14.84 5.90
N ASP B 46 16.14 -15.81 5.02
CA ASP B 46 17.01 -16.00 3.86
C ASP B 46 16.72 -14.88 2.86
N GLY B 47 17.77 -14.19 2.42
CA GLY B 47 17.61 -13.12 1.45
C GLY B 47 17.09 -13.67 0.14
N TRP B 48 17.33 -14.97 -0.08
CA TRP B 48 16.75 -15.68 -1.21
C TRP B 48 15.34 -16.18 -0.84
N GLN B 49 14.42 -15.24 -0.72
CA GLN B 49 13.06 -15.58 -0.28
C GLN B 49 12.20 -16.31 -1.34
N TYR B 50 12.47 -16.07 -2.62
CA TYR B 50 11.90 -16.86 -3.72
C TYR B 50 12.98 -17.27 -4.74
N THR B 51 13.11 -18.57 -5.01
CA THR B 51 13.97 -19.04 -6.10
C THR B 51 13.20 -19.93 -7.06
N TYR B 52 13.50 -19.80 -8.34
CA TYR B 52 12.75 -20.52 -9.35
C TYR B 52 12.87 -22.03 -9.28
N THR B 53 14.01 -22.53 -8.79
CA THR B 53 14.19 -23.98 -8.69
C THR B 53 13.68 -24.58 -7.37
N ALA B 54 13.13 -23.74 -6.50
CA ALA B 54 12.57 -24.27 -5.24
C ALA B 54 11.36 -25.13 -5.55
N ASN B 55 11.25 -26.26 -4.83
CA ASN B 55 10.15 -27.20 -4.96
C ASN B 55 8.91 -26.76 -4.15
N LYS B 56 9.10 -26.02 -3.06
CA LYS B 56 7.98 -25.73 -2.13
C LYS B 56 7.78 -24.29 -1.73
N ILE B 57 6.53 -23.96 -1.47
CA ILE B 57 6.17 -22.67 -0.92
C ILE B 57 5.79 -22.90 0.54
N ARG B 58 6.14 -21.98 1.41
CA ARG B 58 5.89 -22.18 2.84
C ARG B 58 5.18 -20.98 3.40
N GLY B 59 4.97 -19.97 2.56
CA GLY B 59 4.06 -18.91 2.94
C GLY B 59 3.85 -17.88 1.86
N PHE B 60 2.92 -16.96 2.13
CA PHE B 60 2.73 -15.78 1.30
C PHE B 60 3.04 -14.56 2.14
N LYS B 61 4.05 -13.79 1.71
CA LYS B 61 4.79 -12.90 2.59
C LYS B 61 4.75 -11.41 2.21
N GLN B 62 4.42 -10.56 3.19
CA GLN B 62 4.61 -9.11 3.03
C GLN B 62 6.10 -8.91 3.13
N THR B 63 6.69 -8.18 2.18
CA THR B 63 8.12 -7.94 2.21
C THR B 63 8.40 -6.51 1.77
N HIS B 64 9.57 -5.99 2.17
CA HIS B 64 10.02 -4.70 1.65
C HIS B 64 11.44 -4.82 1.11
N GLN B 65 11.91 -6.05 0.97
CA GLN B 65 13.33 -6.29 0.66
C GLN B 65 13.72 -5.75 -0.72
N PRO B 66 14.84 -5.01 -0.79
CA PRO B 66 15.35 -4.38 -2.00
C PRO B 66 16.37 -5.27 -2.73
N SER B 67 17.02 -6.17 -1.98
CA SER B 67 17.97 -7.10 -2.55
C SER B 67 18.28 -8.18 -1.53
N PRO B 68 18.80 -9.34 -1.97
CA PRO B 68 19.08 -10.38 -0.98
C PRO B 68 20.19 -10.00 -0.01
N TRP B 69 20.99 -9.00 -0.38
CA TRP B 69 22.15 -8.61 0.40
C TRP B 69 21.72 -7.66 1.52
N ILE B 70 20.91 -6.68 1.16
CA ILE B 70 20.41 -5.68 2.09
C ILE B 70 19.38 -6.34 2.99
N ASN B 71 18.66 -7.31 2.44
CA ASN B 71 17.69 -8.12 3.19
C ASN B 71 16.44 -7.34 3.61
N ASP B 72 15.66 -7.88 4.55
CA ASP B 72 14.24 -7.53 4.71
C ASP B 72 13.86 -6.79 6.03
N TYR B 73 12.66 -6.21 6.05
CA TYR B 73 12.07 -5.68 7.28
C TYR B 73 10.56 -5.48 7.07
N GLY B 74 9.83 -5.27 8.17
CA GLY B 74 8.38 -5.18 8.09
C GLY B 74 7.85 -6.41 7.36
N GLN B 75 8.11 -7.57 7.95
CA GLN B 75 7.82 -8.82 7.26
C GLN B 75 7.07 -9.84 8.10
N PHE B 76 5.95 -10.34 7.54
CA PHE B 76 5.17 -11.45 8.11
C PHE B 76 4.56 -12.27 6.96
N SER B 77 4.06 -13.45 7.27
CA SER B 77 3.43 -14.24 6.23
C SER B 77 2.15 -14.91 6.67
N ILE B 78 1.44 -15.45 5.68
CA ILE B 78 0.24 -16.21 5.91
C ILE B 78 0.36 -17.45 5.04
N MET B 79 -0.32 -18.53 5.43
CA MET B 79 -0.20 -19.80 4.73
C MET B 79 -1.38 -20.71 5.04
N PRO B 80 -2.18 -21.06 4.02
CA PRO B 80 -3.32 -21.98 4.17
C PRO B 80 -2.81 -23.41 4.18
N ILE B 81 -3.49 -24.31 4.88
CA ILE B 81 -3.08 -25.72 4.97
C ILE B 81 -4.30 -26.59 5.28
N VAL B 82 -4.14 -27.91 5.18
CA VAL B 82 -5.17 -28.85 5.67
C VAL B 82 -4.49 -30.03 6.36
N GLY B 83 -5.24 -30.77 7.19
CA GLY B 83 -4.66 -31.88 7.94
C GLY B 83 -4.46 -31.53 9.40
N GLN B 84 -3.20 -31.39 9.81
CA GLN B 84 -2.89 -31.05 11.21
C GLN B 84 -2.60 -29.56 11.27
N PRO B 85 -2.95 -28.92 12.39
CA PRO B 85 -2.52 -27.54 12.52
C PRO B 85 -1.01 -27.47 12.87
N VAL B 86 -0.17 -27.30 11.87
CA VAL B 86 1.27 -27.25 12.11
C VAL B 86 1.78 -25.86 11.80
N PHE B 87 2.65 -25.34 12.66
CA PHE B 87 3.19 -24.00 12.47
C PHE B 87 4.58 -24.01 11.85
N ASP B 88 5.32 -25.09 12.05
CA ASP B 88 6.69 -25.20 11.59
C ASP B 88 6.78 -24.82 10.09
N GLU B 89 7.71 -23.93 9.76
CA GLU B 89 7.80 -23.41 8.40
C GLU B 89 8.13 -24.48 7.34
N GLU B 90 8.57 -25.65 7.78
CA GLU B 90 8.84 -26.72 6.83
C GLU B 90 7.70 -27.69 6.74
N LYS B 91 7.11 -28.02 7.89
CA LYS B 91 5.98 -28.93 7.96
C LYS B 91 4.76 -28.38 7.24
N ARG B 92 4.63 -27.06 7.22
CA ARG B 92 3.43 -26.45 6.66
C ARG B 92 3.57 -26.24 5.14
N ALA B 93 4.81 -26.27 4.65
CA ALA B 93 5.18 -26.02 3.25
C ALA B 93 4.52 -26.97 2.22
N SER B 94 4.40 -26.53 0.98
CA SER B 94 3.86 -27.43 -0.06
C SER B 94 4.61 -27.40 -1.39
N TRP B 95 4.76 -28.56 -2.01
CA TRP B 95 5.17 -28.62 -3.42
C TRP B 95 4.27 -27.75 -4.27
N PHE B 96 4.83 -27.20 -5.34
CA PHE B 96 4.05 -26.57 -6.40
C PHE B 96 4.87 -26.71 -7.66
N ALA B 97 4.32 -26.30 -8.80
CA ALA B 97 5.12 -26.20 -10.03
C ALA B 97 4.77 -24.90 -10.70
N HIS B 98 5.67 -24.40 -11.55
CA HIS B 98 5.44 -23.14 -12.22
C HIS B 98 4.28 -23.23 -13.21
N LYS B 99 3.97 -24.43 -13.66
CA LYS B 99 2.82 -24.58 -14.53
C LYS B 99 1.49 -24.60 -13.73
N GLY B 100 1.58 -24.65 -12.40
CA GLY B 100 0.41 -24.49 -11.54
C GLY B 100 0.37 -23.10 -10.93
N GLU B 101 1.14 -22.17 -11.51
CA GLU B 101 1.37 -20.88 -10.92
C GLU B 101 1.13 -19.81 -11.96
N VAL B 102 0.48 -18.71 -11.56
CA VAL B 102 0.37 -17.55 -12.41
C VAL B 102 0.88 -16.33 -11.70
N ALA B 103 1.87 -15.67 -12.27
CA ALA B 103 2.40 -14.51 -11.61
C ALA B 103 2.27 -13.33 -12.54
N THR B 104 1.58 -12.30 -12.08
CA THR B 104 1.51 -11.01 -12.77
C THR B 104 1.79 -9.91 -11.73
N PRO B 105 2.05 -8.67 -12.15
CA PRO B 105 2.35 -7.62 -11.17
C PRO B 105 1.18 -7.34 -10.21
N TYR B 106 -0.04 -7.64 -10.65
CA TYR B 106 -1.23 -7.19 -9.94
C TYR B 106 -2.01 -8.34 -9.31
N TYR B 107 -1.55 -9.58 -9.54
CA TYR B 107 -2.31 -10.80 -9.20
C TYR B 107 -1.41 -12.03 -9.21
N TYR B 108 -1.52 -12.85 -8.17
CA TYR B 108 -0.71 -14.06 -8.09
C TYR B 108 -1.57 -15.25 -7.68
N LYS B 109 -1.33 -16.40 -8.33
CA LYS B 109 -2.02 -17.65 -7.99
C LYS B 109 -1.12 -18.90 -8.02
N VAL B 110 -1.37 -19.83 -7.13
CA VAL B 110 -0.56 -21.02 -7.17
C VAL B 110 -1.33 -22.11 -6.51
N TYR B 111 -1.18 -23.31 -7.06
CA TYR B 111 -1.81 -24.48 -6.51
C TYR B 111 -0.84 -25.23 -5.57
N LEU B 112 -1.22 -25.36 -4.30
CA LEU B 112 -0.37 -26.00 -3.29
C LEU B 112 -0.69 -27.46 -3.33
N ALA B 113 0.09 -28.21 -4.10
CA ALA B 113 -0.24 -29.60 -4.40
C ALA B 113 -0.36 -30.55 -3.20
N GLU B 114 0.28 -30.22 -2.07
CA GLU B 114 0.21 -31.12 -0.91
C GLU B 114 -1.00 -30.84 -0.04
N HIS B 115 -1.65 -29.69 -0.22
CA HIS B 115 -2.84 -29.42 0.56
C HIS B 115 -4.08 -29.33 -0.34
N ASP B 116 -3.88 -29.41 -1.66
CA ASP B 116 -5.00 -29.29 -2.58
C ASP B 116 -5.71 -27.98 -2.28
N ILE B 117 -4.94 -26.91 -2.16
CA ILE B 117 -5.47 -25.58 -1.98
C ILE B 117 -4.97 -24.63 -3.07
N VAL B 118 -5.87 -23.85 -3.65
CA VAL B 118 -5.45 -22.76 -4.51
C VAL B 118 -5.34 -21.47 -3.67
N THR B 119 -4.24 -20.72 -3.84
CA THR B 119 -4.13 -19.42 -3.19
C THR B 119 -4.06 -18.32 -4.24
N GLU B 120 -4.79 -17.24 -4.03
CA GLU B 120 -4.78 -16.09 -4.92
C GLU B 120 -4.54 -14.83 -4.09
N MET B 121 -3.86 -13.84 -4.66
CA MET B 121 -3.68 -12.58 -3.93
C MET B 121 -3.52 -11.37 -4.83
N THR B 122 -4.14 -10.26 -4.42
CA THR B 122 -4.15 -9.06 -5.24
C THR B 122 -3.90 -7.91 -4.31
N PRO B 123 -2.75 -7.23 -4.48
CA PRO B 123 -2.40 -6.15 -3.58
C PRO B 123 -2.88 -4.77 -4.03
N THR B 124 -3.10 -3.86 -3.06
CA THR B 124 -3.13 -2.43 -3.36
C THR B 124 -1.81 -1.83 -2.90
N GLU B 125 -1.75 -0.51 -2.75
CA GLU B 125 -0.49 0.11 -2.35
C GLU B 125 -0.02 -0.36 -0.97
N ARG B 126 -0.93 -0.46 -0.01
CA ARG B 126 -0.56 -0.80 1.38
C ARG B 126 -1.33 -2.02 1.94
N ALA B 127 -2.21 -2.59 1.13
CA ALA B 127 -3.11 -3.68 1.54
C ALA B 127 -3.10 -4.82 0.52
N VAL B 128 -3.70 -5.96 0.91
CA VAL B 128 -3.83 -7.11 0.00
C VAL B 128 -5.05 -7.97 0.32
N LEU B 129 -5.71 -8.49 -0.72
CA LEU B 129 -6.79 -9.47 -0.54
C LEU B 129 -6.30 -10.86 -0.88
N PHE B 130 -6.58 -11.80 0.01
CA PHE B 130 -6.29 -13.20 -0.28
C PHE B 130 -7.59 -13.99 -0.49
N ARG B 131 -7.53 -14.99 -1.37
CA ARG B 131 -8.62 -15.92 -1.53
C ARG B 131 -8.04 -17.34 -1.57
N PHE B 132 -8.44 -18.17 -0.61
CA PHE B 132 -8.01 -19.56 -0.51
C PHE B 132 -9.12 -20.49 -0.97
N THR B 133 -8.82 -21.38 -1.90
CA THR B 133 -9.80 -22.37 -2.37
C THR B 133 -9.45 -23.75 -1.79
N PHE B 134 -10.21 -24.12 -0.75
CA PHE B 134 -9.94 -25.31 0.05
C PHE B 134 -10.62 -26.50 -0.53
N PRO B 135 -10.11 -27.69 -0.23
CA PRO B 135 -10.82 -28.86 -0.65
C PRO B 135 -11.80 -29.25 0.46
N GLU B 136 -12.51 -30.34 0.27
CA GLU B 136 -13.41 -30.86 1.28
C GLU B 136 -12.54 -31.40 2.41
N ASN B 137 -12.69 -30.82 3.60
CA ASN B 137 -11.88 -31.25 4.73
C ASN B 137 -12.53 -30.77 6.02
N ASP B 138 -12.49 -31.61 7.04
CA ASP B 138 -12.93 -31.17 8.36
C ASP B 138 -11.88 -30.26 9.01
N HIS B 139 -10.63 -30.36 8.56
CA HIS B 139 -9.53 -29.59 9.15
C HIS B 139 -8.77 -28.70 8.14
N SER B 140 -9.29 -27.49 7.91
CA SER B 140 -8.59 -26.53 7.07
C SER B 140 -8.16 -25.38 7.96
N TYR B 141 -6.98 -24.81 7.70
CA TYR B 141 -6.43 -23.73 8.52
C TYR B 141 -5.76 -22.64 7.70
N VAL B 142 -5.61 -21.47 8.33
CA VAL B 142 -4.72 -20.43 7.84
C VAL B 142 -3.73 -20.13 8.96
N VAL B 143 -2.44 -20.13 8.62
CA VAL B 143 -1.39 -19.88 9.58
C VAL B 143 -0.93 -18.43 9.42
N VAL B 144 -0.86 -17.69 10.52
CA VAL B 144 -0.32 -16.36 10.43
C VAL B 144 1.01 -16.30 11.18
N ASP B 145 2.03 -15.75 10.53
CA ASP B 145 3.41 -15.74 11.05
C ASP B 145 3.95 -14.32 11.16
N ALA B 146 4.13 -13.84 12.39
CA ALA B 146 4.59 -12.49 12.61
C ALA B 146 6.12 -12.43 12.57
N PHE B 147 6.76 -13.60 12.46
CA PHE B 147 8.21 -13.67 12.29
C PHE B 147 8.88 -13.41 13.66
N ASP B 148 10.20 -13.62 13.78
CA ASP B 148 10.89 -13.58 15.09
C ASP B 148 11.63 -12.27 15.43
N LYS B 149 12.59 -12.34 16.34
CA LYS B 149 13.25 -11.15 16.89
C LYS B 149 12.25 -10.22 17.57
N GLY B 150 11.12 -10.77 18.00
CA GLY B 150 10.15 -10.01 18.78
C GLY B 150 8.94 -9.59 17.97
N SER B 151 7.83 -10.30 18.19
CA SER B 151 6.58 -9.99 17.50
C SER B 151 5.38 -10.03 18.43
N TYR B 152 4.23 -9.69 17.87
CA TYR B 152 2.99 -9.65 18.63
C TYR B 152 1.86 -10.23 17.76
N ILE B 153 0.91 -10.89 18.42
CA ILE B 153 -0.24 -11.49 17.75
C ILE B 153 -1.47 -11.55 18.69
N LYS B 154 -2.65 -11.23 18.16
CA LYS B 154 -3.91 -11.33 18.91
C LYS B 154 -5.11 -11.76 18.07
N ILE B 155 -5.73 -12.88 18.44
CA ILE B 155 -6.92 -13.42 17.78
C ILE B 155 -8.22 -12.83 18.32
N ILE B 156 -8.89 -12.01 17.52
CA ILE B 156 -10.16 -11.40 17.92
C ILE B 156 -11.34 -12.09 17.22
N PRO B 157 -11.81 -13.22 17.79
CA PRO B 157 -12.76 -14.15 17.13
C PRO B 157 -14.13 -13.55 16.79
N GLU B 158 -14.67 -12.71 17.67
CA GLU B 158 -15.96 -12.08 17.41
C GLU B 158 -15.93 -11.16 16.19
N GLU B 159 -14.76 -10.97 15.60
CA GLU B 159 -14.66 -10.18 14.36
C GLU B 159 -13.97 -10.97 13.24
N ASN B 160 -13.90 -12.29 13.39
CA ASN B 160 -13.12 -13.15 12.51
C ASN B 160 -11.80 -12.47 12.14
N LYS B 161 -11.08 -11.98 13.14
CA LYS B 161 -9.94 -11.11 12.89
C LYS B 161 -8.66 -11.58 13.59
N ILE B 162 -7.52 -11.19 13.02
CA ILE B 162 -6.22 -11.38 13.67
C ILE B 162 -5.42 -10.12 13.46
N ILE B 163 -4.79 -9.66 14.54
CA ILE B 163 -3.92 -8.51 14.44
C ILE B 163 -2.60 -8.85 15.06
N GLY B 164 -1.63 -7.97 14.86
CA GLY B 164 -0.31 -8.19 15.37
C GLY B 164 0.67 -7.22 14.74
N TYR B 165 1.91 -7.34 15.14
CA TYR B 165 2.94 -6.57 14.51
C TYR B 165 4.20 -7.42 14.43
N THR B 166 5.10 -7.01 13.56
CA THR B 166 6.32 -7.74 13.33
C THR B 166 7.42 -6.73 13.42
N THR B 167 8.59 -7.16 13.90
CA THR B 167 9.76 -6.26 14.00
C THR B 167 11.03 -6.74 13.30
N ARG B 168 11.16 -8.06 13.08
CA ARG B 168 12.40 -8.58 12.51
C ARG B 168 12.85 -7.68 11.38
N ASN B 169 14.09 -7.20 11.46
CA ASN B 169 14.59 -6.27 10.46
C ASN B 169 16.05 -6.55 10.20
N SER B 170 16.66 -5.77 9.32
CA SER B 170 18.07 -6.02 9.04
C SER B 170 18.92 -4.80 9.39
N GLY B 171 18.41 -3.99 10.32
CA GLY B 171 19.09 -2.77 10.73
C GLY B 171 18.50 -1.56 10.03
N GLY B 172 19.05 -0.39 10.33
CA GLY B 172 18.55 0.86 9.75
C GLY B 172 17.14 1.21 10.21
N VAL B 173 16.81 0.89 11.46
CA VAL B 173 15.51 1.20 12.03
C VAL B 173 15.62 1.78 13.43
N PRO B 174 14.79 2.78 13.73
CA PRO B 174 14.74 3.35 15.10
C PRO B 174 14.34 2.25 16.09
N GLU B 175 14.37 2.51 17.40
CA GLU B 175 14.06 1.44 18.38
C GLU B 175 12.60 1.06 18.51
N ASN B 176 11.72 2.04 18.28
CA ASN B 176 10.29 1.82 18.32
C ASN B 176 9.73 1.14 17.06
N PHE B 177 10.60 0.81 16.10
CA PHE B 177 10.13 0.23 14.84
C PHE B 177 9.27 -1.02 14.99
N LYS B 178 8.03 -0.93 14.50
CA LYS B 178 7.13 -2.08 14.40
C LYS B 178 6.32 -1.97 13.11
N ASN B 179 5.92 -3.09 12.51
CA ASN B 179 4.97 -3.05 11.40
C ASN B 179 3.65 -3.62 11.86
N TYR B 180 2.60 -2.80 11.90
CA TYR B 180 1.30 -3.25 12.42
C TYR B 180 0.44 -3.84 11.31
N PHE B 181 -0.08 -5.05 11.53
CA PHE B 181 -0.94 -5.68 10.53
C PHE B 181 -2.28 -6.13 11.11
N ILE B 182 -3.29 -6.10 10.22
CA ILE B 182 -4.64 -6.51 10.53
C ILE B 182 -5.13 -7.48 9.44
N ILE B 183 -5.80 -8.55 9.86
CA ILE B 183 -6.27 -9.59 8.95
C ILE B 183 -7.74 -9.92 9.25
N GLU B 184 -8.62 -9.77 8.26
CA GLU B 184 -10.02 -10.07 8.43
C GLU B 184 -10.48 -11.25 7.56
N PHE B 185 -11.09 -12.25 8.16
CA PHE B 185 -11.61 -13.38 7.41
C PHE B 185 -13.12 -13.28 7.19
N ASP B 186 -13.60 -13.78 6.07
CA ASP B 186 -15.04 -13.80 5.84
C ASP B 186 -15.68 -15.13 6.22
N LYS B 187 -14.97 -16.00 6.93
CA LYS B 187 -15.60 -17.20 7.44
C LYS B 187 -15.31 -17.27 8.93
N PRO B 188 -16.34 -17.51 9.75
CA PRO B 188 -16.06 -17.57 11.19
C PRO B 188 -15.10 -18.72 11.53
N PHE B 189 -14.26 -18.54 12.55
CA PHE B 189 -13.34 -19.59 13.02
C PHE B 189 -14.07 -20.67 13.83
N THR B 190 -13.68 -21.93 13.61
CA THR B 190 -14.16 -23.06 14.41
C THR B 190 -13.01 -23.63 15.22
N TYR B 191 -11.81 -23.20 14.91
CA TYR B 191 -10.61 -23.60 15.63
C TYR B 191 -9.77 -22.34 15.74
N LYS B 192 -9.20 -22.10 16.92
CA LYS B 192 -8.32 -20.95 17.12
C LYS B 192 -7.21 -21.28 18.10
N ALA B 193 -6.01 -20.81 17.79
CA ALA B 193 -4.85 -21.03 18.63
C ALA B 193 -3.82 -19.96 18.32
N THR B 194 -3.00 -19.62 19.30
CA THR B 194 -1.82 -18.86 19.01
C THR B 194 -0.60 -19.73 19.25
N VAL B 195 0.56 -19.25 18.79
CA VAL B 195 1.78 -20.03 18.86
C VAL B 195 2.85 -19.25 19.60
N GLU B 196 3.51 -19.92 20.53
CA GLU B 196 4.53 -19.31 21.33
C GLU B 196 5.76 -20.16 21.22
N ASN B 197 6.82 -19.58 20.69
CA ASN B 197 8.04 -20.34 20.50
C ASN B 197 7.70 -21.74 20.02
N GLY B 198 7.11 -21.80 18.84
CA GLY B 198 6.77 -23.07 18.20
C GLY B 198 5.90 -23.97 19.06
N ASN B 199 5.18 -23.36 20.01
CA ASN B 199 4.27 -24.12 20.83
C ASN B 199 2.84 -23.71 20.52
N LEU B 200 2.01 -24.70 20.27
CA LEU B 200 0.63 -24.43 19.89
C LEU B 200 -0.27 -24.30 21.13
N GLN B 201 -0.85 -23.14 21.33
CA GLN B 201 -1.75 -22.96 22.46
C GLN B 201 -3.18 -22.62 22.04
N GLU B 202 -4.00 -23.67 22.00
CA GLU B 202 -5.36 -23.53 21.55
C GLU B 202 -6.14 -22.56 22.42
N ASN B 203 -6.92 -21.70 21.77
CA ASN B 203 -7.77 -20.75 22.49
C ASN B 203 -7.03 -19.76 23.40
N VAL B 204 -5.70 -19.71 23.36
CA VAL B 204 -5.04 -18.56 23.97
C VAL B 204 -5.02 -17.44 22.93
N ALA B 205 -5.59 -16.30 23.27
CA ALA B 205 -5.85 -15.25 22.29
C ALA B 205 -4.64 -14.39 21.86
N GLU B 206 -3.61 -14.33 22.69
CA GLU B 206 -2.59 -13.29 22.59
C GLU B 206 -1.16 -13.78 22.88
N GLN B 207 -0.19 -13.29 22.10
CA GLN B 207 1.22 -13.48 22.43
C GLN B 207 2.02 -12.20 22.21
N THR B 208 2.92 -11.93 23.15
CA THR B 208 3.98 -10.93 22.98
C THR B 208 5.27 -11.70 23.30
N THR B 209 6.03 -12.08 22.27
CA THR B 209 7.07 -13.08 22.45
C THR B 209 8.07 -12.99 21.29
N ASP B 210 9.08 -13.87 21.29
CA ASP B 210 10.11 -13.84 20.25
C ASP B 210 9.52 -14.12 18.86
N HIS B 211 8.82 -15.24 18.74
CA HIS B 211 8.20 -15.62 17.48
C HIS B 211 6.71 -15.87 17.65
N ALA B 212 5.92 -14.82 17.44
CA ALA B 212 4.47 -14.89 17.61
C ALA B 212 3.80 -15.39 16.32
N GLY B 213 2.74 -16.17 16.49
CA GLY B 213 1.99 -16.70 15.36
C GLY B 213 0.57 -17.05 15.76
N ALA B 214 -0.28 -17.23 14.76
CA ALA B 214 -1.65 -17.63 14.96
C ALA B 214 -2.01 -18.73 13.97
N ILE B 215 -2.81 -19.69 14.42
CA ILE B 215 -3.49 -20.62 13.51
C ILE B 215 -4.99 -20.62 13.75
N ILE B 216 -5.78 -20.31 12.72
CA ILE B 216 -7.23 -20.41 12.83
C ILE B 216 -7.73 -21.39 11.79
N GLY B 217 -8.96 -21.88 11.96
CA GLY B 217 -9.45 -22.97 11.12
C GLY B 217 -10.94 -23.19 11.13
N PHE B 218 -11.41 -23.97 10.17
CA PHE B 218 -12.82 -24.25 10.00
C PHE B 218 -12.97 -25.51 9.18
N LYS B 219 -14.22 -25.96 9.05
CA LYS B 219 -14.55 -27.06 8.16
C LYS B 219 -14.85 -26.48 6.76
N THR B 220 -14.43 -27.17 5.71
CA THR B 220 -14.67 -26.66 4.35
C THR B 220 -15.25 -27.71 3.43
N ARG B 221 -16.16 -27.31 2.57
CA ARG B 221 -16.61 -28.21 1.52
C ARG B 221 -15.71 -28.04 0.28
N LYS B 222 -15.81 -28.95 -0.66
CA LYS B 222 -14.95 -28.91 -1.84
C LYS B 222 -15.06 -27.59 -2.62
N GLY B 223 -13.93 -26.93 -2.85
CA GLY B 223 -13.98 -25.68 -3.61
C GLY B 223 -14.43 -24.50 -2.78
N GLU B 224 -14.70 -24.70 -1.50
CA GLU B 224 -15.13 -23.58 -0.68
C GLU B 224 -14.05 -22.50 -0.59
N GLN B 225 -14.43 -21.26 -0.85
CA GLN B 225 -13.48 -20.16 -0.81
C GLN B 225 -13.55 -19.38 0.50
N VAL B 226 -12.38 -18.97 1.00
CA VAL B 226 -12.28 -18.15 2.20
C VAL B 226 -11.42 -16.96 1.83
N ASN B 227 -11.93 -15.75 2.03
CA ASN B 227 -11.15 -14.55 1.75
C ASN B 227 -10.58 -13.90 3.00
N ALA B 228 -9.36 -13.37 2.89
CA ALA B 228 -8.72 -12.67 4.00
C ALA B 228 -8.29 -11.28 3.54
N ARG B 229 -8.78 -10.25 4.23
CA ARG B 229 -8.48 -8.87 3.86
C ARG B 229 -7.33 -8.34 4.73
N ILE B 230 -6.27 -7.82 4.10
CA ILE B 230 -5.09 -7.49 4.87
C ILE B 230 -4.48 -6.12 4.60
N ALA B 231 -4.01 -5.51 5.70
CA ALA B 231 -3.29 -4.26 5.62
C ALA B 231 -2.26 -4.17 6.74
N SER B 232 -1.23 -3.34 6.54
CA SER B 232 -0.20 -3.08 7.54
C SER B 232 0.11 -1.59 7.52
N SER B 233 0.82 -1.12 8.55
CA SER B 233 1.21 0.28 8.63
C SER B 233 2.43 0.38 9.47
N PHE B 234 3.18 1.45 9.31
CA PHE B 234 4.35 1.68 10.17
C PHE B 234 3.99 2.68 11.26
N ILE B 235 2.72 3.08 11.29
CA ILE B 235 2.26 4.12 12.19
C ILE B 235 1.54 3.58 13.43
N SER B 236 0.51 2.77 13.24
CA SER B 236 -0.29 2.26 14.37
C SER B 236 -1.31 1.24 13.89
N PHE B 237 -2.04 0.65 14.83
CA PHE B 237 -3.15 -0.24 14.46
C PHE B 237 -4.29 0.55 13.85
N GLU B 238 -4.52 1.76 14.36
CA GLU B 238 -5.55 2.64 13.81
C GLU B 238 -5.27 2.91 12.32
N GLN B 239 -4.07 3.33 11.99
CA GLN B 239 -3.78 3.69 10.60
C GLN B 239 -3.84 2.47 9.67
N ALA B 240 -3.46 1.29 10.18
CA ALA B 240 -3.62 0.07 9.41
C ALA B 240 -5.08 -0.11 9.02
N ALA B 241 -5.99 0.15 9.96
CA ALA B 241 -7.41 0.07 9.64
C ALA B 241 -7.74 1.01 8.48
N ALA B 242 -7.19 2.22 8.50
CA ALA B 242 -7.47 3.15 7.39
C ALA B 242 -6.93 2.61 6.05
N ASN B 243 -5.74 2.00 6.10
CA ASN B 243 -5.12 1.48 4.89
C ASN B 243 -5.95 0.37 4.27
N MET B 244 -6.61 -0.41 5.12
CA MET B 244 -7.51 -1.47 4.69
C MET B 244 -8.62 -0.96 3.77
N ASN B 245 -9.07 0.27 3.97
CA ASN B 245 -10.13 0.79 3.10
C ASN B 245 -9.68 0.84 1.65
N GLU B 246 -8.40 0.57 1.42
CA GLU B 246 -7.89 0.44 0.05
C GLU B 246 -8.52 -0.76 -0.65
N LEU B 247 -8.94 -1.76 0.14
CA LEU B 247 -9.56 -2.95 -0.44
C LEU B 247 -11.01 -2.68 -0.83
N GLY B 248 -11.55 -1.55 -0.37
CA GLY B 248 -12.98 -1.26 -0.50
C GLY B 248 -13.76 -2.54 -0.22
N LYS B 249 -14.70 -2.84 -1.09
CA LYS B 249 -15.46 -4.07 -0.96
C LYS B 249 -15.23 -4.93 -2.20
N ASP B 250 -14.07 -4.78 -2.83
CA ASP B 250 -13.72 -5.51 -4.03
C ASP B 250 -13.41 -6.99 -3.78
N ASN B 251 -13.84 -7.83 -4.72
CA ASN B 251 -13.43 -9.23 -4.73
C ASN B 251 -12.14 -9.38 -5.53
N ILE B 252 -11.61 -10.60 -5.58
CA ILE B 252 -10.29 -10.86 -6.20
C ILE B 252 -10.26 -10.36 -7.63
N GLU B 253 -11.24 -10.77 -8.42
CA GLU B 253 -11.30 -10.34 -9.81
C GLU B 253 -11.32 -8.81 -9.94
N GLN B 254 -12.11 -8.15 -9.10
CA GLN B 254 -12.24 -6.70 -9.19
C GLN B 254 -10.96 -5.94 -8.81
N LEU B 255 -10.29 -6.39 -7.75
CA LEU B 255 -9.02 -5.78 -7.35
C LEU B 255 -7.92 -6.11 -8.35
N ALA B 256 -7.95 -7.34 -8.84
CA ALA B 256 -6.95 -7.73 -9.81
C ALA B 256 -7.09 -6.79 -10.98
N GLN B 257 -8.32 -6.48 -11.37
CA GLN B 257 -8.53 -5.59 -12.50
C GLN B 257 -8.02 -4.17 -12.18
N LYS B 258 -8.19 -3.74 -10.93
CA LYS B 258 -7.78 -2.40 -10.52
C LYS B 258 -6.26 -2.26 -10.56
N GLY B 259 -5.57 -3.31 -10.13
CA GLY B 259 -4.10 -3.35 -10.20
C GLY B 259 -3.61 -3.34 -11.64
N LYS B 260 -4.23 -4.18 -12.47
CA LYS B 260 -3.93 -4.23 -13.89
C LYS B 260 -4.07 -2.83 -14.51
N ASP B 261 -5.14 -2.12 -14.14
CA ASP B 261 -5.44 -0.76 -14.62
C ASP B 261 -4.31 0.19 -14.24
N ALA B 262 -3.99 0.20 -12.95
CA ALA B 262 -2.95 1.06 -12.40
C ALA B 262 -1.59 0.75 -13.02
N TRP B 263 -1.33 -0.51 -13.30
CA TRP B 263 -0.06 -0.87 -13.92
C TRP B 263 -0.02 -0.44 -15.38
N ASN B 264 -1.13 -0.58 -16.09
CA ASN B 264 -1.20 -0.12 -17.46
C ASN B 264 -1.07 1.38 -17.57
N GLN B 265 -1.52 2.09 -16.55
CA GLN B 265 -1.42 3.56 -16.59
C GLN B 265 0.03 4.01 -16.63
N VAL B 266 0.92 3.35 -15.88
CA VAL B 266 2.34 3.71 -15.90
C VAL B 266 3.11 3.02 -17.03
N LEU B 267 2.82 1.75 -17.28
CA LEU B 267 3.51 1.03 -18.34
C LEU B 267 3.22 1.68 -19.68
N GLY B 268 1.98 2.13 -19.86
CA GLY B 268 1.54 2.72 -21.12
C GLY B 268 2.18 4.04 -21.50
N LYS B 269 2.89 4.67 -20.58
CA LYS B 269 3.58 5.92 -20.90
C LYS B 269 4.63 5.72 -22.01
N ILE B 270 5.07 4.48 -22.19
CA ILE B 270 6.02 4.12 -23.26
C ILE B 270 5.42 3.00 -24.12
N GLU B 271 5.17 3.26 -25.39
CA GLU B 271 4.63 2.23 -26.29
C GLU B 271 5.66 1.83 -27.32
N VAL B 272 6.03 0.55 -27.32
CA VAL B 272 6.98 0.07 -28.31
C VAL B 272 6.28 -0.85 -29.27
N GLU B 273 6.70 -0.81 -30.53
CA GLU B 273 6.12 -1.66 -31.56
C GLU B 273 7.20 -2.09 -32.53
N GLY B 274 6.88 -3.05 -33.36
CA GLY B 274 7.80 -3.50 -34.39
C GLY B 274 8.97 -4.20 -33.77
N GLY B 275 8.70 -5.04 -32.76
CA GLY B 275 9.71 -5.93 -32.20
C GLY B 275 9.19 -7.36 -32.06
N ASN B 276 10.01 -8.24 -31.48
CA ASN B 276 9.56 -9.60 -31.25
C ASN B 276 9.06 -9.78 -29.82
N LEU B 277 8.42 -10.90 -29.56
CA LEU B 277 7.83 -11.16 -28.25
C LEU B 277 8.86 -11.19 -27.11
N ASP B 278 10.10 -11.60 -27.40
CA ASP B 278 11.11 -11.61 -26.35
C ASP B 278 11.36 -10.18 -25.93
N GLN B 279 11.47 -9.31 -26.94
CA GLN B 279 11.85 -7.91 -26.69
C GLN B 279 10.75 -7.15 -25.92
N TYR B 280 9.48 -7.35 -26.30
CA TYR B 280 8.37 -6.78 -25.57
C TYR B 280 8.39 -7.22 -24.11
N ARG B 281 8.53 -8.53 -23.89
CA ARG B 281 8.66 -9.10 -22.53
C ARG B 281 9.82 -8.55 -21.74
N THR B 282 10.98 -8.42 -22.37
CA THR B 282 12.12 -7.90 -21.65
C THR B 282 11.88 -6.42 -21.29
N PHE B 283 11.45 -5.65 -22.28
CA PHE B 283 11.25 -4.23 -22.09
C PHE B 283 10.25 -3.94 -20.97
N TYR B 284 9.09 -4.58 -21.01
CA TYR B 284 8.05 -4.23 -20.03
C TYR B 284 8.28 -4.89 -18.66
N SER B 285 9.00 -6.01 -18.64
CA SER B 285 9.42 -6.59 -17.35
C SER B 285 10.43 -5.63 -16.70
N CYS B 286 11.34 -5.09 -17.50
CA CYS B 286 12.28 -4.06 -17.01
C CYS B 286 11.61 -2.76 -16.55
N LEU B 287 10.70 -2.23 -17.37
CA LEU B 287 10.00 -1.01 -17.01
C LEU B 287 9.22 -1.24 -15.72
N TYR B 288 8.63 -2.42 -15.59
CA TYR B 288 7.96 -2.75 -14.35
C TYR B 288 8.95 -2.68 -13.19
N ARG B 289 10.11 -3.28 -13.35
CA ARG B 289 11.14 -3.23 -12.30
C ARG B 289 11.68 -1.83 -12.03
N SER B 290 11.47 -0.90 -12.97
CA SER B 290 11.95 0.47 -12.76
C SER B 290 10.92 1.32 -11.98
N LEU B 291 9.78 0.74 -11.65
CA LEU B 291 8.67 1.47 -11.06
C LEU B 291 8.27 0.91 -9.68
N LEU B 292 9.24 0.29 -8.99
CA LEU B 292 8.98 -0.34 -7.70
C LEU B 292 9.74 0.33 -6.54
N PHE B 293 10.96 0.82 -6.83
CA PHE B 293 11.85 1.41 -5.84
C PHE B 293 12.31 2.83 -6.21
N PRO B 294 12.46 3.70 -5.21
CA PRO B 294 12.19 3.35 -3.81
C PRO B 294 10.70 3.36 -3.57
N ARG B 295 10.24 2.58 -2.59
CA ARG B 295 8.80 2.46 -2.33
C ARG B 295 8.22 3.73 -1.71
N LYS B 296 6.91 3.89 -1.79
CA LYS B 296 6.22 4.87 -0.98
C LYS B 296 6.41 4.42 0.44
N PHE B 297 6.66 5.37 1.35
CA PHE B 297 6.77 5.03 2.74
C PHE B 297 5.85 5.92 3.58
N TYR B 298 4.88 6.53 2.91
CA TYR B 298 3.96 7.46 3.57
C TYR B 298 2.51 7.04 3.40
N GLU B 299 1.67 7.39 4.36
CA GLU B 299 0.30 6.89 4.42
C GLU B 299 -0.68 8.07 4.43
N LEU B 300 -1.92 7.84 3.98
CA LEU B 300 -2.90 8.91 3.91
C LEU B 300 -3.67 9.08 5.20
N ASP B 301 -3.82 10.32 5.65
CA ASP B 301 -4.63 10.65 6.82
C ASP B 301 -6.07 10.89 6.40
N ALA B 302 -6.90 11.26 7.36
CA ALA B 302 -8.32 11.49 7.11
C ALA B 302 -8.58 12.36 5.87
N ASN B 303 -7.70 13.35 5.67
CA ASN B 303 -7.86 14.34 4.58
C ASN B 303 -7.26 13.94 3.24
N GLY B 304 -6.59 12.79 3.18
CA GLY B 304 -5.92 12.37 1.95
C GLY B 304 -4.55 13.02 1.85
N GLN B 305 -4.05 13.49 3.00
CA GLN B 305 -2.73 14.10 3.09
C GLN B 305 -1.70 13.10 3.61
N PRO B 306 -0.50 13.16 3.03
CA PRO B 306 0.60 12.26 3.35
C PRO B 306 1.14 12.49 4.75
N ILE B 307 1.40 11.41 5.45
CA ILE B 307 2.07 11.48 6.73
C ILE B 307 2.90 10.20 6.85
N HIS B 308 3.95 10.21 7.65
CA HIS B 308 4.81 9.03 7.70
C HIS B 308 5.45 8.72 9.03
N TYR B 309 5.65 7.44 9.27
CA TYR B 309 6.59 7.04 10.29
C TYR B 309 7.97 7.35 9.72
N SER B 310 8.88 7.86 10.56
CA SER B 310 10.25 8.14 10.14
C SER B 310 11.17 7.00 10.55
N PRO B 311 11.73 6.27 9.57
CA PRO B 311 12.70 5.23 9.88
C PRO B 311 13.96 5.90 10.44
N TYR B 312 14.12 7.17 10.11
CA TYR B 312 15.27 7.94 10.58
C TYR B 312 15.23 8.32 12.07
N ASN B 313 14.18 9.02 12.50
CA ASN B 313 14.07 9.41 13.92
C ASN B 313 12.85 8.86 14.68
N GLY B 314 12.17 7.88 14.09
CA GLY B 314 11.09 7.17 14.78
C GLY B 314 9.83 7.97 15.03
N GLN B 315 9.78 9.20 14.51
CA GLN B 315 8.60 10.04 14.69
C GLN B 315 7.56 9.87 13.59
N VAL B 316 6.34 10.33 13.86
CA VAL B 316 5.28 10.37 12.88
C VAL B 316 5.12 11.81 12.41
N LEU B 317 5.28 12.04 11.11
CA LEU B 317 5.35 13.41 10.61
C LEU B 317 4.69 13.66 9.26
N PRO B 318 4.18 14.87 9.07
CA PRO B 318 3.58 15.37 7.84
C PRO B 318 4.54 15.32 6.64
N GLY B 319 4.04 14.89 5.49
CA GLY B 319 4.83 14.92 4.26
C GLY B 319 5.23 13.58 3.68
N TYR B 320 5.74 13.65 2.45
CA TYR B 320 6.11 12.47 1.70
C TYR B 320 7.35 11.78 2.26
N MET B 321 7.52 10.51 1.91
CA MET B 321 8.65 9.71 2.40
C MET B 321 8.73 8.44 1.57
N PHE B 322 9.91 8.18 0.99
CA PHE B 322 10.16 6.97 0.21
C PHE B 322 11.45 6.35 0.74
N THR B 323 11.71 5.10 0.39
CA THR B 323 12.91 4.42 0.85
C THR B 323 13.19 3.13 0.07
N ASP B 324 14.22 2.40 0.49
CA ASP B 324 14.68 1.15 -0.17
C ASP B 324 15.27 1.33 -1.55
N THR B 325 16.31 2.15 -1.62
CA THR B 325 17.08 2.23 -2.84
C THR B 325 18.49 2.64 -2.44
N GLY B 326 19.46 2.31 -3.29
CA GLY B 326 20.84 2.72 -3.11
C GLY B 326 21.18 3.65 -4.26
N PHE B 327 21.48 4.90 -3.93
CA PHE B 327 21.82 5.87 -4.96
C PHE B 327 23.07 5.46 -5.72
N TRP B 328 23.97 4.73 -5.08
CA TRP B 328 25.12 4.19 -5.79
C TRP B 328 24.65 3.47 -7.05
N ASP B 329 23.53 2.75 -6.95
CA ASP B 329 22.91 2.11 -8.12
C ASP B 329 22.07 3.08 -8.93
N THR B 330 21.13 3.73 -8.25
CA THR B 330 20.00 4.34 -8.95
C THR B 330 20.18 5.77 -9.45
N PHE B 331 21.28 6.45 -9.11
CA PHE B 331 21.53 7.75 -9.73
C PHE B 331 21.80 7.63 -11.20
N ARG B 332 22.37 6.50 -11.62
CA ARG B 332 22.86 6.36 -12.98
C ARG B 332 21.80 6.55 -14.07
N CYS B 333 20.65 5.87 -13.97
CA CYS B 333 19.59 6.10 -14.98
C CYS B 333 18.16 5.89 -14.47
N LEU B 334 18.04 5.26 -13.30
CA LEU B 334 16.75 5.01 -12.73
C LEU B 334 16.00 6.29 -12.36
N PHE B 335 16.64 7.17 -11.58
CA PHE B 335 15.94 8.39 -11.19
C PHE B 335 15.73 9.30 -12.40
N PRO B 336 16.69 9.27 -13.33
CA PRO B 336 16.55 10.00 -14.57
C PRO B 336 15.36 9.51 -15.39
N LEU B 337 15.12 8.20 -15.42
CA LEU B 337 13.95 7.68 -16.07
C LEU B 337 12.72 8.35 -15.48
N LEU B 338 12.65 8.41 -14.16
CA LEU B 338 11.55 9.10 -13.50
C LEU B 338 11.46 10.58 -13.90
N ASN B 339 12.57 11.29 -13.85
CA ASN B 339 12.56 12.68 -14.25
C ASN B 339 12.06 12.87 -15.68
N LEU B 340 12.17 11.82 -16.49
CA LEU B 340 11.75 11.90 -17.88
C LEU B 340 10.29 11.51 -18.10
N MET B 341 9.86 10.39 -17.50
CA MET B 341 8.51 9.89 -17.76
C MET B 341 7.53 10.00 -16.58
N TYR B 342 8.08 10.02 -15.37
CA TYR B 342 7.22 10.14 -14.19
C TYR B 342 7.70 11.24 -13.22
N PRO B 343 7.88 12.46 -13.74
CA PRO B 343 8.35 13.61 -12.94
C PRO B 343 7.41 13.90 -11.77
N SER B 344 6.12 13.65 -11.97
CA SER B 344 5.15 13.79 -10.90
C SER B 344 5.50 12.95 -9.66
N VAL B 345 6.03 11.75 -9.90
CA VAL B 345 6.37 10.82 -8.81
C VAL B 345 7.68 11.14 -8.12
N ASN B 346 8.66 11.61 -8.88
CA ASN B 346 9.92 11.97 -8.28
C ASN B 346 9.75 13.29 -7.51
N LYS B 347 8.86 14.15 -7.99
CA LYS B 347 8.51 15.36 -7.22
C LYS B 347 8.13 14.94 -5.79
N GLU B 348 7.40 13.83 -5.65
CA GLU B 348 7.07 13.33 -4.33
C GLU B 348 8.32 12.81 -3.65
N MET B 349 9.17 12.11 -4.40
CA MET B 349 10.37 11.50 -3.83
C MET B 349 11.38 12.52 -3.31
N GLN B 350 11.56 13.60 -4.06
CA GLN B 350 12.47 14.66 -3.62
C GLN B 350 11.95 15.34 -2.36
N GLU B 351 10.63 15.43 -2.20
CA GLU B 351 10.08 15.92 -0.93
C GLU B 351 10.47 14.95 0.18
N GLY B 352 10.48 13.66 -0.13
CA GLY B 352 10.87 12.66 0.86
C GLY B 352 12.33 12.88 1.24
N LEU B 353 13.13 13.22 0.26
CA LEU B 353 14.52 13.44 0.50
C LEU B 353 14.76 14.62 1.40
N ILE B 354 14.06 15.72 1.20
CA ILE B 354 14.21 16.88 2.05
C ILE B 354 13.82 16.56 3.46
N ASN B 355 12.74 15.82 3.61
CA ASN B 355 12.27 15.34 4.89
C ASN B 355 13.23 14.40 5.57
N THR B 356 13.98 13.67 4.78
CA THR B 356 15.04 12.80 5.24
C THR B 356 16.20 13.60 5.85
N TYR B 357 16.53 14.69 5.21
CA TYR B 357 17.60 15.48 5.72
C TYR B 357 17.18 16.09 7.04
N LEU B 358 15.96 16.61 7.09
CA LEU B 358 15.49 17.29 8.28
C LEU B 358 15.46 16.33 9.42
N GLU B 359 15.09 15.10 9.15
CA GLU B 359 14.90 14.16 10.21
C GLU B 359 16.10 13.40 10.67
N SER B 360 17.16 13.42 9.88
CA SER B 360 18.39 12.69 10.20
C SER B 360 19.64 13.54 10.15
N GLY B 361 19.47 14.70 9.53
CA GLY B 361 20.53 15.64 9.27
C GLY B 361 21.32 15.35 8.00
N PHE B 362 21.07 14.18 7.42
CA PHE B 362 21.75 13.69 6.23
C PHE B 362 20.82 13.23 5.13
N PHE B 363 21.09 13.60 3.89
CA PHE B 363 20.40 13.04 2.76
C PHE B 363 20.91 11.62 2.77
N PRO B 364 20.07 10.65 2.42
CA PRO B 364 20.45 9.24 2.45
C PRO B 364 21.31 8.87 1.28
N GLU B 365 21.98 7.74 1.32
CA GLU B 365 22.65 7.23 0.14
C GLU B 365 22.08 5.84 -0.11
N TRP B 366 22.36 4.91 0.79
CA TRP B 366 21.67 3.65 0.77
C TRP B 366 20.75 3.69 1.97
N ALA B 367 19.45 3.51 1.74
CA ALA B 367 18.46 3.59 2.81
C ALA B 367 17.52 2.41 2.75
N SER B 368 17.45 1.64 3.83
CA SER B 368 16.51 0.52 3.86
C SER B 368 16.18 0.00 5.25
N PRO B 369 15.20 0.61 5.92
CA PRO B 369 14.37 1.75 5.54
C PRO B 369 15.05 3.08 5.91
N GLY B 370 15.92 3.05 6.92
CA GLY B 370 16.74 4.22 7.24
C GLY B 370 18.17 4.01 6.72
N HIS B 371 19.10 4.86 7.16
CA HIS B 371 20.47 4.73 6.70
C HIS B 371 21.02 3.33 6.96
N ARG B 372 21.56 2.71 5.91
CA ARG B 372 22.29 1.44 6.05
C ARG B 372 23.68 1.53 5.40
N GLY B 373 24.62 0.73 5.89
CA GLY B 373 26.01 0.80 5.43
C GLY B 373 26.26 -0.07 4.21
N CYS B 374 26.40 0.57 3.05
CA CYS B 374 26.50 -0.17 1.79
C CYS B 374 26.92 0.72 0.61
N MET B 375 27.85 0.20 -0.20
CA MET B 375 28.37 0.94 -1.34
C MET B 375 29.07 2.25 -0.93
N VAL B 376 29.14 3.22 -1.84
CA VAL B 376 29.93 4.43 -1.63
C VAL B 376 29.40 5.68 -2.36
N GLY B 377 30.19 6.75 -2.36
CA GLY B 377 29.89 7.96 -3.12
C GLY B 377 28.94 8.91 -2.42
N ASN B 378 28.76 10.09 -2.99
CA ASN B 378 27.82 11.07 -2.46
C ASN B 378 26.80 11.38 -3.53
N ASN B 379 26.33 10.33 -4.20
CA ASN B 379 25.46 10.46 -5.38
C ASN B 379 24.06 11.07 -5.14
N SER B 380 23.67 11.17 -3.87
CA SER B 380 22.49 11.94 -3.51
C SER B 380 22.51 13.29 -4.21
N ALA B 381 23.71 13.83 -4.42
CA ALA B 381 23.87 15.12 -5.06
C ALA B 381 23.39 15.04 -6.50
N SER B 382 23.64 13.89 -7.11
CA SER B 382 23.16 13.64 -8.47
C SER B 382 21.63 13.59 -8.48
N ILE B 383 21.06 12.80 -7.59
CA ILE B 383 19.61 12.72 -7.51
C ILE B 383 19.02 14.14 -7.41
N LEU B 384 19.45 14.85 -6.37
CA LEU B 384 18.86 16.12 -6.06
C LEU B 384 19.04 17.13 -7.20
N VAL B 385 20.25 17.19 -7.74
CA VAL B 385 20.54 18.22 -8.74
C VAL B 385 19.84 17.96 -10.06
N ASP B 386 19.87 16.70 -10.50
CA ASP B 386 19.22 16.27 -11.72
C ASP B 386 17.72 16.56 -11.67
N ALA B 387 17.09 16.20 -10.56
CA ALA B 387 15.70 16.58 -10.29
C ALA B 387 15.51 18.09 -10.46
N TYR B 388 16.23 18.87 -9.66
CA TYR B 388 16.05 20.31 -9.71
C TYR B 388 16.20 20.83 -11.13
N MET B 389 17.30 20.43 -11.78
CA MET B 389 17.64 20.98 -13.10
C MET B 389 16.61 20.61 -14.14
N LYS B 390 15.84 19.56 -13.89
CA LYS B 390 14.87 19.10 -14.87
C LYS B 390 13.47 19.60 -14.55
N GLY B 391 13.39 20.61 -13.71
CA GLY B 391 12.11 21.20 -13.34
C GLY B 391 11.33 20.47 -12.26
N VAL B 392 11.97 19.52 -11.58
CA VAL B 392 11.33 18.80 -10.49
C VAL B 392 11.81 19.39 -9.18
N LYS B 393 11.31 20.58 -8.86
CA LYS B 393 11.82 21.41 -7.77
C LYS B 393 11.04 21.26 -6.47
N VAL B 394 11.76 21.03 -5.38
CA VAL B 394 11.15 20.91 -4.07
C VAL B 394 10.70 22.27 -3.54
N ASP B 395 9.91 22.27 -2.46
CA ASP B 395 9.46 23.53 -1.89
C ASP B 395 10.59 24.25 -1.14
N ASP B 396 11.15 23.59 -0.13
CA ASP B 396 12.18 24.19 0.72
C ASP B 396 13.57 24.20 0.04
N ILE B 397 13.72 25.03 -0.98
CA ILE B 397 14.97 25.03 -1.75
C ILE B 397 16.20 25.44 -0.93
N LYS B 398 15.97 26.14 0.19
CA LYS B 398 17.10 26.56 1.04
C LYS B 398 17.65 25.35 1.78
N THR B 399 16.77 24.59 2.41
CA THR B 399 17.17 23.38 3.10
C THR B 399 17.81 22.44 2.08
N LEU B 400 17.30 22.45 0.85
CA LEU B 400 17.89 21.60 -0.17
C LEU B 400 19.39 21.83 -0.27
N TYR B 401 19.75 23.10 -0.43
CA TYR B 401 21.14 23.47 -0.70
C TYR B 401 22.01 23.27 0.52
N GLU B 402 21.42 23.46 1.68
CA GLU B 402 22.13 23.28 2.91
C GLU B 402 22.52 21.84 3.08
N GLY B 403 21.62 20.94 2.70
CA GLY B 403 21.88 19.54 2.86
C GLY B 403 23.03 19.06 2.02
N LEU B 404 23.06 19.55 0.81
CA LEU B 404 24.11 19.22 -0.10
C LEU B 404 25.44 19.71 0.40
N ILE B 405 25.51 20.94 0.89
CA ILE B 405 26.75 21.45 1.42
C ILE B 405 27.16 20.68 2.66
N HIS B 406 26.20 20.39 3.49
CA HIS B 406 26.48 19.68 4.72
C HIS B 406 27.04 18.34 4.41
N GLY B 407 26.65 17.76 3.28
CA GLY B 407 27.14 16.46 2.89
C GLY B 407 28.62 16.35 2.59
N THR B 408 29.15 17.34 1.90
CA THR B 408 30.53 17.44 1.55
C THR B 408 31.38 17.53 2.79
N GLU B 409 30.92 18.25 3.79
CA GLU B 409 31.76 18.45 4.96
C GLU B 409 31.42 17.62 6.18
N ASN B 410 30.68 16.53 6.01
CA ASN B 410 30.29 15.64 7.09
C ASN B 410 30.20 14.17 6.72
N VAL B 411 30.37 13.27 7.69
CA VAL B 411 30.15 11.85 7.46
C VAL B 411 29.28 11.42 8.61
N HIS B 412 28.51 10.33 8.47
CA HIS B 412 27.62 9.87 9.53
C HIS B 412 28.39 9.01 10.50
N PRO B 413 28.11 9.15 11.81
CA PRO B 413 28.92 8.56 12.88
C PRO B 413 28.71 7.06 13.05
N GLU B 414 27.68 6.50 12.41
CA GLU B 414 27.39 5.09 12.54
C GLU B 414 27.41 4.39 11.18
N VAL B 415 27.08 5.14 10.13
CA VAL B 415 26.91 4.60 8.78
C VAL B 415 27.86 5.29 7.81
N SER B 416 28.98 4.62 7.51
CA SER B 416 30.05 5.27 6.76
C SER B 416 29.69 5.58 5.32
N SER B 417 28.75 4.83 4.76
CA SER B 417 28.29 5.11 3.41
C SER B 417 27.29 6.27 3.36
N THR B 418 26.96 6.84 4.53
CA THR B 418 26.09 8.00 4.58
C THR B 418 26.95 9.23 4.87
N GLY B 419 26.74 10.30 4.12
CA GLY B 419 27.66 11.42 4.15
C GLY B 419 28.92 10.97 3.42
N ARG B 420 29.93 11.84 3.34
CA ARG B 420 31.12 11.49 2.61
C ARG B 420 32.20 11.02 3.51
N LEU B 421 32.41 9.72 3.59
CA LEU B 421 33.49 9.22 4.39
C LEU B 421 34.78 9.71 3.78
N GLY B 422 35.78 10.03 4.60
CA GLY B 422 37.06 10.49 4.13
C GLY B 422 37.07 11.91 3.60
N TYR B 423 36.09 12.70 3.97
CA TYR B 423 36.06 14.05 3.48
C TYR B 423 37.28 14.82 3.96
N GLU B 424 37.87 14.40 5.07
CA GLU B 424 38.95 15.18 5.58
C GLU B 424 39.98 15.20 4.48
N TYR B 425 40.34 14.04 3.99
CA TYR B 425 41.34 13.96 2.95
C TYR B 425 40.97 14.54 1.63
N TYR B 426 39.76 14.27 1.19
CA TYR B 426 39.36 14.65 -0.13
C TYR B 426 39.35 16.17 -0.26
N ASN B 427 38.87 16.83 0.78
CA ASN B 427 38.82 18.27 0.73
C ASN B 427 40.19 18.97 0.74
N LYS B 428 41.12 18.46 1.54
CA LYS B 428 42.49 18.99 1.56
C LYS B 428 43.41 18.69 0.40
N LEU B 429 43.46 17.42 0.03
CA LEU B 429 44.36 16.95 -0.97
C LEU B 429 43.76 16.80 -2.34
N GLY B 430 42.45 16.81 -2.41
CA GLY B 430 41.78 16.58 -3.69
C GLY B 430 41.61 15.13 -4.07
N TYR B 431 41.86 14.22 -3.15
CA TYR B 431 41.64 12.82 -3.38
C TYR B 431 41.55 12.05 -2.08
N VAL B 432 41.15 10.80 -2.16
CA VAL B 432 41.08 9.94 -0.98
C VAL B 432 42.16 8.91 -1.16
N PRO B 433 43.01 8.80 -0.14
CA PRO B 433 44.20 7.96 -0.18
C PRO B 433 43.95 6.48 -0.09
N TYR B 434 44.92 5.74 -0.57
CA TYR B 434 44.91 4.31 -0.56
C TYR B 434 45.50 3.71 0.69
N ASP B 435 46.16 4.56 1.48
CA ASP B 435 46.94 4.11 2.65
C ASP B 435 46.43 4.63 4.00
N VAL B 436 45.30 5.33 4.00
CA VAL B 436 44.71 5.79 5.24
C VAL B 436 43.73 4.76 5.80
N LYS B 437 43.79 3.53 5.29
CA LYS B 437 42.89 2.49 5.81
C LYS B 437 41.42 2.77 5.52
N ILE B 438 41.18 3.48 4.42
CA ILE B 438 39.81 3.75 3.99
C ILE B 438 39.62 3.10 2.63
N ASN B 439 39.01 1.92 2.63
CA ASN B 439 38.84 1.15 1.40
C ASN B 439 37.97 1.82 0.34
N GLU B 440 38.15 1.38 -0.90
CA GLU B 440 37.30 1.80 -1.99
C GLU B 440 37.51 3.31 -2.19
N ASN B 441 38.72 3.75 -1.79
CA ASN B 441 39.11 5.15 -1.84
C ASN B 441 39.12 5.73 -3.25
N ALA B 442 39.55 4.92 -4.21
CA ALA B 442 39.59 5.38 -5.59
C ALA B 442 38.17 5.65 -6.07
N ALA B 443 37.28 4.71 -5.80
CA ALA B 443 35.88 4.82 -6.19
C ALA B 443 35.20 6.04 -5.57
N ARG B 444 35.38 6.21 -4.27
CA ARG B 444 34.77 7.34 -3.59
C ARG B 444 35.29 8.63 -4.20
N THR B 445 36.61 8.66 -4.37
CA THR B 445 37.26 9.82 -4.96
C THR B 445 36.59 10.20 -6.29
N LEU B 446 36.43 9.24 -7.18
CA LEU B 446 35.88 9.48 -8.52
C LEU B 446 34.45 10.01 -8.52
N GLU B 447 33.57 9.39 -7.77
CA GLU B 447 32.18 9.82 -7.77
C GLU B 447 32.03 11.12 -6.96
N TYR B 448 32.86 11.29 -5.93
CA TYR B 448 32.86 12.55 -5.20
C TYR B 448 33.06 13.70 -6.18
N ALA B 449 33.98 13.52 -7.13
CA ALA B 449 34.25 14.57 -8.07
C ALA B 449 32.98 14.87 -8.84
N TYR B 450 32.37 13.84 -9.42
CA TYR B 450 31.14 14.06 -10.18
C TYR B 450 30.04 14.63 -9.28
N ASP B 451 30.02 14.19 -8.03
CA ASP B 451 29.05 14.72 -7.09
C ASP B 451 29.25 16.24 -6.93
N ASP B 452 30.52 16.64 -6.80
CA ASP B 452 30.83 18.04 -6.60
C ASP B 452 30.36 18.82 -7.82
N TRP B 453 30.60 18.25 -9.01
CA TRP B 453 30.20 18.93 -10.23
C TRP B 453 28.71 19.16 -10.18
N CYS B 454 27.99 18.30 -9.48
CA CYS B 454 26.56 18.44 -9.43
C CYS B 454 26.24 19.65 -8.57
N ILE B 455 26.83 19.69 -7.39
CA ILE B 455 26.69 20.85 -6.52
C ILE B 455 27.06 22.09 -7.33
N TYR B 456 28.30 22.16 -7.77
CA TYR B 456 28.70 23.27 -8.60
C TYR B 456 27.54 23.74 -9.48
N ARG B 457 26.93 22.81 -10.20
CA ARG B 457 25.87 23.12 -11.17
C ARG B 457 24.67 23.83 -10.56
N LEU B 458 24.26 23.41 -9.39
CA LEU B 458 23.15 24.01 -8.73
C LEU B 458 23.49 25.46 -8.32
N ALA B 459 24.71 25.63 -7.84
CA ALA B 459 25.16 26.85 -7.22
C ALA B 459 25.07 27.94 -8.25
N LYS B 460 25.49 27.63 -9.45
CA LYS B 460 25.43 28.58 -10.55
C LYS B 460 23.99 28.91 -10.84
N GLU B 461 23.13 27.90 -10.85
CA GLU B 461 21.74 28.08 -11.14
C GLU B 461 21.08 28.91 -10.09
N LEU B 462 21.46 28.67 -8.86
CA LEU B 462 20.82 29.34 -7.75
C LEU B 462 21.41 30.75 -7.62
N LYS B 463 22.39 31.05 -8.46
CA LYS B 463 23.06 32.32 -8.41
C LYS B 463 23.66 32.56 -7.06
N ARG B 464 24.29 31.52 -6.54
CA ARG B 464 24.99 31.54 -5.29
C ARG B 464 26.24 32.40 -5.38
N PRO B 465 26.71 32.85 -4.23
CA PRO B 465 27.86 33.73 -4.24
C PRO B 465 28.96 32.98 -4.87
N LYS B 466 29.75 33.70 -5.65
CA LYS B 466 30.74 33.16 -6.55
C LYS B 466 31.88 32.40 -5.92
N LYS B 467 32.15 32.63 -4.66
CA LYS B 467 33.19 31.83 -4.04
C LYS B 467 32.80 30.36 -4.01
N GLU B 468 31.54 30.05 -3.77
CA GLU B 468 31.09 28.65 -3.70
C GLU B 468 31.23 27.92 -5.00
N ILE B 469 30.84 28.57 -6.05
CA ILE B 469 30.87 27.99 -7.35
C ILE B 469 32.30 27.58 -7.67
N SER B 470 33.26 28.43 -7.30
CA SER B 470 34.68 28.17 -7.58
C SER B 470 35.21 27.00 -6.78
N LEU B 471 34.80 26.90 -5.52
CA LEU B 471 35.27 25.85 -4.65
C LEU B 471 34.96 24.50 -5.29
N PHE B 472 33.71 24.34 -5.71
CA PHE B 472 33.23 23.07 -6.29
C PHE B 472 33.66 22.81 -7.73
N ALA B 473 33.74 23.86 -8.54
CA ALA B 473 34.24 23.75 -9.90
C ALA B 473 35.62 23.10 -9.88
N LYS B 474 36.42 23.50 -8.89
CA LYS B 474 37.75 22.94 -8.72
C LYS B 474 37.72 21.48 -8.26
N ARG B 475 36.81 21.16 -7.35
CA ARG B 475 36.65 19.77 -6.88
C ARG B 475 36.11 18.85 -7.98
N ALA B 476 35.26 19.39 -8.83
CA ALA B 476 34.77 18.65 -9.99
C ALA B 476 35.96 18.00 -10.69
N MET B 477 37.09 18.69 -10.67
CA MET B 477 38.30 18.23 -11.36
C MET B 477 39.07 17.17 -10.57
N ASN B 478 38.67 16.94 -9.32
CA ASN B 478 39.41 16.03 -8.45
C ASN B 478 39.78 14.69 -9.06
N TYR B 479 39.01 14.24 -10.04
CA TYR B 479 39.24 12.92 -10.61
C TYR B 479 40.61 12.87 -11.26
N LYS B 480 41.13 14.03 -11.65
CA LYS B 480 42.44 14.11 -12.29
C LYS B 480 43.50 13.52 -11.38
N ASN B 481 43.26 13.67 -10.08
CA ASN B 481 44.28 13.37 -9.07
C ASN B 481 44.54 11.89 -8.88
N LEU B 482 43.83 11.06 -9.65
CA LEU B 482 44.01 9.61 -9.56
C LEU B 482 44.38 9.01 -10.91
N PHE B 483 44.48 9.85 -11.94
CA PHE B 483 44.84 9.35 -13.26
C PHE B 483 46.34 9.01 -13.33
N ASP B 484 46.62 7.83 -13.87
CA ASP B 484 47.98 7.31 -13.94
C ASP B 484 48.50 7.32 -15.36
N LYS B 485 49.28 8.34 -15.70
CA LYS B 485 49.74 8.55 -17.07
C LYS B 485 50.32 7.28 -17.68
N GLU B 486 50.99 6.48 -16.86
CA GLU B 486 51.69 5.31 -17.35
C GLU B 486 50.71 4.31 -17.96
N SER B 487 49.75 3.84 -17.18
CA SER B 487 48.81 2.82 -17.67
C SER B 487 47.60 3.41 -18.37
N LYS B 488 47.32 4.68 -18.12
CA LYS B 488 46.15 5.31 -18.72
C LYS B 488 44.94 5.10 -17.85
N LEU B 489 45.14 4.49 -16.69
CA LEU B 489 44.02 4.08 -15.86
C LEU B 489 43.96 4.83 -14.54
N MET B 490 42.80 4.79 -13.88
CA MET B 490 42.72 5.31 -12.53
C MET B 490 43.38 4.33 -11.59
N ARG B 491 43.91 4.83 -10.48
CA ARG B 491 44.79 4.05 -9.64
C ARG B 491 44.87 4.65 -8.23
N GLY B 492 44.86 3.79 -7.22
CA GLY B 492 44.97 4.25 -5.84
C GLY B 492 46.20 5.13 -5.64
N ARG B 493 46.06 6.19 -4.86
CA ARG B 493 47.14 7.13 -4.62
C ARG B 493 47.35 7.34 -3.12
N ASN B 494 48.59 7.12 -2.66
CA ASN B 494 48.91 7.24 -1.25
C ASN B 494 48.82 8.66 -0.68
N GLU B 495 48.83 8.73 0.65
CA GLU B 495 48.77 10.00 1.35
C GLU B 495 49.95 10.91 0.97
N ASP B 496 51.15 10.35 0.90
CA ASP B 496 52.32 11.15 0.52
C ASP B 496 52.21 11.72 -0.90
N GLY B 497 51.26 11.20 -1.69
CA GLY B 497 51.07 11.70 -3.04
C GLY B 497 51.56 10.77 -4.13
N THR B 498 52.19 9.67 -3.74
CA THR B 498 52.66 8.68 -4.71
C THR B 498 51.58 7.65 -5.07
N PHE B 499 51.67 7.10 -6.28
CA PHE B 499 50.74 6.05 -6.70
C PHE B 499 51.09 4.69 -6.13
N GLN B 500 50.09 3.92 -5.72
CA GLN B 500 50.32 2.66 -5.01
C GLN B 500 50.97 1.55 -5.84
N SER B 501 51.77 0.71 -5.18
CA SER B 501 52.48 -0.40 -5.83
C SER B 501 52.52 -1.64 -4.94
N PRO B 502 52.51 -2.83 -5.56
CA PRO B 502 52.40 -2.92 -7.01
C PRO B 502 50.94 -2.68 -7.44
N PHE B 503 50.73 -2.31 -8.70
CA PHE B 503 49.42 -1.96 -9.21
C PHE B 503 48.93 -3.03 -10.17
N SER B 504 47.76 -3.60 -9.89
CA SER B 504 47.10 -4.37 -10.95
C SER B 504 45.76 -3.79 -11.33
N PRO B 505 45.57 -3.57 -12.64
CA PRO B 505 44.34 -3.08 -13.25
C PRO B 505 43.24 -4.13 -13.14
N LEU B 506 43.65 -5.38 -12.94
CA LEU B 506 42.73 -6.51 -12.89
C LEU B 506 42.28 -6.88 -11.48
N LYS B 507 42.75 -6.17 -10.46
CA LYS B 507 42.39 -6.52 -9.09
C LYS B 507 41.06 -5.90 -8.69
N TRP B 508 40.10 -6.73 -8.27
CA TRP B 508 38.77 -6.25 -7.87
C TRP B 508 38.81 -5.78 -6.42
N GLY B 509 37.91 -4.86 -6.08
CA GLY B 509 37.83 -4.33 -4.71
C GLY B 509 38.98 -3.39 -4.38
N ASP B 510 39.38 -3.36 -3.10
CA ASP B 510 40.51 -2.55 -2.64
C ASP B 510 40.27 -1.06 -2.89
N ALA B 511 40.97 -0.53 -3.87
CA ALA B 511 40.82 0.86 -4.27
C ALA B 511 39.43 1.09 -4.87
N PHE B 512 38.91 0.05 -5.52
CA PHE B 512 37.65 0.17 -6.24
C PHE B 512 36.52 -0.66 -5.61
N THR B 513 35.30 -0.43 -6.10
CA THR B 513 34.10 -1.07 -5.58
C THR B 513 33.46 -1.90 -6.67
N GLU B 514 33.18 -3.16 -6.37
CA GLU B 514 32.42 -3.99 -7.30
C GLU B 514 33.10 -4.00 -8.65
N GLY B 515 34.40 -4.25 -8.66
CA GLY B 515 35.11 -4.33 -9.93
C GLY B 515 36.53 -3.85 -9.82
N ASN B 516 37.13 -3.52 -10.95
CA ASN B 516 38.53 -3.18 -10.98
C ASN B 516 38.81 -1.85 -11.67
N SER B 517 40.09 -1.55 -11.86
CA SER B 517 40.46 -0.34 -12.57
C SER B 517 39.79 -0.24 -13.94
N TRP B 518 39.81 -1.33 -14.70
CA TRP B 518 39.24 -1.35 -16.06
C TRP B 518 37.77 -0.95 -16.05
N HIS B 519 37.12 -1.14 -14.90
CA HIS B 519 35.68 -0.85 -14.75
C HIS B 519 35.40 0.57 -14.24
N TYR B 520 36.16 1.03 -13.26
CA TYR B 520 35.92 2.33 -12.65
C TYR B 520 36.52 3.50 -13.41
N THR B 521 37.55 3.24 -14.21
CA THR B 521 38.26 4.32 -14.84
C THR B 521 37.32 5.23 -15.65
N TRP B 522 36.15 4.72 -16.03
CA TRP B 522 35.27 5.50 -16.90
C TRP B 522 34.39 6.46 -16.14
N SER B 523 34.44 6.42 -14.82
CA SER B 523 33.54 7.24 -14.02
C SER B 523 33.88 8.74 -14.02
N VAL B 524 33.77 9.40 -15.18
CA VAL B 524 33.90 10.87 -15.25
C VAL B 524 32.76 11.46 -16.10
N PHE B 525 31.55 11.25 -15.59
CA PHE B 525 30.31 11.58 -16.27
C PHE B 525 30.28 13.01 -16.74
N HIS B 526 30.75 13.90 -15.87
CA HIS B 526 30.64 15.33 -16.09
C HIS B 526 31.77 15.88 -16.98
N ASP B 527 32.71 15.03 -17.38
CA ASP B 527 33.85 15.54 -18.15
C ASP B 527 34.55 14.47 -18.98
N PRO B 528 33.82 13.79 -19.87
CA PRO B 528 34.45 12.82 -20.73
C PRO B 528 35.62 13.42 -21.52
N GLN B 529 35.47 14.64 -22.05
CA GLN B 529 36.60 15.20 -22.79
C GLN B 529 37.85 15.31 -21.92
N GLY B 530 37.65 15.50 -20.63
CA GLY B 530 38.78 15.58 -19.69
C GLY B 530 39.50 14.26 -19.64
N LEU B 531 38.74 13.17 -19.50
CA LEU B 531 39.35 11.86 -19.51
C LEU B 531 40.02 11.59 -20.84
N ILE B 532 39.34 11.97 -21.92
CA ILE B 532 39.92 11.90 -23.25
C ILE B 532 41.28 12.61 -23.32
N ASP B 533 41.34 13.84 -22.82
CA ASP B 533 42.58 14.62 -22.83
C ASP B 533 43.63 13.92 -21.97
N LEU B 534 43.23 13.50 -20.77
CA LEU B 534 44.13 12.78 -19.86
C LEU B 534 44.80 11.62 -20.54
N MET B 535 44.01 10.85 -21.28
CA MET B 535 44.53 9.64 -21.92
C MET B 535 45.33 9.97 -23.16
N GLY B 536 45.34 11.25 -23.53
CA GLY B 536 46.15 11.70 -24.67
C GLY B 536 45.36 11.85 -25.96
N GLY B 537 44.04 11.96 -25.85
CA GLY B 537 43.20 12.27 -27.02
C GLY B 537 42.26 11.17 -27.53
N LYS B 538 41.49 11.51 -28.56
CA LYS B 538 40.50 10.61 -29.13
C LYS B 538 41.03 9.20 -29.40
N GLU B 539 42.15 9.07 -30.12
CA GLU B 539 42.63 7.75 -30.56
C GLU B 539 43.02 6.80 -29.43
N MET B 540 43.81 7.28 -28.46
CA MET B 540 44.22 6.44 -27.33
C MET B 540 42.98 6.07 -26.53
N PHE B 541 42.09 7.05 -26.37
CA PHE B 541 40.87 6.83 -25.60
C PHE B 541 40.12 5.64 -26.15
N VAL B 542 39.88 5.65 -27.45
CA VAL B 542 39.16 4.58 -28.11
C VAL B 542 39.93 3.27 -28.00
N THR B 543 41.24 3.34 -28.05
CA THR B 543 42.10 2.16 -27.87
C THR B 543 41.83 1.51 -26.51
N MET B 544 41.81 2.32 -25.46
CA MET B 544 41.54 1.79 -24.13
C MET B 544 40.13 1.19 -24.08
N MET B 545 39.15 1.98 -24.51
CA MET B 545 37.79 1.47 -24.55
C MET B 545 37.74 0.11 -25.26
N ASP B 546 38.28 0.04 -26.47
CA ASP B 546 38.26 -1.20 -27.23
C ASP B 546 38.94 -2.37 -26.53
N SER B 547 40.00 -2.09 -25.78
CA SER B 547 40.70 -3.20 -25.13
C SER B 547 39.90 -3.81 -23.97
N VAL B 548 38.96 -3.04 -23.40
CA VAL B 548 38.04 -3.59 -22.39
C VAL B 548 37.36 -4.91 -22.87
N PHE B 549 36.88 -4.92 -24.10
CA PHE B 549 36.17 -6.08 -24.64
C PHE B 549 37.15 -7.16 -25.09
N ALA B 550 38.37 -6.78 -25.41
CA ALA B 550 39.32 -7.71 -26.03
C ALA B 550 40.14 -8.48 -25.00
N VAL B 551 40.25 -7.99 -23.78
CA VAL B 551 41.12 -8.61 -22.80
C VAL B 551 40.47 -9.72 -21.97
N PRO B 552 41.10 -10.89 -21.92
CA PRO B 552 40.46 -12.00 -21.24
C PRO B 552 40.06 -11.65 -19.79
N PRO B 553 38.94 -12.23 -19.31
CA PRO B 553 38.41 -11.92 -17.99
C PRO B 553 39.21 -12.53 -16.86
N ILE B 554 40.52 -12.24 -16.80
CA ILE B 554 41.34 -12.67 -15.68
C ILE B 554 41.18 -11.68 -14.51
N PHE B 555 41.46 -12.13 -13.31
CA PHE B 555 41.14 -11.31 -12.18
C PHE B 555 41.90 -11.78 -10.96
N ASP B 556 42.01 -10.88 -10.00
CA ASP B 556 42.56 -11.19 -8.71
C ASP B 556 41.45 -10.90 -7.74
N ASP B 557 41.07 -11.91 -6.98
CA ASP B 557 39.99 -11.79 -6.00
C ASP B 557 40.51 -11.79 -4.56
N SER B 558 41.81 -11.59 -4.41
CA SER B 558 42.42 -11.60 -3.06
C SER B 558 41.65 -10.71 -2.10
N TYR B 559 41.22 -9.55 -2.58
CA TYR B 559 40.59 -8.60 -1.67
C TYR B 559 39.34 -9.18 -1.05
N TYR B 560 38.80 -10.25 -1.65
CA TYR B 560 37.54 -10.86 -1.21
C TYR B 560 37.70 -12.23 -0.55
N GLY B 561 38.70 -12.98 -0.97
CA GLY B 561 38.91 -14.32 -0.44
C GLY B 561 38.06 -15.41 -1.08
N GLN B 562 37.39 -15.09 -2.19
CA GLN B 562 36.54 -16.04 -2.93
C GLN B 562 36.10 -15.46 -4.28
N VAL B 563 35.73 -16.30 -5.22
CA VAL B 563 35.21 -15.80 -6.50
C VAL B 563 33.76 -15.36 -6.30
N ILE B 564 33.58 -14.08 -5.92
CA ILE B 564 32.23 -13.55 -5.70
C ILE B 564 31.47 -13.59 -7.02
N HIS B 565 30.14 -13.61 -6.93
CA HIS B 565 29.35 -13.81 -8.14
C HIS B 565 29.59 -12.73 -9.19
N GLU B 566 29.87 -11.51 -8.77
CA GLU B 566 30.14 -10.43 -9.72
C GLU B 566 31.28 -10.79 -10.66
N ILE B 567 32.30 -11.45 -10.10
CA ILE B 567 33.45 -11.86 -10.91
C ILE B 567 33.05 -13.04 -11.80
N ARG B 568 32.35 -14.00 -11.24
CA ARG B 568 31.91 -15.15 -12.05
C ARG B 568 31.05 -14.67 -13.22
N GLU B 569 30.12 -13.76 -12.95
CA GLU B 569 29.24 -13.18 -13.97
C GLU B 569 30.00 -12.55 -15.12
N MET B 570 31.12 -11.88 -14.82
CA MET B 570 31.94 -11.29 -15.85
C MET B 570 32.61 -12.38 -16.70
N THR B 571 33.11 -13.44 -16.06
CA THR B 571 33.86 -14.45 -16.80
C THR B 571 33.00 -15.14 -17.84
N VAL B 572 31.80 -15.55 -17.44
CA VAL B 572 30.98 -16.42 -18.27
C VAL B 572 30.43 -15.80 -19.57
N MET B 573 30.40 -14.48 -19.65
CA MET B 573 29.73 -13.79 -20.78
C MET B 573 30.59 -13.68 -22.03
N ASN B 574 31.88 -13.92 -21.86
CA ASN B 574 32.81 -13.83 -22.97
C ASN B 574 32.77 -12.44 -23.59
N MET B 575 32.81 -11.39 -22.78
CA MET B 575 32.92 -10.05 -23.34
C MET B 575 34.12 -9.34 -22.74
N GLY B 576 35.23 -10.08 -22.65
CA GLY B 576 36.42 -9.53 -22.01
C GLY B 576 36.11 -9.06 -20.60
N ASN B 577 36.52 -7.83 -20.28
CA ASN B 577 36.25 -7.31 -18.96
C ASN B 577 34.98 -6.47 -18.90
N TYR B 578 34.29 -6.36 -20.03
CA TYR B 578 33.04 -5.65 -19.98
C TYR B 578 32.02 -6.49 -19.23
N ALA B 579 31.78 -6.13 -17.98
CA ALA B 579 30.86 -6.88 -17.13
C ALA B 579 29.62 -6.01 -16.93
N HIS B 580 28.56 -6.29 -17.70
CA HIS B 580 27.46 -5.36 -17.80
C HIS B 580 26.65 -5.13 -16.50
N GLY B 581 26.63 -6.13 -15.63
CA GLY B 581 26.07 -5.99 -14.28
C GLY B 581 26.74 -4.91 -13.44
N ASN B 582 28.01 -4.63 -13.72
CA ASN B 582 28.77 -3.64 -12.93
C ASN B 582 28.29 -2.21 -13.15
N GLN B 583 27.59 -1.69 -12.15
CA GLN B 583 26.96 -0.41 -12.29
C GLN B 583 27.94 0.64 -12.77
N PRO B 584 29.17 0.60 -12.22
CA PRO B 584 30.07 1.71 -12.52
C PRO B 584 30.38 1.76 -14.01
N ILE B 585 30.33 0.62 -14.67
CA ILE B 585 30.68 0.57 -16.08
C ILE B 585 29.47 0.66 -17.01
N GLN B 586 28.27 0.79 -16.43
CA GLN B 586 27.04 0.69 -17.24
C GLN B 586 26.87 1.79 -18.28
N HIS B 587 27.49 2.95 -18.06
CA HIS B 587 27.39 4.05 -19.02
C HIS B 587 28.52 3.97 -20.04
N MET B 588 29.53 3.16 -19.75
CA MET B 588 30.76 3.15 -20.55
C MET B 588 30.59 3.18 -22.06
N ILE B 589 29.77 2.29 -22.61
CA ILE B 589 29.70 2.16 -24.06
C ILE B 589 29.30 3.48 -24.73
N TYR B 590 28.39 4.23 -24.08
CA TYR B 590 28.01 5.56 -24.56
C TYR B 590 29.19 6.52 -24.71
N LEU B 591 30.31 6.23 -24.06
CA LEU B 591 31.45 7.15 -24.14
C LEU B 591 32.07 7.19 -25.53
N TYR B 592 31.88 6.13 -26.30
CA TYR B 592 32.36 6.16 -27.66
C TYR B 592 31.86 7.43 -28.34
N ASP B 593 30.62 7.80 -28.03
CA ASP B 593 30.01 8.97 -28.65
C ASP B 593 30.94 10.18 -28.49
N TYR B 594 31.51 10.35 -27.30
CA TYR B 594 32.30 11.54 -27.02
C TYR B 594 33.64 11.57 -27.76
N ALA B 595 34.04 10.41 -28.29
CA ALA B 595 35.34 10.30 -28.96
C ALA B 595 35.17 10.31 -30.47
N GLY B 596 33.99 10.68 -30.93
CA GLY B 596 33.73 10.72 -32.36
C GLY B 596 33.49 9.37 -33.02
N GLN B 597 33.10 8.35 -32.26
CA GLN B 597 32.80 7.06 -32.86
C GLN B 597 31.51 6.45 -32.32
N PRO B 598 30.38 7.16 -32.49
CA PRO B 598 29.08 6.68 -32.02
C PRO B 598 28.63 5.37 -32.68
N TRP B 599 29.16 5.04 -33.86
CA TRP B 599 28.85 3.74 -34.47
C TRP B 599 29.33 2.56 -33.61
N LYS B 600 30.39 2.77 -32.84
CA LYS B 600 30.88 1.72 -31.98
C LYS B 600 29.97 1.52 -30.78
N ALA B 601 29.42 2.61 -30.28
CA ALA B 601 28.43 2.51 -29.23
C ALA B 601 27.27 1.69 -29.76
N GLN B 602 26.85 1.98 -30.98
CA GLN B 602 25.67 1.35 -31.56
C GLN B 602 25.88 -0.16 -31.67
N TYR B 603 27.07 -0.53 -32.12
CA TYR B 603 27.40 -1.93 -32.24
C TYR B 603 27.37 -2.59 -30.85
N TRP B 604 28.11 -2.04 -29.89
CA TRP B 604 28.22 -2.68 -28.57
C TRP B 604 26.93 -2.65 -27.74
N LEU B 605 26.20 -1.54 -27.76
CA LEU B 605 24.91 -1.48 -27.08
C LEU B 605 23.94 -2.55 -27.58
N ARG B 606 23.93 -2.78 -28.89
CA ARG B 606 23.00 -3.77 -29.44
C ARG B 606 23.35 -5.15 -28.92
N GLN B 607 24.63 -5.51 -29.02
CA GLN B 607 25.16 -6.76 -28.49
C GLN B 607 24.67 -6.97 -27.06
N VAL B 608 24.83 -5.94 -26.24
CA VAL B 608 24.43 -6.01 -24.84
C VAL B 608 22.93 -6.22 -24.72
N MET B 609 22.14 -5.47 -25.49
CA MET B 609 20.70 -5.53 -25.42
C MET B 609 20.20 -6.88 -25.88
N ASP B 610 20.82 -7.42 -26.92
CA ASP B 610 20.46 -8.75 -27.41
C ASP B 610 20.89 -9.93 -26.53
N ARG B 611 22.06 -9.81 -25.89
CA ARG B 611 22.70 -10.97 -25.27
C ARG B 611 22.69 -10.95 -23.75
N MET B 612 22.71 -9.78 -23.13
CA MET B 612 22.84 -9.70 -21.68
C MET B 612 21.49 -9.67 -20.96
N TYR B 613 20.41 -9.63 -21.74
CA TYR B 613 19.06 -9.66 -21.16
C TYR B 613 18.21 -10.69 -21.89
N THR B 614 17.54 -11.57 -21.15
CA THR B 614 16.52 -12.45 -21.73
C THR B 614 15.26 -12.40 -20.88
N PRO B 615 14.14 -12.87 -21.42
CA PRO B 615 12.89 -12.63 -20.66
C PRO B 615 12.54 -13.71 -19.66
N GLY B 616 13.30 -14.80 -19.64
CA GLY B 616 13.00 -15.92 -18.75
C GLY B 616 13.36 -15.71 -17.28
N PRO B 617 13.21 -16.78 -16.47
CA PRO B 617 13.46 -16.69 -15.04
C PRO B 617 14.91 -16.28 -14.73
N ASP B 618 15.84 -16.64 -15.61
CA ASP B 618 17.23 -16.22 -15.47
C ASP B 618 17.53 -15.11 -16.47
N GLY B 619 16.81 -13.99 -16.39
CA GLY B 619 16.84 -13.00 -17.46
C GLY B 619 17.96 -11.99 -17.44
N TYR B 620 18.49 -11.68 -16.25
CA TYR B 620 19.54 -10.65 -16.14
C TYR B 620 20.94 -11.26 -16.17
N CYS B 621 21.97 -10.43 -16.36
CA CYS B 621 23.34 -10.93 -16.40
C CYS B 621 24.05 -10.75 -15.07
N GLY B 622 23.29 -10.28 -14.07
CA GLY B 622 23.81 -10.01 -12.73
C GLY B 622 22.72 -9.31 -11.94
N ASP B 623 23.05 -8.78 -10.77
CA ASP B 623 22.03 -8.16 -9.91
C ASP B 623 21.24 -7.07 -10.65
N GLU B 624 19.91 -7.08 -10.47
CA GLU B 624 19.02 -6.12 -11.13
C GLU B 624 19.14 -4.74 -10.45
N ASP B 625 19.33 -4.79 -9.13
CA ASP B 625 19.64 -3.62 -8.33
C ASP B 625 18.58 -2.54 -8.39
N ASN B 626 17.37 -2.91 -8.00
CA ASN B 626 16.30 -1.96 -7.71
C ASN B 626 15.94 -1.00 -8.84
N GLY B 627 16.06 -1.47 -10.07
CA GLY B 627 15.63 -0.69 -11.20
C GLY B 627 16.75 -0.22 -12.08
N GLN B 628 17.96 -0.14 -11.53
CA GLN B 628 19.08 0.39 -12.31
C GLN B 628 19.37 -0.48 -13.54
N THR B 629 19.53 -1.78 -13.31
CA THR B 629 19.88 -2.68 -14.41
C THR B 629 18.71 -2.80 -15.40
N SER B 630 17.49 -2.62 -14.90
CA SER B 630 16.29 -2.63 -15.72
C SER B 630 16.08 -1.34 -16.49
N ALA B 631 16.20 -0.20 -15.79
CA ALA B 631 16.06 1.11 -16.44
C ALA B 631 17.08 1.30 -17.52
N TRP B 632 18.22 0.62 -17.37
CA TRP B 632 19.29 0.70 -18.36
C TRP B 632 18.79 0.20 -19.71
N TYR B 633 18.08 -0.91 -19.66
CA TYR B 633 17.51 -1.54 -20.84
C TYR B 633 16.32 -0.71 -21.37
N VAL B 634 15.50 -0.16 -20.49
CA VAL B 634 14.42 0.69 -20.96
C VAL B 634 14.97 1.87 -21.74
N PHE B 635 15.93 2.58 -21.15
CA PHE B 635 16.55 3.70 -21.84
C PHE B 635 17.22 3.23 -23.12
N SER B 636 18.08 2.22 -23.01
CA SER B 636 18.93 1.84 -24.15
C SER B 636 18.08 1.38 -25.29
N ALA B 637 16.96 0.74 -24.96
CA ALA B 637 16.01 0.28 -25.96
C ALA B 637 15.37 1.45 -26.71
N LEU B 638 15.07 2.52 -25.99
CA LEU B 638 14.55 3.73 -26.63
C LEU B 638 15.63 4.38 -27.50
N GLY B 639 16.90 4.21 -27.11
CA GLY B 639 18.03 4.59 -27.98
C GLY B 639 18.91 5.71 -27.48
N PHE B 640 18.78 6.05 -26.20
CA PHE B 640 19.59 7.10 -25.59
C PHE B 640 19.64 6.89 -24.09
N TYR B 641 20.60 7.54 -23.43
CA TYR B 641 20.94 7.25 -22.05
C TYR B 641 21.51 8.45 -21.29
N PRO B 642 21.06 8.65 -20.05
CA PRO B 642 21.50 9.82 -19.32
C PRO B 642 22.90 9.58 -18.77
N VAL B 643 23.92 9.64 -19.63
CA VAL B 643 25.29 9.47 -19.16
C VAL B 643 25.58 10.38 -17.97
N CYS B 644 25.21 11.65 -18.09
CA CYS B 644 25.58 12.64 -17.06
C CYS B 644 24.36 13.38 -16.48
N PRO B 645 23.69 12.75 -15.51
CA PRO B 645 22.56 13.37 -14.82
C PRO B 645 23.01 14.69 -14.24
N GLY B 646 22.20 15.73 -14.34
CA GLY B 646 22.63 17.05 -13.91
C GLY B 646 22.69 17.93 -15.13
N THR B 647 22.92 17.31 -16.28
CA THR B 647 22.81 17.99 -17.56
C THR B 647 21.37 17.88 -18.05
N ASP B 648 21.09 18.48 -19.20
CA ASP B 648 19.79 18.34 -19.84
C ASP B 648 19.82 17.22 -20.91
N GLU B 649 20.83 16.36 -20.82
CA GLU B 649 21.24 15.54 -21.96
C GLU B 649 20.99 14.03 -21.89
N TYR B 650 20.66 13.46 -23.05
CA TYR B 650 20.63 12.02 -23.21
C TYR B 650 21.52 11.64 -24.36
N VAL B 651 22.54 10.86 -24.04
CA VAL B 651 23.53 10.49 -25.02
C VAL B 651 22.94 9.44 -25.94
N MET B 652 23.20 9.58 -27.24
CA MET B 652 22.57 8.72 -28.23
C MET B 652 23.21 7.34 -28.29
N GLY B 653 22.37 6.30 -28.25
CA GLY B 653 22.81 4.93 -28.45
C GLY B 653 22.27 4.38 -29.75
N THR B 654 21.47 3.32 -29.67
CA THR B 654 20.74 2.84 -30.84
C THR B 654 19.46 2.14 -30.40
N PRO B 655 18.32 2.54 -30.99
CA PRO B 655 17.04 2.05 -30.51
C PRO B 655 16.83 0.57 -30.85
N LEU B 656 16.00 -0.13 -30.09
CA LEU B 656 15.80 -1.56 -30.32
C LEU B 656 14.60 -1.87 -31.23
N PHE B 657 13.57 -1.02 -31.19
CA PHE B 657 12.30 -1.26 -31.89
C PHE B 657 12.11 -0.43 -33.17
N LYS B 658 11.21 -0.89 -34.04
CA LYS B 658 10.83 -0.13 -35.22
C LYS B 658 10.11 1.17 -34.83
N LYS B 659 9.45 1.19 -33.67
CA LYS B 659 8.81 2.40 -33.21
C LYS B 659 8.60 2.43 -31.70
N ALA B 660 8.81 3.59 -31.11
CA ALA B 660 8.55 3.78 -29.70
C ALA B 660 7.81 5.08 -29.56
N THR B 661 6.89 5.15 -28.61
CA THR B 661 6.18 6.39 -28.38
C THR B 661 6.20 6.74 -26.92
N LEU B 662 6.68 7.93 -26.59
CA LEU B 662 6.73 8.38 -25.22
C LEU B 662 5.56 9.33 -24.94
N HIS B 663 4.86 9.11 -23.82
CA HIS B 663 3.73 9.94 -23.43
C HIS B 663 4.07 10.71 -22.16
N PHE B 664 4.44 11.98 -22.33
CA PHE B 664 4.93 12.76 -21.19
C PHE B 664 3.79 13.24 -20.32
N GLU B 665 4.08 13.45 -19.05
CA GLU B 665 3.08 14.00 -18.17
C GLU B 665 2.56 15.35 -18.67
N ASN B 666 3.39 16.08 -19.40
CA ASN B 666 2.98 17.40 -19.85
C ASN B 666 1.93 17.36 -20.97
N GLY B 667 1.55 16.16 -21.38
CA GLY B 667 0.48 16.00 -22.36
C GLY B 667 1.00 15.80 -23.77
N ASN B 668 2.28 16.10 -23.97
CA ASN B 668 2.89 15.91 -25.26
C ASN B 668 3.40 14.51 -25.39
N SER B 669 3.66 14.10 -26.63
CA SER B 669 4.16 12.78 -26.89
C SER B 669 5.31 12.88 -27.87
N LEU B 670 6.14 11.85 -27.91
CA LEU B 670 7.28 11.83 -28.80
C LEU B 670 7.39 10.46 -29.44
N VAL B 671 7.58 10.44 -30.75
CA VAL B 671 7.64 9.18 -31.47
C VAL B 671 9.04 8.98 -31.99
N ILE B 672 9.58 7.79 -31.79
CA ILE B 672 10.90 7.47 -32.31
C ILE B 672 10.71 6.46 -33.44
N ASP B 673 10.91 6.94 -34.65
CA ASP B 673 10.46 6.23 -35.80
C ASP B 673 11.63 5.60 -36.55
N ALA B 674 11.76 4.29 -36.45
CA ALA B 674 12.90 3.61 -37.05
C ALA B 674 12.47 2.43 -37.89
N PRO B 675 11.62 2.70 -38.90
CA PRO B 675 10.86 1.69 -39.62
C PRO B 675 11.77 0.66 -40.23
N ASN B 676 13.04 1.00 -40.40
CA ASN B 676 13.97 0.07 -41.00
C ASN B 676 14.79 -0.74 -39.97
N ASN B 677 14.51 -0.55 -38.69
CA ASN B 677 15.22 -1.31 -37.67
C ASN B 677 15.05 -2.81 -37.88
N SER B 678 16.07 -3.57 -37.55
CA SER B 678 16.00 -5.02 -37.68
C SER B 678 17.15 -5.62 -36.90
N THR B 679 17.26 -6.94 -36.89
CA THR B 679 18.37 -7.59 -36.20
C THR B 679 19.70 -7.16 -36.77
N GLU B 680 19.74 -6.95 -38.09
CA GLU B 680 20.99 -6.58 -38.76
C GLU B 680 21.20 -5.08 -38.79
N ASN B 681 20.13 -4.33 -39.02
CA ASN B 681 20.24 -2.89 -39.15
C ASN B 681 20.27 -2.17 -37.81
N PHE B 682 21.39 -2.25 -37.10
CA PHE B 682 21.48 -1.66 -35.79
C PHE B 682 22.32 -0.38 -35.77
N TYR B 683 22.94 -0.04 -36.90
CA TYR B 683 23.64 1.22 -37.01
C TYR B 683 22.66 2.35 -37.32
N ILE B 684 23.01 3.56 -36.90
CA ILE B 684 22.22 4.74 -37.21
C ILE B 684 22.88 5.47 -38.37
N ASP B 685 22.20 5.58 -39.50
CA ASP B 685 22.80 6.23 -40.67
C ASP B 685 22.54 7.74 -40.74
N SER B 686 21.29 8.14 -40.49
CA SER B 686 20.95 9.54 -40.41
C SER B 686 19.85 9.75 -39.37
N MET B 687 19.66 10.98 -38.94
CA MET B 687 18.65 11.27 -37.95
C MET B 687 18.08 12.65 -38.15
N SER B 688 16.78 12.79 -37.93
CA SER B 688 16.16 14.09 -38.00
C SER B 688 15.12 14.27 -36.89
N PHE B 689 14.57 15.47 -36.77
CA PHE B 689 13.80 15.85 -35.61
C PHE B 689 12.92 17.02 -36.05
N ASN B 690 11.67 16.74 -36.37
CA ASN B 690 10.81 17.78 -36.90
C ASN B 690 11.45 18.47 -38.10
N GLY B 691 11.88 17.65 -39.07
CA GLY B 691 12.30 18.14 -40.38
C GLY B 691 13.73 18.60 -40.52
N ALA B 692 14.47 18.64 -39.40
CA ALA B 692 15.82 19.15 -39.41
C ALA B 692 16.83 18.07 -39.11
N ASP B 693 17.81 17.92 -40.01
CA ASP B 693 18.91 17.00 -39.84
C ASP B 693 19.41 17.11 -38.41
N HIS B 694 19.78 15.98 -37.81
CA HIS B 694 20.27 15.94 -36.44
C HIS B 694 21.47 14.99 -36.37
N THR B 695 22.64 15.55 -36.17
CA THR B 695 23.88 14.79 -36.21
C THR B 695 24.53 14.80 -34.84
N LYS B 696 23.95 15.53 -33.91
CA LYS B 696 24.47 15.53 -32.56
C LYS B 696 24.36 14.13 -31.97
N ASN B 697 25.24 13.81 -31.01
CA ASN B 697 25.24 12.51 -30.34
C ASN B 697 24.43 12.56 -29.06
N TYR B 698 23.54 13.55 -28.96
CA TYR B 698 22.74 13.72 -27.76
C TYR B 698 21.41 14.40 -28.02
N LEU B 699 20.51 14.30 -27.05
CA LEU B 699 19.19 14.89 -27.14
C LEU B 699 18.97 15.65 -25.84
N ARG B 700 18.27 16.77 -25.93
CA ARG B 700 18.07 17.60 -24.76
C ARG B 700 16.67 17.39 -24.15
N HIS B 701 16.64 17.25 -22.83
CA HIS B 701 15.39 17.11 -22.10
C HIS B 701 14.29 17.99 -22.73
N GLU B 702 14.57 19.28 -22.83
CA GLU B 702 13.58 20.27 -23.26
C GLU B 702 13.04 20.04 -24.69
N ASP B 703 13.91 19.59 -25.59
CA ASP B 703 13.47 19.35 -26.97
C ASP B 703 12.50 18.17 -27.03
N LEU B 704 12.79 17.16 -26.21
CA LEU B 704 11.93 15.98 -26.09
C LEU B 704 10.55 16.36 -25.55
N PHE B 705 10.52 17.13 -24.46
CA PHE B 705 9.26 17.52 -23.85
C PHE B 705 8.38 18.34 -24.79
N LYS B 706 9.00 19.04 -25.74
CA LYS B 706 8.24 19.76 -26.76
C LYS B 706 7.39 18.78 -27.60
N GLY B 707 7.85 17.53 -27.71
CA GLY B 707 7.09 16.51 -28.42
C GLY B 707 7.51 16.43 -29.87
N GLY B 708 6.77 15.66 -30.66
CA GLY B 708 7.05 15.54 -32.08
C GLY B 708 7.57 14.18 -32.50
N THR B 709 8.30 14.17 -33.61
CA THR B 709 8.85 12.94 -34.14
C THR B 709 10.36 13.04 -34.31
N ILE B 710 11.04 11.95 -33.97
CA ILE B 710 12.43 11.76 -34.32
C ILE B 710 12.48 10.63 -35.35
N LYS B 711 13.16 10.84 -36.48
CA LYS B 711 13.30 9.77 -37.46
C LYS B 711 14.74 9.24 -37.53
N VAL B 712 14.88 7.93 -37.39
CA VAL B 712 16.19 7.28 -37.46
C VAL B 712 16.24 6.30 -38.61
N ASP B 713 17.08 6.58 -39.60
CA ASP B 713 17.24 5.67 -40.71
C ASP B 713 18.29 4.64 -40.28
N MET B 714 17.88 3.37 -40.20
CA MET B 714 18.75 2.31 -39.68
C MET B 714 19.44 1.56 -40.82
N SER B 715 20.63 1.05 -40.54
CA SER B 715 21.47 0.45 -41.56
C SER B 715 22.31 -0.68 -40.99
N ASN B 716 22.70 -1.65 -41.82
CA ASN B 716 23.60 -2.72 -41.38
C ASN B 716 25.10 -2.36 -41.47
N ARG B 717 25.39 -1.08 -41.74
CA ARG B 717 26.77 -0.62 -41.83
C ARG B 717 26.97 0.71 -41.14
N PRO B 718 28.14 0.89 -40.54
CA PRO B 718 28.40 2.09 -39.77
C PRO B 718 28.54 3.29 -40.70
N ASN B 719 27.85 4.37 -40.34
CA ASN B 719 28.09 5.63 -41.00
C ASN B 719 29.32 6.22 -40.34
N LEU B 720 30.48 5.87 -40.88
CA LEU B 720 31.76 6.34 -40.36
C LEU B 720 31.85 7.87 -40.30
N ASN B 721 30.89 8.56 -40.92
CA ASN B 721 30.97 10.03 -41.04
C ASN B 721 29.91 10.85 -40.29
N ARG B 722 29.07 10.19 -39.49
CA ARG B 722 28.05 10.91 -38.73
C ARG B 722 28.40 11.00 -37.25
N GLY B 723 28.29 12.20 -36.68
CA GLY B 723 28.50 12.39 -35.25
C GLY B 723 29.94 12.61 -34.85
N THR B 724 30.78 13.05 -35.78
CA THR B 724 32.17 13.22 -35.46
C THR B 724 32.61 14.66 -35.22
N LYS B 725 31.71 15.63 -35.42
CA LYS B 725 32.05 17.04 -35.22
C LYS B 725 32.00 17.44 -33.75
N GLU B 726 32.73 18.50 -33.42
CA GLU B 726 32.85 18.95 -32.04
C GLU B 726 31.48 19.37 -31.51
N GLU B 727 30.73 20.05 -32.37
CA GLU B 727 29.40 20.53 -32.02
C GLU B 727 28.46 19.35 -31.74
N ASP B 728 28.78 18.20 -32.33
CA ASP B 728 28.04 16.96 -32.10
C ASP B 728 28.20 16.41 -30.68
N MET B 729 29.30 16.74 -30.02
CA MET B 729 29.62 16.16 -28.71
C MET B 729 28.74 16.66 -27.58
N PRO B 730 28.35 15.75 -26.68
CA PRO B 730 27.60 16.12 -25.49
C PRO B 730 28.46 16.89 -24.49
N TYR B 731 27.88 17.24 -23.35
CA TYR B 731 28.57 18.03 -22.34
C TYR B 731 29.90 17.43 -21.92
N SER B 732 30.88 18.30 -21.71
CA SER B 732 32.10 17.95 -20.98
C SER B 732 32.49 19.20 -20.22
N PHE B 733 32.75 19.07 -18.92
CA PHE B 733 32.98 20.23 -18.08
C PHE B 733 34.10 21.09 -18.67
N SER B 734 35.26 20.48 -18.87
CA SER B 734 36.44 21.25 -19.25
C SER B 734 36.14 22.15 -20.44
N LYS B 735 35.31 21.66 -21.36
CA LYS B 735 34.94 22.49 -22.50
C LYS B 735 34.15 23.74 -22.10
N GLU B 736 33.24 23.61 -21.14
CA GLU B 736 32.36 24.72 -20.73
C GLU B 736 33.12 26.01 -20.42
N LYS C 1 -54.81 25.34 -20.48
CA LYS C 1 -54.03 24.43 -21.36
C LYS C 1 -54.53 22.99 -21.18
N ASP C 2 -54.87 22.33 -22.28
CA ASP C 2 -55.32 20.95 -22.18
C ASP C 2 -54.23 19.97 -22.62
N TRP C 3 -54.05 18.88 -21.86
CA TRP C 3 -53.13 17.84 -22.26
C TRP C 3 -53.87 16.55 -22.64
N THR C 4 -55.09 16.38 -22.15
CA THR C 4 -55.88 15.19 -22.48
C THR C 4 -56.04 14.96 -23.99
N GLN C 5 -56.09 16.03 -24.78
CA GLN C 5 -56.20 15.91 -26.23
C GLN C 5 -55.09 15.00 -26.80
N TYR C 6 -54.01 14.79 -26.05
CA TYR C 6 -52.89 14.01 -26.60
C TYR C 6 -52.90 12.57 -26.10
N VAL C 7 -53.76 12.26 -25.15
CA VAL C 7 -53.82 10.91 -24.58
C VAL C 7 -54.63 10.02 -25.52
N ASN C 8 -54.05 8.88 -25.90
CA ASN C 8 -54.79 7.90 -26.66
C ASN C 8 -55.03 6.64 -25.82
N PRO C 9 -56.25 6.46 -25.31
CA PRO C 9 -56.44 5.31 -24.44
C PRO C 9 -56.35 4.00 -25.21
N LEU C 10 -56.40 4.09 -26.54
CA LEU C 10 -56.36 2.91 -27.39
C LEU C 10 -54.93 2.41 -27.65
N MET C 11 -53.94 3.13 -27.15
CA MET C 11 -52.55 2.82 -27.42
C MET C 11 -52.15 1.54 -26.67
N GLY C 12 -51.78 0.51 -27.39
CA GLY C 12 -51.52 -0.79 -26.77
C GLY C 12 -52.63 -1.80 -26.98
N SER C 13 -53.75 -1.40 -27.56
CA SER C 13 -54.88 -2.35 -27.75
C SER C 13 -54.79 -3.24 -29.01
N GLN C 14 -53.89 -2.93 -29.93
CA GLN C 14 -53.74 -3.78 -31.10
C GLN C 14 -52.72 -4.88 -30.79
N SER C 15 -53.08 -5.74 -29.84
CA SER C 15 -52.17 -6.72 -29.27
C SER C 15 -52.74 -8.11 -29.44
N THR C 16 -51.86 -9.09 -29.60
CA THR C 16 -52.29 -10.48 -29.63
C THR C 16 -51.45 -11.31 -28.67
N PHE C 17 -51.88 -12.54 -28.41
CA PHE C 17 -51.12 -13.46 -27.56
C PHE C 17 -49.69 -13.70 -28.09
N GLU C 18 -49.57 -13.70 -29.42
CA GLU C 18 -48.31 -14.00 -30.10
C GLU C 18 -47.35 -12.80 -30.14
N LEU C 19 -47.89 -11.58 -30.10
CA LEU C 19 -47.07 -10.37 -30.20
C LEU C 19 -47.74 -9.21 -29.51
N SER C 20 -47.22 -8.81 -28.36
CA SER C 20 -47.76 -7.68 -27.63
C SER C 20 -47.27 -6.36 -28.21
N THR C 21 -48.19 -5.41 -28.36
CA THR C 21 -47.84 -4.03 -28.62
C THR C 21 -48.29 -3.22 -27.40
N GLY C 22 -48.37 -3.88 -26.24
CA GLY C 22 -48.69 -3.21 -25.00
C GLY C 22 -49.61 -4.02 -24.11
N ASN C 23 -50.52 -4.76 -24.73
CA ASN C 23 -51.52 -5.51 -23.97
C ASN C 23 -52.28 -4.60 -23.01
N THR C 24 -52.80 -3.50 -23.54
CA THR C 24 -53.60 -2.60 -22.74
C THR C 24 -55.04 -2.67 -23.19
N TYR C 25 -55.90 -2.03 -22.42
CA TYR C 25 -57.28 -1.80 -22.80
C TYR C 25 -57.54 -0.32 -22.45
N PRO C 26 -58.58 0.27 -23.05
CA PRO C 26 -58.75 1.70 -22.78
C PRO C 26 -59.39 1.87 -21.41
N ALA C 27 -58.59 2.37 -20.46
CA ALA C 27 -59.05 2.48 -19.10
C ALA C 27 -59.70 3.85 -18.97
N ILE C 28 -61.03 3.85 -19.06
CA ILE C 28 -61.78 5.06 -18.85
C ILE C 28 -61.95 5.22 -17.35
N ALA C 29 -61.33 6.25 -16.79
CA ALA C 29 -61.14 6.28 -15.35
C ALA C 29 -60.55 7.60 -14.85
N ARG C 30 -60.68 7.85 -13.56
CA ARG C 30 -59.93 8.91 -12.90
C ARG C 30 -58.56 8.35 -12.59
N PRO C 31 -57.60 9.23 -12.38
CA PRO C 31 -56.27 8.80 -11.96
C PRO C 31 -56.36 7.89 -10.77
N TRP C 32 -55.62 6.78 -10.81
CA TRP C 32 -55.64 5.77 -9.76
C TRP C 32 -57.07 5.39 -9.33
N GLY C 33 -58.05 5.61 -10.20
CA GLY C 33 -59.41 5.18 -9.91
C GLY C 33 -59.56 3.77 -9.31
N MET C 34 -60.41 3.66 -8.28
CA MET C 34 -60.76 2.33 -7.75
C MET C 34 -61.46 1.46 -8.82
N ASN C 35 -62.32 2.07 -9.64
CA ASN C 35 -63.03 1.32 -10.66
C ASN C 35 -62.78 1.89 -12.05
N PHE C 36 -62.29 1.03 -12.94
CA PHE C 36 -62.09 1.37 -14.34
C PHE C 36 -63.27 0.84 -15.13
N TRP C 37 -63.55 1.55 -16.23
CA TRP C 37 -64.59 1.18 -17.15
C TRP C 37 -64.02 1.08 -18.57
N THR C 38 -64.47 0.08 -19.32
CA THR C 38 -63.94 -0.15 -20.64
C THR C 38 -64.99 -0.78 -21.49
N PRO C 39 -65.04 -0.39 -22.78
CA PRO C 39 -65.84 -1.17 -23.69
C PRO C 39 -65.21 -2.55 -23.76
N GLN C 40 -66.01 -3.59 -23.92
CA GLN C 40 -65.51 -4.96 -23.85
C GLN C 40 -65.80 -5.62 -25.18
N THR C 41 -64.75 -6.02 -25.89
CA THR C 41 -64.95 -6.74 -27.13
C THR C 41 -64.72 -8.22 -26.94
N GLY C 42 -63.92 -8.58 -25.94
CA GLY C 42 -63.63 -9.99 -25.70
C GLY C 42 -64.78 -10.70 -24.99
N LYS C 43 -64.81 -12.03 -25.11
CA LYS C 43 -65.78 -12.81 -24.36
C LYS C 43 -65.44 -12.80 -22.86
N MET C 44 -66.44 -12.96 -22.00
CA MET C 44 -66.21 -12.97 -20.56
C MET C 44 -65.07 -13.91 -20.21
N GLY C 45 -64.12 -13.44 -19.41
CA GLY C 45 -63.02 -14.30 -18.97
C GLY C 45 -61.75 -14.07 -19.76
N ASP C 46 -61.89 -13.61 -20.99
CA ASP C 46 -60.72 -13.43 -21.86
C ASP C 46 -59.89 -12.25 -21.36
N GLY C 47 -58.60 -12.46 -21.12
CA GLY C 47 -57.73 -11.35 -20.71
C GLY C 47 -57.64 -10.27 -21.79
N TRP C 48 -57.89 -10.66 -23.04
CA TRP C 48 -57.91 -9.71 -24.12
C TRP C 48 -59.33 -9.15 -24.16
N GLN C 49 -59.60 -8.21 -23.24
CA GLN C 49 -60.97 -7.73 -23.05
C GLN C 49 -61.36 -6.63 -24.05
N TYR C 50 -60.37 -5.96 -24.60
CA TYR C 50 -60.63 -5.05 -25.73
C TYR C 50 -59.44 -5.19 -26.68
N THR C 51 -59.72 -5.43 -27.96
CA THR C 51 -58.65 -5.54 -28.92
C THR C 51 -59.08 -4.68 -30.08
N TYR C 52 -58.16 -3.89 -30.61
CA TYR C 52 -58.44 -2.94 -31.70
C TYR C 52 -59.01 -3.60 -32.98
N THR C 53 -58.57 -4.81 -33.31
CA THR C 53 -59.13 -5.46 -34.48
C THR C 53 -60.45 -6.23 -34.25
N ALA C 54 -61.01 -6.18 -33.05
CA ALA C 54 -62.34 -6.79 -32.88
C ALA C 54 -63.45 -5.95 -33.56
N ASN C 55 -64.45 -6.64 -34.09
CA ASN C 55 -65.58 -6.05 -34.80
C ASN C 55 -66.74 -5.61 -33.91
N LYS C 56 -66.84 -6.15 -32.70
CA LYS C 56 -68.10 -6.03 -31.93
C LYS C 56 -67.83 -5.77 -30.46
N ILE C 57 -68.67 -4.93 -29.87
CA ILE C 57 -68.70 -4.70 -28.42
C ILE C 57 -69.91 -5.44 -27.84
N ARG C 58 -69.73 -6.11 -26.72
CA ARG C 58 -70.79 -6.93 -26.14
C ARG C 58 -71.13 -6.48 -24.71
N GLY C 59 -70.42 -5.44 -24.25
CA GLY C 59 -70.70 -4.88 -22.95
C GLY C 59 -69.82 -3.67 -22.70
N PHE C 60 -70.23 -2.89 -21.71
CA PHE C 60 -69.45 -1.82 -21.15
C PHE C 60 -69.20 -2.25 -19.72
N LYS C 61 -67.94 -2.43 -19.37
CA LYS C 61 -67.55 -3.33 -18.29
C LYS C 61 -66.70 -2.63 -17.23
N GLN C 62 -67.04 -2.89 -15.97
CA GLN C 62 -66.23 -2.45 -14.85
C GLN C 62 -65.08 -3.43 -14.69
N THR C 63 -63.86 -2.92 -14.61
CA THR C 63 -62.70 -3.80 -14.61
C THR C 63 -61.65 -3.33 -13.60
N HIS C 64 -60.88 -4.28 -13.04
CA HIS C 64 -59.68 -3.92 -12.29
C HIS C 64 -58.43 -4.57 -12.88
N GLN C 65 -58.56 -5.18 -14.04
CA GLN C 65 -57.47 -5.99 -14.62
C GLN C 65 -56.18 -5.20 -14.86
N PRO C 66 -55.07 -5.62 -14.23
CA PRO C 66 -53.77 -5.01 -14.49
C PRO C 66 -53.08 -5.49 -15.78
N SER C 67 -53.40 -6.72 -16.22
CA SER C 67 -52.81 -7.32 -17.43
C SER C 67 -53.61 -8.53 -17.86
N PRO C 68 -53.45 -8.95 -19.13
CA PRO C 68 -54.24 -10.08 -19.61
C PRO C 68 -53.78 -11.36 -18.94
N TRP C 69 -52.54 -11.35 -18.45
CA TRP C 69 -51.94 -12.53 -17.79
C TRP C 69 -52.47 -12.71 -16.35
N ILE C 70 -52.59 -11.61 -15.63
CA ILE C 70 -53.07 -11.67 -14.26
C ILE C 70 -54.60 -11.83 -14.25
N ASN C 71 -55.23 -11.23 -15.26
CA ASN C 71 -56.67 -11.27 -15.49
C ASN C 71 -57.40 -10.42 -14.43
N ASP C 72 -58.70 -10.65 -14.25
CA ASP C 72 -59.61 -9.66 -13.67
C ASP C 72 -60.34 -10.07 -12.38
N TYR C 73 -61.02 -9.12 -11.75
CA TYR C 73 -61.82 -9.40 -10.55
C TYR C 73 -62.74 -8.20 -10.38
N GLY C 74 -63.87 -8.38 -9.69
CA GLY C 74 -64.79 -7.26 -9.44
C GLY C 74 -65.30 -6.74 -10.77
N GLN C 75 -65.80 -7.66 -11.58
CA GLN C 75 -66.12 -7.37 -12.97
C GLN C 75 -67.59 -7.59 -13.24
N PHE C 76 -68.25 -6.59 -13.82
CA PHE C 76 -69.61 -6.78 -14.33
C PHE C 76 -69.81 -5.80 -15.49
N SER C 77 -70.88 -5.94 -16.27
CA SER C 77 -71.03 -5.10 -17.45
C SER C 77 -72.46 -4.69 -17.67
N ILE C 78 -72.67 -3.74 -18.56
CA ILE C 78 -74.00 -3.28 -18.88
C ILE C 78 -74.04 -3.15 -20.40
N MET C 79 -75.19 -3.43 -21.01
CA MET C 79 -75.24 -3.36 -22.46
C MET C 79 -76.63 -3.01 -22.97
N PRO C 80 -76.75 -1.89 -23.68
CA PRO C 80 -78.06 -1.52 -24.20
C PRO C 80 -78.31 -2.25 -25.51
N ILE C 81 -79.55 -2.67 -25.76
CA ILE C 81 -79.88 -3.35 -27.00
C ILE C 81 -81.28 -2.93 -27.43
N VAL C 82 -81.64 -3.21 -28.68
CA VAL C 82 -83.05 -3.11 -29.10
C VAL C 82 -83.58 -4.37 -29.76
N GLY C 83 -84.90 -4.45 -29.85
CA GLY C 83 -85.53 -5.51 -30.58
C GLY C 83 -85.98 -6.65 -29.70
N GLN C 84 -85.03 -7.44 -29.21
CA GLN C 84 -85.32 -8.65 -28.48
C GLN C 84 -84.50 -8.66 -27.21
N PRO C 85 -85.07 -9.20 -26.11
CA PRO C 85 -84.30 -9.19 -24.91
C PRO C 85 -83.39 -10.39 -24.92
N VAL C 86 -82.12 -10.17 -25.25
CA VAL C 86 -81.18 -11.28 -25.27
C VAL C 86 -80.05 -11.07 -24.28
N PHE C 87 -79.82 -12.06 -23.45
CA PHE C 87 -78.77 -11.97 -22.49
C PHE C 87 -77.42 -12.46 -23.07
N ASP C 88 -77.47 -13.53 -23.87
CA ASP C 88 -76.27 -14.16 -24.45
C ASP C 88 -75.25 -13.13 -24.95
N GLU C 89 -74.00 -13.28 -24.51
CA GLU C 89 -72.95 -12.27 -24.78
C GLU C 89 -72.52 -12.18 -26.25
N GLU C 90 -72.86 -13.17 -27.06
CA GLU C 90 -72.59 -13.04 -28.50
C GLU C 90 -73.82 -12.50 -29.22
N LYS C 91 -75.00 -12.96 -28.80
CA LYS C 91 -76.25 -12.53 -29.43
C LYS C 91 -76.53 -11.05 -29.23
N ARG C 92 -76.10 -10.50 -28.11
CA ARG C 92 -76.42 -9.11 -27.79
C ARG C 92 -75.40 -8.12 -28.33
N ALA C 93 -74.23 -8.65 -28.73
CA ALA C 93 -73.10 -7.87 -29.24
C ALA C 93 -73.43 -6.99 -30.45
N SER C 94 -72.66 -5.92 -30.66
CA SER C 94 -72.91 -5.08 -31.83
C SER C 94 -71.63 -4.68 -32.54
N TRP C 95 -71.66 -4.77 -33.87
CA TRP C 95 -70.62 -4.16 -34.70
C TRP C 95 -70.43 -2.72 -34.29
N PHE C 96 -69.22 -2.21 -34.48
CA PHE C 96 -68.91 -0.78 -34.34
C PHE C 96 -67.65 -0.54 -35.12
N ALA C 97 -67.23 0.71 -35.22
CA ALA C 97 -65.98 0.99 -35.91
C ALA C 97 -65.30 2.10 -35.15
N HIS C 98 -63.98 2.17 -35.25
CA HIS C 98 -63.26 3.16 -34.51
C HIS C 98 -63.58 4.62 -34.94
N LYS C 99 -64.04 4.81 -36.18
CA LYS C 99 -64.46 6.16 -36.62
C LYS C 99 -65.85 6.49 -36.09
N GLY C 100 -66.47 5.54 -35.39
CA GLY C 100 -67.73 5.77 -34.67
C GLY C 100 -67.54 5.68 -33.15
N GLU C 101 -66.28 5.84 -32.72
CA GLU C 101 -65.86 5.70 -31.33
C GLU C 101 -65.06 6.92 -30.85
N VAL C 102 -65.32 7.41 -29.64
CA VAL C 102 -64.44 8.43 -29.09
C VAL C 102 -63.90 7.93 -27.76
N ALA C 103 -62.58 7.78 -27.65
CA ALA C 103 -61.97 7.36 -26.38
C ALA C 103 -61.06 8.43 -25.75
N THR C 104 -61.44 8.91 -24.57
CA THR C 104 -60.57 9.80 -23.82
C THR C 104 -60.50 9.23 -22.40
N PRO C 105 -59.58 9.73 -21.59
CA PRO C 105 -59.48 9.11 -20.25
C PRO C 105 -60.70 9.43 -19.37
N TYR C 106 -61.45 10.47 -19.71
CA TYR C 106 -62.55 10.93 -18.84
C TYR C 106 -63.93 10.68 -19.47
N TYR C 107 -63.97 10.24 -20.72
CA TYR C 107 -65.22 10.16 -21.47
C TYR C 107 -65.02 9.15 -22.58
N TYR C 108 -65.97 8.22 -22.72
CA TYR C 108 -65.96 7.25 -23.80
C TYR C 108 -67.32 7.26 -24.52
N LYS C 109 -67.30 7.30 -25.85
CA LYS C 109 -68.51 7.25 -26.64
C LYS C 109 -68.34 6.24 -27.75
N VAL C 110 -69.41 5.50 -28.07
CA VAL C 110 -69.37 4.59 -29.20
C VAL C 110 -70.77 4.35 -29.77
N TYR C 111 -70.84 4.28 -31.09
CA TYR C 111 -72.09 4.00 -31.76
C TYR C 111 -72.21 2.50 -32.03
N LEU C 112 -73.26 1.88 -31.52
CA LEU C 112 -73.46 0.45 -31.71
C LEU C 112 -74.29 0.26 -32.97
N ALA C 113 -73.62 -0.06 -34.07
CA ALA C 113 -74.28 -0.04 -35.37
C ALA C 113 -75.49 -0.98 -35.45
N GLU C 114 -75.45 -2.13 -34.81
CA GLU C 114 -76.54 -3.09 -34.96
C GLU C 114 -77.80 -2.77 -34.15
N HIS C 115 -77.65 -1.93 -33.11
CA HIS C 115 -78.80 -1.52 -32.32
C HIS C 115 -79.20 -0.07 -32.59
N ASP C 116 -78.40 0.66 -33.37
CA ASP C 116 -78.68 2.07 -33.59
C ASP C 116 -78.72 2.77 -32.21
N ILE C 117 -77.77 2.46 -31.34
CA ILE C 117 -77.67 3.06 -30.01
C ILE C 117 -76.29 3.71 -29.85
N VAL C 118 -76.26 4.96 -29.39
CA VAL C 118 -75.01 5.57 -28.91
C VAL C 118 -74.86 5.33 -27.42
N THR C 119 -73.68 4.93 -26.98
CA THR C 119 -73.40 4.79 -25.58
C THR C 119 -72.34 5.80 -25.20
N GLU C 120 -72.61 6.56 -24.14
CA GLU C 120 -71.58 7.42 -23.54
C GLU C 120 -71.35 7.07 -22.09
N MET C 121 -70.12 7.21 -21.63
CA MET C 121 -69.87 7.01 -20.20
C MET C 121 -68.75 7.89 -19.67
N THR C 122 -68.89 8.38 -18.43
CA THR C 122 -67.88 9.19 -17.81
C THR C 122 -67.77 8.80 -16.33
N PRO C 123 -66.59 8.28 -15.93
CA PRO C 123 -66.43 7.71 -14.57
C PRO C 123 -65.92 8.72 -13.56
N THR C 124 -66.20 8.48 -12.27
CA THR C 124 -65.53 9.16 -11.18
C THR C 124 -64.59 8.11 -10.61
N GLU C 125 -64.05 8.32 -9.42
CA GLU C 125 -63.11 7.31 -8.87
C GLU C 125 -63.75 5.95 -8.68
N ARG C 126 -65.01 5.94 -8.23
CA ARG C 126 -65.69 4.71 -7.91
C ARG C 126 -67.03 4.50 -8.59
N ALA C 127 -67.51 5.52 -9.29
CA ALA C 127 -68.84 5.46 -9.90
C ALA C 127 -68.71 5.87 -11.34
N VAL C 128 -69.82 5.78 -12.05
CA VAL C 128 -69.83 6.12 -13.45
C VAL C 128 -71.22 6.53 -13.87
N LEU C 129 -71.30 7.43 -14.84
CA LEU C 129 -72.60 7.78 -15.42
C LEU C 129 -72.67 7.31 -16.85
N PHE C 130 -73.70 6.52 -17.15
CA PHE C 130 -73.94 6.12 -18.52
C PHE C 130 -75.07 6.96 -19.12
N ARG C 131 -74.92 7.31 -20.39
CA ARG C 131 -76.05 7.86 -21.13
C ARG C 131 -76.22 7.10 -22.45
N PHE C 132 -77.41 6.50 -22.59
CA PHE C 132 -77.75 5.69 -23.75
C PHE C 132 -78.73 6.47 -24.62
N THR C 133 -78.41 6.65 -25.90
CA THR C 133 -79.29 7.35 -26.84
C THR C 133 -79.89 6.30 -27.76
N PHE C 134 -81.17 5.99 -27.51
CA PHE C 134 -81.92 4.97 -28.25
C PHE C 134 -82.57 5.52 -29.51
N PRO C 135 -82.83 4.64 -30.48
CA PRO C 135 -83.65 5.00 -31.64
C PRO C 135 -85.10 4.75 -31.25
N GLU C 136 -85.99 5.05 -32.17
CA GLU C 136 -87.41 4.79 -31.98
C GLU C 136 -87.68 3.28 -32.01
N ASN C 137 -88.30 2.75 -30.97
CA ASN C 137 -88.50 1.31 -30.87
C ASN C 137 -89.46 0.98 -29.73
N ASP C 138 -90.38 0.05 -29.96
CA ASP C 138 -91.30 -0.38 -28.92
C ASP C 138 -90.57 -1.26 -27.92
N HIS C 139 -89.47 -1.86 -28.34
CA HIS C 139 -88.74 -2.78 -27.49
C HIS C 139 -87.25 -2.39 -27.37
N SER C 140 -86.95 -1.55 -26.37
CA SER C 140 -85.58 -1.17 -26.05
C SER C 140 -85.24 -1.77 -24.70
N TYR C 141 -84.01 -2.22 -24.50
CA TYR C 141 -83.61 -2.87 -23.24
C TYR C 141 -82.21 -2.45 -22.79
N VAL C 142 -81.90 -2.79 -21.54
CA VAL C 142 -80.57 -2.65 -21.02
C VAL C 142 -80.33 -3.95 -20.25
N VAL C 143 -79.22 -4.59 -20.59
CA VAL C 143 -78.78 -5.81 -19.94
C VAL C 143 -77.74 -5.47 -18.88
N VAL C 144 -77.90 -6.08 -17.72
CA VAL C 144 -76.91 -5.97 -16.67
C VAL C 144 -76.44 -7.41 -16.44
N ASP C 145 -75.14 -7.60 -16.59
CA ASP C 145 -74.52 -8.90 -16.57
C ASP C 145 -73.58 -8.98 -15.37
N ALA C 146 -73.94 -9.80 -14.38
CA ALA C 146 -73.11 -9.86 -13.18
C ALA C 146 -71.98 -10.86 -13.29
N PHE C 147 -71.82 -11.51 -14.45
CA PHE C 147 -70.74 -12.45 -14.66
C PHE C 147 -70.96 -13.73 -13.82
N ASP C 148 -70.11 -14.75 -14.01
CA ASP C 148 -70.37 -16.07 -13.43
C ASP C 148 -69.48 -16.41 -12.23
N LYS C 149 -69.43 -17.70 -11.90
CA LYS C 149 -68.68 -18.15 -10.73
C LYS C 149 -69.38 -17.77 -9.44
N GLY C 150 -70.67 -17.43 -9.55
CA GLY C 150 -71.50 -17.11 -8.39
C GLY C 150 -71.73 -15.62 -8.23
N SER C 151 -72.86 -15.13 -8.69
CA SER C 151 -73.19 -13.72 -8.56
C SER C 151 -74.64 -13.57 -8.14
N TYR C 152 -75.04 -12.33 -7.95
CA TYR C 152 -76.34 -12.04 -7.38
C TYR C 152 -76.90 -10.84 -8.14
N ILE C 153 -78.22 -10.84 -8.39
CA ILE C 153 -78.88 -9.69 -9.03
C ILE C 153 -80.30 -9.53 -8.46
N LYS C 154 -80.74 -8.28 -8.31
CA LYS C 154 -82.10 -7.98 -7.81
C LYS C 154 -82.65 -6.73 -8.44
N ILE C 155 -83.82 -6.82 -9.05
CA ILE C 155 -84.44 -5.67 -9.68
C ILE C 155 -85.43 -5.02 -8.71
N ILE C 156 -85.23 -3.74 -8.42
CA ILE C 156 -86.13 -2.96 -7.56
C ILE C 156 -86.87 -1.92 -8.40
N PRO C 157 -88.00 -2.31 -9.01
CA PRO C 157 -88.65 -1.45 -10.02
C PRO C 157 -89.22 -0.15 -9.45
N GLU C 158 -89.56 -0.13 -8.18
CA GLU C 158 -90.14 1.08 -7.59
C GLU C 158 -89.09 2.16 -7.35
N GLU C 159 -87.82 1.83 -7.66
CA GLU C 159 -86.77 2.83 -7.60
C GLU C 159 -86.02 2.90 -8.93
N ASN C 160 -86.61 2.32 -9.97
CA ASN C 160 -85.91 2.16 -11.26
C ASN C 160 -84.49 1.66 -11.03
N LYS C 161 -84.34 0.56 -10.30
CA LYS C 161 -83.02 0.23 -9.79
C LYS C 161 -82.68 -1.26 -9.88
N ILE C 162 -81.41 -1.54 -10.19
CA ILE C 162 -80.87 -2.90 -10.15
C ILE C 162 -79.63 -2.89 -9.25
N ILE C 163 -79.59 -3.81 -8.27
CA ILE C 163 -78.39 -4.07 -7.48
C ILE C 163 -77.96 -5.53 -7.70
N GLY C 164 -76.71 -5.85 -7.34
CA GLY C 164 -76.21 -7.21 -7.44
C GLY C 164 -74.79 -7.24 -6.91
N TYR C 165 -74.14 -8.40 -6.99
CA TYR C 165 -72.71 -8.42 -6.73
C TYR C 165 -72.10 -9.44 -7.66
N THR C 166 -70.84 -9.22 -7.99
CA THR C 166 -70.10 -10.09 -8.84
C THR C 166 -68.95 -10.65 -8.02
N THR C 167 -68.59 -11.91 -8.25
CA THR C 167 -67.44 -12.50 -7.55
C THR C 167 -66.38 -13.07 -8.52
N ARG C 168 -66.68 -13.14 -9.82
CA ARG C 168 -65.72 -13.80 -10.74
C ARG C 168 -64.31 -13.18 -10.60
N ASN C 169 -63.32 -13.99 -10.27
CA ASN C 169 -61.97 -13.50 -10.01
C ASN C 169 -60.91 -14.46 -10.51
N SER C 170 -59.64 -14.02 -10.48
CA SER C 170 -58.52 -14.82 -10.97
C SER C 170 -57.55 -15.26 -9.85
N GLY C 171 -58.04 -15.25 -8.61
CA GLY C 171 -57.22 -15.63 -7.47
C GLY C 171 -56.83 -14.40 -6.67
N GLY C 172 -56.18 -14.64 -5.53
CA GLY C 172 -55.73 -13.56 -4.65
C GLY C 172 -56.86 -12.83 -3.96
N VAL C 173 -57.95 -13.52 -3.69
CA VAL C 173 -59.04 -12.91 -2.92
C VAL C 173 -59.39 -13.76 -1.69
N PRO C 174 -59.86 -13.12 -0.61
CA PRO C 174 -60.35 -13.91 0.52
C PRO C 174 -61.65 -14.64 0.14
N GLU C 175 -62.07 -15.58 0.97
CA GLU C 175 -63.24 -16.40 0.67
C GLU C 175 -64.52 -15.57 0.59
N ASN C 176 -64.53 -14.40 1.22
CA ASN C 176 -65.72 -13.58 1.26
C ASN C 176 -65.78 -12.45 0.21
N PHE C 177 -64.91 -12.53 -0.81
CA PHE C 177 -64.83 -11.50 -1.83
C PHE C 177 -66.13 -11.30 -2.57
N LYS C 178 -66.56 -10.05 -2.64
CA LYS C 178 -67.72 -9.65 -3.43
C LYS C 178 -67.53 -8.18 -3.79
N ASN C 179 -67.96 -7.82 -5.00
CA ASN C 179 -68.02 -6.44 -5.41
C ASN C 179 -69.50 -6.11 -5.53
N TYR C 180 -70.00 -5.30 -4.61
CA TYR C 180 -71.40 -4.89 -4.58
C TYR C 180 -71.62 -3.70 -5.49
N PHE C 181 -72.61 -3.80 -6.38
CA PHE C 181 -72.96 -2.68 -7.29
C PHE C 181 -74.40 -2.20 -7.22
N ILE C 182 -74.61 -0.97 -7.66
CA ILE C 182 -75.94 -0.38 -7.75
C ILE C 182 -76.10 0.40 -9.05
N ILE C 183 -77.24 0.25 -9.71
CA ILE C 183 -77.49 0.92 -11.00
C ILE C 183 -78.82 1.61 -10.92
N GLU C 184 -78.85 2.94 -11.13
CA GLU C 184 -80.09 3.71 -11.10
C GLU C 184 -80.38 4.35 -12.46
N PHE C 185 -81.57 4.05 -12.98
CA PHE C 185 -82.02 4.52 -14.27
C PHE C 185 -82.96 5.71 -14.08
N ASP C 186 -82.98 6.62 -15.06
CA ASP C 186 -83.88 7.76 -14.96
C ASP C 186 -85.12 7.58 -15.84
N LYS C 187 -85.45 6.33 -16.17
CA LYS C 187 -86.62 6.02 -16.97
C LYS C 187 -87.24 4.73 -16.42
N PRO C 188 -88.56 4.74 -16.15
CA PRO C 188 -89.13 3.60 -15.45
C PRO C 188 -89.18 2.35 -16.33
N PHE C 189 -89.06 1.18 -15.72
CA PHE C 189 -89.12 -0.08 -16.44
C PHE C 189 -90.52 -0.45 -16.85
N THR C 190 -90.64 -0.98 -18.05
CA THR C 190 -91.91 -1.41 -18.57
C THR C 190 -91.81 -2.90 -18.87
N TYR C 191 -90.58 -3.39 -18.96
CA TYR C 191 -90.27 -4.81 -19.03
C TYR C 191 -89.20 -5.04 -17.97
N LYS C 192 -89.26 -6.18 -17.27
CA LYS C 192 -88.23 -6.58 -16.31
C LYS C 192 -88.12 -8.09 -16.28
N ALA C 193 -86.89 -8.59 -16.24
CA ALA C 193 -86.61 -10.01 -16.17
C ALA C 193 -85.23 -10.19 -15.56
N THR C 194 -85.07 -11.20 -14.71
CA THR C 194 -83.73 -11.57 -14.29
C THR C 194 -83.36 -12.80 -15.07
N VAL C 195 -82.10 -13.19 -14.97
CA VAL C 195 -81.58 -14.25 -15.78
C VAL C 195 -80.82 -15.22 -14.90
N GLU C 196 -81.05 -16.49 -15.15
CA GLU C 196 -80.54 -17.55 -14.32
C GLU C 196 -80.02 -18.64 -15.26
N ASN C 197 -78.73 -18.90 -15.21
CA ASN C 197 -78.07 -19.81 -16.14
C ASN C 197 -78.66 -19.78 -17.55
N GLY C 198 -78.62 -18.58 -18.13
CA GLY C 198 -79.05 -18.36 -19.51
C GLY C 198 -80.55 -18.24 -19.74
N ASN C 199 -81.36 -18.63 -18.75
CA ASN C 199 -82.82 -18.57 -18.88
C ASN C 199 -83.40 -17.21 -18.48
N LEU C 200 -84.22 -16.66 -19.37
CA LEU C 200 -84.91 -15.42 -19.12
C LEU C 200 -86.07 -15.70 -18.14
N GLN C 201 -86.17 -14.96 -17.05
CA GLN C 201 -87.26 -15.15 -16.08
C GLN C 201 -88.01 -13.86 -15.77
N GLU C 202 -88.89 -13.49 -16.70
CA GLU C 202 -89.65 -12.26 -16.62
C GLU C 202 -90.37 -12.09 -15.28
N ASN C 203 -90.30 -10.90 -14.71
CA ASN C 203 -90.92 -10.59 -13.42
C ASN C 203 -90.45 -11.45 -12.21
N VAL C 204 -89.35 -12.19 -12.34
CA VAL C 204 -88.73 -12.75 -11.15
C VAL C 204 -87.71 -11.73 -10.69
N ALA C 205 -87.86 -11.27 -9.45
CA ALA C 205 -87.13 -10.11 -8.94
C ALA C 205 -85.62 -10.30 -8.68
N GLU C 206 -85.25 -11.49 -8.23
CA GLU C 206 -83.94 -11.77 -7.67
C GLU C 206 -83.38 -13.07 -8.20
N GLN C 207 -82.06 -13.16 -8.32
CA GLN C 207 -81.39 -14.46 -8.53
C GLN C 207 -80.08 -14.51 -7.74
N THR C 208 -79.81 -15.66 -7.13
CA THR C 208 -78.48 -15.96 -6.55
C THR C 208 -78.06 -17.28 -7.18
N THR C 209 -77.15 -17.23 -8.16
CA THR C 209 -76.95 -18.36 -9.07
C THR C 209 -75.56 -18.22 -9.69
N ASP C 210 -75.11 -19.18 -10.49
CA ASP C 210 -73.74 -19.14 -10.96
C ASP C 210 -73.55 -17.88 -11.82
N HIS C 211 -74.54 -17.56 -12.63
CA HIS C 211 -74.41 -16.44 -13.54
C HIS C 211 -75.68 -15.64 -13.56
N ALA C 212 -75.76 -14.61 -12.73
CA ALA C 212 -76.96 -13.84 -12.59
C ALA C 212 -76.95 -12.66 -13.57
N GLY C 213 -78.11 -12.33 -14.10
CA GLY C 213 -78.22 -11.21 -15.01
C GLY C 213 -79.58 -10.56 -14.88
N ALA C 214 -79.74 -9.37 -15.42
CA ALA C 214 -81.05 -8.77 -15.50
C ALA C 214 -81.19 -8.09 -16.83
N ILE C 215 -82.40 -8.10 -17.37
CA ILE C 215 -82.74 -7.24 -18.49
C ILE C 215 -83.94 -6.39 -18.11
N ILE C 216 -83.83 -5.07 -18.29
CA ILE C 216 -85.00 -4.22 -18.12
C ILE C 216 -85.24 -3.54 -19.44
N GLY C 217 -86.41 -2.94 -19.60
CA GLY C 217 -86.69 -2.33 -20.89
C GLY C 217 -87.91 -1.47 -20.89
N PHE C 218 -88.15 -0.86 -22.04
CA PHE C 218 -89.16 0.15 -22.14
C PHE C 218 -89.21 0.56 -23.59
N LYS C 219 -90.07 1.52 -23.88
CA LYS C 219 -90.31 1.95 -25.23
C LYS C 219 -89.61 3.30 -25.40
N THR C 220 -89.04 3.53 -26.58
CA THR C 220 -88.26 4.75 -26.78
C THR C 220 -88.61 5.52 -28.03
N ARG C 221 -88.51 6.83 -27.92
CA ARG C 221 -88.65 7.70 -29.09
C ARG C 221 -87.31 7.76 -29.79
N LYS C 222 -87.30 8.25 -31.03
CA LYS C 222 -86.06 8.46 -31.76
C LYS C 222 -85.16 9.44 -31.03
N GLY C 223 -83.93 9.05 -30.74
CA GLY C 223 -83.02 9.93 -29.99
C GLY C 223 -83.25 10.04 -28.48
N GLU C 224 -84.22 9.32 -27.95
CA GLU C 224 -84.49 9.39 -26.50
C GLU C 224 -83.30 8.95 -25.64
N GLN C 225 -82.96 9.75 -24.64
CA GLN C 225 -81.78 9.47 -23.86
C GLN C 225 -82.17 8.87 -22.52
N VAL C 226 -81.42 7.85 -22.12
CA VAL C 226 -81.65 7.18 -20.86
C VAL C 226 -80.33 7.15 -20.13
N ASN C 227 -80.37 7.58 -18.88
CA ASN C 227 -79.17 7.70 -18.08
C ASN C 227 -79.16 6.64 -17.01
N ALA C 228 -77.97 6.15 -16.68
CA ALA C 228 -77.82 5.16 -15.63
C ALA C 228 -76.63 5.51 -14.73
N ARG C 229 -76.93 5.70 -13.45
CA ARG C 229 -75.92 6.00 -12.47
C ARG C 229 -75.50 4.70 -11.86
N ILE C 230 -74.20 4.41 -11.90
CA ILE C 230 -73.69 3.17 -11.37
C ILE C 230 -72.58 3.40 -10.36
N ALA C 231 -72.51 2.55 -9.35
CA ALA C 231 -71.39 2.61 -8.42
C ALA C 231 -71.18 1.23 -7.83
N SER C 232 -69.97 0.98 -7.36
CA SER C 232 -69.75 -0.29 -6.73
C SER C 232 -68.80 -0.13 -5.58
N SER C 233 -68.76 -1.17 -4.77
CA SER C 233 -67.96 -1.16 -3.56
C SER C 233 -67.49 -2.56 -3.29
N PHE C 234 -66.38 -2.68 -2.56
CA PHE C 234 -65.90 -3.97 -2.11
C PHE C 234 -66.30 -4.21 -0.65
N ILE C 235 -66.97 -3.21 -0.06
CA ILE C 235 -67.33 -3.28 1.34
C ILE C 235 -68.77 -3.70 1.54
N SER C 236 -69.72 -2.95 0.95
CA SER C 236 -71.14 -3.28 1.12
C SER C 236 -72.03 -2.55 0.13
N PHE C 237 -73.31 -2.90 0.11
CA PHE C 237 -74.31 -2.13 -0.64
C PHE C 237 -74.43 -0.69 -0.12
N GLU C 238 -74.45 -0.55 1.21
CA GLU C 238 -74.52 0.78 1.81
C GLU C 238 -73.32 1.60 1.38
N GLN C 239 -72.14 1.00 1.38
CA GLN C 239 -70.98 1.75 0.94
C GLN C 239 -71.08 2.07 -0.55
N ALA C 240 -71.61 1.15 -1.34
CA ALA C 240 -71.82 1.44 -2.77
C ALA C 240 -72.77 2.62 -2.92
N ALA C 241 -73.79 2.69 -2.08
CA ALA C 241 -74.73 3.79 -2.22
C ALA C 241 -74.01 5.07 -1.87
N ALA C 242 -73.08 5.05 -0.90
CA ALA C 242 -72.31 6.27 -0.65
C ALA C 242 -71.39 6.62 -1.82
N ASN C 243 -70.74 5.62 -2.41
CA ASN C 243 -69.82 5.90 -3.52
C ASN C 243 -70.55 6.57 -4.67
N MET C 244 -71.83 6.28 -4.80
CA MET C 244 -72.68 6.89 -5.82
C MET C 244 -72.76 8.42 -5.68
N ASN C 245 -72.57 8.95 -4.48
CA ASN C 245 -72.63 10.41 -4.34
C ASN C 245 -71.50 11.14 -5.10
N GLU C 246 -70.48 10.40 -5.54
CA GLU C 246 -69.39 10.98 -6.33
C GLU C 246 -69.93 11.65 -7.60
N LEU C 247 -71.03 11.12 -8.12
CA LEU C 247 -71.66 11.62 -9.34
C LEU C 247 -72.48 12.86 -9.10
N GLY C 248 -72.86 13.09 -7.85
CA GLY C 248 -73.82 14.16 -7.49
C GLY C 248 -75.06 14.12 -8.37
N LYS C 249 -75.45 15.27 -8.89
CA LYS C 249 -76.53 15.35 -9.85
C LYS C 249 -75.98 15.74 -11.22
N ASP C 250 -74.71 15.45 -11.47
CA ASP C 250 -74.09 15.86 -12.72
C ASP C 250 -74.60 15.07 -13.92
N ASN C 251 -74.68 15.75 -15.06
CA ASN C 251 -74.96 15.03 -16.29
C ASN C 251 -73.64 14.74 -16.99
N ILE C 252 -73.70 14.05 -18.12
CA ILE C 252 -72.51 13.62 -18.84
C ILE C 252 -71.50 14.78 -19.05
N GLU C 253 -71.98 15.90 -19.54
CA GLU C 253 -71.10 17.02 -19.90
C GLU C 253 -70.27 17.50 -18.72
N GLN C 254 -70.92 17.72 -17.57
CA GLN C 254 -70.24 18.23 -16.36
C GLN C 254 -69.30 17.19 -15.76
N LEU C 255 -69.75 15.94 -15.72
CA LEU C 255 -68.86 14.87 -15.27
C LEU C 255 -67.69 14.68 -16.22
N ALA C 256 -67.94 14.85 -17.52
CA ALA C 256 -66.85 14.76 -18.49
C ALA C 256 -65.77 15.80 -18.16
N GLN C 257 -66.23 17.04 -17.94
CA GLN C 257 -65.35 18.18 -17.70
C GLN C 257 -64.54 17.99 -16.41
N LYS C 258 -65.17 17.49 -15.36
CA LYS C 258 -64.48 17.22 -14.10
C LYS C 258 -63.41 16.14 -14.26
N GLY C 259 -63.68 15.10 -15.04
CA GLY C 259 -62.65 14.11 -15.33
C GLY C 259 -61.51 14.74 -16.13
N LYS C 260 -61.86 15.50 -17.16
CA LYS C 260 -60.87 16.22 -17.95
C LYS C 260 -59.98 17.10 -17.07
N ASP C 261 -60.63 17.86 -16.19
CA ASP C 261 -59.92 18.71 -15.24
C ASP C 261 -58.99 17.90 -14.37
N ALA C 262 -59.49 16.80 -13.83
CA ALA C 262 -58.68 15.92 -12.99
C ALA C 262 -57.47 15.37 -13.77
N TRP C 263 -57.68 15.01 -15.02
CA TRP C 263 -56.55 14.48 -15.76
C TRP C 263 -55.54 15.60 -16.05
N ASN C 264 -56.01 16.75 -16.53
CA ASN C 264 -55.11 17.90 -16.75
C ASN C 264 -54.34 18.34 -15.53
N GLN C 265 -54.88 18.12 -14.35
CA GLN C 265 -54.16 18.58 -13.18
C GLN C 265 -52.90 17.73 -12.97
N VAL C 266 -53.01 16.41 -13.17
CA VAL C 266 -51.83 15.57 -13.02
C VAL C 266 -50.93 15.61 -14.25
N LEU C 267 -51.53 15.66 -15.44
CA LEU C 267 -50.77 15.64 -16.68
C LEU C 267 -49.94 16.92 -16.83
N GLY C 268 -50.54 18.03 -16.41
CA GLY C 268 -49.92 19.34 -16.59
C GLY C 268 -48.76 19.57 -15.65
N LYS C 269 -48.52 18.65 -14.72
CA LYS C 269 -47.36 18.75 -13.88
C LYS C 269 -46.09 18.73 -14.75
N ILE C 270 -46.22 18.26 -15.98
CA ILE C 270 -45.11 18.21 -16.96
C ILE C 270 -45.55 18.76 -18.32
N GLU C 271 -45.06 19.93 -18.68
CA GLU C 271 -45.36 20.53 -19.96
C GLU C 271 -44.18 20.37 -20.91
N VAL C 272 -44.41 19.72 -22.05
CA VAL C 272 -43.38 19.59 -23.07
C VAL C 272 -43.74 20.49 -24.25
N GLU C 273 -42.75 21.14 -24.83
CA GLU C 273 -42.95 21.97 -26.02
C GLU C 273 -41.85 21.69 -27.02
N GLY C 274 -42.09 22.04 -28.27
CA GLY C 274 -41.04 21.94 -29.27
C GLY C 274 -40.76 20.50 -29.63
N GLY C 275 -41.83 19.74 -29.85
CA GLY C 275 -41.73 18.43 -30.46
C GLY C 275 -42.76 18.31 -31.55
N ASN C 276 -42.97 17.10 -32.06
CA ASN C 276 -43.98 16.95 -33.07
C ASN C 276 -45.20 16.24 -32.45
N LEU C 277 -46.32 16.25 -33.18
CA LEU C 277 -47.55 15.64 -32.67
C LEU C 277 -47.34 14.20 -32.18
N ASP C 278 -46.55 13.40 -32.90
CA ASP C 278 -46.40 11.99 -32.53
C ASP C 278 -45.84 11.94 -31.11
N GLN C 279 -44.86 12.80 -30.88
CA GLN C 279 -44.14 12.82 -29.63
C GLN C 279 -44.99 13.31 -28.48
N TYR C 280 -45.84 14.30 -28.71
CA TYR C 280 -46.76 14.76 -27.67
C TYR C 280 -47.73 13.62 -27.32
N ARG C 281 -48.27 13.00 -28.36
CA ARG C 281 -49.19 11.85 -28.14
C ARG C 281 -48.53 10.70 -27.41
N THR C 282 -47.34 10.31 -27.83
CA THR C 282 -46.69 9.22 -27.11
C THR C 282 -46.43 9.64 -25.68
N PHE C 283 -45.89 10.85 -25.52
CA PHE C 283 -45.54 11.32 -24.18
C PHE C 283 -46.73 11.32 -23.20
N TYR C 284 -47.85 11.93 -23.59
CA TYR C 284 -48.95 12.04 -22.65
C TYR C 284 -49.76 10.73 -22.53
N SER C 285 -49.73 9.91 -23.58
CA SER C 285 -50.37 8.61 -23.46
C SER C 285 -49.61 7.84 -22.40
N CYS C 286 -48.30 7.87 -22.51
CA CYS C 286 -47.43 7.23 -21.52
C CYS C 286 -47.60 7.82 -20.10
N LEU C 287 -47.75 9.13 -20.01
CA LEU C 287 -47.98 9.74 -18.69
C LEU C 287 -49.32 9.27 -18.14
N TYR C 288 -50.34 9.28 -18.99
CA TYR C 288 -51.63 8.80 -18.53
C TYR C 288 -51.53 7.37 -18.00
N ARG C 289 -50.87 6.48 -18.75
CA ARG C 289 -50.69 5.09 -18.33
C ARG C 289 -49.88 4.93 -17.03
N SER C 290 -49.09 5.94 -16.69
CA SER C 290 -48.27 5.92 -15.47
C SER C 290 -49.01 6.38 -14.21
N LEU C 291 -50.28 6.75 -14.34
CA LEU C 291 -51.04 7.31 -13.23
C LEU C 291 -52.32 6.53 -13.00
N LEU C 292 -52.28 5.23 -13.30
CA LEU C 292 -53.43 4.33 -13.14
C LEU C 292 -53.24 3.26 -12.08
N PHE C 293 -52.03 2.69 -11.98
CA PHE C 293 -51.78 1.56 -11.11
C PHE C 293 -50.59 1.91 -10.23
N PRO C 294 -50.55 1.40 -8.98
CA PRO C 294 -51.59 0.61 -8.34
C PRO C 294 -52.84 1.45 -8.11
N ARG C 295 -54.02 0.82 -8.22
CA ARG C 295 -55.29 1.56 -8.07
C ARG C 295 -55.63 1.83 -6.61
N LYS C 296 -56.39 2.90 -6.33
CA LYS C 296 -56.96 3.07 -5.00
C LYS C 296 -57.82 1.85 -4.71
N PHE C 297 -57.73 1.31 -3.50
CA PHE C 297 -58.57 0.18 -3.11
C PHE C 297 -59.24 0.56 -1.81
N TYR C 298 -59.38 1.86 -1.58
CA TYR C 298 -60.01 2.34 -0.35
C TYR C 298 -61.24 3.17 -0.68
N GLU C 299 -62.10 3.35 0.31
CA GLU C 299 -63.40 3.98 0.07
C GLU C 299 -63.65 4.98 1.20
N LEU C 300 -64.58 5.92 1.00
CA LEU C 300 -64.74 7.01 1.97
C LEU C 300 -65.91 6.76 2.91
N ASP C 301 -65.64 6.68 4.21
CA ASP C 301 -66.72 6.48 5.20
C ASP C 301 -67.51 7.78 5.42
N ALA C 302 -68.58 7.71 6.23
CA ALA C 302 -69.46 8.88 6.48
C ALA C 302 -68.70 10.15 6.89
N ASN C 303 -67.55 9.98 7.54
CA ASN C 303 -66.76 11.16 7.90
C ASN C 303 -65.70 11.53 6.88
N GLY C 304 -65.75 10.89 5.72
CA GLY C 304 -64.77 11.16 4.68
C GLY C 304 -63.42 10.53 5.03
N GLN C 305 -63.41 9.54 5.91
CA GLN C 305 -62.12 8.91 6.23
C GLN C 305 -61.92 7.66 5.38
N PRO C 306 -60.68 7.39 4.99
CA PRO C 306 -60.37 6.21 4.18
C PRO C 306 -60.61 4.94 4.97
N ILE C 307 -61.38 4.02 4.40
CA ILE C 307 -61.52 2.67 4.93
C ILE C 307 -61.36 1.69 3.76
N HIS C 308 -61.06 0.43 4.01
CA HIS C 308 -60.96 -0.50 2.90
C HIS C 308 -61.29 -1.91 3.28
N TYR C 309 -61.92 -2.61 2.33
CA TYR C 309 -61.92 -4.06 2.33
C TYR C 309 -60.50 -4.54 2.17
N SER C 310 -60.07 -5.49 3.01
CA SER C 310 -58.76 -6.12 2.87
C SER C 310 -58.79 -7.28 1.90
N PRO C 311 -58.08 -7.15 0.77
CA PRO C 311 -58.02 -8.28 -0.16
C PRO C 311 -57.09 -9.32 0.40
N TYR C 312 -56.58 -9.08 1.60
CA TYR C 312 -55.61 -9.99 2.20
C TYR C 312 -56.24 -10.86 3.28
N ASN C 313 -57.13 -10.27 4.10
CA ASN C 313 -57.79 -11.03 5.17
C ASN C 313 -59.31 -10.87 5.22
N GLY C 314 -59.87 -10.22 4.21
CA GLY C 314 -61.31 -10.04 4.06
C GLY C 314 -62.03 -9.18 5.09
N GLN C 315 -61.31 -8.58 6.04
CA GLN C 315 -61.97 -7.67 6.99
C GLN C 315 -62.10 -6.30 6.34
N VAL C 316 -62.86 -5.42 6.99
CA VAL C 316 -62.99 -4.04 6.54
C VAL C 316 -62.30 -3.19 7.59
N LEU C 317 -61.30 -2.42 7.16
CA LEU C 317 -60.34 -1.80 8.05
C LEU C 317 -60.09 -0.34 7.75
N PRO C 318 -59.74 0.44 8.78
CA PRO C 318 -59.41 1.83 8.50
C PRO C 318 -58.08 1.97 7.74
N GLY C 319 -57.95 3.04 6.96
CA GLY C 319 -56.65 3.34 6.32
C GLY C 319 -56.61 3.15 4.81
N TYR C 320 -55.49 3.53 4.21
CA TYR C 320 -55.27 3.40 2.78
C TYR C 320 -54.95 1.97 2.38
N MET C 321 -55.29 1.62 1.14
CA MET C 321 -54.94 0.34 0.52
C MET C 321 -54.91 0.61 -0.98
N PHE C 322 -53.91 0.06 -1.67
CA PHE C 322 -53.86 0.17 -3.14
C PHE C 322 -53.52 -1.23 -3.61
N THR C 323 -53.74 -1.52 -4.89
CA THR C 323 -53.38 -2.83 -5.40
C THR C 323 -53.30 -2.83 -6.92
N ASP C 324 -53.12 -4.03 -7.50
CA ASP C 324 -52.90 -4.22 -8.94
C ASP C 324 -51.58 -3.59 -9.48
N THR C 325 -50.47 -3.99 -8.89
CA THR C 325 -49.20 -3.71 -9.51
C THR C 325 -48.23 -4.83 -9.10
N GLY C 326 -47.27 -5.09 -9.97
CA GLY C 326 -46.19 -6.01 -9.68
C GLY C 326 -44.88 -5.26 -9.62
N PHE C 327 -44.26 -5.23 -8.44
CA PHE C 327 -43.04 -4.44 -8.25
C PHE C 327 -41.89 -4.90 -9.12
N TRP C 328 -41.92 -6.18 -9.54
CA TRP C 328 -40.89 -6.70 -10.43
C TRP C 328 -40.85 -5.83 -11.66
N ASP C 329 -42.00 -5.32 -12.06
CA ASP C 329 -42.06 -4.31 -13.13
C ASP C 329 -41.80 -2.93 -12.60
N THR C 330 -42.56 -2.55 -11.58
CA THR C 330 -42.77 -1.12 -11.31
C THR C 330 -41.77 -0.46 -10.37
N PHE C 331 -40.88 -1.23 -9.77
CA PHE C 331 -39.84 -0.63 -8.95
C PHE C 331 -38.87 0.19 -9.81
N ARG C 332 -38.75 -0.20 -11.07
CA ARG C 332 -37.70 0.34 -11.90
C ARG C 332 -37.78 1.86 -12.17
N CYS C 333 -38.93 2.34 -12.62
CA CYS C 333 -39.05 3.78 -12.81
C CYS C 333 -40.47 4.34 -12.63
N LEU C 334 -41.46 3.46 -12.51
CA LEU C 334 -42.85 3.87 -12.25
C LEU C 334 -43.01 4.51 -10.85
N PHE C 335 -42.60 3.83 -9.81
CA PHE C 335 -42.72 4.40 -8.47
C PHE C 335 -41.77 5.55 -8.30
N PRO C 336 -40.56 5.43 -8.86
CA PRO C 336 -39.72 6.62 -8.81
C PRO C 336 -40.41 7.80 -9.49
N LEU C 337 -41.14 7.58 -10.58
CA LEU C 337 -41.85 8.72 -11.17
C LEU C 337 -42.78 9.38 -10.16
N LEU C 338 -43.49 8.59 -9.38
CA LEU C 338 -44.36 9.13 -8.33
C LEU C 338 -43.57 9.93 -7.30
N ASN C 339 -42.42 9.39 -6.88
CA ASN C 339 -41.61 10.09 -5.87
C ASN C 339 -41.08 11.44 -6.35
N LEU C 340 -40.88 11.55 -7.66
CA LEU C 340 -40.47 12.83 -8.22
C LEU C 340 -41.66 13.80 -8.38
N MET C 341 -42.71 13.34 -9.07
CA MET C 341 -43.77 14.26 -9.49
C MET C 341 -45.07 14.19 -8.72
N TYR C 342 -45.31 13.10 -8.00
CA TYR C 342 -46.58 12.95 -7.27
C TYR C 342 -46.39 12.29 -5.90
N PRO C 343 -45.48 12.82 -5.07
CA PRO C 343 -45.10 12.15 -3.84
C PRO C 343 -46.26 12.09 -2.82
N SER C 344 -47.14 13.08 -2.83
CA SER C 344 -48.36 13.00 -2.00
C SER C 344 -49.20 11.73 -2.33
N VAL C 345 -49.13 11.27 -3.56
CA VAL C 345 -49.84 10.05 -3.92
C VAL C 345 -49.10 8.78 -3.48
N ASN C 346 -47.79 8.74 -3.65
CA ASN C 346 -47.03 7.57 -3.18
C ASN C 346 -47.12 7.46 -1.66
N LYS C 347 -47.40 8.58 -0.99
CA LYS C 347 -47.51 8.57 0.46
C LYS C 347 -48.71 7.71 0.86
N GLU C 348 -49.82 7.86 0.15
CA GLU C 348 -50.97 7.02 0.42
C GLU C 348 -50.64 5.57 0.15
N MET C 349 -49.94 5.31 -0.96
CA MET C 349 -49.68 3.93 -1.38
C MET C 349 -48.76 3.29 -0.37
N GLN C 350 -47.73 4.02 0.05
CA GLN C 350 -46.80 3.47 1.02
C GLN C 350 -47.54 3.15 2.33
N GLU C 351 -48.45 4.03 2.76
CA GLU C 351 -49.29 3.70 3.92
C GLU C 351 -50.10 2.42 3.59
N GLY C 352 -50.56 2.29 2.35
CA GLY C 352 -51.27 1.08 1.93
C GLY C 352 -50.35 -0.13 2.13
N LEU C 353 -49.08 0.05 1.79
CA LEU C 353 -48.13 -1.02 1.90
C LEU C 353 -47.93 -1.47 3.38
N ILE C 354 -47.86 -0.52 4.31
CA ILE C 354 -47.81 -0.89 5.71
C ILE C 354 -49.03 -1.76 6.03
N ASN C 355 -50.20 -1.34 5.53
CA ASN C 355 -51.43 -2.11 5.79
C ASN C 355 -51.46 -3.52 5.19
N THR C 356 -50.87 -3.70 4.00
CA THR C 356 -50.77 -5.01 3.39
C THR C 356 -49.95 -5.96 4.28
N TYR C 357 -48.90 -5.41 4.87
CA TYR C 357 -48.05 -6.21 5.76
C TYR C 357 -48.76 -6.56 7.06
N LEU C 358 -49.40 -5.56 7.68
CA LEU C 358 -50.16 -5.78 8.92
C LEU C 358 -51.26 -6.81 8.70
N GLU C 359 -51.88 -6.80 7.51
CA GLU C 359 -53.06 -7.63 7.24
C GLU C 359 -52.75 -9.03 6.73
N SER C 360 -51.57 -9.21 6.14
CA SER C 360 -51.21 -10.48 5.47
C SER C 360 -49.93 -11.16 6.02
N GLY C 361 -49.10 -10.42 6.72
CA GLY C 361 -47.80 -10.94 7.17
C GLY C 361 -46.61 -10.60 6.29
N PHE C 362 -46.88 -10.18 5.05
CA PHE C 362 -45.82 -9.88 4.06
C PHE C 362 -46.10 -8.59 3.30
N PHE C 363 -45.05 -7.87 2.94
CA PHE C 363 -45.20 -6.89 1.88
C PHE C 363 -45.50 -7.66 0.60
N PRO C 364 -46.26 -7.03 -0.34
CA PRO C 364 -46.61 -7.68 -1.58
C PRO C 364 -45.46 -7.55 -2.57
N GLU C 365 -45.41 -8.45 -3.54
CA GLU C 365 -44.56 -8.27 -4.71
C GLU C 365 -45.48 -8.04 -5.92
N TRP C 366 -46.25 -9.05 -6.31
CA TRP C 366 -47.35 -8.87 -7.23
C TRP C 366 -48.66 -9.02 -6.45
N ALA C 367 -49.55 -8.02 -6.55
CA ALA C 367 -50.85 -8.09 -5.90
C ALA C 367 -51.99 -7.74 -6.85
N SER C 368 -53.03 -8.56 -6.84
CA SER C 368 -54.16 -8.34 -7.72
C SER C 368 -55.34 -9.24 -7.36
N PRO C 369 -56.19 -8.78 -6.43
CA PRO C 369 -56.01 -7.61 -5.57
C PRO C 369 -55.17 -8.00 -4.35
N GLY C 370 -55.19 -9.28 -3.99
CA GLY C 370 -54.34 -9.82 -2.92
C GLY C 370 -53.06 -10.43 -3.47
N HIS C 371 -52.31 -11.19 -2.65
CA HIS C 371 -51.05 -11.78 -3.16
C HIS C 371 -51.25 -12.75 -4.33
N ARG C 372 -50.52 -12.54 -5.41
CA ARG C 372 -50.65 -13.40 -6.57
C ARG C 372 -49.28 -13.94 -6.94
N GLY C 373 -49.23 -15.16 -7.46
CA GLY C 373 -47.96 -15.78 -7.84
C GLY C 373 -47.53 -15.43 -9.24
N CYS C 374 -46.50 -14.58 -9.35
CA CYS C 374 -46.05 -14.07 -10.63
C CYS C 374 -44.71 -13.33 -10.47
N MET C 375 -43.81 -13.50 -11.45
CA MET C 375 -42.48 -12.91 -11.44
C MET C 375 -41.67 -13.27 -10.17
N VAL C 376 -40.60 -12.52 -9.92
CA VAL C 376 -39.63 -12.88 -8.89
C VAL C 376 -39.07 -11.66 -8.15
N GLY C 377 -38.21 -11.91 -7.18
CA GLY C 377 -37.55 -10.83 -6.47
C GLY C 377 -38.24 -10.35 -5.21
N ASN C 378 -37.58 -9.45 -4.50
CA ASN C 378 -38.12 -8.92 -3.27
C ASN C 378 -38.07 -7.40 -3.43
N ASN C 379 -38.49 -6.92 -4.60
CA ASN C 379 -38.31 -5.51 -4.96
C ASN C 379 -39.26 -4.55 -4.24
N SER C 380 -40.14 -5.08 -3.39
CA SER C 380 -40.84 -4.25 -2.45
C SER C 380 -39.82 -3.44 -1.63
N ALA C 381 -38.66 -4.03 -1.32
CA ALA C 381 -37.64 -3.29 -0.58
C ALA C 381 -37.22 -2.00 -1.26
N SER C 382 -37.05 -2.04 -2.58
CA SER C 382 -36.67 -0.87 -3.34
C SER C 382 -37.80 0.17 -3.29
N ILE C 383 -39.01 -0.30 -3.55
CA ILE C 383 -40.20 0.54 -3.49
C ILE C 383 -40.22 1.31 -2.15
N LEU C 384 -40.12 0.58 -1.05
CA LEU C 384 -40.31 1.17 0.28
C LEU C 384 -39.16 2.11 0.63
N VAL C 385 -37.94 1.67 0.31
CA VAL C 385 -36.74 2.44 0.64
C VAL C 385 -36.57 3.66 -0.27
N ASP C 386 -36.84 3.51 -1.57
CA ASP C 386 -36.76 4.65 -2.46
C ASP C 386 -37.69 5.75 -1.97
N ALA C 387 -38.90 5.38 -1.55
CA ALA C 387 -39.85 6.37 -1.02
C ALA C 387 -39.31 7.09 0.23
N TYR C 388 -38.88 6.31 1.23
CA TYR C 388 -38.39 6.89 2.49
C TYR C 388 -37.22 7.85 2.27
N MET C 389 -36.23 7.42 1.48
CA MET C 389 -35.07 8.25 1.18
C MET C 389 -35.42 9.50 0.38
N LYS C 390 -36.57 9.51 -0.26
CA LYS C 390 -36.99 10.67 -1.04
C LYS C 390 -38.01 11.53 -0.31
N GLY C 391 -38.19 11.26 0.98
CA GLY C 391 -39.05 12.12 1.82
C GLY C 391 -40.49 11.64 1.93
N VAL C 392 -40.80 10.53 1.28
CA VAL C 392 -42.13 9.97 1.38
C VAL C 392 -42.09 8.96 2.50
N LYS C 393 -42.39 9.44 3.71
CA LYS C 393 -42.16 8.68 4.93
C LYS C 393 -43.46 8.19 5.58
N VAL C 394 -43.57 6.88 5.76
CA VAL C 394 -44.74 6.33 6.42
C VAL C 394 -44.68 6.70 7.89
N ASP C 395 -45.83 6.72 8.55
CA ASP C 395 -45.89 7.13 9.94
C ASP C 395 -45.17 6.13 10.86
N ASP C 396 -45.35 4.84 10.58
CA ASP C 396 -44.85 3.79 11.49
C ASP C 396 -43.60 3.17 10.93
N ILE C 397 -42.48 3.85 11.16
CA ILE C 397 -41.24 3.43 10.57
C ILE C 397 -40.74 2.10 11.16
N LYS C 398 -41.16 1.79 12.37
CA LYS C 398 -40.72 0.56 13.05
C LYS C 398 -41.29 -0.65 12.35
N THR C 399 -42.59 -0.59 12.06
CA THR C 399 -43.30 -1.64 11.31
C THR C 399 -42.70 -1.82 9.91
N LEU C 400 -42.38 -0.70 9.26
CA LEU C 400 -41.70 -0.71 7.96
C LEU C 400 -40.46 -1.59 8.02
N TYR C 401 -39.54 -1.24 8.92
CA TYR C 401 -38.28 -1.97 9.00
C TYR C 401 -38.48 -3.45 9.33
N GLU C 402 -39.40 -3.73 10.27
CA GLU C 402 -39.68 -5.11 10.64
C GLU C 402 -40.22 -5.92 9.45
N GLY C 403 -41.12 -5.31 8.70
CA GLY C 403 -41.65 -5.92 7.49
C GLY C 403 -40.56 -6.23 6.47
N LEU C 404 -39.61 -5.31 6.30
CA LEU C 404 -38.50 -5.55 5.37
C LEU C 404 -37.65 -6.73 5.83
N ILE C 405 -37.34 -6.76 7.13
CA ILE C 405 -36.54 -7.86 7.66
C ILE C 405 -37.25 -9.20 7.51
N HIS C 406 -38.54 -9.23 7.86
CA HIS C 406 -39.35 -10.44 7.77
C HIS C 406 -39.33 -11.01 6.36
N GLY C 407 -39.32 -10.14 5.35
CA GLY C 407 -39.32 -10.58 3.96
C GLY C 407 -38.01 -11.20 3.49
N THR C 408 -36.91 -10.93 4.20
CA THR C 408 -35.61 -11.46 3.78
C THR C 408 -35.44 -12.87 4.26
N GLU C 409 -36.30 -13.34 5.14
CA GLU C 409 -36.11 -14.67 5.69
C GLU C 409 -37.37 -15.51 5.84
N ASN C 410 -38.37 -15.22 5.02
CA ASN C 410 -39.60 -16.02 4.90
C ASN C 410 -40.09 -15.94 3.47
N VAL C 411 -40.88 -16.94 3.09
CA VAL C 411 -41.54 -16.98 1.81
C VAL C 411 -42.96 -17.31 2.16
N HIS C 412 -43.90 -16.64 1.50
CA HIS C 412 -45.31 -16.92 1.72
C HIS C 412 -45.54 -18.38 1.37
N PRO C 413 -46.27 -19.11 2.22
CA PRO C 413 -46.46 -20.53 1.95
C PRO C 413 -47.41 -20.82 0.77
N GLU C 414 -48.28 -19.88 0.42
CA GLU C 414 -49.20 -20.09 -0.70
C GLU C 414 -48.68 -19.46 -2.02
N VAL C 415 -48.00 -18.34 -1.90
CA VAL C 415 -47.59 -17.57 -3.08
C VAL C 415 -46.06 -17.44 -3.06
N SER C 416 -45.40 -18.20 -3.91
CA SER C 416 -43.95 -18.35 -3.82
C SER C 416 -43.22 -17.09 -4.24
N SER C 417 -43.93 -16.16 -4.89
CA SER C 417 -43.34 -14.89 -5.29
C SER C 417 -43.52 -13.81 -4.22
N THR C 418 -44.09 -14.19 -3.07
CA THR C 418 -44.25 -13.25 -1.97
C THR C 418 -43.28 -13.65 -0.85
N GLY C 419 -42.50 -12.69 -0.36
CA GLY C 419 -41.31 -13.02 0.41
C GLY C 419 -40.23 -13.54 -0.52
N ARG C 420 -39.18 -14.14 0.03
CA ARG C 420 -38.06 -14.61 -0.79
C ARG C 420 -38.01 -16.12 -0.93
N LEU C 421 -38.55 -16.64 -2.03
CA LEU C 421 -38.29 -18.03 -2.41
C LEU C 421 -36.78 -18.26 -2.46
N GLY C 422 -36.31 -19.33 -1.82
CA GLY C 422 -34.88 -19.64 -1.74
C GLY C 422 -34.01 -18.83 -0.76
N TYR C 423 -34.62 -18.06 0.13
CA TYR C 423 -33.84 -17.24 1.04
C TYR C 423 -32.85 -18.10 1.82
N GLU C 424 -33.25 -19.32 2.06
CA GLU C 424 -32.49 -20.31 2.79
C GLU C 424 -31.10 -20.48 2.13
N TYR C 425 -31.08 -20.91 0.87
CA TYR C 425 -29.82 -21.03 0.12
C TYR C 425 -29.14 -19.69 -0.04
N TYR C 426 -29.90 -18.63 -0.32
CA TYR C 426 -29.33 -17.34 -0.58
C TYR C 426 -28.55 -16.79 0.63
N ASN C 427 -29.16 -16.86 1.81
CA ASN C 427 -28.51 -16.40 3.04
C ASN C 427 -27.25 -17.20 3.38
N LYS C 428 -27.27 -18.50 3.09
CA LYS C 428 -26.15 -19.37 3.39
C LYS C 428 -25.01 -19.28 2.36
N LEU C 429 -25.36 -19.46 1.09
CA LEU C 429 -24.36 -19.59 0.03
C LEU C 429 -24.09 -18.29 -0.71
N GLY C 430 -24.99 -17.31 -0.58
CA GLY C 430 -24.83 -16.05 -1.31
C GLY C 430 -25.46 -16.09 -2.70
N TYR C 431 -26.22 -17.15 -2.98
CA TYR C 431 -26.95 -17.25 -4.22
C TYR C 431 -28.01 -18.37 -4.14
N VAL C 432 -29.08 -18.25 -4.94
CA VAL C 432 -30.01 -19.35 -5.12
C VAL C 432 -29.43 -20.25 -6.19
N PRO C 433 -29.18 -21.53 -5.85
CA PRO C 433 -28.53 -22.43 -6.81
C PRO C 433 -29.37 -22.74 -8.05
N TYR C 434 -28.70 -23.27 -9.06
CA TYR C 434 -29.33 -23.64 -10.33
C TYR C 434 -30.03 -25.00 -10.32
N ASP C 435 -29.67 -25.90 -9.40
CA ASP C 435 -30.13 -27.29 -9.46
C ASP C 435 -30.79 -27.74 -8.17
N VAL C 436 -31.62 -26.88 -7.60
CA VAL C 436 -32.34 -27.23 -6.39
C VAL C 436 -33.84 -26.97 -6.55
N LYS C 437 -34.30 -27.14 -7.78
CA LYS C 437 -35.73 -27.04 -8.10
C LYS C 437 -36.30 -25.64 -7.84
N ILE C 438 -35.44 -24.62 -7.79
CA ILE C 438 -35.95 -23.26 -7.72
C ILE C 438 -35.66 -22.52 -9.02
N ASN C 439 -36.65 -22.49 -9.91
CA ASN C 439 -36.51 -21.86 -11.20
C ASN C 439 -36.27 -20.35 -11.11
N GLU C 440 -35.66 -19.81 -12.16
CA GLU C 440 -35.33 -18.40 -12.24
C GLU C 440 -34.43 -18.00 -11.05
N ASN C 441 -33.48 -18.88 -10.74
CA ASN C 441 -32.59 -18.71 -9.58
C ASN C 441 -31.59 -17.54 -9.72
N ALA C 442 -30.96 -17.41 -10.89
CA ALA C 442 -30.04 -16.29 -11.12
C ALA C 442 -30.73 -14.91 -11.03
N ALA C 443 -31.91 -14.82 -11.67
CA ALA C 443 -32.70 -13.58 -11.64
C ALA C 443 -33.10 -13.23 -10.21
N ARG C 444 -33.50 -14.23 -9.43
CA ARG C 444 -33.81 -13.96 -8.02
C ARG C 444 -32.59 -13.49 -7.24
N THR C 445 -31.44 -14.09 -7.55
CA THR C 445 -30.23 -13.79 -6.82
C THR C 445 -29.80 -12.34 -7.08
N LEU C 446 -29.87 -11.93 -8.35
CA LEU C 446 -29.41 -10.62 -8.74
C LEU C 446 -30.33 -9.58 -8.16
N GLU C 447 -31.63 -9.86 -8.15
CA GLU C 447 -32.53 -8.88 -7.60
C GLU C 447 -32.45 -8.86 -6.07
N TYR C 448 -32.33 -10.02 -5.43
CA TYR C 448 -32.11 -10.05 -3.99
C TYR C 448 -30.94 -9.16 -3.61
N ALA C 449 -29.83 -9.25 -4.34
CA ALA C 449 -28.65 -8.46 -3.97
C ALA C 449 -28.96 -6.96 -4.00
N TYR C 450 -29.62 -6.50 -5.05
CA TYR C 450 -30.01 -5.11 -5.09
C TYR C 450 -31.02 -4.79 -3.98
N ASP C 451 -31.97 -5.68 -3.74
CA ASP C 451 -32.93 -5.44 -2.67
C ASP C 451 -32.20 -5.39 -1.34
N ASP C 452 -31.12 -6.16 -1.18
CA ASP C 452 -30.37 -6.12 0.09
C ASP C 452 -29.58 -4.83 0.21
N TRP C 453 -29.06 -4.32 -0.90
CA TRP C 453 -28.47 -3.00 -0.90
C TRP C 453 -29.47 -1.94 -0.44
N CYS C 454 -30.73 -2.07 -0.86
CA CYS C 454 -31.76 -1.12 -0.48
C CYS C 454 -31.98 -1.16 1.02
N ILE C 455 -32.20 -2.35 1.55
CA ILE C 455 -32.27 -2.53 2.98
C ILE C 455 -31.05 -1.95 3.71
N TYR C 456 -29.83 -2.25 3.24
CA TYR C 456 -28.62 -1.60 3.77
C TYR C 456 -28.73 -0.08 3.91
N ARG C 457 -29.12 0.60 2.84
CA ARG C 457 -29.31 2.05 2.88
C ARG C 457 -30.25 2.50 4.01
N LEU C 458 -31.42 1.88 4.12
CA LEU C 458 -32.35 2.24 5.17
C LEU C 458 -31.80 1.92 6.56
N ALA C 459 -31.13 0.78 6.70
CA ALA C 459 -30.58 0.37 8.00
C ALA C 459 -29.57 1.41 8.45
N LYS C 460 -28.72 1.84 7.52
CA LYS C 460 -27.74 2.89 7.78
C LYS C 460 -28.43 4.21 8.16
N GLU C 461 -29.43 4.60 7.37
CA GLU C 461 -30.17 5.83 7.61
C GLU C 461 -30.84 5.84 8.99
N LEU C 462 -31.36 4.67 9.37
CA LEU C 462 -32.09 4.52 10.63
C LEU C 462 -31.16 4.24 11.81
N LYS C 463 -29.86 4.32 11.59
CA LYS C 463 -28.95 4.13 12.70
C LYS C 463 -29.09 2.76 13.35
N ARG C 464 -29.39 1.71 12.56
CA ARG C 464 -29.47 0.34 13.08
C ARG C 464 -28.10 -0.14 13.57
N PRO C 465 -28.08 -1.26 14.31
CA PRO C 465 -26.81 -1.79 14.84
C PRO C 465 -25.81 -2.16 13.74
N LYS C 466 -24.53 -1.86 13.97
CA LYS C 466 -23.49 -2.10 12.97
C LYS C 466 -23.52 -3.53 12.40
N LYS C 467 -23.85 -4.52 13.21
CA LYS C 467 -23.93 -5.91 12.74
C LYS C 467 -24.98 -6.09 11.64
N GLU C 468 -26.14 -5.46 11.82
CA GLU C 468 -27.19 -5.51 10.82
C GLU C 468 -26.76 -4.82 9.53
N ILE C 469 -26.23 -3.60 9.67
CA ILE C 469 -25.81 -2.83 8.51
C ILE C 469 -24.78 -3.64 7.70
N SER C 470 -23.86 -4.29 8.43
CA SER C 470 -22.79 -5.08 7.82
C SER C 470 -23.35 -6.28 7.07
N LEU C 471 -24.38 -6.88 7.62
CA LEU C 471 -24.94 -8.06 7.01
C LEU C 471 -25.51 -7.73 5.63
N PHE C 472 -26.28 -6.65 5.53
CA PHE C 472 -26.85 -6.24 4.25
C PHE C 472 -25.84 -5.63 3.29
N ALA C 473 -24.83 -4.96 3.81
CA ALA C 473 -23.70 -4.54 3.00
C ALA C 473 -23.09 -5.76 2.30
N LYS C 474 -22.88 -6.83 3.06
CA LYS C 474 -22.36 -8.09 2.52
C LYS C 474 -23.29 -8.66 1.45
N ARG C 475 -24.57 -8.80 1.78
CA ARG C 475 -25.51 -9.37 0.83
C ARG C 475 -25.69 -8.52 -0.43
N ALA C 476 -25.56 -7.21 -0.29
CA ALA C 476 -25.60 -6.34 -1.46
C ALA C 476 -24.59 -6.78 -2.53
N MET C 477 -23.49 -7.40 -2.09
CA MET C 477 -22.44 -7.83 -3.01
C MET C 477 -22.66 -9.22 -3.61
N ASN C 478 -23.74 -9.90 -3.23
CA ASN C 478 -23.96 -11.27 -3.72
C ASN C 478 -24.05 -11.47 -5.24
N TYR C 479 -24.43 -10.43 -5.99
CA TYR C 479 -24.46 -10.55 -7.46
C TYR C 479 -23.17 -11.18 -8.03
N LYS C 480 -22.05 -10.90 -7.40
CA LYS C 480 -20.77 -11.45 -7.87
C LYS C 480 -20.76 -12.99 -7.85
N ASN C 481 -21.56 -13.59 -7.01
CA ASN C 481 -21.52 -15.05 -6.90
C ASN C 481 -21.98 -15.79 -8.16
N LEU C 482 -22.58 -15.04 -9.10
CA LEU C 482 -23.13 -15.61 -10.33
C LEU C 482 -22.42 -15.09 -11.57
N PHE C 483 -21.37 -14.31 -11.33
CA PHE C 483 -20.62 -13.79 -12.44
C PHE C 483 -19.52 -14.77 -12.87
N ASP C 484 -19.47 -15.06 -14.16
CA ASP C 484 -18.56 -16.08 -14.72
C ASP C 484 -17.48 -15.37 -15.56
N LYS C 485 -16.23 -15.38 -15.08
CA LYS C 485 -15.12 -14.70 -15.75
C LYS C 485 -15.01 -15.22 -17.16
N GLU C 486 -15.32 -16.49 -17.34
CA GLU C 486 -15.14 -17.17 -18.62
C GLU C 486 -16.01 -16.52 -19.73
N SER C 487 -17.30 -16.36 -19.48
CA SER C 487 -18.18 -15.79 -20.49
C SER C 487 -18.26 -14.27 -20.37
N LYS C 488 -17.91 -13.76 -19.20
CA LYS C 488 -18.10 -12.35 -18.90
C LYS C 488 -19.55 -12.00 -18.66
N LEU C 489 -20.35 -13.01 -18.34
CA LEU C 489 -21.77 -12.79 -18.11
C LEU C 489 -22.22 -13.48 -16.84
N MET C 490 -23.44 -13.18 -16.39
CA MET C 490 -24.07 -13.87 -15.27
C MET C 490 -24.54 -15.26 -15.71
N ARG C 491 -24.41 -16.24 -14.82
CA ARG C 491 -24.55 -17.64 -15.20
C ARG C 491 -25.08 -18.46 -14.03
N GLY C 492 -26.04 -19.34 -14.30
CA GLY C 492 -26.56 -20.18 -13.22
C GLY C 492 -25.42 -20.93 -12.57
N ARG C 493 -25.53 -21.11 -11.24
CA ARG C 493 -24.52 -21.77 -10.43
C ARG C 493 -25.13 -22.90 -9.61
N ASN C 494 -24.54 -24.08 -9.71
CA ASN C 494 -24.98 -25.26 -8.95
C ASN C 494 -24.81 -25.09 -7.45
N GLU C 495 -25.48 -25.97 -6.71
CA GLU C 495 -25.44 -25.88 -5.26
C GLU C 495 -24.03 -26.15 -4.78
N ASP C 496 -23.28 -26.95 -5.53
CA ASP C 496 -21.95 -27.35 -5.08
C ASP C 496 -20.86 -26.34 -5.50
N GLY C 497 -21.23 -25.15 -5.97
CA GLY C 497 -20.22 -24.13 -6.30
C GLY C 497 -19.87 -24.07 -7.79
N THR C 498 -19.95 -25.19 -8.48
CA THR C 498 -19.64 -25.19 -9.91
C THR C 498 -20.71 -24.47 -10.76
N PHE C 499 -20.26 -23.70 -11.75
CA PHE C 499 -21.18 -23.09 -12.70
C PHE C 499 -21.88 -24.17 -13.56
N GLN C 500 -23.16 -23.93 -13.90
CA GLN C 500 -23.92 -24.95 -14.63
C GLN C 500 -23.45 -25.04 -16.07
N SER C 501 -23.51 -26.25 -16.62
CA SER C 501 -23.11 -26.47 -18.00
C SER C 501 -24.02 -27.53 -18.57
N PRO C 502 -24.22 -27.50 -19.88
CA PRO C 502 -23.63 -26.44 -20.68
C PRO C 502 -24.39 -25.12 -20.51
N PHE C 503 -23.69 -24.02 -20.75
CA PHE C 503 -24.22 -22.70 -20.56
C PHE C 503 -24.47 -22.08 -21.92
N SER C 504 -25.68 -21.53 -22.13
CA SER C 504 -25.88 -20.61 -23.27
C SER C 504 -26.43 -19.28 -22.79
N PRO C 505 -25.74 -18.20 -23.14
CA PRO C 505 -26.23 -16.87 -22.89
C PRO C 505 -27.54 -16.62 -23.62
N LEU C 506 -27.86 -17.43 -24.61
CA LEU C 506 -29.05 -17.17 -25.40
C LEU C 506 -30.23 -18.01 -24.94
N LYS C 507 -30.03 -18.77 -23.86
CA LYS C 507 -31.15 -19.54 -23.33
C LYS C 507 -32.06 -18.69 -22.43
N TRP C 508 -33.33 -18.60 -22.81
CA TRP C 508 -34.29 -17.82 -22.05
C TRP C 508 -34.88 -18.60 -20.86
N GLY C 509 -35.38 -17.88 -19.87
CA GLY C 509 -36.01 -18.50 -18.70
C GLY C 509 -35.00 -19.37 -17.92
N ASP C 510 -35.48 -20.45 -17.32
CA ASP C 510 -34.62 -21.40 -16.58
C ASP C 510 -33.90 -20.69 -15.44
N ALA C 511 -32.66 -20.27 -15.64
CA ALA C 511 -31.98 -19.49 -14.58
C ALA C 511 -32.50 -18.04 -14.51
N PHE C 512 -33.07 -17.56 -15.60
CA PHE C 512 -33.47 -16.17 -15.69
C PHE C 512 -34.96 -16.01 -15.88
N THR C 513 -35.41 -14.76 -15.78
CA THR C 513 -36.84 -14.46 -15.84
C THR C 513 -37.11 -13.59 -17.04
N GLU C 514 -38.03 -14.02 -17.90
CA GLU C 514 -38.45 -13.18 -19.02
C GLU C 514 -37.33 -12.80 -20.00
N GLY C 515 -36.23 -13.54 -20.02
CA GLY C 515 -35.09 -13.14 -20.83
C GLY C 515 -33.93 -14.10 -20.61
N ASN C 516 -32.76 -13.74 -21.12
CA ASN C 516 -31.63 -14.64 -21.07
C ASN C 516 -30.46 -13.93 -20.36
N SER C 517 -29.26 -14.49 -20.39
CA SER C 517 -28.15 -13.88 -19.65
C SER C 517 -27.77 -12.53 -20.25
N TRP C 518 -27.84 -12.41 -21.58
CA TRP C 518 -27.61 -11.10 -22.22
C TRP C 518 -28.54 -10.02 -21.71
N HIS C 519 -29.72 -10.40 -21.26
CA HIS C 519 -30.64 -9.40 -20.69
C HIS C 519 -30.38 -9.12 -19.20
N TYR C 520 -30.11 -10.17 -18.42
CA TYR C 520 -30.04 -10.07 -16.95
C TYR C 520 -28.69 -9.68 -16.37
N THR C 521 -27.63 -9.77 -17.16
CA THR C 521 -26.29 -9.55 -16.62
C THR C 521 -26.14 -8.13 -16.06
N TRP C 522 -26.92 -7.19 -16.60
CA TRP C 522 -26.79 -5.76 -16.29
C TRP C 522 -27.49 -5.35 -15.01
N SER C 523 -28.15 -6.31 -14.37
CA SER C 523 -28.98 -6.02 -13.20
C SER C 523 -28.15 -5.85 -11.94
N VAL C 524 -27.33 -4.80 -11.93
CA VAL C 524 -26.55 -4.51 -10.75
C VAL C 524 -26.70 -3.02 -10.54
N PHE C 525 -27.95 -2.58 -10.38
CA PHE C 525 -28.30 -1.15 -10.29
C PHE C 525 -27.46 -0.36 -9.30
N HIS C 526 -27.07 -1.00 -8.21
CA HIS C 526 -26.41 -0.28 -7.11
C HIS C 526 -24.89 -0.27 -7.20
N ASP C 527 -24.32 -0.94 -8.20
CA ASP C 527 -22.84 -1.06 -8.30
C ASP C 527 -22.42 -1.34 -9.73
N PRO C 528 -22.79 -0.45 -10.67
CA PRO C 528 -22.33 -0.73 -12.02
C PRO C 528 -20.79 -0.72 -12.10
N GLN C 529 -20.12 0.09 -11.29
CA GLN C 529 -18.65 0.10 -11.36
C GLN C 529 -18.10 -1.28 -10.99
N GLY C 530 -18.70 -1.90 -9.97
CA GLY C 530 -18.37 -3.28 -9.60
C GLY C 530 -18.53 -4.22 -10.79
N LEU C 531 -19.60 -4.05 -11.55
CA LEU C 531 -19.81 -4.91 -12.73
C LEU C 531 -18.75 -4.63 -13.80
N ILE C 532 -18.47 -3.34 -13.99
CA ILE C 532 -17.43 -2.95 -14.92
C ILE C 532 -16.10 -3.53 -14.53
N ASP C 533 -15.81 -3.54 -13.23
CA ASP C 533 -14.56 -4.10 -12.73
C ASP C 533 -14.53 -5.62 -12.97
N LEU C 534 -15.69 -6.29 -12.92
CA LEU C 534 -15.73 -7.72 -13.24
C LEU C 534 -15.60 -8.01 -14.75
N MET C 535 -16.07 -7.07 -15.57
CA MET C 535 -16.25 -7.36 -16.98
C MET C 535 -15.04 -6.91 -17.78
N GLY C 536 -13.90 -6.78 -17.12
CA GLY C 536 -12.66 -6.51 -17.80
C GLY C 536 -12.32 -5.05 -17.85
N GLY C 537 -13.03 -4.22 -17.10
CA GLY C 537 -12.75 -2.78 -17.11
C GLY C 537 -13.67 -2.08 -18.09
N LYS C 538 -13.64 -0.75 -18.08
CA LYS C 538 -14.63 0.03 -18.81
C LYS C 538 -14.65 -0.17 -20.34
N GLU C 539 -13.50 -0.34 -20.98
CA GLU C 539 -13.52 -0.55 -22.44
C GLU C 539 -14.13 -1.90 -22.78
N MET C 540 -13.77 -2.92 -22.01
CA MET C 540 -14.31 -4.25 -22.30
C MET C 540 -15.80 -4.28 -21.97
N PHE C 541 -16.19 -3.60 -20.89
CA PHE C 541 -17.57 -3.50 -20.49
C PHE C 541 -18.36 -2.91 -21.65
N VAL C 542 -17.84 -1.84 -22.24
CA VAL C 542 -18.50 -1.14 -23.33
C VAL C 542 -18.56 -2.00 -24.60
N THR C 543 -17.50 -2.76 -24.85
CA THR C 543 -17.50 -3.67 -25.98
C THR C 543 -18.64 -4.68 -25.80
N MET C 544 -18.83 -5.16 -24.56
CA MET C 544 -19.87 -6.15 -24.25
C MET C 544 -21.25 -5.58 -24.48
N MET C 545 -21.47 -4.32 -24.04
CA MET C 545 -22.77 -3.66 -24.20
C MET C 545 -23.08 -3.43 -25.67
N ASP C 546 -22.12 -2.86 -26.39
CA ASP C 546 -22.27 -2.66 -27.83
C ASP C 546 -22.65 -3.97 -28.53
N SER C 547 -22.17 -5.09 -27.99
CA SER C 547 -22.40 -6.38 -28.64
C SER C 547 -23.86 -6.88 -28.49
N VAL C 548 -24.55 -6.43 -27.44
CA VAL C 548 -25.96 -6.77 -27.28
C VAL C 548 -26.75 -6.28 -28.48
N PHE C 549 -26.39 -5.12 -29.02
CA PHE C 549 -27.09 -4.63 -30.22
C PHE C 549 -26.74 -5.38 -31.51
N ALA C 550 -25.60 -6.06 -31.52
CA ALA C 550 -25.07 -6.67 -32.73
C ALA C 550 -25.30 -8.18 -32.86
N VAL C 551 -25.64 -8.85 -31.76
CA VAL C 551 -25.79 -10.31 -31.80
C VAL C 551 -27.15 -10.69 -32.32
N PRO C 552 -27.18 -11.57 -33.34
CA PRO C 552 -28.42 -11.98 -33.97
C PRO C 552 -29.33 -12.51 -32.87
N PRO C 553 -30.63 -12.34 -33.03
CA PRO C 553 -31.52 -12.72 -31.95
C PRO C 553 -31.88 -14.21 -31.97
N ILE C 554 -30.92 -15.11 -32.13
CA ILE C 554 -31.28 -16.53 -32.02
C ILE C 554 -31.54 -16.80 -30.54
N PHE C 555 -32.27 -17.88 -30.26
CA PHE C 555 -32.72 -18.12 -28.92
C PHE C 555 -32.92 -19.61 -28.66
N ASP C 556 -32.82 -19.97 -27.40
CA ASP C 556 -33.29 -21.26 -26.96
C ASP C 556 -34.55 -21.05 -26.12
N ASP C 557 -35.66 -21.62 -26.57
CA ASP C 557 -36.94 -21.46 -25.85
C ASP C 557 -37.44 -22.73 -25.14
N SER C 558 -36.57 -23.72 -24.94
CA SER C 558 -37.00 -25.01 -24.35
C SER C 558 -37.64 -24.90 -22.95
N TYR C 559 -37.25 -23.92 -22.16
CA TYR C 559 -37.87 -23.74 -20.87
C TYR C 559 -39.37 -23.42 -21.02
N TYR C 560 -39.75 -22.74 -22.10
CA TYR C 560 -41.15 -22.34 -22.26
C TYR C 560 -41.97 -23.31 -23.11
N GLY C 561 -41.31 -23.92 -24.09
CA GLY C 561 -41.93 -24.90 -24.98
C GLY C 561 -42.61 -24.26 -26.18
N GLN C 562 -42.38 -22.97 -26.38
CA GLN C 562 -42.96 -22.24 -27.53
C GLN C 562 -42.28 -20.88 -27.62
N VAL C 563 -42.44 -20.22 -28.76
CA VAL C 563 -41.92 -18.88 -28.93
C VAL C 563 -42.88 -17.93 -28.23
N ILE C 564 -42.67 -17.71 -26.94
CA ILE C 564 -43.56 -16.81 -26.23
C ILE C 564 -43.40 -15.42 -26.86
N HIS C 565 -44.42 -14.59 -26.77
CA HIS C 565 -44.39 -13.25 -27.36
C HIS C 565 -43.16 -12.42 -26.96
N GLU C 566 -42.66 -12.53 -25.73
CA GLU C 566 -41.43 -11.80 -25.40
C GLU C 566 -40.26 -12.11 -26.36
N ILE C 567 -40.10 -13.38 -26.74
CA ILE C 567 -39.00 -13.74 -27.63
C ILE C 567 -39.27 -13.19 -29.02
N ARG C 568 -40.51 -13.35 -29.48
CA ARG C 568 -40.86 -12.92 -30.81
C ARG C 568 -40.64 -11.41 -30.92
N GLU C 569 -41.04 -10.70 -29.88
CA GLU C 569 -40.85 -9.25 -29.81
C GLU C 569 -39.37 -8.86 -29.93
N MET C 570 -38.50 -9.50 -29.16
CA MET C 570 -37.09 -9.30 -29.39
C MET C 570 -36.71 -9.51 -30.88
N THR C 571 -37.20 -10.55 -31.52
CA THR C 571 -36.68 -10.86 -32.86
C THR C 571 -37.11 -9.83 -33.89
N VAL C 572 -38.34 -9.34 -33.80
CA VAL C 572 -38.87 -8.52 -34.89
C VAL C 572 -38.30 -7.10 -34.95
N MET C 573 -37.67 -6.64 -33.86
CA MET C 573 -37.24 -5.23 -33.76
C MET C 573 -35.93 -4.92 -34.42
N ASN C 574 -35.17 -5.94 -34.77
CA ASN C 574 -33.90 -5.69 -35.44
C ASN C 574 -32.89 -4.92 -34.56
N MET C 575 -32.92 -5.13 -33.25
CA MET C 575 -31.92 -4.50 -32.38
C MET C 575 -31.06 -5.55 -31.66
N GLY C 576 -30.77 -6.64 -32.34
CA GLY C 576 -30.01 -7.75 -31.73
C GLY C 576 -30.75 -8.41 -30.59
N ASN C 577 -30.09 -8.55 -29.45
CA ASN C 577 -30.75 -9.06 -28.28
C ASN C 577 -31.27 -7.91 -27.41
N TYR C 578 -31.20 -6.67 -27.91
CA TYR C 578 -31.78 -5.59 -27.10
C TYR C 578 -33.31 -5.60 -27.20
N ALA C 579 -33.97 -6.08 -26.17
CA ALA C 579 -35.43 -6.17 -26.22
C ALA C 579 -36.03 -5.16 -25.25
N HIS C 580 -36.50 -4.03 -25.78
CA HIS C 580 -36.87 -2.95 -24.89
C HIS C 580 -38.07 -3.27 -24.01
N GLY C 581 -38.94 -4.18 -24.43
CA GLY C 581 -40.06 -4.60 -23.59
C GLY C 581 -39.61 -5.39 -22.37
N ASN C 582 -38.40 -5.92 -22.44
CA ASN C 582 -37.88 -6.72 -21.36
C ASN C 582 -37.43 -5.85 -20.16
N GLN C 583 -38.23 -5.85 -19.09
CA GLN C 583 -37.99 -4.96 -17.96
C GLN C 583 -36.55 -4.97 -17.44
N PRO C 584 -35.96 -6.15 -17.28
CA PRO C 584 -34.60 -6.17 -16.72
C PRO C 584 -33.58 -5.36 -17.53
N ILE C 585 -33.81 -5.19 -18.84
CA ILE C 585 -32.79 -4.53 -19.64
C ILE C 585 -33.14 -3.06 -19.85
N GLN C 586 -34.24 -2.59 -19.27
CA GLN C 586 -34.70 -1.25 -19.58
C GLN C 586 -33.77 -0.15 -19.09
N HIS C 587 -32.94 -0.43 -18.10
CA HIS C 587 -31.98 0.58 -17.63
C HIS C 587 -30.59 0.45 -18.30
N MET C 588 -30.37 -0.67 -19.00
CA MET C 588 -29.07 -1.01 -19.57
C MET C 588 -28.38 0.13 -20.33
N ILE C 589 -29.10 0.76 -21.25
CA ILE C 589 -28.47 1.75 -22.08
C ILE C 589 -27.87 2.92 -21.27
N TYR C 590 -28.49 3.27 -20.14
CA TYR C 590 -27.97 4.32 -19.26
C TYR C 590 -26.60 3.95 -18.66
N LEU C 591 -26.30 2.66 -18.60
CA LEU C 591 -25.02 2.21 -18.07
C LEU C 591 -23.83 2.71 -18.91
N TYR C 592 -24.05 3.07 -20.17
CA TYR C 592 -22.94 3.62 -20.94
C TYR C 592 -22.32 4.79 -20.15
N ASP C 593 -23.16 5.55 -19.43
CA ASP C 593 -22.67 6.70 -18.66
C ASP C 593 -21.59 6.28 -17.69
N TYR C 594 -21.85 5.20 -16.96
CA TYR C 594 -20.92 4.76 -15.91
C TYR C 594 -19.55 4.30 -16.44
N ALA C 595 -19.47 3.95 -17.72
CA ALA C 595 -18.18 3.52 -18.26
C ALA C 595 -17.48 4.65 -19.04
N GLY C 596 -18.01 5.86 -18.94
CA GLY C 596 -17.37 7.05 -19.51
C GLY C 596 -17.70 7.32 -20.97
N GLN C 597 -18.82 6.79 -21.46
CA GLN C 597 -19.24 7.04 -22.85
C GLN C 597 -20.74 7.35 -22.95
N PRO C 598 -21.17 8.45 -22.32
CA PRO C 598 -22.56 8.85 -22.32
C PRO C 598 -23.09 9.15 -23.73
N TRP C 599 -22.18 9.48 -24.66
CA TRP C 599 -22.58 9.69 -26.06
C TRP C 599 -23.27 8.46 -26.66
N LYS C 600 -22.81 7.27 -26.28
CA LYS C 600 -23.47 6.05 -26.70
C LYS C 600 -24.87 5.88 -26.13
N ALA C 601 -25.08 6.31 -24.90
CA ALA C 601 -26.43 6.26 -24.34
C ALA C 601 -27.30 7.22 -25.14
N GLN C 602 -26.78 8.42 -25.37
CA GLN C 602 -27.49 9.42 -26.11
C GLN C 602 -27.95 8.87 -27.46
N TYR C 603 -27.08 8.14 -28.15
CA TYR C 603 -27.45 7.48 -29.42
C TYR C 603 -28.58 6.47 -29.27
N TRP C 604 -28.37 5.49 -28.40
CA TRP C 604 -29.28 4.34 -28.34
C TRP C 604 -30.63 4.72 -27.70
N LEU C 605 -30.58 5.60 -26.69
CA LEU C 605 -31.83 6.08 -26.08
C LEU C 605 -32.69 6.80 -27.12
N ARG C 606 -32.08 7.60 -27.99
CA ARG C 606 -32.86 8.29 -28.99
C ARG C 606 -33.44 7.29 -29.97
N GLN C 607 -32.62 6.34 -30.43
CA GLN C 607 -33.15 5.22 -31.23
C GLN C 607 -34.38 4.60 -30.55
N VAL C 608 -34.22 4.19 -29.29
CA VAL C 608 -35.33 3.52 -28.59
C VAL C 608 -36.57 4.43 -28.55
N MET C 609 -36.38 5.67 -28.10
CA MET C 609 -37.51 6.59 -28.03
C MET C 609 -38.19 6.77 -29.37
N ASP C 610 -37.39 6.82 -30.44
CA ASP C 610 -37.93 7.10 -31.78
C ASP C 610 -38.57 5.83 -32.39
N ARG C 611 -38.01 4.67 -32.07
CA ARG C 611 -38.42 3.51 -32.85
C ARG C 611 -39.39 2.58 -32.15
N MET C 612 -39.17 2.36 -30.86
CA MET C 612 -39.90 1.36 -30.05
C MET C 612 -41.21 1.86 -29.45
N TYR C 613 -41.49 3.15 -29.61
CA TYR C 613 -42.75 3.71 -29.15
C TYR C 613 -43.38 4.50 -30.30
N THR C 614 -44.64 4.22 -30.59
CA THR C 614 -45.43 5.05 -31.50
C THR C 614 -46.78 5.32 -30.84
N PRO C 615 -47.53 6.34 -31.33
CA PRO C 615 -48.76 6.78 -30.66
C PRO C 615 -50.03 6.01 -31.05
N GLY C 616 -49.93 5.06 -31.97
CA GLY C 616 -51.12 4.43 -32.49
C GLY C 616 -51.57 3.28 -31.64
N PRO C 617 -52.62 2.58 -32.09
CA PRO C 617 -53.16 1.42 -31.36
C PRO C 617 -52.10 0.33 -31.05
N ASP C 618 -51.10 0.18 -31.92
CA ASP C 618 -50.04 -0.79 -31.69
C ASP C 618 -48.77 -0.06 -31.24
N GLY C 619 -48.95 0.90 -30.34
CA GLY C 619 -47.89 1.80 -29.92
C GLY C 619 -46.64 1.30 -29.21
N TYR C 620 -46.76 0.29 -28.36
CA TYR C 620 -45.61 -0.19 -27.61
C TYR C 620 -44.87 -1.32 -28.33
N CYS C 621 -43.70 -1.69 -27.81
CA CYS C 621 -42.90 -2.76 -28.38
C CYS C 621 -43.04 -4.05 -27.57
N GLY C 622 -43.96 -4.07 -26.61
CA GLY C 622 -44.15 -5.23 -25.75
C GLY C 622 -45.04 -4.78 -24.63
N ASP C 623 -45.17 -5.59 -23.60
CA ASP C 623 -46.12 -5.30 -22.55
C ASP C 623 -45.81 -3.99 -21.87
N GLU C 624 -46.87 -3.23 -21.59
CA GLU C 624 -46.76 -1.91 -20.98
C GLU C 624 -46.51 -2.01 -19.44
N ASP C 625 -47.22 -2.94 -18.78
CA ASP C 625 -46.98 -3.28 -17.37
C ASP C 625 -47.20 -2.15 -16.35
N ASN C 626 -48.40 -1.57 -16.36
CA ASN C 626 -48.93 -0.82 -15.22
C ASN C 626 -48.09 0.40 -14.94
N GLY C 627 -47.60 0.96 -16.05
CA GLY C 627 -46.91 2.22 -16.09
C GLY C 627 -45.41 2.11 -16.30
N GLN C 628 -44.84 0.92 -16.14
CA GLN C 628 -43.39 0.79 -16.21
C GLN C 628 -42.84 1.15 -17.60
N THR C 629 -43.29 0.46 -18.63
CA THR C 629 -42.81 0.75 -19.95
C THR C 629 -43.16 2.19 -20.37
N SER C 630 -44.29 2.72 -19.87
CA SER C 630 -44.68 4.10 -20.15
C SER C 630 -43.80 5.11 -19.40
N ALA C 631 -43.67 4.91 -18.09
CA ALA C 631 -42.86 5.83 -17.32
C ALA C 631 -41.40 5.85 -17.82
N TRP C 632 -40.94 4.74 -18.39
CA TRP C 632 -39.61 4.75 -19.04
C TRP C 632 -39.50 5.88 -20.06
N TYR C 633 -40.53 5.99 -20.90
CA TYR C 633 -40.52 7.01 -21.94
C TYR C 633 -40.66 8.40 -21.33
N VAL C 634 -41.48 8.54 -20.28
CA VAL C 634 -41.70 9.85 -19.64
C VAL C 634 -40.35 10.30 -19.13
N PHE C 635 -39.72 9.49 -18.29
CA PHE C 635 -38.38 9.80 -17.81
C PHE C 635 -37.41 10.08 -18.97
N SER C 636 -37.31 9.14 -19.90
CA SER C 636 -36.29 9.23 -20.94
C SER C 636 -36.47 10.42 -21.85
N ALA C 637 -37.72 10.80 -22.12
CA ALA C 637 -38.00 11.95 -22.95
C ALA C 637 -37.62 13.26 -22.24
N LEU C 638 -37.59 13.21 -20.92
CA LEU C 638 -37.16 14.37 -20.14
C LEU C 638 -35.63 14.48 -20.15
N GLY C 639 -34.98 13.33 -20.37
CA GLY C 639 -33.54 13.26 -20.54
C GLY C 639 -32.80 12.61 -19.38
N PHE C 640 -33.48 11.88 -18.49
CA PHE C 640 -32.79 11.23 -17.37
C PHE C 640 -33.60 10.11 -16.73
N TYR C 641 -32.98 9.28 -15.89
CA TYR C 641 -33.62 8.01 -15.49
C TYR C 641 -33.11 7.52 -14.14
N PRO C 642 -34.03 7.10 -13.25
CA PRO C 642 -33.62 6.53 -11.96
C PRO C 642 -33.07 5.13 -12.12
N VAL C 643 -31.82 5.02 -12.56
CA VAL C 643 -31.23 3.70 -12.76
C VAL C 643 -31.34 2.91 -11.48
N CYS C 644 -31.10 3.58 -10.35
CA CYS C 644 -31.00 2.89 -9.08
C CYS C 644 -31.85 3.59 -8.04
N PRO C 645 -33.13 3.23 -7.97
CA PRO C 645 -33.98 3.74 -6.89
C PRO C 645 -33.40 3.33 -5.56
N GLY C 646 -33.52 4.18 -4.55
CA GLY C 646 -32.79 3.99 -3.31
C GLY C 646 -31.64 4.99 -3.21
N THR C 647 -31.19 5.52 -4.35
CA THR C 647 -30.28 6.67 -4.33
C THR C 647 -31.12 7.90 -4.64
N ASP C 648 -30.50 9.08 -4.55
CA ASP C 648 -31.16 10.31 -4.92
C ASP C 648 -30.88 10.71 -6.38
N GLU C 649 -30.43 9.77 -7.20
CA GLU C 649 -29.91 10.15 -8.52
C GLU C 649 -30.81 9.79 -9.70
N TYR C 650 -30.76 10.61 -10.73
CA TYR C 650 -31.36 10.29 -12.01
C TYR C 650 -30.23 10.34 -13.01
N VAL C 651 -29.98 9.22 -13.70
CA VAL C 651 -28.82 9.14 -14.58
C VAL C 651 -29.13 9.76 -15.92
N MET C 652 -28.17 10.49 -16.49
CA MET C 652 -28.44 11.30 -17.66
C MET C 652 -28.52 10.49 -18.97
N GLY C 653 -29.50 10.83 -19.80
CA GLY C 653 -29.63 10.26 -21.13
C GLY C 653 -29.63 11.39 -22.14
N THR C 654 -30.73 11.56 -22.86
CA THR C 654 -30.85 12.64 -23.82
C THR C 654 -32.30 13.08 -24.00
N PRO C 655 -32.56 14.39 -23.86
CA PRO C 655 -33.92 14.93 -23.87
C PRO C 655 -34.55 14.88 -25.23
N LEU C 656 -35.86 14.63 -25.26
CA LEU C 656 -36.57 14.45 -26.52
C LEU C 656 -37.06 15.77 -27.06
N PHE C 657 -37.43 16.68 -26.16
CA PHE C 657 -38.13 17.91 -26.54
C PHE C 657 -37.24 19.19 -26.46
N LYS C 658 -37.65 20.25 -27.14
CA LYS C 658 -36.91 21.51 -27.08
C LYS C 658 -37.08 22.14 -25.69
N LYS C 659 -38.20 21.84 -25.03
CA LYS C 659 -38.45 22.36 -23.71
C LYS C 659 -39.42 21.49 -22.91
N ALA C 660 -39.05 21.23 -21.65
CA ALA C 660 -39.90 20.52 -20.72
C ALA C 660 -39.87 21.25 -19.38
N THR C 661 -41.04 21.54 -18.83
CA THR C 661 -41.14 22.18 -17.53
C THR C 661 -41.81 21.24 -16.56
N LEU C 662 -41.12 20.97 -15.44
CA LEU C 662 -41.67 20.17 -14.33
C LEU C 662 -42.19 21.08 -13.20
N HIS C 663 -43.41 20.83 -12.76
CA HIS C 663 -44.00 21.59 -11.67
C HIS C 663 -44.12 20.64 -10.51
N PHE C 664 -43.26 20.79 -9.51
CA PHE C 664 -43.26 19.92 -8.35
C PHE C 664 -44.34 20.27 -7.34
N GLU C 665 -44.66 19.32 -6.46
CA GLU C 665 -45.71 19.53 -5.47
C GLU C 665 -45.34 20.59 -4.44
N ASN C 666 -44.05 20.91 -4.35
CA ASN C 666 -43.55 21.85 -3.37
C ASN C 666 -43.69 23.29 -3.87
N GLY C 667 -44.17 23.43 -5.10
CA GLY C 667 -44.45 24.75 -5.65
C GLY C 667 -43.33 25.35 -6.48
N ASN C 668 -42.18 24.67 -6.52
CA ASN C 668 -41.09 25.05 -7.43
C ASN C 668 -41.23 24.38 -8.78
N SER C 669 -40.67 25.02 -9.81
CA SER C 669 -40.69 24.49 -11.17
C SER C 669 -39.26 24.42 -11.68
N LEU C 670 -39.01 23.48 -12.57
CA LEU C 670 -37.72 23.34 -13.16
C LEU C 670 -37.86 23.27 -14.68
N VAL C 671 -37.07 24.08 -15.40
CA VAL C 671 -37.11 24.09 -16.85
C VAL C 671 -35.91 23.37 -17.48
N ILE C 672 -36.14 22.42 -18.37
CA ILE C 672 -35.07 21.80 -19.17
C ILE C 672 -35.07 22.39 -20.57
N ASP C 673 -34.14 23.32 -20.83
CA ASP C 673 -34.04 24.03 -22.09
C ASP C 673 -33.07 23.37 -23.05
N ALA C 674 -33.61 22.84 -24.14
CA ALA C 674 -32.81 22.22 -25.18
C ALA C 674 -33.19 22.80 -26.55
N PRO C 675 -32.95 24.11 -26.75
CA PRO C 675 -33.51 24.81 -27.90
C PRO C 675 -32.98 24.32 -29.23
N ASN C 676 -31.80 23.72 -29.23
CA ASN C 676 -31.22 23.23 -30.49
C ASN C 676 -31.57 21.75 -30.75
N ASN C 677 -32.48 21.21 -29.94
CA ASN C 677 -32.86 19.83 -30.09
C ASN C 677 -33.53 19.58 -31.44
N SER C 678 -33.27 18.40 -32.03
CA SER C 678 -33.88 18.04 -33.32
C SER C 678 -33.77 16.53 -33.57
N THR C 679 -34.36 16.06 -34.65
CA THR C 679 -34.13 14.68 -35.06
C THR C 679 -32.66 14.34 -35.15
N GLU C 680 -31.83 15.29 -35.62
CA GLU C 680 -30.40 15.01 -35.84
C GLU C 680 -29.55 15.38 -34.64
N ASN C 681 -29.97 16.37 -33.88
CA ASN C 681 -29.19 16.81 -32.73
C ASN C 681 -29.57 16.12 -31.42
N PHE C 682 -29.19 14.86 -31.29
CA PHE C 682 -29.54 14.07 -30.13
C PHE C 682 -28.40 13.84 -29.14
N TYR C 683 -27.19 14.32 -29.46
CA TYR C 683 -26.07 14.30 -28.50
C TYR C 683 -26.08 15.54 -27.62
N ILE C 684 -25.58 15.39 -26.40
CA ILE C 684 -25.42 16.49 -25.47
C ILE C 684 -23.98 17.02 -25.58
N ASP C 685 -23.82 18.22 -26.11
CA ASP C 685 -22.49 18.83 -26.17
C ASP C 685 -22.06 19.41 -24.81
N SER C 686 -22.99 20.06 -24.11
CA SER C 686 -22.77 20.45 -22.71
C SER C 686 -24.08 20.73 -21.99
N MET C 687 -24.00 20.87 -20.68
CA MET C 687 -25.12 21.22 -19.81
C MET C 687 -24.69 22.26 -18.81
N SER C 688 -25.66 23.03 -18.34
CA SER C 688 -25.45 23.89 -17.19
C SER C 688 -26.69 23.79 -16.32
N PHE C 689 -26.50 23.99 -15.02
CA PHE C 689 -27.57 23.83 -14.03
C PHE C 689 -27.64 25.14 -13.25
N ASN C 690 -28.60 25.99 -13.59
CA ASN C 690 -28.69 27.32 -13.00
C ASN C 690 -27.38 28.07 -13.15
N GLY C 691 -26.92 28.16 -14.39
CA GLY C 691 -25.72 28.94 -14.74
C GLY C 691 -24.42 28.22 -14.46
N ALA C 692 -24.48 27.12 -13.71
CA ALA C 692 -23.26 26.41 -13.35
C ALA C 692 -23.05 25.22 -14.26
N ASP C 693 -21.79 24.97 -14.60
CA ASP C 693 -21.47 23.91 -15.50
C ASP C 693 -21.88 22.56 -14.92
N HIS C 694 -22.45 21.71 -15.75
CA HIS C 694 -22.82 20.37 -15.26
C HIS C 694 -22.25 19.32 -16.20
N THR C 695 -21.09 18.79 -15.84
CA THR C 695 -20.47 17.76 -16.70
C THR C 695 -20.81 16.35 -16.20
N LYS C 696 -21.46 16.26 -15.05
CA LYS C 696 -21.83 14.96 -14.47
C LYS C 696 -22.88 14.22 -15.28
N ASN C 697 -22.85 12.89 -15.20
CA ASN C 697 -23.83 12.06 -15.90
C ASN C 697 -25.07 11.80 -15.08
N TYR C 698 -25.34 12.66 -14.09
CA TYR C 698 -26.51 12.47 -13.25
C TYR C 698 -26.97 13.77 -12.57
N LEU C 699 -28.20 13.74 -12.07
CA LEU C 699 -28.78 14.89 -11.37
C LEU C 699 -29.32 14.36 -10.08
N ARG C 700 -29.35 15.20 -9.06
CA ARG C 700 -29.85 14.81 -7.73
C ARG C 700 -31.27 15.30 -7.44
N HIS C 701 -32.04 14.42 -6.80
CA HIS C 701 -33.40 14.70 -6.40
C HIS C 701 -33.52 16.07 -5.71
N GLU C 702 -32.72 16.26 -4.67
CA GLU C 702 -32.79 17.49 -3.87
C GLU C 702 -32.57 18.71 -4.75
N ASP C 703 -31.72 18.57 -5.76
CA ASP C 703 -31.39 19.69 -6.65
C ASP C 703 -32.54 19.98 -7.61
N LEU C 704 -33.11 18.94 -8.20
CA LEU C 704 -34.25 19.16 -9.09
C LEU C 704 -35.31 19.91 -8.33
N PHE C 705 -35.54 19.49 -7.09
CA PHE C 705 -36.60 20.02 -6.25
C PHE C 705 -36.46 21.50 -5.89
N LYS C 706 -35.26 22.06 -6.05
CA LYS C 706 -35.01 23.47 -5.77
C LYS C 706 -35.42 24.33 -6.94
N GLY C 707 -35.53 23.71 -8.11
CA GLY C 707 -36.09 24.40 -9.25
C GLY C 707 -35.12 25.29 -10.02
N GLY C 708 -35.65 25.98 -11.01
CA GLY C 708 -34.80 26.83 -11.86
C GLY C 708 -34.73 26.34 -13.28
N THR C 709 -33.52 26.32 -13.83
CA THR C 709 -33.32 26.03 -15.23
C THR C 709 -32.08 25.17 -15.48
N ILE C 710 -32.26 24.10 -16.24
CA ILE C 710 -31.15 23.32 -16.75
C ILE C 710 -31.08 23.53 -18.25
N LYS C 711 -29.93 23.95 -18.74
CA LYS C 711 -29.78 24.18 -20.15
C LYS C 711 -28.94 23.06 -20.79
N VAL C 712 -29.44 22.51 -21.89
CA VAL C 712 -28.81 21.38 -22.55
C VAL C 712 -28.47 21.81 -23.95
N ASP C 713 -27.18 21.86 -24.30
CA ASP C 713 -26.74 22.25 -25.64
C ASP C 713 -26.68 21.02 -26.54
N MET C 714 -27.62 20.87 -27.45
CA MET C 714 -27.73 19.65 -28.27
C MET C 714 -26.87 19.75 -29.53
N SER C 715 -26.35 18.63 -30.01
CA SER C 715 -25.51 18.61 -31.20
C SER C 715 -25.71 17.32 -32.03
N ASN C 716 -25.34 17.37 -33.31
CA ASN C 716 -25.37 16.18 -34.14
C ASN C 716 -24.07 15.39 -34.11
N ARG C 717 -23.13 15.80 -33.27
CA ARG C 717 -21.85 15.11 -33.11
C ARG C 717 -21.64 14.81 -31.65
N PRO C 718 -21.08 13.64 -31.34
CA PRO C 718 -20.85 13.32 -29.94
C PRO C 718 -19.75 14.19 -29.37
N ASN C 719 -19.75 14.37 -28.07
CA ASN C 719 -18.66 15.02 -27.37
C ASN C 719 -17.90 13.98 -26.59
N LEU C 720 -16.77 13.54 -27.14
CA LEU C 720 -16.03 12.43 -26.56
C LEU C 720 -15.41 12.80 -25.23
N ASN C 721 -15.43 14.08 -24.90
CA ASN C 721 -14.77 14.58 -23.71
C ASN C 721 -15.66 14.87 -22.52
N ARG C 722 -16.94 15.14 -22.78
CA ARG C 722 -17.83 15.43 -21.70
C ARG C 722 -18.25 14.15 -20.98
N GLY C 723 -18.15 14.16 -19.66
CA GLY C 723 -18.70 13.11 -18.82
C GLY C 723 -17.84 11.88 -18.67
N THR C 724 -16.53 12.01 -18.91
CA THR C 724 -15.63 10.86 -18.86
C THR C 724 -14.87 10.80 -17.56
N LYS C 725 -15.05 11.81 -16.71
CA LYS C 725 -14.25 11.93 -15.48
C LYS C 725 -14.85 11.14 -14.32
N GLU C 726 -13.98 10.67 -13.42
CA GLU C 726 -14.45 9.85 -12.30
C GLU C 726 -15.54 10.56 -11.50
N GLU C 727 -15.45 11.88 -11.42
CA GLU C 727 -16.37 12.65 -10.59
C GLU C 727 -17.68 12.93 -11.32
N ASP C 728 -17.70 12.64 -12.62
CA ASP C 728 -18.90 12.72 -13.43
C ASP C 728 -19.82 11.50 -13.28
N MET C 729 -19.34 10.47 -12.58
CA MET C 729 -20.02 9.17 -12.59
C MET C 729 -21.11 9.09 -11.52
N PRO C 730 -22.24 8.46 -11.88
CA PRO C 730 -23.26 8.24 -10.87
C PRO C 730 -22.75 7.25 -9.83
N TYR C 731 -23.60 6.98 -8.86
CA TYR C 731 -23.27 6.19 -7.70
C TYR C 731 -22.98 4.73 -8.04
N SER C 732 -21.96 4.17 -7.37
CA SER C 732 -21.76 2.74 -7.25
C SER C 732 -21.38 2.38 -5.81
N PHE C 733 -21.97 1.33 -5.25
CA PHE C 733 -21.71 0.88 -3.87
C PHE C 733 -20.21 0.66 -3.60
N SER C 734 -19.51 0.07 -4.56
CA SER C 734 -18.11 -0.26 -4.39
C SER C 734 -17.22 0.98 -4.21
N LYS C 735 -17.69 2.15 -4.64
CA LYS C 735 -16.94 3.42 -4.47
C LYS C 735 -17.35 4.16 -3.20
N GLU C 736 -18.36 3.65 -2.51
CA GLU C 736 -18.81 4.26 -1.24
C GLU C 736 -18.13 3.57 -0.05
N LYS D 1 -37.41 21.08 -49.24
CA LYS D 1 -38.87 20.96 -48.93
C LYS D 1 -39.41 19.60 -49.38
N ASP D 2 -39.47 18.64 -48.45
CA ASP D 2 -39.88 17.27 -48.76
C ASP D 2 -41.33 17.03 -48.35
N TRP D 3 -42.08 16.33 -49.20
CA TRP D 3 -43.47 16.05 -48.89
C TRP D 3 -43.71 14.56 -48.69
N THR D 4 -42.74 13.76 -49.13
CA THR D 4 -42.85 12.31 -49.05
C THR D 4 -42.88 11.87 -47.58
N GLN D 5 -42.30 12.69 -46.69
CA GLN D 5 -42.24 12.36 -45.25
C GLN D 5 -43.67 12.17 -44.76
N TYR D 6 -44.64 12.76 -45.48
CA TYR D 6 -46.04 12.73 -45.04
C TYR D 6 -46.81 11.53 -45.61
N VAL D 7 -46.24 10.86 -46.59
CA VAL D 7 -46.98 9.80 -47.27
C VAL D 7 -46.92 8.46 -46.50
N ASN D 8 -48.09 7.89 -46.20
CA ASN D 8 -48.16 6.59 -45.54
C ASN D 8 -48.74 5.54 -46.49
N PRO D 9 -47.87 4.78 -47.15
CA PRO D 9 -48.33 3.74 -48.10
C PRO D 9 -49.09 2.61 -47.40
N LEU D 10 -49.06 2.57 -46.07
CA LEU D 10 -49.77 1.52 -45.34
C LEU D 10 -51.20 1.95 -45.05
N MET D 11 -51.53 3.19 -45.40
CA MET D 11 -52.87 3.71 -45.18
C MET D 11 -53.86 2.95 -46.05
N GLY D 12 -54.78 2.22 -45.41
CA GLY D 12 -55.75 1.44 -46.16
C GLY D 12 -55.50 -0.06 -46.09
N SER D 13 -54.35 -0.45 -45.53
CA SER D 13 -53.96 -1.87 -45.44
C SER D 13 -54.57 -2.64 -44.28
N GLN D 14 -55.05 -1.96 -43.26
CA GLN D 14 -55.76 -2.64 -42.18
C GLN D 14 -57.23 -2.86 -42.59
N SER D 15 -57.45 -3.71 -43.58
CA SER D 15 -58.75 -3.85 -44.20
C SER D 15 -59.10 -5.33 -44.16
N THR D 16 -60.40 -5.63 -44.10
CA THR D 16 -60.87 -7.01 -44.13
C THR D 16 -62.03 -7.13 -45.09
N PHE D 17 -62.39 -8.37 -45.44
CA PHE D 17 -63.53 -8.64 -46.35
C PHE D 17 -64.79 -7.97 -45.81
N GLU D 18 -65.00 -8.08 -44.50
CA GLU D 18 -66.23 -7.62 -43.86
C GLU D 18 -66.32 -6.08 -43.70
N LEU D 19 -65.18 -5.40 -43.60
CA LEU D 19 -65.17 -3.92 -43.44
C LEU D 19 -63.88 -3.36 -44.00
N SER D 20 -64.01 -2.60 -45.07
CA SER D 20 -62.87 -2.06 -45.73
C SER D 20 -62.50 -0.72 -45.10
N THR D 21 -61.20 -0.47 -44.96
CA THR D 21 -60.72 0.83 -44.52
C THR D 21 -59.82 1.39 -45.62
N GLY D 22 -60.09 0.92 -46.82
CA GLY D 22 -59.36 1.34 -47.99
C GLY D 22 -59.11 0.21 -48.94
N ASN D 23 -58.91 -1.00 -48.40
CA ASN D 23 -58.39 -2.13 -49.19
C ASN D 23 -57.23 -1.76 -50.10
N THR D 24 -56.15 -1.27 -49.51
CA THR D 24 -54.99 -0.92 -50.30
C THR D 24 -53.83 -1.83 -49.91
N TYR D 25 -52.75 -1.77 -50.66
CA TYR D 25 -51.52 -2.38 -50.25
C TYR D 25 -50.46 -1.32 -50.47
N PRO D 26 -49.29 -1.49 -49.83
CA PRO D 26 -48.27 -0.47 -49.93
C PRO D 26 -47.66 -0.48 -51.33
N ALA D 27 -48.10 0.44 -52.19
CA ALA D 27 -47.59 0.51 -53.56
C ALA D 27 -46.23 1.19 -53.58
N ILE D 28 -45.16 0.41 -53.62
CA ILE D 28 -43.85 1.02 -53.74
C ILE D 28 -43.58 1.16 -55.24
N ALA D 29 -43.45 2.39 -55.71
CA ALA D 29 -43.59 2.64 -57.14
C ALA D 29 -43.20 4.07 -57.48
N ARG D 30 -43.09 4.36 -58.78
CA ARG D 30 -42.99 5.74 -59.27
C ARG D 30 -44.39 6.13 -59.68
N PRO D 31 -44.69 7.43 -59.70
CA PRO D 31 -46.03 7.79 -60.10
C PRO D 31 -46.41 7.04 -61.38
N TRP D 32 -47.63 6.51 -61.43
CA TRP D 32 -48.14 5.80 -62.61
C TRP D 32 -47.21 4.70 -63.16
N GLY D 33 -46.38 4.14 -62.29
CA GLY D 33 -45.42 3.12 -62.69
C GLY D 33 -46.01 1.86 -63.29
N MET D 34 -45.37 1.32 -64.32
CA MET D 34 -45.93 0.16 -65.00
C MET D 34 -45.91 -1.07 -64.09
N ASN D 35 -44.82 -1.21 -63.34
CA ASN D 35 -44.71 -2.28 -62.36
C ASN D 35 -44.61 -1.71 -60.94
N PHE D 36 -45.54 -2.14 -60.07
CA PHE D 36 -45.51 -1.76 -58.65
C PHE D 36 -44.90 -2.93 -57.88
N TRP D 37 -44.30 -2.63 -56.73
CA TRP D 37 -43.74 -3.66 -55.85
C TRP D 37 -44.34 -3.58 -54.45
N THR D 38 -44.66 -4.74 -53.87
CA THR D 38 -45.25 -4.77 -52.54
C THR D 38 -44.70 -5.89 -51.69
N PRO D 39 -44.49 -5.63 -50.41
CA PRO D 39 -44.36 -6.80 -49.54
C PRO D 39 -45.65 -7.61 -49.70
N GLN D 40 -45.54 -8.94 -49.70
CA GLN D 40 -46.72 -9.78 -49.87
C GLN D 40 -46.90 -10.63 -48.63
N THR D 41 -48.00 -10.38 -47.88
CA THR D 41 -48.32 -11.22 -46.70
C THR D 41 -49.38 -12.28 -47.02
N GLY D 42 -50.19 -12.03 -48.04
CA GLY D 42 -51.28 -12.95 -48.37
C GLY D 42 -50.76 -14.14 -49.20
N LYS D 43 -51.50 -15.24 -49.21
CA LYS D 43 -51.08 -16.37 -50.05
C LYS D 43 -51.30 -15.99 -51.50
N MET D 44 -50.52 -16.60 -52.38
CA MET D 44 -50.66 -16.38 -53.82
C MET D 44 -52.12 -16.38 -54.29
N GLY D 45 -52.55 -15.35 -55.01
CA GLY D 45 -53.94 -15.31 -55.54
C GLY D 45 -54.97 -14.61 -54.65
N ASP D 46 -54.66 -14.42 -53.37
CA ASP D 46 -55.56 -13.66 -52.47
C ASP D 46 -55.51 -12.18 -52.84
N GLY D 47 -56.67 -11.55 -53.03
CA GLY D 47 -56.71 -10.12 -53.36
C GLY D 47 -56.16 -9.31 -52.21
N TRP D 48 -56.23 -9.88 -51.01
CA TRP D 48 -55.71 -9.24 -49.83
C TRP D 48 -54.24 -9.59 -49.74
N GLN D 49 -53.43 -9.00 -50.63
CA GLN D 49 -52.02 -9.41 -50.75
C GLN D 49 -51.09 -8.84 -49.67
N TYR D 50 -51.49 -7.71 -49.09
CA TYR D 50 -50.88 -7.18 -47.88
C TYR D 50 -51.97 -6.74 -46.90
N THR D 51 -51.94 -7.23 -45.67
CA THR D 51 -52.86 -6.73 -44.64
C THR D 51 -52.05 -6.35 -43.42
N TYR D 52 -52.42 -5.24 -42.80
CA TYR D 52 -51.67 -4.75 -41.65
C TYR D 52 -51.57 -5.75 -40.49
N THR D 53 -52.58 -6.57 -40.27
CA THR D 53 -52.57 -7.51 -39.16
C THR D 53 -51.83 -8.83 -39.46
N ALA D 54 -51.47 -9.08 -40.71
CA ALA D 54 -50.69 -10.28 -41.02
C ALA D 54 -49.39 -10.29 -40.23
N ASN D 55 -49.02 -11.47 -39.74
CA ASN D 55 -47.76 -11.70 -39.00
C ASN D 55 -46.53 -11.92 -39.93
N LYS D 56 -46.74 -12.38 -41.17
CA LYS D 56 -45.65 -12.93 -42.00
C LYS D 56 -45.56 -12.40 -43.44
N ILE D 57 -44.33 -12.15 -43.89
CA ILE D 57 -44.13 -11.82 -45.29
C ILE D 57 -43.60 -13.09 -45.95
N ARG D 58 -44.13 -13.40 -47.14
CA ARG D 58 -43.78 -14.67 -47.83
C ARG D 58 -43.11 -14.38 -49.15
N GLY D 59 -43.00 -13.11 -49.48
CA GLY D 59 -42.21 -12.67 -50.61
C GLY D 59 -42.40 -11.19 -50.91
N PHE D 60 -41.63 -10.71 -51.88
CA PHE D 60 -41.71 -9.34 -52.34
C PHE D 60 -42.13 -9.39 -53.79
N LYS D 61 -43.27 -8.79 -54.09
CA LYS D 61 -44.06 -9.19 -55.24
C LYS D 61 -44.27 -8.03 -56.22
N GLN D 62 -44.07 -8.32 -57.51
CA GLN D 62 -44.43 -7.38 -58.56
C GLN D 62 -45.93 -7.52 -58.77
N THR D 63 -46.65 -6.40 -58.73
CA THR D 63 -48.09 -6.44 -58.76
C THR D 63 -48.64 -5.38 -59.70
N HIS D 64 -49.80 -5.64 -60.29
CA HIS D 64 -50.45 -4.62 -61.10
C HIS D 64 -51.87 -4.36 -60.60
N GLN D 65 -52.22 -5.01 -59.49
CA GLN D 65 -53.60 -5.09 -58.98
C GLN D 65 -54.21 -3.76 -58.57
N PRO D 66 -55.41 -3.43 -59.10
CA PRO D 66 -56.11 -2.20 -58.72
C PRO D 66 -57.02 -2.32 -57.49
N SER D 67 -57.49 -3.51 -57.21
CA SER D 67 -58.31 -3.72 -56.05
C SER D 67 -58.38 -5.20 -55.71
N PRO D 68 -58.73 -5.54 -54.46
CA PRO D 68 -58.87 -6.93 -54.08
C PRO D 68 -59.92 -7.66 -54.92
N TRP D 69 -60.91 -6.92 -55.42
CA TRP D 69 -62.01 -7.53 -56.17
C TRP D 69 -61.64 -7.82 -57.63
N ILE D 70 -60.85 -6.94 -58.22
CA ILE D 70 -60.41 -7.15 -59.60
C ILE D 70 -59.24 -8.14 -59.62
N ASN D 71 -58.42 -8.11 -58.56
CA ASN D 71 -57.29 -9.05 -58.41
C ASN D 71 -56.17 -8.76 -59.41
N ASP D 72 -55.26 -9.71 -59.62
CA ASP D 72 -53.92 -9.38 -60.16
C ASP D 72 -53.57 -10.04 -61.51
N TYR D 73 -52.47 -9.59 -62.10
CA TYR D 73 -51.93 -10.21 -63.32
C TYR D 73 -50.51 -9.69 -63.48
N GLY D 74 -49.66 -10.42 -64.21
CA GLY D 74 -48.27 -9.98 -64.38
C GLY D 74 -47.60 -9.97 -63.01
N GLN D 75 -47.68 -11.11 -62.34
CA GLN D 75 -47.27 -11.18 -60.96
C GLN D 75 -46.25 -12.28 -60.74
N PHE D 76 -45.18 -11.93 -60.01
CA PHE D 76 -44.19 -12.90 -59.56
C PHE D 76 -43.54 -12.27 -58.34
N SER D 77 -42.71 -13.02 -57.63
CA SER D 77 -42.12 -12.51 -56.40
C SER D 77 -40.75 -13.14 -56.13
N ILE D 78 -40.04 -12.53 -55.19
CA ILE D 78 -38.71 -12.95 -54.81
C ILE D 78 -38.70 -12.93 -53.30
N MET D 79 -37.99 -13.88 -52.69
CA MET D 79 -37.96 -13.98 -51.25
C MET D 79 -36.61 -14.54 -50.83
N PRO D 80 -35.87 -13.83 -49.96
CA PRO D 80 -34.60 -14.37 -49.46
C PRO D 80 -34.82 -15.18 -48.20
N ILE D 81 -33.97 -16.17 -47.97
CA ILE D 81 -34.14 -17.05 -46.81
C ILE D 81 -32.80 -17.61 -46.37
N VAL D 82 -32.79 -18.30 -45.22
CA VAL D 82 -31.63 -19.12 -44.84
C VAL D 82 -32.05 -20.43 -44.22
N GLY D 83 -31.10 -21.35 -44.07
CA GLY D 83 -31.41 -22.71 -43.57
C GLY D 83 -31.59 -23.66 -44.74
N GLN D 84 -32.79 -24.20 -44.89
CA GLN D 84 -33.09 -25.13 -45.95
C GLN D 84 -33.58 -24.36 -47.18
N PRO D 85 -33.21 -24.83 -48.38
CA PRO D 85 -33.83 -24.22 -49.54
C PRO D 85 -35.27 -24.73 -49.67
N VAL D 86 -36.24 -23.90 -49.28
CA VAL D 86 -37.64 -24.30 -49.39
C VAL D 86 -38.36 -23.37 -50.36
N PHE D 87 -39.23 -23.93 -51.17
CA PHE D 87 -39.98 -23.09 -52.09
C PHE D 87 -41.39 -22.76 -51.60
N ASP D 88 -41.97 -23.68 -50.84
CA ASP D 88 -43.33 -23.52 -50.36
C ASP D 88 -43.57 -22.14 -49.71
N GLU D 89 -44.61 -21.46 -50.19
CA GLU D 89 -44.85 -20.06 -49.83
C GLU D 89 -45.16 -19.87 -48.36
N GLU D 90 -45.42 -20.95 -47.64
CA GLU D 90 -45.62 -20.91 -46.19
C GLU D 90 -44.33 -21.20 -45.47
N LYS D 91 -43.66 -22.30 -45.85
CA LYS D 91 -42.48 -22.72 -45.14
C LYS D 91 -41.39 -21.65 -45.21
N ARG D 92 -41.40 -20.85 -46.29
CA ARG D 92 -40.36 -19.89 -46.57
C ARG D 92 -40.61 -18.55 -45.90
N ALA D 93 -41.86 -18.33 -45.45
CA ALA D 93 -42.30 -17.06 -44.88
C ALA D 93 -41.62 -16.69 -43.56
N SER D 94 -41.72 -15.42 -43.18
CA SER D 94 -41.05 -14.92 -41.99
C SER D 94 -41.88 -13.92 -41.23
N TRP D 95 -41.91 -14.07 -39.91
CA TRP D 95 -42.48 -13.04 -39.06
C TRP D 95 -41.79 -11.72 -39.36
N PHE D 96 -42.52 -10.64 -39.14
CA PHE D 96 -41.95 -9.30 -39.13
C PHE D 96 -42.84 -8.49 -38.22
N ALA D 97 -42.44 -7.27 -37.91
CA ALA D 97 -43.37 -6.35 -37.27
C ALA D 97 -43.22 -4.99 -37.94
N HIS D 98 -44.26 -4.17 -37.85
CA HIS D 98 -44.22 -2.84 -38.44
C HIS D 98 -43.10 -1.91 -37.93
N LYS D 99 -42.71 -2.09 -36.68
CA LYS D 99 -41.62 -1.30 -36.11
C LYS D 99 -40.27 -1.81 -36.63
N GLY D 100 -40.31 -2.93 -37.33
CA GLY D 100 -39.13 -3.43 -38.05
C GLY D 100 -39.25 -3.15 -39.54
N GLU D 101 -40.21 -2.29 -39.91
CA GLU D 101 -40.56 -2.02 -41.30
C GLU D 101 -40.53 -0.52 -41.60
N VAL D 102 -40.10 -0.14 -42.80
CA VAL D 102 -40.16 1.24 -43.24
C VAL D 102 -40.78 1.28 -44.61
N ALA D 103 -41.93 1.95 -44.74
CA ALA D 103 -42.59 2.03 -46.02
C ALA D 103 -42.69 3.47 -46.48
N THR D 104 -42.10 3.77 -47.63
CA THR D 104 -42.26 5.06 -48.29
C THR D 104 -42.58 4.74 -49.74
N PRO D 105 -43.13 5.70 -50.49
CA PRO D 105 -43.45 5.45 -51.92
C PRO D 105 -42.22 5.03 -52.74
N TYR D 106 -41.04 5.55 -52.38
CA TYR D 106 -39.81 5.33 -53.17
C TYR D 106 -38.89 4.22 -52.63
N TYR D 107 -39.21 3.67 -51.46
CA TYR D 107 -38.30 2.78 -50.73
C TYR D 107 -39.05 1.97 -49.70
N TYR D 108 -38.72 0.70 -49.60
CA TYR D 108 -39.34 -0.18 -48.63
C TYR D 108 -38.24 -1.03 -47.99
N LYS D 109 -38.26 -1.14 -46.67
CA LYS D 109 -37.34 -2.01 -45.93
C LYS D 109 -38.11 -2.82 -44.92
N VAL D 110 -37.75 -4.09 -44.75
CA VAL D 110 -38.31 -4.86 -43.68
C VAL D 110 -37.28 -5.87 -43.15
N TYR D 111 -37.30 -6.09 -41.84
CA TYR D 111 -36.48 -7.11 -41.21
C TYR D 111 -37.24 -8.45 -41.07
N LEU D 112 -36.78 -9.45 -41.82
CA LEU D 112 -37.36 -10.80 -41.81
C LEU D 112 -36.79 -11.55 -40.61
N ALA D 113 -37.58 -11.58 -39.54
CA ALA D 113 -37.11 -11.96 -38.22
C ALA D 113 -36.76 -13.45 -38.10
N GLU D 114 -37.44 -14.31 -38.85
CA GLU D 114 -37.09 -15.72 -38.82
C GLU D 114 -35.89 -16.09 -39.68
N HIS D 115 -35.46 -15.22 -40.58
CA HIS D 115 -34.26 -15.51 -41.36
C HIS D 115 -33.09 -14.65 -40.91
N ASP D 116 -33.37 -13.65 -40.09
CA ASP D 116 -32.36 -12.61 -39.76
C ASP D 116 -31.85 -12.01 -41.06
N ILE D 117 -32.77 -11.67 -41.96
CA ILE D 117 -32.41 -10.95 -43.18
C ILE D 117 -33.09 -9.60 -43.27
N VAL D 118 -32.35 -8.55 -43.64
CA VAL D 118 -32.99 -7.28 -44.01
C VAL D 118 -33.24 -7.24 -45.53
N THR D 119 -34.43 -6.81 -45.96
CA THR D 119 -34.70 -6.65 -47.38
C THR D 119 -35.00 -5.18 -47.65
N GLU D 120 -34.44 -4.62 -48.73
CA GLU D 120 -34.78 -3.25 -49.17
C GLU D 120 -35.07 -3.26 -50.66
N MET D 121 -35.98 -2.40 -51.10
CA MET D 121 -36.29 -2.32 -52.54
C MET D 121 -36.64 -0.90 -52.93
N THR D 122 -36.12 -0.45 -54.07
CA THR D 122 -36.43 0.90 -54.56
C THR D 122 -36.76 0.73 -56.02
N PRO D 123 -38.02 0.96 -56.40
CA PRO D 123 -38.40 0.69 -57.78
C PRO D 123 -38.18 1.91 -58.66
N THR D 124 -38.08 1.65 -59.97
CA THR D 124 -38.22 2.69 -60.99
C THR D 124 -39.60 2.49 -61.62
N GLU D 125 -39.83 3.08 -62.79
CA GLU D 125 -41.14 2.91 -63.39
C GLU D 125 -41.39 1.46 -63.76
N ARG D 126 -40.34 0.75 -64.17
CA ARG D 126 -40.51 -0.62 -64.67
C ARG D 126 -39.56 -1.61 -64.06
N ALA D 127 -38.58 -1.12 -63.31
CA ALA D 127 -37.59 -2.00 -62.71
C ALA D 127 -37.51 -1.71 -61.24
N VAL D 128 -36.60 -2.39 -60.56
CA VAL D 128 -36.44 -2.25 -59.12
C VAL D 128 -35.14 -2.90 -58.70
N LEU D 129 -34.56 -2.38 -57.63
CA LEU D 129 -33.32 -2.89 -57.09
C LEU D 129 -33.63 -3.45 -55.72
N PHE D 130 -33.21 -4.69 -55.49
CA PHE D 130 -33.30 -5.28 -54.16
C PHE D 130 -31.91 -5.34 -53.52
N ARG D 131 -31.85 -5.03 -52.24
CA ARG D 131 -30.64 -5.29 -51.48
C ARG D 131 -31.02 -6.16 -50.31
N PHE D 132 -30.49 -7.37 -50.28
CA PHE D 132 -30.65 -8.29 -49.17
C PHE D 132 -29.40 -8.29 -48.29
N THR D 133 -29.60 -8.06 -46.98
CA THR D 133 -28.53 -8.08 -45.99
C THR D 133 -28.66 -9.38 -45.17
N PHE D 134 -27.83 -10.36 -45.54
CA PHE D 134 -27.83 -11.70 -44.93
C PHE D 134 -26.99 -11.74 -43.68
N PRO D 135 -27.26 -12.72 -42.81
CA PRO D 135 -26.43 -13.01 -41.66
C PRO D 135 -25.29 -13.95 -42.04
N GLU D 136 -24.39 -14.22 -41.11
CA GLU D 136 -23.40 -15.26 -41.35
C GLU D 136 -24.11 -16.62 -41.49
N ASN D 137 -23.92 -17.26 -42.65
CA ASN D 137 -24.57 -18.53 -42.93
C ASN D 137 -23.92 -19.18 -44.16
N ASP D 138 -23.85 -20.52 -44.16
CA ASP D 138 -23.34 -21.23 -45.32
C ASP D 138 -24.48 -21.51 -46.28
N HIS D 139 -25.71 -21.35 -45.80
CA HIS D 139 -26.86 -21.67 -46.60
C HIS D 139 -27.79 -20.46 -46.68
N SER D 140 -27.45 -19.50 -47.53
CA SER D 140 -28.31 -18.36 -47.77
C SER D 140 -28.84 -18.54 -49.16
N TYR D 141 -30.13 -18.27 -49.34
CA TYR D 141 -30.77 -18.45 -50.65
C TYR D 141 -31.61 -17.26 -51.04
N VAL D 142 -31.95 -17.23 -52.32
CA VAL D 142 -33.00 -16.37 -52.82
C VAL D 142 -33.93 -17.21 -53.69
N VAL D 143 -35.21 -17.18 -53.34
CA VAL D 143 -36.26 -17.93 -54.05
C VAL D 143 -36.90 -16.98 -55.05
N VAL D 144 -37.09 -17.45 -56.28
CA VAL D 144 -37.81 -16.68 -57.27
C VAL D 144 -39.07 -17.46 -57.66
N ASP D 145 -40.23 -16.83 -57.48
CA ASP D 145 -41.51 -17.52 -57.67
C ASP D 145 -42.24 -16.88 -58.84
N ALA D 146 -42.35 -17.61 -59.95
CA ALA D 146 -43.06 -17.12 -61.12
C ALA D 146 -44.58 -17.38 -61.08
N PHE D 147 -45.06 -17.91 -59.95
CA PHE D 147 -46.49 -18.16 -59.70
C PHE D 147 -47.02 -19.32 -60.57
N ASP D 148 -48.34 -19.54 -60.59
CA ASP D 148 -48.92 -20.70 -61.28
C ASP D 148 -49.82 -20.39 -62.50
N LYS D 149 -50.58 -21.37 -62.95
CA LYS D 149 -51.40 -21.24 -64.19
C LYS D 149 -50.57 -21.12 -65.48
N GLY D 150 -49.32 -21.56 -65.44
CA GLY D 150 -48.46 -21.53 -66.63
C GLY D 150 -47.33 -20.53 -66.49
N SER D 151 -46.14 -21.01 -66.16
CA SER D 151 -45.02 -20.10 -65.97
C SER D 151 -43.67 -20.69 -66.38
N TYR D 152 -42.66 -19.84 -66.49
CA TYR D 152 -41.40 -20.21 -67.07
C TYR D 152 -40.23 -19.56 -66.35
N ILE D 153 -39.14 -20.30 -66.26
CA ILE D 153 -37.97 -19.86 -65.51
C ILE D 153 -36.70 -20.53 -66.05
N LYS D 154 -35.62 -19.74 -66.14
CA LYS D 154 -34.32 -20.23 -66.58
C LYS D 154 -33.16 -19.60 -65.82
N ILE D 155 -32.39 -20.42 -65.11
CA ILE D 155 -31.18 -19.96 -64.40
C ILE D 155 -29.97 -19.94 -65.34
N ILE D 156 -29.30 -18.80 -65.41
CA ILE D 156 -28.17 -18.62 -66.29
C ILE D 156 -26.95 -18.28 -65.44
N PRO D 157 -26.32 -19.31 -64.85
CA PRO D 157 -25.22 -19.13 -63.89
C PRO D 157 -24.11 -18.17 -64.36
N GLU D 158 -23.79 -18.21 -65.65
CA GLU D 158 -22.66 -17.40 -66.16
C GLU D 158 -22.93 -15.89 -66.23
N GLU D 159 -24.16 -15.46 -65.97
CA GLU D 159 -24.45 -14.03 -65.92
C GLU D 159 -25.07 -13.67 -64.57
N ASN D 160 -24.92 -14.57 -63.60
CA ASN D 160 -25.58 -14.46 -62.29
C ASN D 160 -27.05 -14.05 -62.42
N LYS D 161 -27.71 -14.64 -63.41
CA LYS D 161 -28.98 -14.12 -63.87
C LYS D 161 -30.06 -15.18 -63.87
N ILE D 162 -31.30 -14.75 -63.67
CA ILE D 162 -32.45 -15.63 -63.72
C ILE D 162 -33.50 -14.93 -64.56
N ILE D 163 -34.06 -15.65 -65.53
CA ILE D 163 -35.13 -15.09 -66.34
C ILE D 163 -36.37 -15.93 -66.18
N GLY D 164 -37.51 -15.37 -66.55
CA GLY D 164 -38.71 -16.18 -66.60
C GLY D 164 -39.87 -15.36 -67.09
N TYR D 165 -41.04 -15.98 -67.14
CA TYR D 165 -42.27 -15.23 -67.32
C TYR D 165 -43.38 -15.84 -66.49
N THR D 166 -44.39 -15.01 -66.23
CA THR D 166 -45.52 -15.38 -65.44
C THR D 166 -46.77 -15.07 -66.25
N THR D 167 -47.81 -15.87 -66.08
CA THR D 167 -49.07 -15.64 -66.79
C THR D 167 -50.28 -15.54 -65.85
N ARG D 168 -50.16 -16.06 -64.64
CA ARG D 168 -51.33 -16.06 -63.75
C ARG D 168 -52.04 -14.73 -63.85
N ASN D 169 -53.31 -14.74 -64.22
CA ASN D 169 -54.06 -13.50 -64.27
C ASN D 169 -55.49 -13.71 -63.78
N SER D 170 -56.31 -12.67 -63.93
CA SER D 170 -57.64 -12.67 -63.35
C SER D 170 -58.66 -12.40 -64.44
N GLY D 171 -58.24 -12.57 -65.69
CA GLY D 171 -59.10 -12.30 -66.83
C GLY D 171 -58.73 -10.99 -67.50
N GLY D 172 -59.36 -10.70 -68.61
CA GLY D 172 -59.08 -9.45 -69.32
C GLY D 172 -57.75 -9.40 -70.03
N VAL D 173 -57.22 -10.56 -70.43
CA VAL D 173 -55.93 -10.62 -71.14
C VAL D 173 -56.04 -11.42 -72.45
N PRO D 174 -55.28 -11.02 -73.48
CA PRO D 174 -55.38 -11.81 -74.69
C PRO D 174 -54.72 -13.19 -74.51
N GLU D 175 -54.86 -14.02 -75.54
CA GLU D 175 -54.41 -15.41 -75.58
C GLU D 175 -52.93 -15.60 -75.22
N ASN D 176 -52.08 -14.73 -75.76
CA ASN D 176 -50.63 -14.86 -75.57
C ASN D 176 -50.02 -14.19 -74.32
N PHE D 177 -50.83 -13.48 -73.53
CA PHE D 177 -50.30 -12.67 -72.42
C PHE D 177 -49.18 -13.35 -71.65
N LYS D 178 -48.10 -12.62 -71.41
CA LYS D 178 -46.99 -13.07 -70.56
C LYS D 178 -46.41 -11.83 -69.88
N ASN D 179 -45.83 -12.00 -68.69
CA ASN D 179 -44.96 -10.97 -68.14
C ASN D 179 -43.52 -11.47 -68.10
N TYR D 180 -42.64 -10.81 -68.85
CA TYR D 180 -41.23 -11.23 -68.96
C TYR D 180 -40.33 -10.56 -67.94
N PHE D 181 -39.68 -11.35 -67.09
CA PHE D 181 -38.80 -10.76 -66.10
C PHE D 181 -37.36 -11.22 -66.20
N ILE D 182 -36.46 -10.34 -65.79
CA ILE D 182 -35.03 -10.65 -65.68
C ILE D 182 -34.52 -10.20 -64.31
N ILE D 183 -33.69 -11.05 -63.69
CA ILE D 183 -33.14 -10.78 -62.38
C ILE D 183 -31.62 -11.01 -62.41
N GLU D 184 -30.84 -9.97 -62.13
CA GLU D 184 -29.38 -10.07 -62.07
C GLU D 184 -28.82 -9.91 -60.66
N PHE D 185 -28.05 -10.89 -60.19
CA PHE D 185 -27.37 -10.78 -58.90
C PHE D 185 -25.94 -10.26 -59.04
N ASP D 186 -25.40 -9.69 -57.97
CA ASP D 186 -24.02 -9.22 -57.99
C ASP D 186 -23.15 -10.15 -57.17
N LYS D 187 -23.59 -11.40 -57.06
CA LYS D 187 -22.79 -12.42 -56.38
C LYS D 187 -23.13 -13.77 -56.99
N PRO D 188 -22.08 -14.52 -57.41
CA PRO D 188 -22.19 -15.81 -58.07
C PRO D 188 -22.91 -16.88 -57.24
N PHE D 189 -23.61 -17.79 -57.90
CA PHE D 189 -24.35 -18.84 -57.20
C PHE D 189 -23.47 -20.03 -56.84
N THR D 190 -23.60 -20.52 -55.62
CA THR D 190 -22.89 -21.69 -55.13
C THR D 190 -23.88 -22.84 -55.04
N TYR D 191 -25.14 -22.51 -55.26
CA TYR D 191 -26.21 -23.47 -55.22
C TYR D 191 -27.25 -22.98 -56.20
N LYS D 192 -27.80 -23.91 -56.99
CA LYS D 192 -28.77 -23.56 -58.00
C LYS D 192 -29.74 -24.74 -58.18
N ALA D 193 -31.02 -24.41 -58.30
CA ALA D 193 -32.04 -25.40 -58.54
C ALA D 193 -33.22 -24.67 -59.12
N THR D 194 -34.05 -25.41 -59.84
CA THR D 194 -35.32 -24.89 -60.25
C THR D 194 -36.40 -25.73 -59.59
N VAL D 195 -37.64 -25.30 -59.72
CA VAL D 195 -38.74 -25.95 -59.04
C VAL D 195 -39.85 -26.16 -60.05
N GLU D 196 -40.39 -27.36 -60.06
CA GLU D 196 -41.47 -27.69 -60.96
C GLU D 196 -42.60 -28.34 -60.19
N ASN D 197 -43.72 -27.62 -60.09
CA ASN D 197 -44.85 -28.07 -59.29
C ASN D 197 -44.36 -28.50 -57.91
N GLY D 198 -43.70 -27.58 -57.24
CA GLY D 198 -43.23 -27.78 -55.87
C GLY D 198 -42.20 -28.88 -55.70
N ASN D 199 -41.38 -29.13 -56.72
CA ASN D 199 -40.30 -30.10 -56.63
C ASN D 199 -38.95 -29.47 -56.91
N LEU D 200 -37.99 -29.71 -56.02
CA LEU D 200 -36.68 -29.09 -56.15
C LEU D 200 -35.80 -29.86 -57.14
N GLN D 201 -35.39 -29.20 -58.23
CA GLN D 201 -34.51 -29.80 -59.25
C GLN D 201 -33.10 -29.24 -59.14
N GLU D 202 -32.27 -29.81 -58.27
CA GLU D 202 -30.94 -29.24 -58.09
C GLU D 202 -30.09 -29.28 -59.36
N ASN D 203 -29.77 -28.12 -59.91
CA ASN D 203 -28.88 -28.04 -61.07
C ASN D 203 -29.58 -28.33 -62.39
N VAL D 204 -30.89 -28.13 -62.43
CA VAL D 204 -31.61 -28.13 -63.70
C VAL D 204 -31.95 -26.68 -64.00
N ALA D 205 -31.55 -26.19 -65.17
CA ALA D 205 -31.63 -24.76 -65.46
C ALA D 205 -33.00 -24.20 -65.91
N GLU D 206 -33.89 -25.05 -66.41
CA GLU D 206 -35.16 -24.60 -67.03
C GLU D 206 -36.38 -25.37 -66.51
N GLN D 207 -37.52 -24.71 -66.54
CA GLN D 207 -38.78 -25.38 -66.29
C GLN D 207 -39.83 -24.62 -67.08
N THR D 208 -40.58 -25.36 -67.89
CA THR D 208 -41.78 -24.82 -68.50
C THR D 208 -42.93 -25.64 -67.94
N THR D 209 -43.67 -25.06 -67.00
CA THR D 209 -44.62 -25.82 -66.20
C THR D 209 -45.69 -24.92 -65.57
N ASP D 210 -46.68 -25.53 -64.94
CA ASP D 210 -47.75 -24.77 -64.33
C ASP D 210 -47.24 -23.72 -63.33
N HIS D 211 -46.32 -24.15 -62.48
CA HIS D 211 -45.77 -23.31 -61.41
C HIS D 211 -44.26 -23.33 -61.43
N ALA D 212 -43.64 -22.43 -62.19
CA ALA D 212 -42.18 -22.40 -62.30
C ALA D 212 -41.56 -21.62 -61.15
N GLY D 213 -40.35 -22.03 -60.74
CA GLY D 213 -39.62 -21.32 -59.69
C GLY D 213 -38.13 -21.62 -59.71
N ALA D 214 -37.35 -20.84 -58.97
CA ALA D 214 -35.91 -21.12 -58.80
C ALA D 214 -35.48 -20.75 -57.38
N ILE D 215 -34.37 -21.35 -56.96
CA ILE D 215 -33.74 -21.05 -55.69
C ILE D 215 -32.24 -21.09 -55.93
N ILE D 216 -31.61 -19.92 -55.90
CA ILE D 216 -30.16 -19.82 -55.95
C ILE D 216 -29.64 -19.39 -54.58
N GLY D 217 -28.39 -19.74 -54.28
CA GLY D 217 -27.81 -19.48 -52.97
C GLY D 217 -26.28 -19.43 -52.94
N PHE D 218 -25.75 -19.00 -51.80
CA PHE D 218 -24.32 -18.81 -51.63
C PHE D 218 -24.01 -18.83 -50.14
N LYS D 219 -22.74 -18.68 -49.81
CA LYS D 219 -22.31 -18.57 -48.43
C LYS D 219 -22.20 -17.10 -48.10
N THR D 220 -22.60 -16.71 -46.90
CA THR D 220 -22.53 -15.29 -46.56
C THR D 220 -21.90 -15.07 -45.19
N ARG D 221 -21.18 -13.98 -45.07
CA ARG D 221 -20.65 -13.53 -43.79
C ARG D 221 -21.64 -12.52 -43.18
N LYS D 222 -21.51 -12.28 -41.89
CA LYS D 222 -22.38 -11.34 -41.24
C LYS D 222 -22.54 -10.02 -41.99
N GLY D 223 -23.79 -9.65 -42.28
CA GLY D 223 -24.08 -8.34 -42.84
C GLY D 223 -23.78 -8.18 -44.32
N GLU D 224 -23.38 -9.27 -44.98
CA GLU D 224 -23.05 -9.24 -46.39
C GLU D 224 -24.25 -8.88 -47.24
N GLN D 225 -24.08 -7.86 -48.07
CA GLN D 225 -25.20 -7.47 -48.89
C GLN D 225 -25.13 -8.09 -50.26
N VAL D 226 -26.29 -8.55 -50.74
CA VAL D 226 -26.42 -9.05 -52.11
C VAL D 226 -27.49 -8.26 -52.82
N ASN D 227 -27.18 -7.74 -54.00
CA ASN D 227 -28.13 -6.91 -54.76
C ASN D 227 -28.69 -7.60 -55.98
N ALA D 228 -29.94 -7.29 -56.28
CA ALA D 228 -30.61 -7.88 -57.41
C ALA D 228 -31.28 -6.79 -58.21
N ARG D 229 -30.88 -6.68 -59.49
CA ARG D 229 -31.48 -5.73 -60.42
C ARG D 229 -32.60 -6.48 -61.13
N ILE D 230 -33.81 -5.94 -61.09
CA ILE D 230 -34.94 -6.65 -61.65
C ILE D 230 -35.74 -5.72 -62.54
N ALA D 231 -36.22 -6.27 -63.65
CA ALA D 231 -37.11 -5.53 -64.53
C ALA D 231 -37.99 -6.55 -65.21
N SER D 232 -39.10 -6.09 -65.76
CA SER D 232 -39.98 -6.96 -66.51
C SER D 232 -40.64 -6.18 -67.64
N SER D 233 -41.32 -6.93 -68.51
CA SER D 233 -41.90 -6.36 -69.73
C SER D 233 -43.08 -7.22 -70.14
N PHE D 234 -44.01 -6.64 -70.89
CA PHE D 234 -45.12 -7.40 -71.45
C PHE D 234 -44.83 -7.71 -72.92
N ILE D 235 -43.71 -7.18 -73.41
CA ILE D 235 -43.40 -7.28 -74.81
C ILE D 235 -42.43 -8.41 -75.12
N SER D 236 -41.23 -8.36 -74.52
CA SER D 236 -40.24 -9.42 -74.72
C SER D 236 -39.16 -9.46 -73.63
N PHE D 237 -38.39 -10.55 -73.64
CA PHE D 237 -37.20 -10.62 -72.82
C PHE D 237 -36.24 -9.52 -73.20
N GLU D 238 -36.15 -9.26 -74.50
CA GLU D 238 -35.22 -8.23 -74.96
C GLU D 238 -35.61 -6.85 -74.41
N GLN D 239 -36.91 -6.58 -74.39
CA GLN D 239 -37.40 -5.28 -73.92
C GLN D 239 -37.38 -5.15 -72.39
N ALA D 240 -37.42 -6.27 -71.69
CA ALA D 240 -37.23 -6.27 -70.25
C ALA D 240 -35.78 -5.87 -70.00
N ALA D 241 -34.87 -6.47 -70.78
CA ALA D 241 -33.45 -6.20 -70.61
C ALA D 241 -33.19 -4.70 -70.81
N ALA D 242 -33.89 -4.11 -71.78
CA ALA D 242 -33.80 -2.67 -72.00
C ALA D 242 -34.43 -1.96 -70.81
N ASN D 243 -35.49 -2.53 -70.27
CA ASN D 243 -36.12 -1.91 -69.11
C ASN D 243 -35.20 -1.82 -67.87
N MET D 244 -34.32 -2.80 -67.72
CA MET D 244 -33.34 -2.82 -66.64
C MET D 244 -32.47 -1.56 -66.54
N ASN D 245 -32.27 -0.88 -67.67
CA ASN D 245 -31.39 0.30 -67.70
C ASN D 245 -31.93 1.48 -66.89
N GLU D 246 -33.20 1.41 -66.50
CA GLU D 246 -33.80 2.43 -65.62
C GLU D 246 -33.06 2.48 -64.29
N LEU D 247 -32.40 1.38 -63.96
CA LEU D 247 -31.67 1.26 -62.70
C LEU D 247 -30.31 1.90 -62.83
N GLY D 248 -29.89 2.13 -64.07
CA GLY D 248 -28.57 2.72 -64.31
C GLY D 248 -27.57 1.92 -63.51
N LYS D 249 -26.73 2.59 -62.73
CA LYS D 249 -25.79 1.88 -61.89
C LYS D 249 -25.84 2.48 -60.47
N ASP D 250 -27.04 2.85 -60.06
CA ASP D 250 -27.26 3.41 -58.72
C ASP D 250 -27.33 2.33 -57.64
N ASN D 251 -26.91 2.66 -56.42
CA ASN D 251 -27.14 1.80 -55.27
C ASN D 251 -28.50 2.09 -54.61
N ILE D 252 -28.85 1.31 -53.60
CA ILE D 252 -30.16 1.48 -52.96
C ILE D 252 -30.38 2.95 -52.56
N GLU D 253 -29.41 3.54 -51.86
CA GLU D 253 -29.59 4.92 -51.38
C GLU D 253 -29.84 5.94 -52.50
N GLN D 254 -29.13 5.75 -53.61
CA GLN D 254 -29.22 6.70 -54.73
C GLN D 254 -30.54 6.56 -55.47
N LEU D 255 -31.00 5.32 -55.64
CA LEU D 255 -32.28 5.06 -56.29
C LEU D 255 -33.42 5.55 -55.41
N ALA D 256 -33.27 5.33 -54.11
CA ALA D 256 -34.25 5.82 -53.19
C ALA D 256 -34.35 7.34 -53.37
N GLN D 257 -33.21 8.03 -53.31
CA GLN D 257 -33.21 9.47 -53.43
C GLN D 257 -33.85 9.91 -54.74
N LYS D 258 -33.63 9.17 -55.84
CA LYS D 258 -34.25 9.56 -57.11
C LYS D 258 -35.77 9.36 -57.08
N GLY D 259 -36.24 8.33 -56.40
CA GLY D 259 -37.69 8.08 -56.31
C GLY D 259 -38.31 9.19 -55.49
N LYS D 260 -37.65 9.57 -54.41
CA LYS D 260 -38.09 10.65 -53.57
C LYS D 260 -38.16 11.98 -54.36
N ASP D 261 -37.15 12.22 -55.21
CA ASP D 261 -37.12 13.40 -56.08
C ASP D 261 -38.34 13.34 -57.00
N ALA D 262 -38.55 12.19 -57.64
CA ALA D 262 -39.67 12.08 -58.57
C ALA D 262 -41.02 12.24 -57.85
N TRP D 263 -41.16 11.66 -56.65
CA TRP D 263 -42.41 11.83 -55.91
C TRP D 263 -42.62 13.28 -55.44
N ASN D 264 -41.58 13.91 -54.91
CA ASN D 264 -41.65 15.33 -54.54
C ASN D 264 -41.92 16.26 -55.72
N GLN D 265 -41.43 15.91 -56.89
CA GLN D 265 -41.75 16.73 -58.07
C GLN D 265 -43.27 16.78 -58.33
N VAL D 266 -43.97 15.65 -58.21
CA VAL D 266 -45.44 15.66 -58.36
C VAL D 266 -46.19 16.06 -57.07
N LEU D 267 -45.76 15.57 -55.92
CA LEU D 267 -46.46 15.91 -54.67
C LEU D 267 -46.39 17.40 -54.46
N GLY D 268 -45.21 17.97 -54.72
CA GLY D 268 -44.94 19.41 -54.55
C GLY D 268 -45.73 20.39 -55.41
N LYS D 269 -46.48 19.89 -56.39
CA LYS D 269 -47.31 20.78 -57.22
C LYS D 269 -48.46 21.38 -56.39
N ILE D 270 -48.65 20.86 -55.18
CA ILE D 270 -49.67 21.38 -54.28
C ILE D 270 -49.08 21.49 -52.88
N GLU D 271 -48.84 22.71 -52.42
CA GLU D 271 -48.30 22.90 -51.06
C GLU D 271 -49.35 23.37 -50.08
N VAL D 272 -49.50 22.67 -48.97
CA VAL D 272 -50.45 23.07 -47.96
C VAL D 272 -49.70 23.51 -46.73
N GLU D 273 -50.29 24.45 -45.98
CA GLU D 273 -49.69 24.88 -44.71
C GLU D 273 -50.79 25.27 -43.73
N GLY D 274 -50.40 25.45 -42.48
CA GLY D 274 -51.30 25.91 -41.43
C GLY D 274 -52.26 24.80 -41.01
N GLY D 275 -51.76 23.56 -41.00
CA GLY D 275 -52.56 22.41 -40.57
C GLY D 275 -51.84 21.63 -39.49
N ASN D 276 -52.43 20.52 -39.07
CA ASN D 276 -51.75 19.69 -38.10
C ASN D 276 -51.15 18.47 -38.79
N LEU D 277 -50.34 17.71 -38.08
CA LEU D 277 -49.66 16.58 -38.72
C LEU D 277 -50.64 15.54 -39.33
N ASP D 278 -51.75 15.26 -38.64
CA ASP D 278 -52.74 14.32 -39.16
C ASP D 278 -53.17 14.77 -40.54
N GLN D 279 -53.41 16.08 -40.67
CA GLN D 279 -53.94 16.61 -41.94
C GLN D 279 -52.89 16.56 -43.06
N TYR D 280 -51.65 16.90 -42.76
CA TYR D 280 -50.59 16.77 -43.76
C TYR D 280 -50.49 15.32 -44.26
N ARG D 281 -50.41 14.38 -43.32
CA ARG D 281 -50.32 12.95 -43.64
C ARG D 281 -51.53 12.46 -44.44
N THR D 282 -52.73 12.84 -44.03
CA THR D 282 -53.92 12.40 -44.77
C THR D 282 -53.89 13.00 -46.18
N PHE D 283 -53.56 14.28 -46.25
CA PHE D 283 -53.58 14.97 -47.53
C PHE D 283 -52.57 14.39 -48.51
N TYR D 284 -51.33 14.21 -48.06
CA TYR D 284 -50.28 13.75 -48.97
C TYR D 284 -50.31 12.25 -49.20
N SER D 285 -50.85 11.50 -48.25
CA SER D 285 -51.13 10.08 -48.55
C SER D 285 -52.17 10.01 -49.64
N CYS D 286 -53.23 10.79 -49.51
CA CYS D 286 -54.28 10.80 -50.52
C CYS D 286 -53.78 11.27 -51.90
N LEU D 287 -52.91 12.29 -51.93
CA LEU D 287 -52.33 12.74 -53.21
C LEU D 287 -51.47 11.65 -53.85
N TYR D 288 -50.67 10.98 -53.02
CA TYR D 288 -49.87 9.86 -53.50
C TYR D 288 -50.77 8.80 -54.12
N ARG D 289 -51.86 8.46 -53.42
CA ARG D 289 -52.82 7.48 -53.97
C ARG D 289 -53.51 7.91 -55.26
N SER D 290 -53.50 9.22 -55.54
CA SER D 290 -54.18 9.75 -56.73
C SER D 290 -53.25 9.78 -57.97
N LEU D 291 -52.02 9.31 -57.79
CA LEU D 291 -50.99 9.45 -58.80
C LEU D 291 -50.43 8.08 -59.14
N LEU D 292 -51.28 7.07 -59.00
CA LEU D 292 -50.87 5.69 -59.18
C LEU D 292 -51.59 5.05 -60.37
N PHE D 293 -52.91 5.26 -60.46
CA PHE D 293 -53.74 4.66 -61.51
C PHE D 293 -54.47 5.69 -62.38
N PRO D 294 -54.73 5.33 -63.65
CA PRO D 294 -54.29 4.07 -64.24
C PRO D 294 -52.77 4.06 -64.44
N ARG D 295 -52.19 2.87 -64.55
CA ARG D 295 -50.75 2.75 -64.66
C ARG D 295 -50.32 2.92 -66.10
N LYS D 296 -49.06 3.32 -66.28
CA LYS D 296 -48.48 3.32 -67.60
C LYS D 296 -48.47 1.88 -68.03
N PHE D 297 -48.79 1.62 -69.29
CA PHE D 297 -48.73 0.24 -69.81
C PHE D 297 -47.95 0.27 -71.10
N TYR D 298 -47.08 1.27 -71.23
CA TYR D 298 -46.19 1.36 -72.37
C TYR D 298 -44.73 1.27 -71.91
N GLU D 299 -43.85 0.86 -72.84
CA GLU D 299 -42.44 0.69 -72.61
C GLU D 299 -41.67 1.47 -73.69
N LEU D 300 -40.37 1.70 -73.49
CA LEU D 300 -39.61 2.53 -74.43
C LEU D 300 -38.67 1.68 -75.27
N ASP D 301 -38.81 1.79 -76.58
CA ASP D 301 -38.06 0.96 -77.52
C ASP D 301 -36.62 1.42 -77.69
N ALA D 302 -35.88 0.65 -78.48
CA ALA D 302 -34.44 0.83 -78.64
C ALA D 302 -34.14 2.28 -79.00
N ASN D 303 -35.16 2.96 -79.52
CA ASN D 303 -35.04 4.32 -80.01
C ASN D 303 -35.71 5.31 -79.05
N GLY D 304 -36.18 4.78 -77.92
CA GLY D 304 -36.81 5.59 -76.89
C GLY D 304 -38.26 5.98 -77.18
N GLN D 305 -38.87 5.31 -78.16
CA GLN D 305 -40.26 5.61 -78.52
C GLN D 305 -41.18 4.74 -77.68
N PRO D 306 -42.40 5.24 -77.37
CA PRO D 306 -43.38 4.44 -76.65
C PRO D 306 -44.01 3.38 -77.53
N ILE D 307 -44.02 2.17 -77.02
CA ILE D 307 -44.66 1.04 -77.66
C ILE D 307 -45.33 0.20 -76.58
N HIS D 308 -46.29 -0.66 -76.94
CA HIS D 308 -46.96 -1.43 -75.91
C HIS D 308 -47.50 -2.76 -76.36
N TYR D 309 -47.49 -3.72 -75.46
CA TYR D 309 -48.27 -4.93 -75.64
C TYR D 309 -49.71 -4.52 -75.42
N SER D 310 -50.58 -4.84 -76.37
CA SER D 310 -52.00 -4.52 -76.27
C SER D 310 -52.69 -5.58 -75.45
N PRO D 311 -53.17 -5.20 -74.27
CA PRO D 311 -53.88 -6.18 -73.46
C PRO D 311 -55.19 -6.48 -74.15
N TYR D 312 -55.46 -5.78 -75.24
CA TYR D 312 -56.72 -5.91 -75.96
C TYR D 312 -56.67 -6.88 -77.15
N ASN D 313 -55.70 -6.74 -78.04
CA ASN D 313 -55.60 -7.70 -79.18
C ASN D 313 -54.30 -8.49 -79.22
N GLY D 314 -53.48 -8.34 -78.18
CA GLY D 314 -52.28 -9.15 -78.02
C GLY D 314 -51.16 -8.81 -78.99
N GLN D 315 -51.31 -7.72 -79.74
CA GLN D 315 -50.25 -7.30 -80.64
C GLN D 315 -49.31 -6.32 -79.94
N VAL D 316 -48.11 -6.18 -80.46
CA VAL D 316 -47.19 -5.16 -79.99
C VAL D 316 -47.31 -3.95 -80.90
N LEU D 317 -47.85 -2.85 -80.38
CA LEU D 317 -48.13 -1.71 -81.25
C LEU D 317 -47.52 -0.43 -80.70
N PRO D 318 -47.37 0.60 -81.56
CA PRO D 318 -46.78 1.88 -81.12
C PRO D 318 -47.73 2.76 -80.32
N GLY D 319 -47.17 3.72 -79.59
CA GLY D 319 -47.96 4.75 -78.92
C GLY D 319 -48.27 4.45 -77.46
N TYR D 320 -48.92 5.42 -76.81
CA TYR D 320 -49.26 5.34 -75.40
C TYR D 320 -50.32 4.29 -75.09
N MET D 321 -50.29 3.78 -73.87
CA MET D 321 -51.32 2.85 -73.39
C MET D 321 -51.31 2.78 -71.86
N PHE D 322 -52.50 2.87 -71.26
CA PHE D 322 -52.65 2.80 -69.78
C PHE D 322 -53.77 1.82 -69.40
N THR D 323 -53.76 1.36 -68.15
CA THR D 323 -54.81 0.47 -67.70
C THR D 323 -54.87 0.43 -66.18
N ASP D 324 -55.72 -0.46 -65.66
CA ASP D 324 -55.96 -0.62 -64.22
C ASP D 324 -56.71 0.54 -63.63
N THR D 325 -57.90 0.76 -64.16
CA THR D 325 -58.79 1.74 -63.58
C THR D 325 -60.23 1.45 -64.03
N GLY D 326 -61.18 1.94 -63.24
CA GLY D 326 -62.59 1.79 -63.54
C GLY D 326 -63.19 3.17 -63.51
N PHE D 327 -63.62 3.63 -64.69
CA PHE D 327 -64.17 4.97 -64.83
C PHE D 327 -65.41 5.16 -63.97
N TRP D 328 -66.13 4.08 -63.65
CA TRP D 328 -67.27 4.20 -62.76
C TRP D 328 -66.83 4.84 -61.43
N ASP D 329 -65.58 4.61 -61.04
CA ASP D 329 -65.00 5.29 -59.88
C ASP D 329 -64.40 6.64 -60.26
N THR D 330 -63.50 6.60 -61.25
CA THR D 330 -62.51 7.65 -61.38
C THR D 330 -62.94 8.81 -62.27
N PHE D 331 -64.12 8.71 -62.89
CA PHE D 331 -64.58 9.86 -63.67
C PHE D 331 -64.92 11.00 -62.72
N ARG D 332 -65.30 10.66 -61.50
CA ARG D 332 -65.85 11.62 -60.54
C ARG D 332 -64.88 12.74 -60.18
N CYS D 333 -63.72 12.41 -59.65
CA CYS D 333 -62.74 13.48 -59.43
C CYS D 333 -61.27 13.11 -59.64
N LEU D 334 -60.98 11.83 -59.85
CA LEU D 334 -59.60 11.39 -60.08
C LEU D 334 -59.06 11.91 -61.43
N PHE D 335 -59.79 11.68 -62.52
CA PHE D 335 -59.32 12.22 -63.78
C PHE D 335 -59.35 13.73 -63.79
N PRO D 336 -60.39 14.32 -63.18
CA PRO D 336 -60.43 15.78 -63.11
C PRO D 336 -59.23 16.36 -62.38
N LEU D 337 -58.73 15.65 -61.36
CA LEU D 337 -57.50 16.08 -60.71
C LEU D 337 -56.37 16.13 -61.69
N LEU D 338 -56.26 15.14 -62.56
CA LEU D 338 -55.21 15.13 -63.57
C LEU D 338 -55.34 16.29 -64.55
N ASN D 339 -56.55 16.59 -65.01
CA ASN D 339 -56.76 17.69 -65.96
C ASN D 339 -56.43 19.03 -65.33
N LEU D 340 -56.50 19.12 -64.00
CA LEU D 340 -56.19 20.36 -63.30
C LEU D 340 -54.69 20.50 -63.00
N MET D 341 -54.11 19.47 -62.41
CA MET D 341 -52.74 19.53 -61.92
C MET D 341 -51.68 18.82 -62.80
N TYR D 342 -52.07 17.83 -63.59
CA TYR D 342 -51.12 17.06 -64.39
C TYR D 342 -51.66 16.81 -65.81
N PRO D 343 -52.05 17.88 -66.53
CA PRO D 343 -52.66 17.63 -67.85
C PRO D 343 -51.74 16.87 -68.83
N SER D 344 -50.42 17.03 -68.68
CA SER D 344 -49.48 16.42 -69.61
C SER D 344 -49.56 14.91 -69.52
N VAL D 345 -49.88 14.43 -68.33
CA VAL D 345 -49.95 13.01 -68.04
C VAL D 345 -51.23 12.43 -68.61
N ASN D 346 -52.33 13.15 -68.46
CA ASN D 346 -53.59 12.66 -68.98
C ASN D 346 -53.58 12.68 -70.52
N LYS D 347 -52.85 13.63 -71.11
CA LYS D 347 -52.64 13.63 -72.57
C LYS D 347 -52.17 12.22 -72.98
N GLU D 348 -51.22 11.68 -72.24
CA GLU D 348 -50.70 10.36 -72.54
C GLU D 348 -51.83 9.36 -72.38
N MET D 349 -52.62 9.55 -71.32
CA MET D 349 -53.72 8.63 -71.03
C MET D 349 -54.81 8.67 -72.10
N GLN D 350 -55.30 9.86 -72.42
CA GLN D 350 -56.27 10.01 -73.51
C GLN D 350 -55.79 9.33 -74.80
N GLU D 351 -54.54 9.62 -75.20
CA GLU D 351 -53.94 8.93 -76.34
C GLU D 351 -54.01 7.42 -76.15
N GLY D 352 -53.77 6.96 -74.92
CA GLY D 352 -53.91 5.54 -74.60
C GLY D 352 -55.33 5.02 -74.84
N LEU D 353 -56.32 5.80 -74.46
CA LEU D 353 -57.70 5.40 -74.66
C LEU D 353 -58.01 5.21 -76.15
N ILE D 354 -57.55 6.15 -76.96
CA ILE D 354 -57.76 6.03 -78.40
C ILE D 354 -57.27 4.68 -78.87
N ASN D 355 -56.03 4.33 -78.51
CA ASN D 355 -55.49 3.04 -78.92
C ASN D 355 -56.33 1.85 -78.47
N THR D 356 -56.90 1.96 -77.26
CA THR D 356 -57.82 0.94 -76.74
C THR D 356 -59.04 0.83 -77.65
N TYR D 357 -59.57 1.98 -78.05
CA TYR D 357 -60.67 1.94 -79.03
C TYR D 357 -60.25 1.19 -80.29
N LEU D 358 -59.13 1.58 -80.88
CA LEU D 358 -58.67 0.99 -82.15
C LEU D 358 -58.39 -0.51 -81.98
N GLU D 359 -57.91 -0.90 -80.80
CA GLU D 359 -57.40 -2.27 -80.65
C GLU D 359 -58.45 -3.26 -80.22
N SER D 360 -59.56 -2.76 -79.66
CA SER D 360 -60.56 -3.61 -79.03
C SER D 360 -61.93 -3.34 -79.61
N GLY D 361 -62.06 -2.23 -80.32
CA GLY D 361 -63.33 -1.83 -80.87
C GLY D 361 -64.19 -1.00 -79.93
N PHE D 362 -63.78 -0.90 -78.67
CA PHE D 362 -64.53 -0.15 -77.66
C PHE D 362 -63.62 0.71 -76.78
N PHE D 363 -64.16 1.80 -76.25
CA PHE D 363 -63.50 2.46 -75.14
C PHE D 363 -63.69 1.60 -73.88
N PRO D 364 -62.73 1.66 -72.94
CA PRO D 364 -62.90 0.78 -71.77
C PRO D 364 -63.76 1.44 -70.70
N GLU D 365 -64.37 0.65 -69.81
CA GLU D 365 -64.94 1.22 -68.59
C GLU D 365 -64.12 0.73 -67.41
N TRP D 366 -64.20 -0.56 -67.12
CA TRP D 366 -63.21 -1.19 -66.27
C TRP D 366 -62.21 -1.94 -67.14
N ALA D 367 -60.93 -1.62 -66.96
CA ALA D 367 -59.82 -2.29 -67.63
C ALA D 367 -58.75 -2.77 -66.63
N SER D 368 -58.40 -4.06 -66.69
CA SER D 368 -57.37 -4.64 -65.84
C SER D 368 -56.92 -6.01 -66.34
N PRO D 369 -56.04 -6.04 -67.37
CA PRO D 369 -55.58 -4.88 -68.13
C PRO D 369 -56.40 -4.67 -69.41
N GLY D 370 -57.00 -5.75 -69.93
CA GLY D 370 -58.00 -5.64 -70.98
C GLY D 370 -59.37 -5.39 -70.37
N HIS D 371 -60.41 -5.44 -71.20
CA HIS D 371 -61.78 -5.18 -70.75
C HIS D 371 -62.22 -6.15 -69.67
N ARG D 372 -62.74 -5.63 -68.57
CA ARG D 372 -63.15 -6.48 -67.45
C ARG D 372 -64.57 -6.10 -67.04
N GLY D 373 -65.35 -7.10 -66.66
CA GLY D 373 -66.75 -6.89 -66.32
C GLY D 373 -66.91 -6.49 -64.87
N CYS D 374 -67.38 -5.28 -64.63
CA CYS D 374 -67.47 -4.75 -63.29
C CYS D 374 -68.11 -3.38 -63.35
N MET D 375 -69.03 -3.13 -62.43
CA MET D 375 -69.73 -1.84 -62.35
C MET D 375 -70.55 -1.53 -63.61
N VAL D 376 -70.86 -0.24 -63.80
CA VAL D 376 -71.82 0.21 -64.82
C VAL D 376 -71.52 1.60 -65.38
N GLY D 377 -72.40 2.05 -66.26
CA GLY D 377 -72.26 3.35 -66.86
C GLY D 377 -71.44 3.35 -68.14
N ASN D 378 -71.41 4.49 -68.79
CA ASN D 378 -70.60 4.72 -69.96
C ASN D 378 -69.77 5.96 -69.68
N ASN D 379 -69.11 5.98 -68.52
CA ASN D 379 -68.47 7.20 -68.02
C ASN D 379 -67.13 7.48 -68.67
N SER D 380 -66.68 6.53 -69.48
CA SER D 380 -65.57 6.81 -70.36
C SER D 380 -65.90 8.08 -71.12
N ALA D 381 -67.19 8.34 -71.35
CA ALA D 381 -67.59 9.56 -72.06
C ALA D 381 -67.28 10.81 -71.24
N SER D 382 -67.42 10.72 -69.93
CA SER D 382 -67.03 11.85 -69.09
C SER D 382 -65.51 12.07 -69.16
N ILE D 383 -64.76 10.99 -68.96
CA ILE D 383 -63.32 11.03 -69.05
C ILE D 383 -62.89 11.73 -70.33
N LEU D 384 -63.40 11.21 -71.44
CA LEU D 384 -62.97 11.67 -72.76
C LEU D 384 -63.32 13.13 -73.02
N VAL D 385 -64.51 13.55 -72.60
CA VAL D 385 -65.00 14.89 -72.88
C VAL D 385 -64.47 15.93 -71.89
N ASP D 386 -64.38 15.56 -70.62
CA ASP D 386 -63.79 16.48 -69.65
C ASP D 386 -62.36 16.81 -70.08
N ALA D 387 -61.65 15.82 -70.63
CA ALA D 387 -60.26 16.04 -71.04
C ALA D 387 -60.19 17.00 -72.22
N TYR D 388 -61.03 16.78 -73.22
CA TYR D 388 -61.03 17.64 -74.41
C TYR D 388 -61.43 19.06 -74.05
N MET D 389 -62.47 19.17 -73.23
CA MET D 389 -63.01 20.47 -72.90
C MET D 389 -62.00 21.22 -72.07
N LYS D 390 -61.11 20.49 -71.41
CA LYS D 390 -60.09 21.15 -70.59
C LYS D 390 -58.74 21.32 -71.28
N GLY D 391 -58.74 21.26 -72.62
CA GLY D 391 -57.53 21.53 -73.41
C GLY D 391 -56.56 20.37 -73.46
N VAL D 392 -57.00 19.19 -73.03
CA VAL D 392 -56.20 17.99 -73.17
C VAL D 392 -56.78 17.22 -74.35
N LYS D 393 -56.30 17.54 -75.55
CA LYS D 393 -56.90 17.07 -76.79
C LYS D 393 -56.03 16.07 -77.53
N VAL D 394 -56.57 14.88 -77.80
CA VAL D 394 -55.85 13.87 -78.58
C VAL D 394 -55.57 14.36 -79.99
N ASP D 395 -54.72 13.66 -80.71
CA ASP D 395 -54.33 14.12 -82.03
C ASP D 395 -55.42 13.84 -83.08
N ASP D 396 -56.30 12.90 -82.76
CA ASP D 396 -57.33 12.45 -83.68
C ASP D 396 -58.73 12.64 -83.09
N ILE D 397 -59.32 13.82 -83.28
CA ILE D 397 -60.71 14.05 -82.86
C ILE D 397 -61.68 13.12 -83.56
N LYS D 398 -61.53 12.96 -84.87
CA LYS D 398 -62.48 12.16 -85.64
C LYS D 398 -62.69 10.80 -84.99
N THR D 399 -61.59 10.11 -84.73
CA THR D 399 -61.66 8.79 -84.11
C THR D 399 -62.22 8.86 -82.69
N LEU D 400 -62.01 9.99 -82.02
CA LEU D 400 -62.56 10.18 -80.67
C LEU D 400 -64.08 10.11 -80.67
N TYR D 401 -64.70 10.92 -81.53
CA TYR D 401 -66.15 11.02 -81.61
C TYR D 401 -66.76 9.71 -82.11
N GLU D 402 -66.16 9.15 -83.14
CA GLU D 402 -66.70 7.92 -83.70
C GLU D 402 -66.76 6.83 -82.62
N GLY D 403 -65.72 6.79 -81.78
CA GLY D 403 -65.68 5.84 -80.67
C GLY D 403 -66.69 6.12 -79.58
N LEU D 404 -66.97 7.41 -79.36
CA LEU D 404 -68.06 7.79 -78.46
C LEU D 404 -69.42 7.34 -79.00
N ILE D 405 -69.66 7.61 -80.28
CA ILE D 405 -70.89 7.18 -80.92
C ILE D 405 -71.06 5.67 -80.83
N HIS D 406 -69.98 4.96 -81.14
CA HIS D 406 -70.03 3.51 -81.16
C HIS D 406 -70.49 2.95 -79.82
N GLY D 407 -70.04 3.59 -78.73
CA GLY D 407 -70.31 3.15 -77.37
C GLY D 407 -71.77 3.25 -76.99
N THR D 408 -72.46 4.24 -77.55
CA THR D 408 -73.87 4.48 -77.25
C THR D 408 -74.87 3.52 -77.91
N GLU D 409 -74.38 2.63 -78.76
CA GLU D 409 -75.30 1.69 -79.43
C GLU D 409 -74.69 0.32 -79.69
N ASN D 410 -73.80 -0.08 -78.79
CA ASN D 410 -73.20 -1.39 -78.83
C ASN D 410 -72.84 -1.74 -77.41
N VAL D 411 -72.81 -3.03 -77.11
CA VAL D 411 -72.35 -3.48 -75.83
C VAL D 411 -71.36 -4.58 -76.16
N HIS D 412 -70.35 -4.73 -75.33
CA HIS D 412 -69.35 -5.73 -75.61
C HIS D 412 -69.98 -7.10 -75.44
N PRO D 413 -69.73 -8.00 -76.41
CA PRO D 413 -70.26 -9.37 -76.41
C PRO D 413 -69.89 -10.22 -75.18
N GLU D 414 -68.65 -10.09 -74.68
CA GLU D 414 -68.21 -10.85 -73.49
C GLU D 414 -68.24 -10.09 -72.17
N VAL D 415 -68.13 -8.76 -72.22
CA VAL D 415 -67.99 -7.94 -71.03
C VAL D 415 -69.11 -6.90 -70.98
N SER D 416 -70.17 -7.20 -70.26
CA SER D 416 -71.38 -6.39 -70.34
C SER D 416 -71.24 -4.97 -69.79
N SER D 417 -70.18 -4.71 -69.02
CA SER D 417 -69.89 -3.37 -68.50
C SER D 417 -69.08 -2.52 -69.49
N THR D 418 -68.73 -3.09 -70.63
CA THR D 418 -68.01 -2.31 -71.65
C THR D 418 -69.00 -2.06 -72.78
N GLY D 419 -69.11 -0.81 -73.23
CA GLY D 419 -70.24 -0.37 -74.05
C GLY D 419 -71.44 -0.21 -73.13
N ARG D 420 -72.62 0.00 -73.71
CA ARG D 420 -73.86 0.22 -72.93
C ARG D 420 -74.81 -0.97 -72.92
N LEU D 421 -74.69 -1.85 -71.92
CA LEU D 421 -75.72 -2.86 -71.73
C LEU D 421 -77.05 -2.11 -71.65
N GLY D 422 -78.06 -2.63 -72.35
CA GLY D 422 -79.41 -2.05 -72.32
C GLY D 422 -79.67 -0.83 -73.20
N TYR D 423 -78.77 -0.54 -74.13
CA TYR D 423 -78.95 0.64 -74.98
C TYR D 423 -80.20 0.57 -75.83
N GLU D 424 -80.58 -0.64 -76.25
CA GLU D 424 -81.74 -0.83 -77.10
C GLU D 424 -82.97 -0.23 -76.41
N TYR D 425 -83.22 -0.67 -75.17
CA TYR D 425 -84.27 -0.11 -74.31
C TYR D 425 -84.10 1.38 -74.05
N TYR D 426 -82.91 1.77 -73.61
CA TYR D 426 -82.68 3.14 -73.21
C TYR D 426 -82.84 4.08 -74.40
N ASN D 427 -82.32 3.66 -75.55
CA ASN D 427 -82.47 4.49 -76.73
C ASN D 427 -83.93 4.64 -77.16
N LYS D 428 -84.72 3.59 -76.97
CA LYS D 428 -86.12 3.60 -77.41
C LYS D 428 -87.11 4.11 -76.35
N LEU D 429 -86.85 3.86 -75.07
CA LEU D 429 -87.82 4.22 -74.03
C LEU D 429 -87.44 5.43 -73.17
N GLY D 430 -86.16 5.81 -73.20
CA GLY D 430 -85.63 6.84 -72.30
C GLY D 430 -85.09 6.28 -70.98
N TYR D 431 -85.10 4.95 -70.83
CA TYR D 431 -84.52 4.34 -69.65
C TYR D 431 -84.29 2.84 -69.83
N VAL D 432 -83.42 2.28 -69.01
CA VAL D 432 -83.36 0.85 -68.89
C VAL D 432 -84.47 0.46 -67.90
N PRO D 433 -85.34 -0.49 -68.29
CA PRO D 433 -86.40 -0.92 -67.38
C PRO D 433 -85.92 -1.88 -66.28
N TYR D 434 -86.76 -2.01 -65.26
CA TYR D 434 -86.41 -2.70 -64.02
C TYR D 434 -86.83 -4.16 -64.09
N ASP D 435 -87.64 -4.49 -65.10
CA ASP D 435 -88.19 -5.83 -65.18
C ASP D 435 -87.81 -6.56 -66.46
N VAL D 436 -86.63 -6.26 -66.99
CA VAL D 436 -86.20 -6.96 -68.19
C VAL D 436 -84.87 -7.70 -68.06
N LYS D 437 -84.53 -8.15 -66.86
CA LYS D 437 -83.32 -8.97 -66.69
C LYS D 437 -82.06 -8.15 -66.86
N ILE D 438 -82.17 -6.84 -66.68
CA ILE D 438 -80.99 -6.00 -66.66
C ILE D 438 -80.82 -5.31 -65.30
N ASN D 439 -79.98 -5.90 -64.47
CA ASN D 439 -79.78 -5.42 -63.11
C ASN D 439 -79.12 -4.07 -63.10
N GLU D 440 -79.32 -3.32 -62.01
CA GLU D 440 -78.73 -2.00 -61.84
C GLU D 440 -79.14 -1.13 -63.02
N ASN D 441 -80.37 -1.38 -63.45
CA ASN D 441 -80.99 -0.67 -64.57
C ASN D 441 -81.18 0.82 -64.29
N ALA D 442 -81.57 1.16 -63.07
CA ALA D 442 -81.75 2.57 -62.74
C ALA D 442 -80.40 3.28 -62.71
N ALA D 443 -79.41 2.64 -62.09
CA ALA D 443 -78.08 3.26 -62.01
C ALA D 443 -77.55 3.55 -63.39
N ARG D 444 -77.64 2.58 -64.27
CA ARG D 444 -77.15 2.76 -65.63
C ARG D 444 -77.88 3.94 -66.26
N THR D 445 -79.18 3.97 -66.08
CA THR D 445 -79.98 5.01 -66.71
C THR D 445 -79.46 6.40 -66.37
N LEU D 446 -79.30 6.66 -65.08
CA LEU D 446 -78.81 7.96 -64.60
C LEU D 446 -77.45 8.32 -65.16
N GLU D 447 -76.52 7.37 -65.15
CA GLU D 447 -75.20 7.71 -65.63
C GLU D 447 -75.16 7.78 -67.16
N TYR D 448 -76.03 7.01 -67.80
CA TYR D 448 -76.16 7.12 -69.25
C TYR D 448 -76.61 8.53 -69.58
N ALA D 449 -77.57 9.04 -68.82
CA ALA D 449 -78.05 10.39 -69.10
C ALA D 449 -76.91 11.38 -69.03
N TYR D 450 -76.20 11.42 -67.91
CA TYR D 450 -75.05 12.32 -67.77
C TYR D 450 -74.02 12.07 -68.90
N ASP D 451 -73.80 10.82 -69.24
CA ASP D 451 -72.87 10.45 -70.28
C ASP D 451 -73.31 11.05 -71.60
N ASP D 452 -74.62 11.04 -71.82
CA ASP D 452 -75.17 11.63 -73.02
C ASP D 452 -75.00 13.15 -73.03
N TRP D 453 -75.10 13.77 -71.86
CA TRP D 453 -74.85 15.21 -71.77
C TRP D 453 -73.42 15.54 -72.17
N CYS D 454 -72.45 14.79 -71.64
CA CYS D 454 -71.07 14.95 -72.08
C CYS D 454 -70.96 14.88 -73.62
N ILE D 455 -71.55 13.85 -74.21
CA ILE D 455 -71.42 13.66 -75.65
C ILE D 455 -72.05 14.87 -76.34
N TYR D 456 -73.13 15.38 -75.76
CA TYR D 456 -73.76 16.60 -76.28
C TYR D 456 -72.80 17.79 -76.29
N ARG D 457 -72.02 17.91 -75.23
CA ARG D 457 -71.09 19.02 -75.08
C ARG D 457 -70.04 19.04 -76.17
N LEU D 458 -69.45 17.88 -76.39
CA LEU D 458 -68.45 17.69 -77.44
C LEU D 458 -69.09 17.80 -78.81
N ALA D 459 -70.27 17.21 -78.98
CA ALA D 459 -70.94 17.30 -80.27
C ALA D 459 -71.13 18.77 -80.65
N LYS D 460 -71.55 19.58 -79.69
CA LYS D 460 -71.78 21.01 -79.91
C LYS D 460 -70.49 21.78 -80.19
N GLU D 461 -69.48 21.55 -79.35
CA GLU D 461 -68.15 22.17 -79.52
C GLU D 461 -67.56 21.84 -80.87
N LEU D 462 -67.82 20.62 -81.34
CA LEU D 462 -67.30 20.17 -82.61
C LEU D 462 -68.20 20.58 -83.77
N LYS D 463 -69.13 21.49 -83.50
CA LYS D 463 -70.01 22.00 -84.55
C LYS D 463 -70.57 20.83 -85.37
N ARG D 464 -71.34 19.97 -84.71
CA ARG D 464 -71.96 18.80 -85.35
C ARG D 464 -73.30 19.17 -85.98
N PRO D 465 -73.91 18.21 -86.69
CA PRO D 465 -75.23 18.40 -87.28
C PRO D 465 -76.24 18.69 -86.17
N LYS D 466 -77.13 19.65 -86.41
CA LYS D 466 -78.17 19.98 -85.43
C LYS D 466 -78.91 18.72 -84.94
N LYS D 467 -79.13 17.79 -85.87
CA LYS D 467 -79.88 16.58 -85.56
C LYS D 467 -79.21 15.76 -84.46
N GLU D 468 -77.88 15.66 -84.53
CA GLU D 468 -77.09 14.95 -83.51
C GLU D 468 -76.96 15.68 -82.17
N ILE D 469 -76.75 16.98 -82.21
CA ILE D 469 -76.74 17.78 -80.99
C ILE D 469 -78.09 17.67 -80.27
N SER D 470 -79.19 17.78 -81.02
CA SER D 470 -80.53 17.60 -80.45
C SER D 470 -80.76 16.21 -79.84
N LEU D 471 -80.26 15.19 -80.52
CA LEU D 471 -80.46 13.82 -80.04
C LEU D 471 -79.89 13.67 -78.63
N PHE D 472 -78.68 14.16 -78.44
CA PHE D 472 -78.01 13.97 -77.16
C PHE D 472 -78.48 14.91 -76.08
N ALA D 473 -78.86 16.13 -76.46
CA ALA D 473 -79.53 17.05 -75.54
C ALA D 473 -80.78 16.38 -74.99
N LYS D 474 -81.51 15.68 -75.86
CA LYS D 474 -82.69 14.94 -75.42
C LYS D 474 -82.33 13.83 -74.42
N ARG D 475 -81.42 12.95 -74.80
CA ARG D 475 -81.04 11.84 -73.93
C ARG D 475 -80.46 12.32 -72.60
N ALA D 476 -79.84 13.48 -72.60
CA ALA D 476 -79.32 14.05 -71.37
C ALA D 476 -80.42 14.22 -70.33
N MET D 477 -81.67 14.37 -70.76
CA MET D 477 -82.74 14.67 -69.81
C MET D 477 -83.45 13.39 -69.40
N ASN D 478 -82.89 12.28 -69.84
CA ASN D 478 -83.45 10.98 -69.57
C ASN D 478 -83.57 10.60 -68.10
N TYR D 479 -82.87 11.30 -67.22
CA TYR D 479 -82.93 10.99 -65.78
C TYR D 479 -84.30 11.37 -65.23
N LYS D 480 -85.01 12.22 -65.97
CA LYS D 480 -86.35 12.61 -65.56
C LYS D 480 -87.26 11.40 -65.59
N ASN D 481 -86.94 10.45 -66.45
CA ASN D 481 -87.76 9.25 -66.62
C ASN D 481 -87.85 8.33 -65.43
N LEU D 482 -86.93 8.48 -64.47
CA LEU D 482 -86.89 7.60 -63.30
C LEU D 482 -87.25 8.32 -62.01
N PHE D 483 -87.67 9.58 -62.15
CA PHE D 483 -88.06 10.34 -60.97
C PHE D 483 -89.50 10.12 -60.55
N ASP D 484 -89.65 9.62 -59.33
CA ASP D 484 -90.95 9.34 -58.77
C ASP D 484 -91.41 10.50 -57.88
N LYS D 485 -92.40 11.26 -58.36
CA LYS D 485 -92.88 12.45 -57.64
C LYS D 485 -93.35 12.11 -56.23
N GLU D 486 -93.97 10.95 -56.09
CA GLU D 486 -94.54 10.50 -54.83
C GLU D 486 -93.49 10.44 -53.72
N SER D 487 -92.36 9.80 -53.96
CA SER D 487 -91.34 9.68 -52.92
C SER D 487 -90.24 10.75 -53.03
N LYS D 488 -90.20 11.46 -54.16
CA LYS D 488 -89.13 12.44 -54.43
C LYS D 488 -87.75 11.79 -54.59
N LEU D 489 -87.73 10.55 -55.07
CA LEU D 489 -86.49 9.82 -55.30
C LEU D 489 -86.51 9.15 -56.65
N MET D 490 -85.35 8.72 -57.12
CA MET D 490 -85.29 7.93 -58.33
C MET D 490 -85.70 6.50 -58.01
N ARG D 491 -86.31 5.82 -58.96
CA ARG D 491 -86.95 4.55 -58.66
C ARG D 491 -86.98 3.67 -59.90
N GLY D 492 -86.74 2.38 -59.72
CA GLY D 492 -86.83 1.46 -60.86
C GLY D 492 -88.14 1.63 -61.62
N ARG D 493 -88.09 1.51 -62.95
CA ARG D 493 -89.28 1.65 -63.79
C ARG D 493 -89.50 0.46 -64.75
N ASN D 494 -90.64 -0.21 -64.61
CA ASN D 494 -91.02 -1.32 -65.49
C ASN D 494 -91.10 -0.93 -66.97
N GLU D 495 -90.93 -1.92 -67.84
CA GLU D 495 -90.95 -1.71 -69.28
C GLU D 495 -92.24 -1.04 -69.79
N ASP D 496 -93.36 -1.22 -69.09
CA ASP D 496 -94.61 -0.62 -69.56
C ASP D 496 -94.81 0.82 -69.08
N GLY D 497 -93.80 1.38 -68.41
CA GLY D 497 -93.87 2.78 -68.00
C GLY D 497 -94.32 3.03 -66.58
N THR D 498 -94.79 1.99 -65.89
CA THR D 498 -95.17 2.11 -64.47
C THR D 498 -93.96 1.94 -63.55
N PHE D 499 -93.90 2.71 -62.47
CA PHE D 499 -92.83 2.55 -61.49
C PHE D 499 -92.89 1.21 -60.77
N GLN D 500 -91.74 0.63 -60.42
CA GLN D 500 -91.73 -0.67 -59.75
C GLN D 500 -92.27 -0.59 -58.32
N SER D 501 -93.10 -1.57 -57.97
CA SER D 501 -93.62 -1.71 -56.61
C SER D 501 -93.40 -3.16 -56.16
N PRO D 502 -93.16 -3.37 -54.85
CA PRO D 502 -93.08 -2.29 -53.88
C PRO D 502 -91.70 -1.64 -53.88
N PHE D 503 -91.68 -0.35 -53.58
CA PHE D 503 -90.47 0.44 -53.57
C PHE D 503 -89.89 0.58 -52.17
N SER D 504 -88.63 0.24 -51.97
CA SER D 504 -87.97 0.70 -50.76
C SER D 504 -86.73 1.48 -51.11
N PRO D 505 -86.66 2.72 -50.62
CA PRO D 505 -85.50 3.59 -50.82
C PRO D 505 -84.29 3.03 -50.09
N LEU D 506 -84.53 2.13 -49.14
CA LEU D 506 -83.47 1.52 -48.37
C LEU D 506 -82.88 0.29 -49.03
N LYS D 507 -83.47 -0.18 -50.13
CA LYS D 507 -83.00 -1.44 -50.72
C LYS D 507 -81.75 -1.26 -51.56
N TRP D 508 -80.72 -2.04 -51.23
CA TRP D 508 -79.43 -1.89 -51.91
C TRP D 508 -79.37 -2.72 -53.21
N GLY D 509 -78.52 -2.28 -54.14
CA GLY D 509 -78.40 -3.03 -55.39
C GLY D 509 -79.69 -3.05 -56.20
N ASP D 510 -79.90 -4.12 -56.96
CA ASP D 510 -81.14 -4.33 -57.72
C ASP D 510 -81.33 -3.30 -58.85
N ALA D 511 -82.03 -2.21 -58.57
CA ALA D 511 -82.14 -1.10 -59.53
C ALA D 511 -80.87 -0.25 -59.51
N PHE D 512 -80.18 -0.26 -58.38
CA PHE D 512 -79.02 0.60 -58.23
C PHE D 512 -77.74 -0.20 -58.08
N THR D 513 -76.62 0.52 -58.10
CA THR D 513 -75.30 -0.10 -57.95
C THR D 513 -74.69 0.36 -56.65
N GLU D 514 -74.13 -0.58 -55.89
CA GLU D 514 -73.39 -0.23 -54.68
C GLU D 514 -74.13 0.67 -53.70
N GLY D 515 -75.44 0.70 -53.71
CA GLY D 515 -76.16 1.58 -52.81
C GLY D 515 -77.63 1.45 -53.02
N ASN D 516 -78.40 2.41 -52.50
CA ASN D 516 -79.84 2.38 -52.62
C ASN D 516 -80.34 3.64 -53.33
N SER D 517 -81.64 3.90 -53.27
CA SER D 517 -82.20 5.10 -53.87
C SER D 517 -81.70 6.37 -53.18
N TRP D 518 -81.59 6.34 -51.85
CA TRP D 518 -81.05 7.51 -51.14
C TRP D 518 -79.64 7.89 -51.62
N HIS D 519 -78.87 6.92 -52.10
CA HIS D 519 -77.53 7.22 -52.57
C HIS D 519 -77.47 7.67 -54.03
N TYR D 520 -78.25 7.05 -54.90
CA TYR D 520 -78.15 7.32 -56.34
C TYR D 520 -79.02 8.47 -56.85
N THR D 521 -80.00 8.87 -56.05
CA THR D 521 -80.94 9.89 -56.49
C THR D 521 -80.23 11.19 -56.91
N TRP D 522 -79.07 11.45 -56.31
CA TRP D 522 -78.32 12.68 -56.56
C TRP D 522 -77.49 12.67 -57.83
N SER D 523 -77.42 11.53 -58.51
CA SER D 523 -76.58 11.43 -59.71
C SER D 523 -77.15 12.21 -60.92
N VAL D 524 -77.32 13.51 -60.75
CA VAL D 524 -77.71 14.38 -61.88
C VAL D 524 -76.65 15.50 -61.98
N PHE D 525 -75.41 15.10 -62.30
CA PHE D 525 -74.25 15.98 -62.22
C PHE D 525 -74.44 17.20 -63.12
N HIS D 526 -74.91 16.95 -64.34
CA HIS D 526 -75.04 17.98 -65.37
C HIS D 526 -76.28 18.84 -65.24
N ASP D 527 -77.17 18.55 -64.28
CA ASP D 527 -78.42 19.32 -64.15
C ASP D 527 -78.98 19.33 -62.72
N PRO D 528 -78.23 19.86 -61.74
CA PRO D 528 -78.86 19.82 -60.41
C PRO D 528 -80.14 20.65 -60.34
N GLN D 529 -80.20 21.77 -61.05
CA GLN D 529 -81.43 22.55 -61.06
C GLN D 529 -82.62 21.71 -61.49
N GLY D 530 -82.42 20.86 -62.50
CA GLY D 530 -83.48 19.99 -63.00
C GLY D 530 -83.97 19.05 -61.92
N LEU D 531 -83.04 18.55 -61.10
CA LEU D 531 -83.40 17.71 -59.96
C LEU D 531 -84.15 18.54 -58.93
N ILE D 532 -83.70 19.77 -58.70
CA ILE D 532 -84.39 20.66 -57.78
C ILE D 532 -85.80 20.95 -58.31
N ASP D 533 -85.94 21.13 -59.62
CA ASP D 533 -87.25 21.42 -60.17
C ASP D 533 -88.13 20.19 -59.99
N LEU D 534 -87.60 19.03 -60.36
CA LEU D 534 -88.28 17.77 -60.13
C LEU D 534 -88.84 17.64 -58.74
N MET D 535 -88.07 18.07 -57.73
CA MET D 535 -88.46 17.82 -56.34
C MET D 535 -89.38 18.87 -55.78
N GLY D 536 -89.72 19.84 -56.63
CA GLY D 536 -90.59 20.93 -56.21
C GLY D 536 -89.85 22.14 -55.64
N GLY D 537 -88.57 22.28 -55.94
CA GLY D 537 -87.89 23.51 -55.58
C GLY D 537 -86.90 23.39 -54.44
N LYS D 538 -86.11 24.44 -54.26
CA LYS D 538 -84.92 24.36 -53.41
C LYS D 538 -85.21 24.03 -51.94
N GLU D 539 -86.35 24.50 -51.43
CA GLU D 539 -86.72 24.23 -50.05
C GLU D 539 -86.93 22.74 -49.82
N MET D 540 -87.65 22.09 -50.73
CA MET D 540 -87.93 20.66 -50.61
C MET D 540 -86.69 19.80 -50.93
N PHE D 541 -85.87 20.26 -51.86
CA PHE D 541 -84.64 19.59 -52.22
C PHE D 541 -83.73 19.53 -51.00
N VAL D 542 -83.58 20.65 -50.30
CA VAL D 542 -82.78 20.71 -49.08
C VAL D 542 -83.37 19.84 -47.96
N THR D 543 -84.68 19.66 -47.97
CA THR D 543 -85.32 18.79 -46.99
C THR D 543 -84.91 17.33 -47.23
N MET D 544 -85.01 16.90 -48.48
CA MET D 544 -84.59 15.58 -48.90
C MET D 544 -83.12 15.33 -48.60
N MET D 545 -82.28 16.31 -48.92
CA MET D 545 -80.85 16.17 -48.71
C MET D 545 -80.52 16.08 -47.23
N ASP D 546 -81.15 16.92 -46.43
CA ASP D 546 -80.94 16.86 -44.99
C ASP D 546 -81.39 15.52 -44.40
N SER D 547 -82.43 14.91 -44.95
CA SER D 547 -82.89 13.67 -44.32
C SER D 547 -81.96 12.48 -44.56
N VAL D 548 -81.16 12.52 -45.63
CA VAL D 548 -80.12 11.51 -45.84
C VAL D 548 -79.32 11.31 -44.54
N PHE D 549 -78.87 12.42 -43.97
CA PHE D 549 -78.10 12.35 -42.74
C PHE D 549 -78.89 11.91 -41.52
N ALA D 550 -80.20 12.04 -41.57
CA ALA D 550 -80.99 11.74 -40.41
C ALA D 550 -81.70 10.42 -40.38
N VAL D 551 -81.78 9.71 -41.49
CA VAL D 551 -82.47 8.45 -41.49
C VAL D 551 -81.56 7.30 -41.14
N PRO D 552 -82.00 6.50 -40.22
CA PRO D 552 -81.21 5.43 -39.65
C PRO D 552 -80.77 4.44 -40.71
N PRO D 553 -79.59 3.90 -40.59
CA PRO D 553 -79.06 3.06 -41.64
C PRO D 553 -79.62 1.67 -41.62
N ILE D 554 -80.92 1.60 -41.71
CA ILE D 554 -81.66 0.40 -41.90
C ILE D 554 -81.44 0.00 -43.36
N PHE D 555 -81.45 -1.28 -43.69
CA PHE D 555 -81.19 -1.67 -45.06
C PHE D 555 -81.80 -2.99 -45.46
N ASP D 556 -81.97 -3.18 -46.75
CA ASP D 556 -82.38 -4.46 -47.28
C ASP D 556 -81.24 -4.94 -48.14
N ASP D 557 -80.68 -6.08 -47.81
CA ASP D 557 -79.54 -6.59 -48.56
C ASP D 557 -79.90 -7.81 -49.42
N SER D 558 -81.18 -8.07 -49.59
CA SER D 558 -81.61 -9.26 -50.33
C SER D 558 -80.86 -9.42 -51.67
N TYR D 559 -80.68 -8.34 -52.42
CA TYR D 559 -80.03 -8.45 -53.72
C TYR D 559 -78.64 -9.10 -53.60
N TYR D 560 -78.06 -9.06 -52.40
CA TYR D 560 -76.69 -9.58 -52.20
C TYR D 560 -76.61 -10.89 -51.44
N GLY D 561 -77.52 -11.08 -50.50
CA GLY D 561 -77.59 -12.32 -49.75
C GLY D 561 -76.65 -12.31 -48.57
N GLN D 562 -76.13 -11.13 -48.26
CA GLN D 562 -75.19 -10.93 -47.15
C GLN D 562 -74.98 -9.42 -46.93
N VAL D 563 -74.58 -9.05 -45.73
CA VAL D 563 -74.26 -7.69 -45.41
C VAL D 563 -72.92 -7.37 -46.03
N ILE D 564 -72.92 -6.92 -47.29
CA ILE D 564 -71.66 -6.62 -47.93
C ILE D 564 -70.97 -5.48 -47.19
N HIS D 565 -69.65 -5.38 -47.33
CA HIS D 565 -68.90 -4.44 -46.53
C HIS D 565 -69.38 -3.03 -46.70
N GLU D 566 -69.79 -2.69 -47.92
CA GLU D 566 -70.31 -1.37 -48.23
C GLU D 566 -71.44 -1.04 -47.26
N ILE D 567 -72.35 -1.99 -47.05
CA ILE D 567 -73.46 -1.75 -46.12
C ILE D 567 -72.94 -1.56 -44.70
N ARG D 568 -72.09 -2.47 -44.24
CA ARG D 568 -71.53 -2.41 -42.88
C ARG D 568 -70.85 -1.06 -42.69
N GLU D 569 -70.12 -0.59 -43.70
CA GLU D 569 -69.40 0.70 -43.60
C GLU D 569 -70.32 1.89 -43.36
N MET D 570 -71.43 1.92 -44.08
CA MET D 570 -72.47 2.94 -43.84
C MET D 570 -73.00 2.86 -42.41
N THR D 571 -73.27 1.65 -41.93
CA THR D 571 -73.93 1.52 -40.64
C THR D 571 -73.02 2.00 -39.51
N VAL D 572 -71.74 1.68 -39.59
CA VAL D 572 -70.87 1.98 -38.45
C VAL D 572 -70.56 3.47 -38.24
N MET D 573 -70.77 4.30 -39.26
CA MET D 573 -70.35 5.71 -39.14
C MET D 573 -71.33 6.63 -38.43
N ASN D 574 -72.56 6.18 -38.25
CA ASN D 574 -73.60 6.99 -37.61
C ASN D 574 -73.80 8.34 -38.31
N MET D 575 -73.75 8.36 -39.63
CA MET D 575 -74.13 9.54 -40.39
C MET D 575 -75.37 9.21 -41.24
N GLY D 576 -76.31 8.51 -40.61
CA GLY D 576 -77.54 8.08 -41.28
C GLY D 576 -77.23 7.21 -42.47
N ASN D 577 -77.80 7.56 -43.63
CA ASN D 577 -77.53 6.83 -44.86
C ASN D 577 -76.42 7.46 -45.68
N TYR D 578 -75.81 8.53 -45.17
CA TYR D 578 -74.67 9.12 -45.87
C TYR D 578 -73.44 8.22 -45.71
N ALA D 579 -73.08 7.51 -46.77
CA ALA D 579 -71.99 6.56 -46.69
C ALA D 579 -70.89 7.03 -47.61
N HIS D 580 -69.88 7.69 -47.05
CA HIS D 580 -68.90 8.38 -47.86
C HIS D 580 -68.09 7.49 -48.85
N GLY D 581 -67.99 6.19 -48.57
CA GLY D 581 -67.25 5.27 -49.45
C GLY D 581 -68.00 5.02 -50.75
N ASN D 582 -69.30 5.27 -50.68
CA ASN D 582 -70.18 5.06 -51.82
C ASN D 582 -69.92 6.10 -52.93
N GLN D 583 -69.27 5.68 -54.02
CA GLN D 583 -68.88 6.64 -55.05
C GLN D 583 -70.03 7.56 -55.54
N PRO D 584 -71.23 6.99 -55.75
CA PRO D 584 -72.34 7.76 -56.29
C PRO D 584 -72.75 8.96 -55.40
N ILE D 585 -72.60 8.82 -54.09
CA ILE D 585 -72.94 9.92 -53.18
C ILE D 585 -71.82 10.95 -52.91
N GLN D 586 -70.64 10.73 -53.46
CA GLN D 586 -69.49 11.54 -53.04
C GLN D 586 -69.57 13.03 -53.34
N HIS D 587 -70.28 13.41 -54.41
CA HIS D 587 -70.52 14.83 -54.77
C HIS D 587 -71.69 15.44 -54.00
N MET D 588 -72.57 14.59 -53.50
CA MET D 588 -73.85 15.05 -52.98
C MET D 588 -73.78 16.30 -52.08
N ILE D 589 -72.89 16.30 -51.10
CA ILE D 589 -72.86 17.44 -50.17
C ILE D 589 -72.65 18.79 -50.90
N TYR D 590 -71.86 18.80 -51.99
CA TYR D 590 -71.68 20.04 -52.78
C TYR D 590 -72.99 20.51 -53.41
N LEU D 591 -73.99 19.65 -53.42
CA LEU D 591 -75.24 20.01 -54.07
C LEU D 591 -75.99 21.02 -53.21
N TYR D 592 -75.63 21.12 -51.94
CA TYR D 592 -76.23 22.19 -51.15
C TYR D 592 -75.99 23.56 -51.82
N ASP D 593 -74.80 23.75 -52.40
CA ASP D 593 -74.50 25.03 -53.06
C ASP D 593 -75.59 25.40 -54.06
N TYR D 594 -75.89 24.47 -54.95
CA TYR D 594 -76.88 24.68 -56.00
C TYR D 594 -78.26 25.06 -55.45
N ALA D 595 -78.50 24.76 -54.18
CA ALA D 595 -79.77 25.10 -53.55
C ALA D 595 -79.70 26.36 -52.70
N GLY D 596 -78.61 27.09 -52.84
CA GLY D 596 -78.46 28.37 -52.15
C GLY D 596 -78.24 28.24 -50.65
N GLN D 597 -77.63 27.14 -50.23
CA GLN D 597 -77.24 27.03 -48.82
C GLN D 597 -75.87 26.41 -48.75
N PRO D 598 -74.86 27.10 -49.29
CA PRO D 598 -73.50 26.54 -49.34
C PRO D 598 -72.97 26.29 -47.93
N TRP D 599 -73.57 26.97 -46.95
CA TRP D 599 -73.12 26.85 -45.57
C TRP D 599 -73.35 25.43 -45.05
N LYS D 600 -74.42 24.79 -45.52
CA LYS D 600 -74.67 23.41 -45.17
C LYS D 600 -73.57 22.54 -45.77
N ALA D 601 -73.12 22.88 -46.98
CA ALA D 601 -72.03 22.10 -47.56
C ALA D 601 -70.80 22.25 -46.68
N GLN D 602 -70.61 23.47 -46.18
CA GLN D 602 -69.42 23.78 -45.41
C GLN D 602 -69.41 22.99 -44.11
N TYR D 603 -70.57 22.88 -43.48
CA TYR D 603 -70.66 22.12 -42.26
C TYR D 603 -70.37 20.65 -42.51
N TRP D 604 -71.07 20.06 -43.46
CA TRP D 604 -70.94 18.62 -43.68
C TRP D 604 -69.64 18.19 -44.36
N LEU D 605 -69.13 18.99 -45.29
CA LEU D 605 -67.86 18.64 -45.93
C LEU D 605 -66.78 18.55 -44.86
N ARG D 606 -66.78 19.48 -43.92
CA ARG D 606 -65.76 19.48 -42.88
C ARG D 606 -65.90 18.28 -41.92
N GLN D 607 -67.14 17.94 -41.58
CA GLN D 607 -67.44 16.74 -40.80
C GLN D 607 -66.75 15.57 -41.49
N VAL D 608 -67.01 15.43 -42.80
CA VAL D 608 -66.51 14.31 -43.59
C VAL D 608 -64.98 14.26 -43.56
N MET D 609 -64.36 15.39 -43.85
CA MET D 609 -62.90 15.49 -43.86
C MET D 609 -62.25 15.20 -42.51
N ASP D 610 -62.89 15.65 -41.43
CA ASP D 610 -62.36 15.45 -40.07
C ASP D 610 -62.56 14.02 -39.55
N ARG D 611 -63.65 13.37 -39.96
CA ARG D 611 -64.07 12.11 -39.34
C ARG D 611 -63.91 10.86 -40.20
N MET D 612 -64.09 10.99 -41.52
CA MET D 612 -64.10 9.84 -42.43
C MET D 612 -62.73 9.45 -42.97
N TYR D 613 -61.74 10.30 -42.74
CA TYR D 613 -60.36 10.04 -43.13
C TYR D 613 -59.44 10.19 -41.93
N THR D 614 -58.62 9.18 -41.64
CA THR D 614 -57.54 9.32 -40.67
C THR D 614 -56.25 8.80 -41.30
N PRO D 615 -55.10 9.19 -40.76
CA PRO D 615 -53.86 8.89 -41.50
C PRO D 615 -53.30 7.49 -41.28
N GLY D 616 -53.93 6.70 -40.41
CA GLY D 616 -53.30 5.44 -40.00
C GLY D 616 -53.58 4.27 -40.94
N PRO D 617 -53.15 3.07 -40.55
CA PRO D 617 -53.34 1.89 -41.40
C PRO D 617 -54.80 1.65 -41.76
N ASP D 618 -55.71 2.09 -40.89
CA ASP D 618 -57.15 1.98 -41.19
C ASP D 618 -57.75 3.34 -41.57
N GLY D 619 -57.12 4.07 -42.48
CA GLY D 619 -57.45 5.50 -42.71
C GLY D 619 -58.70 5.84 -43.52
N TYR D 620 -59.10 5.01 -44.47
CA TYR D 620 -60.30 5.32 -45.26
C TYR D 620 -61.58 4.81 -44.59
N CYS D 621 -62.74 5.25 -45.04
CA CYS D 621 -63.99 4.79 -44.45
C CYS D 621 -64.62 3.71 -45.33
N GLY D 622 -63.88 3.28 -46.36
CA GLY D 622 -64.37 2.31 -47.35
C GLY D 622 -63.33 2.22 -48.46
N ASP D 623 -63.61 1.44 -49.51
CA ASP D 623 -62.61 1.30 -50.60
C ASP D 623 -62.09 2.63 -51.11
N GLU D 624 -60.79 2.62 -51.42
CA GLU D 624 -60.07 3.78 -51.89
C GLU D 624 -60.32 3.95 -53.40
N ASP D 625 -60.37 2.83 -54.12
CA ASP D 625 -60.73 2.82 -55.54
C ASP D 625 -59.83 3.65 -56.48
N ASN D 626 -58.55 3.31 -56.51
CA ASN D 626 -57.62 3.80 -57.53
C ASN D 626 -57.52 5.32 -57.68
N GLY D 627 -57.72 6.01 -56.58
CA GLY D 627 -57.52 7.46 -56.54
C GLY D 627 -58.79 8.24 -56.26
N GLN D 628 -59.95 7.66 -56.55
CA GLN D 628 -61.21 8.38 -56.42
C GLN D 628 -61.49 8.90 -55.01
N THR D 629 -61.51 8.01 -54.01
CA THR D 629 -61.78 8.42 -52.64
C THR D 629 -60.65 9.31 -52.09
N SER D 630 -59.44 9.06 -52.55
CA SER D 630 -58.29 9.93 -52.20
C SER D 630 -58.39 11.33 -52.84
N ALA D 631 -58.62 11.38 -54.16
CA ALA D 631 -58.68 12.67 -54.82
C ALA D 631 -59.83 13.47 -54.26
N TRP D 632 -60.84 12.76 -53.73
CA TRP D 632 -61.97 13.46 -53.14
C TRP D 632 -61.49 14.37 -52.00
N TYR D 633 -60.58 13.82 -51.19
CA TYR D 633 -60.03 14.55 -50.05
C TYR D 633 -59.04 15.62 -50.50
N VAL D 634 -58.27 15.34 -51.53
CA VAL D 634 -57.35 16.35 -52.06
C VAL D 634 -58.12 17.58 -52.54
N PHE D 635 -59.08 17.37 -53.43
CA PHE D 635 -59.92 18.45 -53.92
C PHE D 635 -60.61 19.11 -52.73
N SER D 636 -61.20 18.32 -51.83
CA SER D 636 -62.05 18.93 -50.80
C SER D 636 -61.24 19.71 -49.77
N ALA D 637 -60.04 19.22 -49.48
CA ALA D 637 -59.17 19.97 -48.58
C ALA D 637 -58.78 21.34 -49.19
N LEU D 638 -58.55 21.38 -50.50
CA LEU D 638 -58.34 22.67 -51.18
C LEU D 638 -59.58 23.58 -51.16
N GLY D 639 -60.76 22.99 -51.04
CA GLY D 639 -62.02 23.75 -50.90
C GLY D 639 -62.99 23.76 -52.09
N PHE D 640 -62.79 22.85 -53.05
CA PHE D 640 -63.66 22.82 -54.22
C PHE D 640 -63.60 21.48 -54.95
N TYR D 641 -64.64 21.18 -55.71
CA TYR D 641 -64.81 19.83 -56.23
C TYR D 641 -65.47 19.87 -57.62
N PRO D 642 -64.97 19.04 -58.53
CA PRO D 642 -65.55 19.01 -59.86
C PRO D 642 -66.82 18.18 -59.91
N VAL D 643 -67.90 18.70 -59.36
CA VAL D 643 -69.15 17.98 -59.43
C VAL D 643 -69.45 17.47 -60.84
N CYS D 644 -69.23 18.32 -61.86
CA CYS D 644 -69.62 17.94 -63.22
C CYS D 644 -68.48 17.95 -64.25
N PRO D 645 -67.64 16.91 -64.22
CA PRO D 645 -66.63 16.82 -65.27
C PRO D 645 -67.33 17.04 -66.60
N GLY D 646 -66.70 17.73 -67.54
CA GLY D 646 -67.40 18.12 -68.74
C GLY D 646 -67.74 19.60 -68.72
N THR D 647 -67.86 20.17 -67.52
CA THR D 647 -67.86 21.62 -67.40
C THR D 647 -66.43 22.02 -67.10
N ASP D 648 -66.22 23.33 -67.02
CA ASP D 648 -64.95 23.89 -66.65
C ASP D 648 -65.11 24.44 -65.24
N GLU D 649 -65.93 23.76 -64.44
CA GLU D 649 -66.32 24.28 -63.13
C GLU D 649 -65.88 23.41 -61.97
N TYR D 650 -65.42 24.07 -60.91
CA TYR D 650 -65.18 23.45 -59.62
C TYR D 650 -66.13 24.10 -58.62
N VAL D 651 -66.99 23.27 -57.99
CA VAL D 651 -67.98 23.76 -57.03
C VAL D 651 -67.38 24.00 -55.65
N MET D 652 -67.83 25.03 -54.95
CA MET D 652 -67.16 25.48 -53.73
C MET D 652 -67.59 24.73 -52.49
N GLY D 653 -66.62 24.31 -51.69
CA GLY D 653 -66.90 23.65 -50.40
C GLY D 653 -66.31 24.47 -49.28
N THR D 654 -65.37 23.88 -48.53
CA THR D 654 -64.65 24.63 -47.50
C THR D 654 -63.22 24.10 -47.34
N PRO D 655 -62.21 25.01 -47.38
CA PRO D 655 -60.83 24.63 -47.35
C PRO D 655 -60.45 24.14 -45.96
N LEU D 656 -59.48 23.23 -45.92
CA LEU D 656 -59.06 22.61 -44.66
C LEU D 656 -57.84 23.30 -44.04
N PHE D 657 -57.04 23.99 -44.87
CA PHE D 657 -55.79 24.59 -44.39
C PHE D 657 -55.79 26.12 -44.42
N LYS D 658 -54.88 26.71 -43.67
CA LYS D 658 -54.73 28.15 -43.71
C LYS D 658 -54.20 28.58 -45.06
N LYS D 659 -53.40 27.73 -45.69
CA LYS D 659 -52.85 28.08 -47.00
C LYS D 659 -52.57 26.89 -47.89
N ALA D 660 -52.96 26.99 -49.14
CA ALA D 660 -52.55 26.02 -50.13
C ALA D 660 -52.14 26.78 -51.39
N THR D 661 -51.13 26.24 -52.08
CA THR D 661 -50.62 26.88 -53.28
C THR D 661 -50.53 25.80 -54.36
N LEU D 662 -51.11 26.07 -55.52
CA LEU D 662 -51.10 25.16 -56.68
C LEU D 662 -50.11 25.64 -57.76
N HIS D 663 -49.19 24.78 -58.17
CA HIS D 663 -48.27 25.11 -59.25
C HIS D 663 -48.69 24.36 -60.50
N PHE D 664 -49.20 25.09 -61.48
CA PHE D 664 -49.76 24.47 -62.66
C PHE D 664 -48.69 24.18 -63.69
N GLU D 665 -48.97 23.26 -64.62
CA GLU D 665 -47.95 22.86 -65.60
C GLU D 665 -47.56 24.04 -66.49
N ASN D 666 -48.45 25.01 -66.59
CA ASN D 666 -48.20 26.15 -67.46
C ASN D 666 -47.33 27.23 -66.81
N GLY D 667 -46.78 26.94 -65.64
CA GLY D 667 -45.88 27.86 -64.97
C GLY D 667 -46.53 28.90 -64.08
N ASN D 668 -47.86 28.97 -64.07
CA ASN D 668 -48.54 29.83 -63.12
C ASN D 668 -48.79 29.14 -61.79
N SER D 669 -49.10 29.92 -60.76
CA SER D 669 -49.38 29.39 -59.45
C SER D 669 -50.58 30.09 -58.84
N LEU D 670 -51.28 29.38 -57.96
CA LEU D 670 -52.49 29.90 -57.33
C LEU D 670 -52.40 29.69 -55.82
N VAL D 671 -52.51 30.78 -55.07
CA VAL D 671 -52.55 30.70 -53.62
C VAL D 671 -54.00 30.79 -53.16
N ILE D 672 -54.41 29.86 -52.30
CA ILE D 672 -55.73 29.87 -51.65
C ILE D 672 -55.46 30.19 -50.19
N ASP D 673 -55.72 31.43 -49.82
CA ASP D 673 -55.27 31.94 -48.54
C ASP D 673 -56.39 32.02 -47.52
N ALA D 674 -56.28 31.27 -46.42
CA ALA D 674 -57.35 31.23 -45.43
C ALA D 674 -56.78 31.33 -44.03
N PRO D 675 -56.16 32.47 -43.70
CA PRO D 675 -55.31 32.61 -42.50
C PRO D 675 -56.08 32.39 -41.19
N ASN D 676 -57.40 32.48 -41.24
CA ASN D 676 -58.19 32.32 -40.04
C ASN D 676 -58.85 30.94 -39.92
N ASN D 677 -58.46 30.03 -40.83
CA ASN D 677 -59.02 28.69 -40.81
C ASN D 677 -58.66 28.04 -39.48
N SER D 678 -59.50 27.12 -39.02
CA SER D 678 -59.27 26.48 -37.73
C SER D 678 -60.30 25.37 -37.50
N THR D 679 -60.12 24.64 -36.40
CA THR D 679 -61.03 23.53 -36.09
C THR D 679 -62.47 24.06 -36.03
N GLU D 680 -62.64 25.27 -35.48
CA GLU D 680 -63.96 25.89 -35.28
C GLU D 680 -64.42 26.71 -36.48
N ASN D 681 -63.49 27.28 -37.20
CA ASN D 681 -63.87 28.21 -38.25
C ASN D 681 -63.94 27.59 -39.62
N PHE D 682 -65.02 26.85 -39.87
CA PHE D 682 -65.14 26.08 -41.12
C PHE D 682 -66.14 26.66 -42.10
N TYR D 683 -66.81 27.76 -41.71
CA TYR D 683 -67.72 28.48 -42.60
C TYR D 683 -66.98 29.52 -43.45
N ILE D 684 -67.32 29.62 -44.72
CA ILE D 684 -66.78 30.69 -45.51
C ILE D 684 -67.65 31.91 -45.29
N ASP D 685 -67.04 32.98 -44.79
CA ASP D 685 -67.79 34.21 -44.64
C ASP D 685 -67.70 35.09 -45.90
N SER D 686 -66.50 35.30 -46.41
CA SER D 686 -66.35 36.03 -47.65
C SER D 686 -65.26 35.42 -48.50
N MET D 687 -65.27 35.77 -49.78
CA MET D 687 -64.28 35.27 -50.71
C MET D 687 -63.90 36.31 -51.76
N SER D 688 -62.61 36.41 -52.04
CA SER D 688 -62.13 37.32 -53.07
C SER D 688 -61.11 36.63 -53.98
N PHE D 689 -61.07 37.08 -55.22
CA PHE D 689 -60.26 36.44 -56.23
C PHE D 689 -59.50 37.49 -57.05
N ASN D 690 -58.33 37.90 -56.55
CA ASN D 690 -57.48 38.90 -57.19
C ASN D 690 -58.13 40.27 -57.15
N GLY D 691 -58.59 40.67 -55.96
CA GLY D 691 -59.28 41.94 -55.78
C GLY D 691 -60.82 41.90 -55.75
N ALA D 692 -61.42 41.21 -56.73
CA ALA D 692 -62.87 41.16 -56.89
C ALA D 692 -63.60 40.27 -55.85
N ASP D 693 -64.70 40.79 -55.31
CA ASP D 693 -65.54 40.00 -54.43
C ASP D 693 -66.01 38.77 -55.20
N HIS D 694 -66.05 37.63 -54.54
CA HIS D 694 -66.46 36.39 -55.19
C HIS D 694 -67.54 35.65 -54.39
N THR D 695 -68.81 35.96 -54.68
CA THR D 695 -69.95 35.35 -54.00
C THR D 695 -70.37 34.05 -54.66
N LYS D 696 -69.83 33.75 -55.84
CA LYS D 696 -70.21 32.53 -56.57
C LYS D 696 -69.81 31.26 -55.82
N ASN D 697 -70.63 30.21 -55.95
CA ASN D 697 -70.31 28.94 -55.33
C ASN D 697 -69.46 28.04 -56.23
N TYR D 698 -68.67 28.65 -57.11
CA TYR D 698 -67.88 27.86 -58.05
C TYR D 698 -66.72 28.67 -58.64
N LEU D 699 -65.68 27.96 -59.09
CA LEU D 699 -64.51 28.59 -59.70
C LEU D 699 -64.33 28.00 -61.09
N ARG D 700 -63.85 28.80 -62.03
CA ARG D 700 -63.68 28.32 -63.41
C ARG D 700 -62.24 27.89 -63.68
N HIS D 701 -62.10 26.82 -64.47
CA HIS D 701 -60.82 26.20 -64.80
C HIS D 701 -59.84 27.21 -65.40
N GLU D 702 -60.32 27.97 -66.38
CA GLU D 702 -59.53 29.01 -67.03
C GLU D 702 -59.02 30.03 -66.02
N ASP D 703 -59.86 30.43 -65.08
CA ASP D 703 -59.46 31.47 -64.12
C ASP D 703 -58.36 30.97 -63.19
N LEU D 704 -58.53 29.77 -62.67
CA LEU D 704 -57.52 29.21 -61.80
C LEU D 704 -56.17 29.12 -62.49
N PHE D 705 -56.20 28.75 -63.77
CA PHE D 705 -55.00 28.56 -64.55
C PHE D 705 -54.30 29.90 -64.80
N LYS D 706 -55.00 31.00 -64.54
CA LYS D 706 -54.38 32.31 -64.63
C LYS D 706 -53.54 32.59 -63.39
N GLY D 707 -53.84 31.90 -62.30
CA GLY D 707 -53.06 32.07 -61.07
C GLY D 707 -53.44 33.35 -60.34
N GLY D 708 -52.61 33.75 -59.38
CA GLY D 708 -52.95 34.86 -58.50
C GLY D 708 -53.26 34.37 -57.11
N THR D 709 -54.16 35.06 -56.42
CA THR D 709 -54.54 34.62 -55.08
C THR D 709 -56.05 34.63 -54.84
N ILE D 710 -56.56 33.56 -54.22
CA ILE D 710 -57.90 33.55 -53.69
C ILE D 710 -57.83 33.78 -52.18
N LYS D 711 -58.60 34.73 -51.69
CA LYS D 711 -58.62 35.00 -50.26
C LYS D 711 -59.93 34.50 -49.70
N VAL D 712 -59.86 33.71 -48.63
CA VAL D 712 -61.06 33.13 -48.03
C VAL D 712 -61.07 33.46 -46.54
N ASP D 713 -62.08 34.24 -46.14
CA ASP D 713 -62.24 34.67 -44.76
C ASP D 713 -63.10 33.63 -44.03
N MET D 714 -62.48 32.86 -43.13
CA MET D 714 -63.19 31.80 -42.41
C MET D 714 -63.80 32.29 -41.08
N SER D 715 -64.88 31.64 -40.65
CA SER D 715 -65.57 31.99 -39.41
C SER D 715 -66.30 30.79 -38.80
N ASN D 716 -66.72 30.90 -37.55
CA ASN D 716 -67.46 29.82 -36.88
C ASN D 716 -68.99 29.96 -36.93
N ARG D 717 -69.49 30.83 -37.82
CA ARG D 717 -70.94 31.03 -38.04
C ARG D 717 -71.27 31.04 -39.51
N PRO D 718 -72.39 30.44 -39.87
CA PRO D 718 -72.74 30.47 -41.29
C PRO D 718 -73.06 31.89 -41.69
N ASN D 719 -72.54 32.32 -42.84
CA ASN D 719 -73.04 33.52 -43.48
C ASN D 719 -74.30 33.15 -44.23
N LEU D 720 -75.43 33.26 -43.53
CA LEU D 720 -76.72 32.91 -44.09
C LEU D 720 -77.06 33.71 -45.35
N ASN D 721 -76.28 34.74 -45.66
CA ASN D 721 -76.56 35.62 -46.78
C ASN D 721 -75.49 35.67 -47.89
N ARG D 722 -74.68 34.63 -48.01
CA ARG D 722 -73.70 34.60 -49.09
C ARG D 722 -73.94 33.40 -50.01
N GLY D 723 -73.85 33.62 -51.31
CA GLY D 723 -73.96 32.53 -52.28
C GLY D 723 -75.37 31.98 -52.45
N THR D 724 -76.38 32.82 -52.19
CA THR D 724 -77.76 32.39 -52.28
C THR D 724 -78.40 32.85 -53.58
N LYS D 725 -77.77 33.80 -54.26
CA LYS D 725 -78.30 34.39 -55.50
C LYS D 725 -78.17 33.44 -56.71
N GLU D 726 -79.01 33.67 -57.72
CA GLU D 726 -79.05 32.83 -58.91
C GLU D 726 -77.76 32.90 -59.72
N GLU D 727 -77.17 34.09 -59.77
CA GLU D 727 -75.91 34.32 -60.49
C GLU D 727 -74.75 33.57 -59.83
N ASP D 728 -74.99 33.13 -58.59
CA ASP D 728 -74.00 32.40 -57.79
C ASP D 728 -74.00 30.89 -58.08
N MET D 729 -75.09 30.39 -58.66
CA MET D 729 -75.23 28.96 -58.90
C MET D 729 -74.29 28.41 -59.98
N PRO D 730 -73.77 27.19 -59.77
CA PRO D 730 -73.00 26.54 -60.79
C PRO D 730 -73.90 26.04 -61.93
N TYR D 731 -73.30 25.42 -62.93
CA TYR D 731 -73.99 25.00 -64.14
C TYR D 731 -75.08 23.94 -63.94
N SER D 732 -76.23 24.15 -64.60
CA SER D 732 -77.28 23.14 -64.75
C SER D 732 -77.74 23.17 -66.19
N PHE D 733 -77.73 22.01 -66.84
CA PHE D 733 -78.13 21.89 -68.26
C PHE D 733 -79.46 22.56 -68.58
N SER D 734 -80.45 22.47 -67.69
CA SER D 734 -81.74 23.12 -67.98
C SER D 734 -81.70 24.65 -67.90
N LYS D 735 -80.76 25.18 -67.13
CA LYS D 735 -80.52 26.63 -67.15
C LYS D 735 -79.80 27.01 -68.46
N GLU D 736 -78.89 26.15 -68.93
CA GLU D 736 -78.29 26.40 -70.24
C GLU D 736 -79.38 26.47 -71.29
N LEU D 737 -80.29 25.49 -71.24
CA LEU D 737 -81.42 25.47 -72.17
C LEU D 737 -82.37 26.65 -71.93
N GLU D 738 -82.46 27.12 -70.68
CA GLU D 738 -83.29 28.30 -70.34
C GLU D 738 -82.50 29.61 -70.35
N LYS E 1 35.98 18.78 26.45
CA LYS E 1 35.41 18.95 27.82
C LYS E 1 36.15 18.03 28.79
N ASP E 2 36.61 18.57 29.90
CA ASP E 2 37.33 17.74 30.87
C ASP E 2 36.50 17.46 32.11
N TRP E 3 36.49 16.21 32.54
CA TRP E 3 35.84 15.89 33.78
C TRP E 3 36.82 15.54 34.88
N THR E 4 38.08 15.30 34.52
CA THR E 4 39.04 14.86 35.54
C THR E 4 39.28 15.96 36.56
N GLN E 5 39.05 17.21 36.18
CA GLN E 5 39.28 18.30 37.11
C GLN E 5 38.49 18.11 38.42
N TYR E 6 37.41 17.35 38.38
CA TYR E 6 36.55 17.25 39.53
C TYR E 6 36.93 16.05 40.41
N VAL E 7 37.82 15.21 39.93
CA VAL E 7 38.13 13.95 40.63
C VAL E 7 39.16 14.20 41.69
N ASN E 8 38.84 13.84 42.92
CA ASN E 8 39.77 13.99 44.02
C ASN E 8 40.21 12.58 44.52
N PRO E 9 41.38 12.12 44.07
CA PRO E 9 41.85 10.81 44.51
C PRO E 9 42.17 10.76 46.02
N LEU E 10 42.19 11.91 46.70
CA LEU E 10 42.39 11.94 48.15
C LEU E 10 41.10 11.67 48.93
N MET E 11 39.95 11.68 48.24
CA MET E 11 38.66 11.44 48.88
C MET E 11 38.65 10.05 49.53
N GLY E 12 38.63 10.02 50.86
CA GLY E 12 38.54 8.78 51.63
C GLY E 12 39.86 8.39 52.28
N SER E 13 40.93 9.16 52.03
CA SER E 13 42.23 8.86 52.64
C SER E 13 42.31 9.30 54.11
N GLN E 14 41.44 10.22 54.53
CA GLN E 14 41.46 10.67 55.92
C GLN E 14 40.66 9.72 56.79
N SER E 15 41.19 8.52 56.97
CA SER E 15 40.48 7.43 57.64
C SER E 15 41.37 6.75 58.64
N THR E 16 40.77 6.28 59.74
CA THR E 16 41.50 5.52 60.76
C THR E 16 40.80 4.18 61.01
N PHE E 17 41.47 3.32 61.74
CA PHE E 17 40.92 2.01 62.07
C PHE E 17 39.61 2.18 62.83
N GLU E 18 39.52 3.25 63.62
CA GLU E 18 38.35 3.48 64.48
C GLU E 18 37.12 4.01 63.77
N LEU E 19 37.33 4.77 62.71
CA LEU E 19 36.21 5.38 61.99
C LEU E 19 36.61 5.58 60.53
N SER E 20 36.07 4.77 59.64
CA SER E 20 36.38 4.91 58.24
C SER E 20 35.64 6.10 57.64
N THR E 21 36.34 6.84 56.78
CA THR E 21 35.68 7.84 55.95
C THR E 21 35.92 7.44 54.51
N GLY E 22 36.14 6.16 54.30
CA GLY E 22 36.27 5.62 52.95
C GLY E 22 37.32 4.53 52.88
N ASN E 23 38.36 4.69 53.68
CA ASN E 23 39.51 3.79 53.66
C ASN E 23 40.09 3.61 52.26
N THR E 24 40.30 4.74 51.58
CA THR E 24 40.89 4.70 50.24
C THR E 24 42.33 5.20 50.22
N TYR E 25 43.03 4.93 49.12
CA TYR E 25 44.32 5.55 48.86
C TYR E 25 44.23 6.19 47.47
N PRO E 26 45.14 7.12 47.16
CA PRO E 26 45.01 7.76 45.86
C PRO E 26 45.47 6.81 44.71
N ALA E 27 44.53 6.17 44.03
CA ALA E 27 44.91 5.22 42.99
C ALA E 27 45.27 5.99 41.73
N ILE E 28 46.57 6.18 41.52
CA ILE E 28 47.03 6.83 40.31
C ILE E 28 47.13 5.70 39.31
N ALA E 29 46.28 5.71 38.30
CA ALA E 29 46.07 4.50 37.53
C ALA E 29 45.20 4.77 36.32
N ARG E 30 45.27 3.89 35.34
CA ARG E 30 44.28 3.86 34.27
C ARG E 30 43.02 3.14 34.76
N PRO E 31 41.87 3.39 34.10
CA PRO E 31 40.67 2.69 34.50
C PRO E 31 40.96 1.18 34.52
N TRP E 32 40.57 0.49 35.59
CA TRP E 32 40.78 -0.96 35.71
C TRP E 32 42.22 -1.37 35.46
N GLY E 33 43.15 -0.44 35.69
CA GLY E 33 44.56 -0.74 35.50
C GLY E 33 45.00 -2.03 36.21
N MET E 34 45.80 -2.86 35.54
CA MET E 34 46.41 -3.98 36.26
C MET E 34 47.31 -3.54 37.41
N ASN E 35 48.04 -2.44 37.24
CA ASN E 35 48.96 -1.93 38.24
C ASN E 35 48.59 -0.49 38.62
N PHE E 36 48.46 -0.23 39.92
CA PHE E 36 48.10 1.07 40.46
C PHE E 36 49.35 1.59 41.16
N TRP E 37 49.50 2.91 41.22
CA TRP E 37 50.65 3.48 41.87
C TRP E 37 50.15 4.48 42.88
N THR E 38 50.84 4.57 44.02
CA THR E 38 50.41 5.51 45.05
C THR E 38 51.57 6.07 45.90
N PRO E 39 51.50 7.38 46.25
CA PRO E 39 52.45 7.74 47.30
C PRO E 39 52.19 6.81 48.50
N GLN E 40 53.21 6.49 49.27
CA GLN E 40 53.02 5.57 50.41
C GLN E 40 53.48 6.27 51.65
N THR E 41 52.57 6.54 52.58
CA THR E 41 52.95 7.13 53.86
C THR E 41 53.09 6.06 54.95
N GLY E 42 52.32 4.97 54.84
CA GLY E 42 52.33 3.92 55.86
C GLY E 42 53.62 3.10 55.81
N LYS E 43 53.94 2.42 56.91
CA LYS E 43 55.06 1.50 56.95
C LYS E 43 54.78 0.25 56.11
N MET E 44 55.82 -0.36 55.58
CA MET E 44 55.59 -1.57 54.79
C MET E 44 54.65 -2.57 55.50
N GLY E 45 53.67 -3.11 54.77
CA GLY E 45 52.72 -4.04 55.35
C GLY E 45 51.41 -3.44 55.86
N ASP E 46 51.41 -2.16 56.19
CA ASP E 46 50.23 -1.56 56.81
C ASP E 46 49.13 -1.32 55.76
N GLY E 47 47.95 -1.86 56.04
CA GLY E 47 46.79 -1.63 55.20
C GLY E 47 46.49 -0.15 54.95
N TRP E 48 46.84 0.70 55.91
CA TRP E 48 46.64 2.14 55.73
C TRP E 48 47.88 2.67 55.05
N GLN E 49 47.99 2.37 53.77
CA GLN E 49 49.22 2.66 53.07
C GLN E 49 49.37 4.15 52.78
N TYR E 50 48.26 4.87 52.74
CA TYR E 50 48.31 6.33 52.59
C TYR E 50 47.21 6.95 53.44
N THR E 51 47.56 7.86 54.34
CA THR E 51 46.56 8.51 55.16
C THR E 51 46.78 10.02 55.03
N TYR E 52 45.69 10.76 54.93
CA TYR E 52 45.75 12.19 54.79
C TYR E 52 46.57 12.90 55.90
N THR E 53 46.46 12.41 57.13
CA THR E 53 47.11 13.06 58.28
C THR E 53 48.61 12.71 58.43
N ALA E 54 49.13 11.83 57.59
CA ALA E 54 50.54 11.44 57.74
C ALA E 54 51.46 12.57 57.31
N ASN E 55 52.54 12.79 58.06
CA ASN E 55 53.54 13.82 57.73
C ASN E 55 54.50 13.43 56.59
N LYS E 56 54.73 12.13 56.36
CA LYS E 56 55.87 11.74 55.51
C LYS E 56 55.54 10.67 54.47
N ILE E 57 56.22 10.75 53.32
CA ILE E 57 56.16 9.73 52.27
C ILE E 57 57.46 8.89 52.30
N ARG E 58 57.36 7.57 52.22
CA ARG E 58 58.58 6.74 52.35
C ARG E 58 58.81 5.99 51.07
N GLY E 59 57.93 6.20 50.10
CA GLY E 59 58.15 5.63 48.79
C GLY E 59 56.96 5.87 47.90
N PHE E 60 57.14 5.56 46.61
CA PHE E 60 56.05 5.56 45.66
C PHE E 60 55.85 4.12 45.24
N LYS E 61 54.63 3.62 45.43
CA LYS E 61 54.48 2.19 45.55
C LYS E 61 53.50 1.61 44.53
N GLN E 62 53.94 0.56 43.83
CA GLN E 62 53.01 -0.26 43.06
C GLN E 62 52.12 -1.09 44.02
N THR E 63 50.80 -0.97 43.85
CA THR E 63 49.86 -1.56 44.80
C THR E 63 48.71 -2.25 44.05
N HIS E 64 48.14 -3.29 44.64
CA HIS E 64 46.93 -3.91 44.07
C HIS E 64 45.85 -3.96 45.13
N GLN E 65 46.10 -3.30 46.25
CA GLN E 65 45.20 -3.43 47.39
C GLN E 65 43.81 -2.91 47.18
N PRO E 66 42.81 -3.79 47.39
CA PRO E 66 41.37 -3.46 47.30
C PRO E 66 40.80 -2.82 48.57
N SER E 67 41.44 -3.06 49.70
CA SER E 67 40.96 -2.49 50.98
C SER E 67 42.02 -2.75 52.02
N PRO E 68 42.07 -1.92 53.06
CA PRO E 68 43.05 -2.11 54.14
C PRO E 68 42.86 -3.43 54.86
N TRP E 69 41.67 -4.01 54.72
CA TRP E 69 41.30 -5.25 55.40
C TRP E 69 41.87 -6.45 54.62
N ILE E 70 41.74 -6.38 53.31
CA ILE E 70 42.16 -7.47 52.45
C ILE E 70 43.67 -7.37 52.28
N ASN E 71 44.16 -6.15 52.35
CA ASN E 71 45.60 -5.86 52.22
C ASN E 71 46.16 -6.25 50.85
N ASP E 72 47.48 -6.28 50.71
CA ASP E 72 48.12 -6.02 49.42
C ASP E 72 48.91 -7.20 48.87
N TYR E 73 49.30 -7.10 47.60
CA TYR E 73 50.15 -8.10 46.94
C TYR E 73 50.71 -7.50 45.66
N GLY E 74 51.86 -8.03 45.20
CA GLY E 74 52.50 -7.53 43.98
C GLY E 74 52.93 -6.09 44.19
N GLN E 75 53.68 -5.88 45.27
CA GLN E 75 53.97 -4.58 45.79
C GLN E 75 55.47 -4.38 45.95
N PHE E 76 55.94 -3.25 45.46
CA PHE E 76 57.32 -2.85 45.61
C PHE E 76 57.31 -1.33 45.49
N SER E 77 58.43 -0.67 45.77
CA SER E 77 58.40 0.80 45.76
C SER E 77 59.75 1.39 45.38
N ILE E 78 59.75 2.68 45.03
CA ILE E 78 60.94 3.41 44.64
C ILE E 78 60.90 4.75 45.37
N MET E 79 62.07 5.23 45.82
CA MET E 79 62.16 6.45 46.61
C MET E 79 63.45 7.18 46.30
N PRO E 80 63.35 8.43 45.82
CA PRO E 80 64.50 9.28 45.59
C PRO E 80 64.90 10.02 46.86
N ILE E 81 66.21 10.14 47.07
CA ILE E 81 66.74 10.79 48.25
C ILE E 81 68.02 11.54 47.92
N VAL E 82 68.53 12.32 48.87
CA VAL E 82 69.84 12.92 48.72
C VAL E 82 70.64 12.86 50.03
N GLY E 83 71.95 13.08 49.94
CA GLY E 83 72.81 13.06 51.13
C GLY E 83 73.47 11.69 51.30
N GLN E 84 72.88 10.85 52.14
CA GLN E 84 73.46 9.53 52.44
C GLN E 84 72.59 8.44 51.83
N PRO E 85 73.22 7.38 51.35
CA PRO E 85 72.40 6.29 50.83
C PRO E 85 71.75 5.48 51.98
N VAL E 86 70.46 5.70 52.25
CA VAL E 86 69.79 4.94 53.27
C VAL E 86 68.64 4.12 52.71
N PHE E 87 68.60 2.84 53.05
CA PHE E 87 67.52 1.98 52.61
C PHE E 87 66.38 2.03 53.59
N ASP E 88 66.72 2.20 54.87
CA ASP E 88 65.71 2.12 55.94
C ASP E 88 64.44 2.97 55.68
N GLU E 89 63.28 2.32 55.71
CA GLU E 89 62.02 2.96 55.31
C GLU E 89 61.60 4.18 56.16
N GLU E 90 62.14 4.34 57.36
CA GLU E 90 61.86 5.52 58.17
C GLU E 90 62.92 6.59 57.90
N LYS E 91 64.18 6.16 57.87
CA LYS E 91 65.29 7.09 57.69
C LYS E 91 65.30 7.67 56.28
N ARG E 92 64.70 6.97 55.32
CA ARG E 92 64.63 7.52 53.95
C ARG E 92 63.40 8.43 53.69
N ALA E 93 62.48 8.48 54.66
CA ALA E 93 61.21 9.23 54.52
C ALA E 93 61.38 10.74 54.45
N SER E 94 60.34 11.42 54.00
CA SER E 94 60.44 12.85 53.87
C SER E 94 59.12 13.55 54.19
N TRP E 95 59.18 14.56 55.02
CA TRP E 95 58.06 15.46 55.21
C TRP E 95 57.55 15.91 53.85
N PHE E 96 56.23 16.14 53.78
CA PHE E 96 55.60 16.82 52.64
C PHE E 96 54.36 17.48 53.19
N ALA E 97 53.73 18.32 52.38
CA ALA E 97 52.43 18.91 52.73
C ALA E 97 51.49 18.74 51.56
N HIS E 98 50.17 18.78 51.79
CA HIS E 98 49.25 18.52 50.69
C HIS E 98 49.24 19.69 49.72
N LYS E 99 49.63 20.86 50.21
CA LYS E 99 49.73 22.05 49.36
C LYS E 99 50.98 21.97 48.48
N GLY E 100 51.82 20.98 48.73
CA GLY E 100 52.99 20.74 47.89
C GLY E 100 52.72 19.49 47.08
N GLU E 101 51.44 19.13 46.99
CA GLU E 101 51.03 17.89 46.36
C GLU E 101 49.95 18.16 45.33
N VAL E 102 50.05 17.49 44.17
CA VAL E 102 48.98 17.44 43.19
C VAL E 102 48.55 15.98 42.90
N ALA E 103 47.32 15.60 43.25
CA ALA E 103 46.86 14.25 42.92
C ALA E 103 45.77 14.23 41.86
N THR E 104 46.01 13.56 40.75
CA THR E 104 44.94 13.33 39.77
C THR E 104 44.94 11.84 39.38
N PRO E 105 43.88 11.38 38.69
CA PRO E 105 43.92 9.96 38.36
C PRO E 105 45.08 9.63 37.41
N TYR E 106 45.49 10.60 36.59
CA TYR E 106 46.42 10.28 35.50
C TYR E 106 47.84 10.79 35.77
N TYR E 107 48.02 11.56 36.85
CA TYR E 107 49.29 12.22 37.12
C TYR E 107 49.36 12.58 38.59
N TYR E 108 50.49 12.30 39.24
CA TYR E 108 50.68 12.64 40.64
C TYR E 108 52.03 13.33 40.80
N LYS E 109 52.03 14.44 41.52
CA LYS E 109 53.25 15.17 41.81
C LYS E 109 53.32 15.48 43.30
N VAL E 110 54.51 15.44 43.86
CA VAL E 110 54.69 15.88 45.25
C VAL E 110 56.11 16.38 45.49
N TYR E 111 56.23 17.36 46.39
CA TYR E 111 57.54 17.89 46.78
C TYR E 111 57.98 17.28 48.11
N LEU E 112 59.13 16.61 48.08
CA LEU E 112 59.71 15.92 49.22
C LEU E 112 60.59 16.90 49.97
N ALA E 113 60.05 17.53 51.00
CA ALA E 113 60.73 18.67 51.62
C ALA E 113 62.12 18.34 52.21
N GLU E 114 62.32 17.14 52.75
CA GLU E 114 63.59 16.89 53.42
C GLU E 114 64.71 16.54 52.44
N HIS E 115 64.36 16.28 51.18
CA HIS E 115 65.37 15.92 50.18
C HIS E 115 65.50 16.99 49.10
N ASP E 116 64.65 18.02 49.19
CA ASP E 116 64.50 19.01 48.15
C ASP E 116 64.37 18.32 46.78
N ILE E 117 63.41 17.40 46.67
CA ILE E 117 63.19 16.65 45.43
C ILE E 117 61.72 16.71 45.02
N VAL E 118 61.47 16.90 43.74
CA VAL E 118 60.12 16.77 43.24
C VAL E 118 59.99 15.43 42.50
N THR E 119 58.97 14.65 42.86
CA THR E 119 58.58 13.43 42.16
C THR E 119 57.28 13.61 41.36
N GLU E 120 57.27 13.15 40.11
CA GLU E 120 56.04 13.04 39.33
C GLU E 120 55.95 11.62 38.78
N MET E 121 54.73 11.15 38.56
CA MET E 121 54.55 9.84 37.96
C MET E 121 53.27 9.80 37.15
N THR E 122 53.31 9.11 36.01
CA THR E 122 52.15 8.95 35.13
C THR E 122 52.11 7.47 34.74
N PRO E 123 51.02 6.76 35.10
CA PRO E 123 50.89 5.34 34.76
C PRO E 123 50.18 5.06 33.44
N THR E 124 50.43 3.86 32.91
CA THR E 124 49.63 3.29 31.85
C THR E 124 48.96 2.11 32.51
N GLU E 125 48.33 1.23 31.73
CA GLU E 125 47.60 0.12 32.36
C GLU E 125 48.52 -0.76 33.21
N ARG E 126 49.75 -0.97 32.73
CA ARG E 126 50.63 -1.92 33.38
C ARG E 126 52.00 -1.34 33.73
N ALA E 127 52.24 -0.11 33.28
CA ALA E 127 53.56 0.51 33.42
C ALA E 127 53.46 1.95 33.97
N VAL E 128 54.60 2.57 34.24
CA VAL E 128 54.57 3.93 34.77
C VAL E 128 55.85 4.67 34.48
N LEU E 129 55.75 5.99 34.33
CA LEU E 129 56.95 6.81 34.16
C LEU E 129 57.08 7.70 35.37
N PHE E 130 58.27 7.73 35.96
CA PHE E 130 58.57 8.60 37.06
C PHE E 130 59.54 9.63 36.55
N ARG E 131 59.37 10.86 36.96
CA ARG E 131 60.38 11.84 36.71
C ARG E 131 60.75 12.38 38.06
N PHE E 132 62.03 12.35 38.41
CA PHE E 132 62.49 12.96 39.66
C PHE E 132 63.30 14.23 39.38
N THR E 133 62.91 15.35 39.98
CA THR E 133 63.65 16.60 39.84
C THR E 133 64.49 16.81 41.09
N PHE E 134 65.82 16.68 40.93
CA PHE E 134 66.78 16.65 42.04
C PHE E 134 67.37 18.02 42.24
N PRO E 135 67.85 18.30 43.45
CA PRO E 135 68.60 19.54 43.67
C PRO E 135 70.08 19.35 43.29
N GLU E 136 70.88 20.38 43.53
CA GLU E 136 72.30 20.28 43.36
C GLU E 136 72.83 19.46 44.51
N ASN E 137 73.60 18.44 44.19
CA ASN E 137 74.09 17.55 45.21
C ASN E 137 75.09 16.57 44.64
N ASP E 138 76.13 16.27 45.40
CA ASP E 138 77.11 15.29 44.93
C ASP E 138 76.58 13.88 45.10
N HIS E 139 75.56 13.73 45.94
CA HIS E 139 75.09 12.41 46.34
C HIS E 139 73.57 12.32 46.27
N SER E 140 73.06 12.10 45.07
CA SER E 140 71.64 11.86 44.86
C SER E 140 71.44 10.36 44.60
N TYR E 141 70.37 9.80 45.13
CA TYR E 141 70.14 8.36 44.97
C TYR E 141 68.70 8.08 44.66
N VAL E 142 68.46 6.91 44.07
CA VAL E 142 67.12 6.39 44.01
C VAL E 142 67.11 5.05 44.70
N VAL E 143 66.19 4.87 45.64
CA VAL E 143 66.06 3.61 46.32
C VAL E 143 64.97 2.78 45.67
N VAL E 144 65.27 1.51 45.45
CA VAL E 144 64.29 0.55 44.98
C VAL E 144 64.09 -0.51 46.08
N ASP E 145 62.84 -0.81 46.43
CA ASP E 145 62.50 -1.64 47.58
C ASP E 145 61.58 -2.77 47.13
N ALA E 146 62.08 -4.00 47.06
CA ALA E 146 61.25 -5.12 46.60
C ALA E 146 60.36 -5.69 47.71
N PHE E 147 60.42 -5.08 48.89
CA PHE E 147 59.65 -5.53 50.04
C PHE E 147 60.17 -6.88 50.59
N ASP E 148 59.53 -7.39 51.65
CA ASP E 148 60.05 -8.57 52.34
C ASP E 148 59.25 -9.84 52.05
N LYS E 149 59.50 -10.89 52.85
CA LYS E 149 58.86 -12.20 52.69
C LYS E 149 59.39 -12.97 51.48
N GLY E 150 60.59 -12.64 51.02
CA GLY E 150 61.19 -13.28 49.85
C GLY E 150 61.16 -12.41 48.59
N SER E 151 62.25 -11.75 48.27
CA SER E 151 62.28 -11.05 47.01
C SER E 151 63.64 -11.13 46.34
N TYR E 152 63.75 -10.45 45.21
CA TYR E 152 64.90 -10.58 44.36
C TYR E 152 65.19 -9.25 43.69
N ILE E 153 66.47 -8.91 43.56
CA ILE E 153 66.85 -7.64 42.96
C ILE E 153 68.17 -7.84 42.18
N LYS E 154 68.29 -7.20 41.01
CA LYS E 154 69.52 -7.21 40.22
C LYS E 154 69.78 -5.88 39.52
N ILE E 155 70.97 -5.32 39.74
CA ILE E 155 71.36 -4.10 39.04
C ILE E 155 72.14 -4.45 37.78
N ILE E 156 71.74 -3.84 36.67
CA ILE E 156 72.42 -4.06 35.40
C ILE E 156 72.95 -2.73 34.90
N PRO E 157 74.15 -2.35 35.37
CA PRO E 157 74.68 -1.01 35.13
C PRO E 157 74.80 -0.68 33.63
N GLU E 158 75.03 -1.69 32.79
CA GLU E 158 75.24 -1.44 31.38
C GLU E 158 73.97 -1.11 30.58
N GLU E 159 72.81 -1.27 31.22
CA GLU E 159 71.56 -0.82 30.63
C GLU E 159 70.87 0.21 31.53
N ASN E 160 71.60 0.76 32.51
CA ASN E 160 70.99 1.70 33.45
C ASN E 160 69.66 1.16 33.94
N LYS E 161 69.69 -0.11 34.36
CA LYS E 161 68.49 -0.89 34.57
C LYS E 161 68.57 -1.64 35.89
N ILE E 162 67.46 -1.70 36.60
CA ILE E 162 67.33 -2.51 37.80
C ILE E 162 66.13 -3.41 37.58
N ILE E 163 66.29 -4.71 37.83
CA ILE E 163 65.17 -5.64 37.73
C ILE E 163 64.99 -6.38 39.05
N GLY E 164 63.83 -7.01 39.21
CA GLY E 164 63.55 -7.63 40.48
C GLY E 164 62.24 -8.35 40.44
N TYR E 165 61.95 -9.12 41.48
CA TYR E 165 60.58 -9.56 41.70
C TYR E 165 60.22 -9.40 43.16
N THR E 166 58.92 -9.25 43.39
CA THR E 166 58.40 -9.11 44.76
C THR E 166 57.38 -10.21 44.99
N THR E 167 57.29 -10.70 46.24
CA THR E 167 56.30 -11.71 46.61
C THR E 167 55.45 -11.35 47.85
N ARG E 168 55.81 -10.33 48.60
CA ARG E 168 54.98 -10.08 49.78
C ARG E 168 53.51 -10.02 49.38
N ASN E 169 52.71 -10.88 50.00
CA ASN E 169 51.29 -10.94 49.71
C ASN E 169 50.45 -11.22 50.94
N SER E 170 49.14 -11.21 50.77
CA SER E 170 48.23 -11.35 51.89
C SER E 170 47.38 -12.63 51.82
N GLY E 171 47.78 -13.59 50.99
CA GLY E 171 47.00 -14.83 50.85
C GLY E 171 46.31 -14.94 49.51
N GLY E 172 45.66 -16.09 49.27
CA GLY E 172 44.97 -16.30 48.00
C GLY E 172 45.87 -16.19 46.78
N VAL E 173 47.13 -16.57 46.94
CA VAL E 173 48.00 -16.74 45.76
C VAL E 173 48.50 -18.19 45.69
N PRO E 174 48.81 -18.67 44.47
CA PRO E 174 49.56 -19.95 44.34
C PRO E 174 51.03 -19.84 44.80
N GLU E 175 51.66 -21.00 45.06
CA GLU E 175 53.05 -21.10 45.56
C GLU E 175 54.11 -20.45 44.69
N ASN E 176 53.87 -20.39 43.37
CA ASN E 176 54.80 -19.74 42.46
C ASN E 176 54.49 -18.24 42.26
N PHE E 177 53.69 -17.66 43.14
CA PHE E 177 53.34 -16.26 42.97
C PHE E 177 54.60 -15.43 42.92
N LYS E 178 54.71 -14.55 41.92
CA LYS E 178 55.78 -13.55 41.83
C LYS E 178 55.32 -12.35 41.00
N ASN E 179 55.68 -11.13 41.40
CA ASN E 179 55.46 -9.98 40.51
C ASN E 179 56.82 -9.48 40.01
N TYR E 180 57.03 -9.57 38.70
CA TYR E 180 58.33 -9.30 38.09
C TYR E 180 58.41 -7.85 37.62
N PHE E 181 59.47 -7.11 37.99
CA PHE E 181 59.55 -5.69 37.63
C PHE E 181 60.88 -5.24 37.02
N ILE E 182 60.80 -4.20 36.20
CA ILE E 182 61.94 -3.69 35.47
C ILE E 182 61.92 -2.15 35.54
N ILE E 183 63.06 -1.58 35.92
CA ILE E 183 63.21 -0.14 36.06
C ILE E 183 64.40 0.34 35.23
N GLU E 184 64.15 1.23 34.27
CA GLU E 184 65.19 1.75 33.39
C GLU E 184 65.36 3.25 33.61
N PHE E 185 66.58 3.66 33.92
CA PHE E 185 66.87 5.05 34.19
C PHE E 185 67.48 5.69 32.95
N ASP E 186 67.17 6.97 32.69
CA ASP E 186 67.80 7.65 31.55
C ASP E 186 69.14 8.35 31.90
N LYS E 187 69.65 8.10 33.09
CA LYS E 187 70.94 8.66 33.50
C LYS E 187 71.82 7.57 34.12
N PRO E 188 73.04 7.38 33.60
CA PRO E 188 73.95 6.30 34.03
C PRO E 188 74.25 6.36 35.54
N PHE E 189 74.31 5.19 36.19
CA PHE E 189 74.65 5.14 37.61
C PHE E 189 76.12 5.42 37.85
N THR E 190 76.41 6.21 38.87
CA THR E 190 77.78 6.50 39.30
C THR E 190 78.05 5.79 40.63
N TYR E 191 76.97 5.40 41.29
CA TYR E 191 77.00 4.69 42.56
C TYR E 191 76.00 3.53 42.45
N LYS E 192 76.33 2.38 43.04
CA LYS E 192 75.42 1.25 42.99
C LYS E 192 75.65 0.26 44.13
N ALA E 193 74.56 -0.26 44.70
CA ALA E 193 74.62 -1.21 45.80
C ALA E 193 73.30 -1.93 45.92
N THR E 194 73.36 -3.19 46.31
CA THR E 194 72.16 -3.94 46.60
C THR E 194 72.07 -4.09 48.10
N VAL E 195 70.89 -4.46 48.57
CA VAL E 195 70.64 -4.50 50.00
C VAL E 195 70.15 -5.88 50.36
N GLU E 196 70.62 -6.37 51.49
CA GLU E 196 70.38 -7.75 51.89
C GLU E 196 70.23 -7.75 53.41
N ASN E 197 69.04 -8.07 53.91
CA ASN E 197 68.84 -8.03 55.36
C ASN E 197 69.26 -6.68 55.96
N GLY E 198 68.96 -5.58 55.27
CA GLY E 198 69.24 -4.27 55.83
C GLY E 198 70.64 -3.74 55.54
N ASN E 199 71.57 -4.62 55.22
CA ASN E 199 72.93 -4.18 54.93
C ASN E 199 73.12 -3.71 53.50
N LEU E 200 73.76 -2.55 53.34
CA LEU E 200 74.11 -1.99 52.04
C LEU E 200 75.36 -2.71 51.50
N GLN E 201 75.31 -3.19 50.27
CA GLN E 201 76.45 -3.89 49.70
C GLN E 201 76.82 -3.29 48.36
N GLU E 202 77.84 -2.42 48.38
CA GLU E 202 78.29 -1.74 47.19
C GLU E 202 78.85 -2.71 46.15
N ASN E 203 78.39 -2.55 44.91
CA ASN E 203 78.93 -3.29 43.78
C ASN E 203 78.69 -4.78 43.90
N VAL E 204 77.72 -5.17 44.70
CA VAL E 204 77.18 -6.53 44.62
C VAL E 204 75.93 -6.39 43.74
N ALA E 205 75.97 -7.02 42.58
CA ALA E 205 74.91 -6.84 41.58
C ALA E 205 73.55 -7.45 41.99
N GLU E 206 73.55 -8.47 42.85
CA GLU E 206 72.38 -9.32 42.90
C GLU E 206 72.09 -9.86 44.28
N GLN E 207 70.81 -9.89 44.64
CA GLN E 207 70.40 -10.47 45.90
C GLN E 207 69.16 -11.36 45.75
N THR E 208 69.17 -12.46 46.48
CA THR E 208 67.95 -13.22 46.67
C THR E 208 67.87 -13.43 48.18
N THR E 209 66.89 -12.78 48.80
CA THR E 209 66.86 -12.71 50.24
C THR E 209 65.45 -12.41 50.71
N ASP E 210 65.26 -12.44 52.02
CA ASP E 210 63.96 -12.12 52.60
C ASP E 210 63.48 -10.74 52.10
N HIS E 211 64.32 -9.71 52.24
CA HIS E 211 63.98 -8.33 51.86
C HIS E 211 65.06 -7.66 50.98
N ALA E 212 64.92 -7.75 49.66
CA ALA E 212 65.94 -7.28 48.73
C ALA E 212 65.72 -5.82 48.33
N GLY E 213 66.79 -5.14 47.94
CA GLY E 213 66.72 -3.73 47.58
C GLY E 213 67.91 -3.29 46.75
N ALA E 214 67.84 -2.09 46.23
CA ALA E 214 68.94 -1.52 45.50
C ALA E 214 68.93 -0.03 45.74
N ILE E 215 70.11 0.56 45.67
CA ILE E 215 70.23 2.00 45.72
C ILE E 215 71.21 2.36 44.64
N ILE E 216 70.78 3.15 43.66
CA ILE E 216 71.70 3.68 42.68
C ILE E 216 71.77 5.19 42.85
N GLY E 217 72.82 5.80 42.29
CA GLY E 217 73.17 7.15 42.68
C GLY E 217 74.02 7.85 41.64
N PHE E 218 74.15 9.16 41.77
CA PHE E 218 74.93 9.98 40.84
C PHE E 218 74.99 11.41 41.37
N LYS E 219 75.73 12.26 40.64
CA LYS E 219 75.76 13.70 40.93
C LYS E 219 74.67 14.37 40.10
N THR E 220 73.93 15.26 40.74
CA THR E 220 72.96 16.04 40.00
C THR E 220 73.23 17.52 40.18
N ARG E 221 72.86 18.27 39.15
CA ARG E 221 72.86 19.71 39.26
C ARG E 221 71.46 20.13 39.63
N LYS E 222 71.30 21.44 39.82
CA LYS E 222 70.04 21.96 40.27
C LYS E 222 68.96 21.76 39.22
N GLY E 223 67.81 21.26 39.64
CA GLY E 223 66.69 21.06 38.73
C GLY E 223 66.89 19.93 37.74
N GLU E 224 67.96 19.16 37.88
CA GLU E 224 68.18 18.04 36.98
C GLU E 224 67.08 16.97 37.04
N GLN E 225 66.56 16.60 35.87
CA GLN E 225 65.50 15.59 35.80
C GLN E 225 66.05 14.21 35.40
N VAL E 226 65.65 13.20 36.18
CA VAL E 226 66.03 11.82 35.94
C VAL E 226 64.73 11.06 35.78
N ASN E 227 64.59 10.35 34.66
CA ASN E 227 63.37 9.59 34.39
C ASN E 227 63.55 8.12 34.64
N ALA E 228 62.56 7.51 35.28
CA ALA E 228 62.56 6.06 35.45
C ALA E 228 61.32 5.42 34.82
N ARG E 229 61.54 4.61 33.79
CA ARG E 229 60.50 3.81 33.16
C ARG E 229 60.35 2.49 33.93
N ILE E 230 59.13 2.14 34.30
CA ILE E 230 58.87 0.97 35.10
C ILE E 230 57.68 0.19 34.57
N ALA E 231 57.76 -1.13 34.63
CA ALA E 231 56.63 -2.00 34.34
C ALA E 231 56.80 -3.26 35.17
N SER E 232 55.68 -3.94 35.43
CA SER E 232 55.80 -5.27 36.00
C SER E 232 54.80 -6.18 35.33
N SER E 233 54.86 -7.45 35.73
CA SER E 233 54.08 -8.49 35.11
C SER E 233 53.95 -9.58 36.16
N PHE E 234 52.86 -10.34 36.11
CA PHE E 234 52.75 -11.53 36.94
C PHE E 234 53.22 -12.76 36.18
N ILE E 235 53.71 -12.54 34.96
CA ILE E 235 54.06 -13.69 34.13
C ILE E 235 55.57 -13.95 34.06
N SER E 236 56.31 -12.95 33.60
CA SER E 236 57.76 -13.10 33.48
C SER E 236 58.43 -11.78 33.26
N PHE E 237 59.76 -11.80 33.35
CA PHE E 237 60.56 -10.68 32.95
C PHE E 237 60.34 -10.33 31.47
N GLU E 238 60.27 -11.34 30.63
CA GLU E 238 60.04 -11.07 29.22
C GLU E 238 58.72 -10.30 29.04
N GLN E 239 57.67 -10.76 29.72
CA GLN E 239 56.37 -10.08 29.66
C GLN E 239 56.41 -8.64 30.21
N ALA E 240 57.13 -8.45 31.32
CA ALA E 240 57.39 -7.12 31.86
C ALA E 240 58.05 -6.21 30.81
N ALA E 241 59.02 -6.75 30.08
CA ALA E 241 59.68 -5.95 29.04
C ALA E 241 58.64 -5.56 28.02
N ALA E 242 57.79 -6.51 27.63
CA ALA E 242 56.74 -6.17 26.68
C ALA E 242 55.77 -5.11 27.25
N ASN E 243 55.34 -5.27 28.50
CA ASN E 243 54.48 -4.25 29.12
C ASN E 243 55.11 -2.86 29.13
N MET E 244 56.42 -2.81 29.28
CA MET E 244 57.16 -1.53 29.27
C MET E 244 56.79 -0.72 28.04
N ASN E 245 56.47 -1.40 26.93
CA ASN E 245 56.15 -0.71 25.68
C ASN E 245 54.85 0.11 25.69
N GLU E 246 54.07 -0.01 26.76
CA GLU E 246 52.91 0.85 26.90
C GLU E 246 53.36 2.30 27.01
N LEU E 247 54.57 2.50 27.51
CA LEU E 247 55.13 3.85 27.68
C LEU E 247 55.60 4.46 26.35
N GLY E 248 55.93 3.62 25.37
CA GLY E 248 56.52 4.10 24.11
C GLY E 248 57.75 4.93 24.41
N LYS E 249 57.88 6.07 23.74
CA LYS E 249 58.96 7.02 24.03
C LYS E 249 58.45 8.30 24.74
N ASP E 250 57.20 8.23 25.23
CA ASP E 250 56.50 9.40 25.75
C ASP E 250 57.17 9.94 27.01
N ASN E 251 57.11 11.26 27.18
CA ASN E 251 57.51 11.88 28.43
C ASN E 251 56.31 12.10 29.41
N ILE E 252 56.57 12.71 30.55
CA ILE E 252 55.55 12.88 31.59
C ILE E 252 54.32 13.56 31.01
N GLU E 253 54.55 14.65 30.28
CA GLU E 253 53.48 15.44 29.70
C GLU E 253 52.59 14.65 28.73
N GLN E 254 53.19 13.91 27.82
CA GLN E 254 52.44 13.06 26.91
C GLN E 254 51.60 11.98 27.61
N LEU E 255 52.20 11.26 28.56
CA LEU E 255 51.48 10.20 29.30
C LEU E 255 50.39 10.74 30.22
N ALA E 256 50.67 11.87 30.88
CA ALA E 256 49.61 12.55 31.61
C ALA E 256 48.44 12.79 30.65
N GLN E 257 48.71 13.41 29.52
CA GLN E 257 47.63 13.77 28.60
C GLN E 257 46.85 12.52 28.15
N LYS E 258 47.57 11.45 27.82
CA LYS E 258 46.92 10.21 27.43
C LYS E 258 46.10 9.59 28.56
N GLY E 259 46.61 9.61 29.79
CA GLY E 259 45.81 9.16 30.97
C GLY E 259 44.55 10.03 31.20
N LYS E 260 44.73 11.34 31.12
CA LYS E 260 43.64 12.27 31.22
C LYS E 260 42.57 11.98 30.17
N ASP E 261 43.03 11.70 28.95
CA ASP E 261 42.13 11.35 27.84
C ASP E 261 41.37 10.04 28.11
N ALA E 262 42.08 9.02 28.57
CA ALA E 262 41.47 7.74 28.91
C ALA E 262 40.39 7.96 29.97
N TRP E 263 40.68 8.78 30.97
CA TRP E 263 39.71 8.98 32.01
C TRP E 263 38.51 9.79 31.52
N ASN E 264 38.72 10.77 30.66
CA ASN E 264 37.58 11.55 30.19
C ASN E 264 36.65 10.75 29.28
N GLN E 265 37.21 9.78 28.58
CA GLN E 265 36.43 8.94 27.70
C GLN E 265 35.40 8.14 28.52
N VAL E 266 35.79 7.64 29.70
CA VAL E 266 34.81 6.92 30.54
C VAL E 266 33.99 7.84 31.45
N LEU E 267 34.60 8.93 31.92
CA LEU E 267 33.91 9.81 32.85
C LEU E 267 32.82 10.55 32.07
N GLY E 268 33.17 10.97 30.86
CA GLY E 268 32.27 11.69 29.97
C GLY E 268 31.06 10.92 29.46
N LYS E 269 30.97 9.64 29.79
CA LYS E 269 29.77 8.88 29.44
C LYS E 269 28.58 9.35 30.29
N ILE E 270 28.89 10.08 31.35
CA ILE E 270 27.84 10.72 32.16
C ILE E 270 28.17 12.18 32.44
N GLU E 271 27.46 13.08 31.78
CA GLU E 271 27.69 14.51 31.95
C GLU E 271 26.65 15.11 32.89
N VAL E 272 27.08 15.70 34.00
CA VAL E 272 26.14 16.40 34.86
C VAL E 272 26.27 17.95 34.77
N GLU E 273 25.15 18.65 34.93
CA GLU E 273 25.12 20.13 34.86
C GLU E 273 24.10 20.68 35.83
N GLY E 274 24.21 21.95 36.19
CA GLY E 274 23.24 22.54 37.10
C GLY E 274 23.39 22.02 38.52
N GLY E 275 24.63 21.90 38.98
CA GLY E 275 24.93 21.55 40.36
C GLY E 275 25.94 22.53 40.94
N ASN E 276 26.36 22.27 42.17
CA ASN E 276 27.44 23.09 42.72
C ASN E 276 28.75 22.31 42.69
N LEU E 277 29.86 23.00 42.92
CA LEU E 277 31.18 22.40 42.79
C LEU E 277 31.35 21.21 43.72
N ASP E 278 30.76 21.25 44.91
CA ASP E 278 30.84 20.11 45.85
C ASP E 278 30.28 18.84 45.18
N GLN E 279 29.15 19.03 44.50
CA GLN E 279 28.41 17.93 43.89
C GLN E 279 29.13 17.43 42.64
N TYR E 280 29.63 18.33 41.80
CA TYR E 280 30.42 17.89 40.65
C TYR E 280 31.60 17.07 41.16
N ARG E 281 32.28 17.55 42.21
CA ARG E 281 33.45 16.81 42.73
C ARG E 281 33.09 15.47 43.36
N THR E 282 32.06 15.47 44.19
CA THR E 282 31.60 14.24 44.80
C THR E 282 31.23 13.26 43.70
N PHE E 283 30.45 13.75 42.71
CA PHE E 283 29.95 12.88 41.64
C PHE E 283 31.06 12.20 40.80
N TYR E 284 32.01 12.99 40.30
CA TYR E 284 33.09 12.41 39.48
C TYR E 284 34.15 11.67 40.29
N SER E 285 34.41 12.13 41.49
CA SER E 285 35.26 11.33 42.38
C SER E 285 34.67 9.93 42.52
N CYS E 286 33.39 9.86 42.85
CA CYS E 286 32.71 8.59 42.94
C CYS E 286 32.72 7.80 41.63
N LEU E 287 32.49 8.49 40.50
CA LEU E 287 32.55 7.79 39.22
C LEU E 287 33.96 7.24 38.97
N TYR E 288 34.98 8.03 39.25
CA TYR E 288 36.36 7.53 39.20
C TYR E 288 36.53 6.23 40.00
N ARG E 289 36.07 6.21 41.24
CA ARG E 289 36.22 5.05 42.12
C ARG E 289 35.41 3.86 41.65
N SER E 290 34.41 4.09 40.80
CA SER E 290 33.58 3.01 40.26
C SER E 290 34.23 2.34 39.07
N LEU E 291 35.41 2.83 38.68
CA LEU E 291 36.00 2.36 37.43
C LEU E 291 37.40 1.85 37.63
N LEU E 292 37.64 1.20 38.77
CA LEU E 292 38.99 0.75 39.16
C LEU E 292 39.00 -0.73 39.43
N PHE E 293 37.98 -1.21 40.15
CA PHE E 293 37.91 -2.61 40.54
C PHE E 293 36.70 -3.27 39.92
N PRO E 294 36.81 -4.55 39.56
CA PRO E 294 38.02 -5.38 39.66
C PRO E 294 39.03 -4.97 38.59
N ARG E 295 40.31 -5.20 38.87
CA ARG E 295 41.35 -4.73 37.99
C ARG E 295 41.58 -5.76 36.93
N LYS E 296 41.96 -5.28 35.75
CA LYS E 296 42.56 -6.14 34.76
C LYS E 296 43.66 -7.00 35.38
N PHE E 297 43.61 -8.30 35.12
CA PHE E 297 44.67 -9.19 35.56
C PHE E 297 45.27 -9.94 34.38
N TYR E 298 44.94 -9.48 33.18
CA TYR E 298 45.53 -10.03 31.97
C TYR E 298 46.55 -9.08 31.33
N GLU E 299 47.43 -9.65 30.50
CA GLU E 299 48.47 -8.90 29.79
C GLU E 299 48.51 -9.35 28.31
N LEU E 300 49.17 -8.62 27.42
CA LEU E 300 49.05 -8.92 25.98
C LEU E 300 50.28 -9.61 25.40
N ASP E 301 50.09 -10.70 24.63
CA ASP E 301 51.23 -11.41 24.05
C ASP E 301 51.70 -10.78 22.75
N ALA E 302 52.64 -11.43 22.08
CA ALA E 302 53.22 -10.88 20.85
C ALA E 302 52.16 -10.35 19.87
N ASN E 303 51.08 -11.10 19.69
CA ASN E 303 50.04 -10.75 18.72
C ASN E 303 48.85 -9.98 19.28
N GLY E 304 49.04 -9.31 20.41
CA GLY E 304 47.97 -8.54 21.04
C GLY E 304 46.82 -9.35 21.64
N GLN E 305 47.05 -10.64 21.86
CA GLN E 305 46.04 -11.50 22.50
C GLN E 305 46.22 -11.52 24.02
N PRO E 306 45.11 -11.58 24.76
CA PRO E 306 45.19 -11.59 26.22
C PRO E 306 45.60 -12.94 26.77
N ILE E 307 46.59 -12.94 27.67
CA ILE E 307 46.92 -14.10 28.47
C ILE E 307 46.97 -13.63 29.91
N HIS E 308 47.11 -14.55 30.85
CA HIS E 308 47.18 -14.16 32.24
C HIS E 308 47.84 -15.20 33.12
N TYR E 309 48.60 -14.74 34.10
CA TYR E 309 48.97 -15.60 35.20
C TYR E 309 47.67 -15.90 35.93
N SER E 310 47.42 -17.18 36.21
CA SER E 310 46.21 -17.57 36.96
C SER E 310 46.48 -17.52 38.44
N PRO E 311 45.87 -16.54 39.13
CA PRO E 311 46.07 -16.42 40.57
C PRO E 311 45.40 -17.58 41.30
N TYR E 312 44.78 -18.48 40.55
CA TYR E 312 44.08 -19.64 41.15
C TYR E 312 44.83 -20.98 41.03
N ASN E 313 45.48 -21.23 39.89
CA ASN E 313 46.21 -22.49 39.78
C ASN E 313 47.66 -22.30 39.35
N GLY E 314 48.05 -21.05 39.13
CA GLY E 314 49.45 -20.69 38.90
C GLY E 314 49.99 -20.97 37.52
N GLN E 315 49.14 -21.36 36.58
CA GLN E 315 49.59 -21.51 35.21
C GLN E 315 49.40 -20.21 34.45
N VAL E 316 49.94 -20.16 33.24
CA VAL E 316 49.74 -19.03 32.37
C VAL E 316 48.85 -19.46 31.23
N LEU E 317 47.68 -18.83 31.12
CA LEU E 317 46.68 -19.35 30.21
C LEU E 317 46.14 -18.21 29.39
N PRO E 318 45.58 -18.53 28.21
CA PRO E 318 45.04 -17.48 27.36
C PRO E 318 43.75 -16.94 27.98
N GLY E 319 43.33 -15.75 27.56
CA GLY E 319 42.04 -15.21 27.97
C GLY E 319 42.07 -14.10 29.02
N TYR E 320 40.89 -13.54 29.27
CA TYR E 320 40.73 -12.45 30.21
C TYR E 320 40.74 -12.97 31.64
N MET E 321 41.12 -12.09 32.57
CA MET E 321 41.12 -12.38 34.02
C MET E 321 41.07 -11.02 34.73
N PHE E 322 40.19 -10.87 35.73
CA PHE E 322 40.12 -9.64 36.57
C PHE E 322 40.08 -10.09 38.03
N THR E 323 40.37 -9.20 38.99
CA THR E 323 40.37 -9.59 40.40
C THR E 323 40.35 -8.38 41.33
N ASP E 324 40.38 -8.61 42.64
CA ASP E 324 40.28 -7.51 43.62
C ASP E 324 38.88 -6.87 43.67
N THR E 325 37.89 -7.71 43.93
CA THR E 325 36.57 -7.22 44.23
C THR E 325 35.87 -8.26 45.07
N GLY E 326 34.98 -7.80 45.95
CA GLY E 326 34.17 -8.69 46.79
C GLY E 326 32.72 -8.52 46.37
N PHE E 327 32.13 -9.59 45.84
CA PHE E 327 30.79 -9.50 45.27
C PHE E 327 29.75 -9.16 46.32
N TRP E 328 30.05 -9.50 47.56
CA TRP E 328 29.19 -9.12 48.68
C TRP E 328 28.99 -7.62 48.68
N ASP E 329 30.04 -6.87 48.36
CA ASP E 329 29.92 -5.43 48.18
C ASP E 329 29.32 -5.08 46.81
N THR E 330 29.93 -5.61 45.76
CA THR E 330 29.76 -4.98 44.45
C THR E 330 28.63 -5.50 43.58
N PHE E 331 27.91 -6.53 44.01
CA PHE E 331 26.76 -6.98 43.22
C PHE E 331 25.65 -5.94 43.27
N ARG E 332 25.65 -5.17 44.34
CA ARG E 332 24.53 -4.33 44.69
C ARG E 332 24.26 -3.27 43.64
N CYS E 333 25.26 -2.47 43.28
CA CYS E 333 25.03 -1.49 42.22
C CYS E 333 26.26 -1.23 41.36
N LEU E 334 27.45 -1.64 41.82
CA LEU E 334 28.70 -1.44 41.07
C LEU E 334 28.73 -2.17 39.72
N PHE E 335 28.49 -3.48 39.69
CA PHE E 335 28.45 -4.20 38.42
C PHE E 335 27.27 -3.79 37.59
N PRO E 336 26.14 -3.57 38.25
CA PRO E 336 25.02 -3.02 37.53
C PRO E 336 25.35 -1.69 36.80
N LEU E 337 26.19 -0.83 37.37
CA LEU E 337 26.57 0.38 36.66
C LEU E 337 27.38 0.04 35.40
N LEU E 338 28.28 -0.93 35.51
CA LEU E 338 29.00 -1.34 34.32
C LEU E 338 28.05 -1.87 33.24
N ASN E 339 27.06 -2.69 33.63
CA ASN E 339 26.11 -3.22 32.60
C ASN E 339 25.34 -2.09 31.93
N LEU E 340 25.18 -0.98 32.64
CA LEU E 340 24.49 0.16 32.07
C LEU E 340 25.40 1.00 31.19
N MET E 341 26.52 1.45 31.75
CA MET E 341 27.35 2.41 31.05
C MET E 341 28.59 1.86 30.33
N TYR E 342 29.06 0.70 30.77
CA TYR E 342 30.29 0.15 30.20
C TYR E 342 30.18 -1.36 30.00
N PRO E 343 29.18 -1.79 29.22
CA PRO E 343 28.95 -3.24 29.06
C PRO E 343 30.12 -3.92 28.35
N SER E 344 30.73 -3.27 27.40
CA SER E 344 31.88 -3.86 26.71
C SER E 344 32.97 -4.22 27.74
N VAL E 345 33.04 -3.47 28.84
CA VAL E 345 34.04 -3.79 29.86
C VAL E 345 33.65 -4.99 30.74
N ASN E 346 32.41 -5.03 31.22
CA ASN E 346 31.95 -6.18 31.98
C ASN E 346 32.03 -7.43 31.09
N LYS E 347 31.88 -7.24 29.79
CA LYS E 347 32.01 -8.37 28.87
C LYS E 347 33.35 -9.07 29.18
N GLU E 348 34.45 -8.31 29.20
CA GLU E 348 35.75 -8.88 29.53
C GLU E 348 35.72 -9.54 30.91
N MET E 349 35.17 -8.82 31.88
CA MET E 349 35.14 -9.28 33.24
C MET E 349 34.36 -10.60 33.34
N GLN E 350 33.26 -10.71 32.61
CA GLN E 350 32.50 -11.95 32.72
C GLN E 350 33.28 -13.14 32.13
N GLU E 351 33.97 -12.91 31.01
CA GLU E 351 34.86 -13.92 30.47
C GLU E 351 35.88 -14.30 31.53
N GLY E 352 36.40 -13.29 32.24
CA GLY E 352 37.27 -13.51 33.38
C GLY E 352 36.67 -14.52 34.36
N LEU E 353 35.38 -14.35 34.65
CA LEU E 353 34.73 -15.20 35.66
C LEU E 353 34.63 -16.66 35.18
N ILE E 354 34.30 -16.86 33.92
CA ILE E 354 34.35 -18.20 33.35
C ILE E 354 35.73 -18.84 33.56
N ASN E 355 36.79 -18.14 33.18
CA ASN E 355 38.13 -18.66 33.41
C ASN E 355 38.38 -18.94 34.90
N THR E 356 37.95 -18.04 35.78
CA THR E 356 38.09 -18.32 37.22
C THR E 356 37.48 -19.69 37.60
N TYR E 357 36.30 -20.00 37.07
CA TYR E 357 35.67 -21.27 37.35
C TYR E 357 36.47 -22.44 36.76
N LEU E 358 36.89 -22.28 35.51
CA LEU E 358 37.68 -23.30 34.83
C LEU E 358 38.99 -23.54 35.57
N GLU E 359 39.55 -22.49 36.15
CA GLU E 359 40.86 -22.63 36.75
C GLU E 359 40.84 -23.03 38.21
N SER E 360 39.71 -22.84 38.88
CA SER E 360 39.68 -23.08 40.31
C SER E 360 38.55 -23.99 40.71
N GLY E 361 37.62 -24.26 39.80
CA GLY E 361 36.44 -25.04 40.14
C GLY E 361 35.31 -24.30 40.87
N PHE E 362 35.52 -23.04 41.19
CA PHE E 362 34.43 -22.21 41.74
C PHE E 362 34.44 -20.85 41.08
N PHE E 363 33.27 -20.22 41.04
CA PHE E 363 33.25 -18.80 40.82
C PHE E 363 33.77 -18.10 42.09
N PRO E 364 34.34 -16.90 41.94
CA PRO E 364 34.84 -16.20 43.11
C PRO E 364 33.68 -15.53 43.81
N GLU E 365 33.88 -15.17 45.08
CA GLU E 365 32.99 -14.26 45.77
C GLU E 365 33.87 -13.06 46.14
N TRP E 366 34.81 -13.26 47.07
CA TRP E 366 35.88 -12.28 47.29
C TRP E 366 37.17 -12.82 46.67
N ALA E 367 37.81 -12.01 45.84
CA ALA E 367 39.06 -12.44 45.21
C ALA E 367 40.13 -11.37 45.34
N SER E 368 41.33 -11.79 45.75
CA SER E 368 42.46 -10.88 45.84
C SER E 368 43.78 -11.59 46.14
N PRO E 369 44.50 -12.03 45.10
CA PRO E 369 44.03 -12.07 43.72
C PRO E 369 43.31 -13.38 43.49
N GLY E 370 43.53 -14.35 44.38
CA GLY E 370 42.86 -15.63 44.30
C GLY E 370 41.70 -15.62 45.25
N HIS E 371 41.13 -16.80 45.53
CA HIS E 371 39.98 -16.91 46.43
C HIS E 371 40.40 -16.49 47.83
N ARG E 372 39.69 -15.51 48.40
CA ARG E 372 40.02 -15.04 49.75
C ARG E 372 38.85 -15.19 50.72
N GLY E 373 39.15 -15.43 52.00
CA GLY E 373 38.10 -15.69 52.96
C GLY E 373 37.57 -14.43 53.60
N CYS E 374 36.35 -14.02 53.20
CA CYS E 374 35.79 -12.72 53.62
C CYS E 374 34.32 -12.58 53.24
N MET E 375 33.50 -12.10 54.18
CA MET E 375 32.10 -11.85 53.92
C MET E 375 31.33 -13.13 53.59
N VAL E 376 30.13 -13.00 53.04
CA VAL E 376 29.26 -14.15 52.87
C VAL E 376 28.47 -14.09 51.58
N GLY E 377 27.64 -15.11 51.36
CA GLY E 377 26.73 -15.13 50.24
C GLY E 377 27.29 -15.83 49.02
N ASN E 378 26.46 -15.94 47.98
CA ASN E 378 26.79 -16.61 46.74
C ASN E 378 26.42 -15.60 45.69
N ASN E 379 26.85 -14.36 45.89
CA ASN E 379 26.41 -13.26 45.05
C ASN E 379 27.02 -13.22 43.66
N SER E 380 28.04 -14.03 43.42
CA SER E 380 28.51 -14.23 42.05
C SER E 380 27.33 -14.53 41.12
N ALA E 381 26.29 -15.17 41.66
CA ALA E 381 25.12 -15.56 40.86
C ALA E 381 24.37 -14.35 40.31
N SER E 382 24.18 -13.36 41.18
CA SER E 382 23.68 -12.04 40.81
C SER E 382 24.53 -11.37 39.72
N ILE E 383 25.82 -11.30 39.96
CA ILE E 383 26.76 -10.75 39.01
C ILE E 383 26.60 -11.39 37.64
N LEU E 384 26.64 -12.72 37.60
CA LEU E 384 26.65 -13.45 36.33
C LEU E 384 25.33 -13.30 35.57
N VAL E 385 24.22 -13.44 36.29
CA VAL E 385 22.90 -13.37 35.70
C VAL E 385 22.49 -11.96 35.32
N ASP E 386 22.84 -10.98 36.15
CA ASP E 386 22.52 -9.60 35.79
C ASP E 386 23.17 -9.23 34.45
N ALA E 387 24.40 -9.69 34.24
CA ALA E 387 25.11 -9.40 32.99
C ALA E 387 24.42 -10.07 31.80
N TYR E 388 24.24 -11.38 31.89
CA TYR E 388 23.57 -12.13 30.83
C TYR E 388 22.20 -11.58 30.45
N MET E 389 21.36 -11.26 31.45
CA MET E 389 20.03 -10.71 31.16
C MET E 389 20.09 -9.29 30.59
N LYS E 390 21.20 -8.62 30.82
CA LYS E 390 21.34 -7.26 30.28
C LYS E 390 22.15 -7.22 28.99
N GLY E 391 22.39 -8.40 28.41
CA GLY E 391 22.96 -8.48 27.08
C GLY E 391 24.46 -8.65 27.07
N VAL E 392 25.02 -8.86 28.25
CA VAL E 392 26.45 -9.09 28.36
C VAL E 392 26.60 -10.58 28.51
N LYS E 393 26.77 -11.23 27.36
CA LYS E 393 26.70 -12.67 27.27
C LYS E 393 28.07 -13.27 27.02
N VAL E 394 28.47 -14.20 27.87
CA VAL E 394 29.70 -14.93 27.67
C VAL E 394 29.56 -15.91 26.49
N ASP E 395 30.68 -16.42 25.98
CA ASP E 395 30.62 -17.33 24.83
C ASP E 395 30.17 -18.71 25.28
N ASP E 396 30.63 -19.14 26.45
CA ASP E 396 30.32 -20.47 26.93
C ASP E 396 29.20 -20.42 27.98
N ILE E 397 27.99 -20.18 27.51
CA ILE E 397 26.83 -20.10 28.41
C ILE E 397 26.50 -21.43 29.10
N LYS E 398 27.02 -22.54 28.61
CA LYS E 398 26.80 -23.83 29.26
C LYS E 398 27.65 -23.97 30.53
N THR E 399 28.92 -23.59 30.42
CA THR E 399 29.82 -23.60 31.57
C THR E 399 29.36 -22.60 32.63
N LEU E 400 28.79 -21.49 32.19
CA LEU E 400 28.28 -20.51 33.13
C LEU E 400 27.21 -21.16 34.04
N TYR E 401 26.18 -21.74 33.46
CA TYR E 401 25.11 -22.35 34.26
C TYR E 401 25.66 -23.42 35.20
N GLU E 402 26.48 -24.32 34.66
CA GLU E 402 27.07 -25.40 35.45
C GLU E 402 27.84 -24.88 36.64
N GLY E 403 28.58 -23.79 36.45
CA GLY E 403 29.35 -23.22 37.55
C GLY E 403 28.42 -22.76 38.66
N LEU E 404 27.31 -22.16 38.24
CA LEU E 404 26.31 -21.69 39.19
C LEU E 404 25.72 -22.85 39.97
N ILE E 405 25.19 -23.84 39.26
CA ILE E 405 24.68 -25.02 39.94
C ILE E 405 25.75 -25.59 40.86
N HIS E 406 26.97 -25.73 40.35
CA HIS E 406 28.05 -26.25 41.18
C HIS E 406 28.12 -25.47 42.48
N GLY E 407 28.05 -24.14 42.37
CA GLY E 407 28.20 -23.28 43.54
C GLY E 407 27.12 -23.53 44.59
N THR E 408 25.95 -23.99 44.17
CA THR E 408 24.84 -24.19 45.11
C THR E 408 24.96 -25.46 45.96
N GLU E 409 25.96 -26.30 45.70
CA GLU E 409 26.07 -27.54 46.48
C GLU E 409 27.51 -27.92 46.79
N ASN E 410 28.33 -26.91 47.00
CA ASN E 410 29.74 -27.08 47.33
C ASN E 410 30.22 -25.81 47.98
N VAL E 411 31.14 -25.96 48.92
CA VAL E 411 31.76 -24.82 49.57
C VAL E 411 33.24 -25.12 49.38
N HIS E 412 34.05 -24.11 49.16
CA HIS E 412 35.47 -24.34 48.93
C HIS E 412 36.11 -24.90 50.20
N PRO E 413 37.02 -25.89 50.04
CA PRO E 413 37.61 -26.60 51.18
C PRO E 413 38.52 -25.75 52.10
N GLU E 414 39.10 -24.67 51.61
CA GLU E 414 39.87 -23.83 52.51
C GLU E 414 39.44 -22.40 52.54
N VAL E 415 38.50 -22.04 51.68
CA VAL E 415 37.97 -20.68 51.67
C VAL E 415 36.43 -20.72 51.83
N SER E 416 35.95 -20.45 53.03
CA SER E 416 34.54 -20.75 53.34
C SER E 416 33.51 -19.75 52.79
N SER E 417 33.99 -18.59 52.34
CA SER E 417 33.16 -17.61 51.64
C SER E 417 33.07 -17.86 50.12
N THR E 418 33.72 -18.92 49.65
CA THR E 418 33.70 -19.27 48.24
C THR E 418 32.83 -20.52 48.15
N GLY E 419 31.82 -20.48 47.29
CA GLY E 419 30.76 -21.50 47.31
C GLY E 419 29.82 -21.16 48.47
N ARG E 420 29.00 -22.12 48.90
CA ARG E 420 28.00 -21.80 49.93
C ARG E 420 28.23 -22.58 51.21
N LEU E 421 28.81 -21.92 52.21
CA LEU E 421 28.93 -22.58 53.49
C LEU E 421 27.49 -22.85 53.97
N GLY E 422 27.26 -24.06 54.47
CA GLY E 422 25.97 -24.43 55.06
C GLY E 422 24.90 -24.80 54.05
N TYR E 423 25.31 -25.03 52.80
CA TYR E 423 24.37 -25.44 51.77
C TYR E 423 23.65 -26.72 52.19
N GLU E 424 24.36 -27.55 52.95
CA GLU E 424 23.84 -28.80 53.51
C GLU E 424 22.46 -28.50 54.16
N TYR E 425 22.47 -27.71 55.22
CA TYR E 425 21.24 -27.38 55.91
C TYR E 425 20.27 -26.63 55.00
N TYR E 426 20.82 -25.76 54.16
CA TYR E 426 20.00 -24.82 53.43
C TYR E 426 19.07 -25.52 52.43
N ASN E 427 19.63 -26.44 51.64
CA ASN E 427 18.86 -27.24 50.70
C ASN E 427 17.82 -28.16 51.37
N LYS E 428 18.18 -28.66 52.54
CA LYS E 428 17.35 -29.54 53.36
C LYS E 428 16.22 -28.77 54.04
N LEU E 429 16.58 -27.74 54.81
CA LEU E 429 15.64 -27.03 55.69
C LEU E 429 15.09 -25.73 55.15
N GLY E 430 15.79 -25.12 54.19
CA GLY E 430 15.36 -23.83 53.66
C GLY E 430 15.99 -22.65 54.37
N TYR E 431 16.95 -22.92 55.25
CA TYR E 431 17.71 -21.87 55.92
C TYR E 431 18.96 -22.44 56.58
N VAL E 432 19.97 -21.59 56.76
CA VAL E 432 21.14 -21.95 57.57
C VAL E 432 20.85 -21.68 59.06
N PRO E 433 20.86 -22.74 59.88
CA PRO E 433 20.48 -22.55 61.30
C PRO E 433 21.45 -21.69 62.10
N TYR E 434 20.97 -21.24 63.25
CA TYR E 434 21.68 -20.34 64.17
C TYR E 434 22.60 -21.10 65.15
N ASP E 435 22.29 -22.36 65.38
CA ASP E 435 22.94 -23.11 66.43
C ASP E 435 23.71 -24.29 65.87
N VAL E 436 24.33 -24.12 64.70
CA VAL E 436 25.10 -25.19 64.08
C VAL E 436 26.55 -24.78 63.74
N LYS E 437 27.08 -23.83 64.51
CA LYS E 437 28.49 -23.42 64.37
C LYS E 437 28.80 -22.82 62.99
N ILE E 438 27.79 -22.27 62.34
CA ILE E 438 27.99 -21.52 61.09
C ILE E 438 27.56 -20.08 61.28
N ASN E 439 28.55 -19.24 61.54
CA ASN E 439 28.31 -17.83 61.82
C ASN E 439 27.64 -17.08 60.67
N GLU E 440 26.95 -15.99 61.00
CA GLU E 440 26.32 -15.12 59.99
C GLU E 440 25.32 -15.89 59.13
N ASN E 441 24.59 -16.77 59.81
CA ASN E 441 23.65 -17.72 59.18
C ASN E 441 22.42 -17.06 58.55
N ALA E 442 21.90 -16.00 59.17
CA ALA E 442 20.71 -15.34 58.63
C ALA E 442 21.06 -14.50 57.39
N ALA E 443 22.22 -13.85 57.43
CA ALA E 443 22.68 -13.07 56.28
C ALA E 443 22.90 -14.03 55.11
N ARG E 444 23.54 -15.16 55.40
CA ARG E 444 23.79 -16.14 54.37
C ARG E 444 22.48 -16.63 53.78
N THR E 445 21.49 -16.83 54.63
CA THR E 445 20.25 -17.42 54.17
C THR E 445 19.55 -16.42 53.25
N LEU E 446 19.51 -15.17 53.69
CA LEU E 446 18.79 -14.15 52.94
C LEU E 446 19.44 -13.92 51.58
N GLU E 447 20.77 -13.85 51.54
CA GLU E 447 21.41 -13.67 50.25
C GLU E 447 21.36 -14.91 49.34
N TYR E 448 21.34 -16.10 49.90
CA TYR E 448 21.17 -17.34 49.10
C TYR E 448 19.80 -17.33 48.46
N ALA E 449 18.79 -16.92 49.21
CA ALA E 449 17.45 -16.87 48.68
C ALA E 449 17.46 -16.02 47.43
N TYR E 450 18.03 -14.82 47.53
CA TYR E 450 18.09 -13.94 46.37
C TYR E 450 18.96 -14.54 45.26
N ASP E 451 20.12 -15.07 45.66
CA ASP E 451 21.02 -15.68 44.68
C ASP E 451 20.25 -16.76 43.93
N ASP E 452 19.43 -17.50 44.67
CA ASP E 452 18.69 -18.61 44.11
C ASP E 452 17.62 -18.13 43.14
N TRP E 453 17.10 -16.92 43.37
CA TRP E 453 16.16 -16.29 42.43
C TRP E 453 16.84 -15.93 41.13
N CYS E 454 18.07 -15.45 41.23
CA CYS E 454 18.86 -15.15 40.05
C CYS E 454 19.05 -16.40 39.18
N ILE E 455 19.41 -17.52 39.82
CA ILE E 455 19.61 -18.76 39.10
C ILE E 455 18.30 -19.19 38.47
N TYR E 456 17.20 -18.95 39.18
CA TYR E 456 15.89 -19.23 38.64
C TYR E 456 15.64 -18.45 37.36
N ARG E 457 15.96 -17.16 37.38
CA ARG E 457 15.79 -16.31 36.21
C ARG E 457 16.56 -16.85 35.01
N LEU E 458 17.79 -17.27 35.25
CA LEU E 458 18.60 -17.81 34.17
C LEU E 458 18.09 -19.19 33.75
N ALA E 459 17.74 -20.05 34.71
CA ALA E 459 17.13 -21.34 34.34
C ALA E 459 15.96 -21.14 33.36
N LYS E 460 15.12 -20.16 33.68
CA LYS E 460 13.94 -19.91 32.87
C LYS E 460 14.40 -19.41 31.50
N GLU E 461 15.29 -18.41 31.48
CA GLU E 461 15.77 -17.85 30.23
C GLU E 461 16.43 -18.92 29.38
N LEU E 462 17.19 -19.80 30.02
CA LEU E 462 17.91 -20.83 29.30
C LEU E 462 17.06 -22.03 28.90
N LYS E 463 15.77 -22.03 29.24
CA LYS E 463 14.90 -23.12 28.82
C LYS E 463 15.23 -24.45 29.48
N ARG E 464 15.70 -24.41 30.73
CA ARG E 464 16.08 -25.63 31.45
C ARG E 464 14.88 -26.45 31.83
N PRO E 465 15.11 -27.70 32.29
CA PRO E 465 14.03 -28.59 32.69
C PRO E 465 13.11 -27.94 33.72
N LYS E 466 11.82 -28.25 33.65
CA LYS E 466 10.85 -27.68 34.57
C LYS E 466 11.16 -28.03 36.04
N LYS E 467 11.81 -29.18 36.29
CA LYS E 467 12.13 -29.58 37.65
C LYS E 467 13.17 -28.66 38.32
N GLU E 468 14.19 -28.25 37.56
CA GLU E 468 15.20 -27.32 38.07
C GLU E 468 14.61 -25.94 38.30
N ILE E 469 13.85 -25.46 37.32
CA ILE E 469 13.22 -24.16 37.43
C ILE E 469 12.40 -24.06 38.72
N SER E 470 11.58 -25.08 39.00
CA SER E 470 10.77 -25.12 40.23
C SER E 470 11.62 -25.19 41.49
N LEU E 471 12.73 -25.93 41.42
CA LEU E 471 13.64 -26.05 42.55
C LEU E 471 14.16 -24.68 42.98
N PHE E 472 14.56 -23.86 42.00
CA PHE E 472 15.09 -22.54 42.31
C PHE E 472 13.98 -21.53 42.59
N ALA E 473 12.83 -21.70 41.93
CA ALA E 473 11.64 -20.93 42.28
C ALA E 473 11.35 -21.10 43.78
N LYS E 474 11.33 -22.35 44.24
CA LYS E 474 11.06 -22.62 45.65
C LYS E 474 12.14 -22.03 46.56
N ARG E 475 13.40 -22.14 46.14
CA ARG E 475 14.48 -21.64 46.98
C ARG E 475 14.48 -20.11 47.07
N ALA E 476 14.13 -19.43 45.98
CA ALA E 476 14.02 -17.98 46.01
C ALA E 476 13.10 -17.54 47.17
N MET E 477 12.19 -18.41 47.58
CA MET E 477 11.23 -18.02 48.63
C MET E 477 11.71 -18.35 50.04
N ASN E 478 12.96 -18.80 50.16
CA ASN E 478 13.50 -19.21 51.46
C ASN E 478 13.69 -18.08 52.45
N TYR E 479 13.72 -16.84 51.98
CA TYR E 479 13.88 -15.73 52.92
C TYR E 479 12.77 -15.73 54.00
N LYS E 480 11.62 -16.31 53.66
CA LYS E 480 10.47 -16.30 54.54
C LYS E 480 10.75 -17.13 55.77
N ASN E 481 11.68 -18.07 55.66
CA ASN E 481 11.95 -18.98 56.76
C ASN E 481 12.58 -18.33 57.99
N LEU E 482 13.12 -17.12 57.85
CA LEU E 482 13.70 -16.43 59.02
C LEU E 482 12.91 -15.20 59.42
N PHE E 483 11.72 -15.03 58.84
CA PHE E 483 10.90 -13.90 59.22
C PHE E 483 10.05 -14.21 60.45
N ASP E 484 10.18 -13.39 61.48
CA ASP E 484 9.51 -13.61 62.76
C ASP E 484 8.38 -12.61 62.95
N LYS E 485 7.13 -13.09 62.91
CA LYS E 485 5.93 -12.22 62.96
C LYS E 485 5.88 -11.45 64.25
N GLU E 486 6.45 -12.01 65.32
CA GLU E 486 6.43 -11.37 66.62
C GLU E 486 7.17 -10.04 66.62
N SER E 487 8.30 -9.97 65.94
CA SER E 487 9.06 -8.73 65.88
C SER E 487 8.84 -7.98 64.56
N LYS E 488 8.33 -8.71 63.56
CA LYS E 488 8.31 -8.25 62.17
C LYS E 488 9.73 -7.99 61.62
N LEU E 489 10.68 -8.83 62.00
CA LEU E 489 12.04 -8.72 61.48
C LEU E 489 12.62 -10.09 61.22
N MET E 490 13.73 -10.14 60.50
CA MET E 490 14.44 -11.38 60.30
C MET E 490 15.17 -11.74 61.59
N ARG E 491 15.23 -13.03 61.89
CA ARG E 491 15.75 -13.51 63.14
C ARG E 491 16.31 -14.89 62.91
N GLY E 492 17.42 -15.19 63.56
CA GLY E 492 18.07 -16.49 63.41
C GLY E 492 17.18 -17.60 63.89
N ARG E 493 17.29 -18.77 63.25
CA ARG E 493 16.39 -19.86 63.53
C ARG E 493 17.16 -21.16 63.80
N ASN E 494 16.96 -21.73 64.99
CA ASN E 494 17.69 -22.93 65.38
C ASN E 494 17.42 -24.06 64.42
N GLU E 495 18.31 -25.06 64.40
CA GLU E 495 18.14 -26.22 63.52
C GLU E 495 16.80 -26.94 63.76
N ASP E 496 16.38 -27.03 65.02
CA ASP E 496 15.10 -27.65 65.37
C ASP E 496 13.86 -26.85 64.93
N GLY E 497 14.05 -25.65 64.41
CA GLY E 497 12.93 -24.91 63.86
C GLY E 497 12.42 -23.80 64.76
N THR E 498 12.81 -23.81 66.03
CA THR E 498 12.47 -22.70 66.92
C THR E 498 13.35 -21.49 66.65
N PHE E 499 12.74 -20.30 66.68
CA PHE E 499 13.51 -19.07 66.52
C PHE E 499 14.44 -18.87 67.73
N GLN E 500 15.65 -18.39 67.50
CA GLN E 500 16.61 -18.22 68.60
C GLN E 500 16.16 -17.19 69.62
N SER E 501 16.48 -17.43 70.90
CA SER E 501 16.17 -16.51 71.98
C SER E 501 17.30 -16.56 73.00
N PRO E 502 17.55 -15.43 73.68
CA PRO E 502 16.79 -14.20 73.47
C PRO E 502 17.24 -13.51 72.21
N PHE E 503 16.34 -12.72 71.65
CA PHE E 503 16.61 -12.07 70.39
C PHE E 503 16.69 -10.56 70.61
N SER E 504 17.73 -9.91 70.11
CA SER E 504 17.70 -8.45 69.99
C SER E 504 18.08 -8.03 68.59
N PRO E 505 17.23 -7.18 68.03
CA PRO E 505 17.35 -6.59 66.72
C PRO E 505 18.56 -5.70 66.72
N LEU E 506 19.06 -5.34 67.90
CA LEU E 506 20.21 -4.44 68.01
C LEU E 506 21.57 -5.16 68.11
N LYS E 507 21.54 -6.49 68.14
CA LYS E 507 22.77 -7.25 68.18
C LYS E 507 23.42 -7.30 66.82
N TRP E 508 24.67 -6.86 66.73
CA TRP E 508 25.37 -6.86 65.45
C TRP E 508 26.09 -8.19 65.23
N GLY E 509 26.36 -8.55 63.99
CA GLY E 509 27.07 -9.79 63.74
C GLY E 509 26.28 -11.02 64.16
N ASP E 510 26.98 -12.10 64.51
CA ASP E 510 26.35 -13.32 65.00
C ASP E 510 25.46 -13.95 63.93
N ALA E 511 24.17 -13.69 63.99
CA ALA E 511 23.28 -14.23 62.95
C ALA E 511 23.46 -13.45 61.66
N PHE E 512 23.94 -12.22 61.77
CA PHE E 512 24.06 -11.36 60.59
C PHE E 512 25.51 -10.95 60.29
N THR E 513 25.71 -10.27 59.16
CA THR E 513 27.00 -9.78 58.70
C THR E 513 27.04 -8.26 58.68
N GLU E 514 28.04 -7.67 59.34
CA GLU E 514 28.27 -6.23 59.26
C GLU E 514 27.12 -5.36 59.74
N GLY E 515 26.26 -5.88 60.62
CA GLY E 515 25.08 -5.14 60.99
C GLY E 515 24.13 -5.98 61.79
N ASN E 516 22.94 -5.45 62.06
CA ASN E 516 21.95 -6.15 62.89
C ASN E 516 20.70 -6.52 62.09
N SER E 517 19.66 -6.99 62.78
CA SER E 517 18.42 -7.37 62.10
C SER E 517 17.78 -6.18 61.40
N TRP E 518 17.89 -5.01 62.02
CA TRP E 518 17.33 -3.80 61.43
C TRP E 518 17.96 -3.47 60.08
N HIS E 519 19.23 -3.82 59.88
CA HIS E 519 19.86 -3.55 58.58
C HIS E 519 19.57 -4.65 57.54
N TYR E 520 19.53 -5.89 58.02
CA TYR E 520 19.45 -7.03 57.12
C TYR E 520 18.04 -7.44 56.74
N THR E 521 17.05 -7.09 57.56
CA THR E 521 15.67 -7.49 57.28
C THR E 521 15.20 -7.15 55.86
N TRP E 522 15.74 -6.06 55.30
CA TRP E 522 15.29 -5.53 54.00
C TRP E 522 15.90 -6.25 52.82
N SER E 523 16.71 -7.27 53.09
CA SER E 523 17.43 -7.95 52.00
C SER E 523 16.50 -8.95 51.31
N VAL E 524 15.46 -8.44 50.67
CA VAL E 524 14.62 -9.31 49.84
C VAL E 524 14.40 -8.67 48.49
N PHE E 525 15.50 -8.55 47.74
CA PHE E 525 15.58 -7.68 46.56
C PHE E 525 14.59 -8.06 45.48
N HIS E 526 14.37 -9.36 45.37
CA HIS E 526 13.56 -9.93 44.28
C HIS E 526 12.07 -10.03 44.64
N ASP E 527 11.72 -9.68 45.87
CA ASP E 527 10.34 -9.80 46.31
C ASP E 527 9.94 -8.83 47.42
N PRO E 528 10.13 -7.52 47.20
CA PRO E 528 9.71 -6.58 48.23
C PRO E 528 8.22 -6.71 48.60
N GLN E 529 7.34 -6.87 47.62
CA GLN E 529 5.93 -6.99 47.94
C GLN E 529 5.72 -8.15 48.91
N GLY E 530 6.57 -9.17 48.79
CA GLY E 530 6.51 -10.36 49.64
C GLY E 530 6.86 -10.00 51.08
N LEU E 531 7.88 -9.17 51.21
CA LEU E 531 8.30 -8.69 52.52
C LEU E 531 7.20 -7.84 53.12
N ILE E 532 6.66 -6.94 52.31
CA ILE E 532 5.59 -6.08 52.76
C ILE E 532 4.39 -6.87 53.25
N ASP E 533 4.08 -7.95 52.54
CA ASP E 533 3.01 -8.88 52.93
C ASP E 533 3.27 -9.55 54.30
N LEU E 534 4.53 -9.81 54.63
CA LEU E 534 4.90 -10.41 55.94
C LEU E 534 4.78 -9.39 57.08
N MET E 535 5.09 -8.15 56.76
CA MET E 535 5.23 -7.10 57.74
C MET E 535 3.96 -6.33 57.99
N GLY E 536 2.82 -6.93 57.67
CA GLY E 536 1.53 -6.37 58.03
C GLY E 536 0.91 -5.42 57.03
N GLY E 537 1.34 -5.50 55.77
CA GLY E 537 0.79 -4.61 54.74
C GLY E 537 1.64 -3.35 54.58
N LYS E 538 1.46 -2.64 53.46
CA LYS E 538 2.32 -1.49 53.14
C LYS E 538 2.38 -0.40 54.21
N GLU E 539 1.27 -0.16 54.89
CA GLU E 539 1.25 0.89 55.91
C GLU E 539 2.13 0.52 57.11
N MET E 540 2.05 -0.72 57.57
CA MET E 540 2.88 -1.16 58.69
C MET E 540 4.35 -1.28 58.26
N PHE E 541 4.57 -1.67 57.01
CA PHE E 541 5.90 -1.79 56.43
C PHE E 541 6.56 -0.40 56.39
N VAL E 542 5.80 0.61 56.00
CA VAL E 542 6.34 1.96 56.01
C VAL E 542 6.64 2.44 57.44
N THR E 543 5.77 2.09 58.39
CA THR E 543 6.01 2.44 59.78
C THR E 543 7.32 1.80 60.28
N MET E 544 7.53 0.55 59.93
CA MET E 544 8.79 -0.11 60.26
C MET E 544 10.00 0.65 59.66
N MET E 545 9.94 1.00 58.39
CA MET E 545 11.08 1.71 57.77
C MET E 545 11.36 3.02 58.44
N ASP E 546 10.28 3.78 58.69
CA ASP E 546 10.39 5.09 59.29
C ASP E 546 11.06 4.97 60.64
N SER E 547 10.70 3.94 61.38
CA SER E 547 11.31 3.75 62.71
C SER E 547 12.83 3.49 62.61
N VAL E 548 13.31 2.96 61.47
CA VAL E 548 14.76 2.77 61.34
C VAL E 548 15.50 4.08 61.63
N PHE E 549 15.00 5.19 61.07
CA PHE E 549 15.61 6.51 61.26
C PHE E 549 15.43 7.09 62.67
N ALA E 550 14.45 6.59 63.41
CA ALA E 550 14.17 7.16 64.71
C ALA E 550 14.67 6.33 65.91
N VAL E 551 15.18 5.12 65.71
CA VAL E 551 15.61 4.35 66.90
C VAL E 551 17.07 4.59 67.25
N PRO E 552 17.31 5.03 68.49
CA PRO E 552 18.62 5.36 69.00
C PRO E 552 19.65 4.33 68.57
N PRO E 553 20.83 4.80 68.12
CA PRO E 553 21.90 3.93 67.71
C PRO E 553 22.54 3.19 68.87
N ILE E 554 21.73 2.51 69.69
CA ILE E 554 22.34 1.67 70.71
C ILE E 554 22.57 0.30 70.07
N PHE E 555 23.42 -0.52 70.67
CA PHE E 555 23.84 -1.70 69.99
C PHE E 555 24.40 -2.66 70.97
N ASP E 556 24.53 -3.90 70.55
CA ASP E 556 25.26 -4.90 71.32
C ASP E 556 26.40 -5.41 70.43
N ASP E 557 27.65 -5.16 70.83
CA ASP E 557 28.80 -5.54 70.02
C ASP E 557 29.53 -6.79 70.56
N SER E 558 28.89 -7.50 71.47
CA SER E 558 29.53 -8.68 72.06
C SER E 558 30.11 -9.65 71.03
N TYR E 559 29.48 -9.78 69.87
CA TYR E 559 30.02 -10.70 68.87
C TYR E 559 31.45 -10.35 68.48
N TYR E 560 31.78 -9.06 68.50
CA TYR E 560 33.05 -8.59 67.96
C TYR E 560 34.07 -8.34 69.05
N GLY E 561 33.58 -8.07 70.26
CA GLY E 561 34.43 -7.80 71.42
C GLY E 561 35.06 -6.42 71.37
N GLN E 562 34.50 -5.55 70.54
CA GLN E 562 34.92 -4.15 70.49
C GLN E 562 33.96 -3.35 69.61
N VAL E 563 33.98 -2.03 69.75
CA VAL E 563 33.13 -1.17 68.89
C VAL E 563 33.82 -1.00 67.54
N ILE E 564 33.62 -1.98 66.65
CA ILE E 564 34.19 -1.91 65.31
C ILE E 564 33.76 -0.63 64.61
N HIS E 565 34.55 -0.17 63.66
CA HIS E 565 34.31 1.12 63.03
C HIS E 565 32.90 1.23 62.43
N GLU E 566 32.35 0.12 61.95
CA GLU E 566 31.02 0.17 61.35
C GLU E 566 29.96 0.58 62.37
N ILE E 567 30.14 0.18 63.62
CA ILE E 567 29.17 0.52 64.63
C ILE E 567 29.32 1.99 64.96
N ARG E 568 30.57 2.40 65.11
CA ARG E 568 30.90 3.78 65.41
C ARG E 568 30.27 4.70 64.37
N GLU E 569 30.58 4.42 63.10
CA GLU E 569 30.03 5.15 61.97
C GLU E 569 28.50 5.31 62.05
N MET E 570 27.78 4.24 62.37
CA MET E 570 26.35 4.37 62.60
C MET E 570 25.99 5.38 63.70
N THR E 571 26.73 5.37 64.81
CA THR E 571 26.35 6.22 65.96
C THR E 571 26.52 7.68 65.56
N VAL E 572 27.60 8.01 64.87
CA VAL E 572 27.95 9.41 64.76
C VAL E 572 27.06 10.21 63.82
N MET E 573 26.32 9.54 62.92
CA MET E 573 25.61 10.23 61.83
C MET E 573 24.24 10.73 62.24
N ASN E 574 23.75 10.26 63.37
CA ASN E 574 22.49 10.78 63.89
C ASN E 574 21.32 10.45 62.95
N MET E 575 21.40 9.31 62.28
CA MET E 575 20.30 8.86 61.44
C MET E 575 19.69 7.59 61.98
N GLY E 576 19.57 7.51 63.30
CA GLY E 576 19.04 6.31 63.94
C GLY E 576 19.89 5.08 63.67
N ASN E 577 19.25 3.97 63.32
CA ASN E 577 20.00 2.79 62.90
C ASN E 577 20.33 2.77 61.40
N TYR E 578 19.95 3.82 60.66
CA TYR E 578 20.30 3.87 59.25
C TYR E 578 21.80 4.15 59.07
N ALA E 579 22.54 3.10 58.72
CA ALA E 579 23.98 3.22 58.57
C ALA E 579 24.33 3.09 57.11
N HIS E 580 24.54 4.21 56.44
CA HIS E 580 24.62 4.15 55.01
C HIS E 580 25.85 3.45 54.46
N GLY E 581 26.93 3.42 55.22
CA GLY E 581 28.11 2.66 54.80
C GLY E 581 27.83 1.16 54.83
N ASN E 582 26.78 0.77 55.53
CA ASN E 582 26.45 -0.63 55.65
C ASN E 582 25.80 -1.23 54.40
N GLN E 583 26.56 -2.05 53.65
CA GLN E 583 26.09 -2.47 52.33
C GLN E 583 24.67 -3.04 52.28
N PRO E 584 24.32 -3.95 53.20
CA PRO E 584 23.00 -4.60 53.15
C PRO E 584 21.82 -3.64 53.18
N ILE E 585 21.99 -2.50 53.85
CA ILE E 585 20.89 -1.54 53.92
C ILE E 585 20.88 -0.49 52.78
N GLN E 586 21.88 -0.53 51.89
CA GLN E 586 22.03 0.57 50.92
C GLN E 586 20.89 0.75 49.92
N HIS E 587 20.16 -0.33 49.66
CA HIS E 587 18.95 -0.27 48.81
C HIS E 587 17.67 0.11 49.58
N MET E 588 17.74 0.04 50.91
CA MET E 588 16.53 0.19 51.74
C MET E 588 15.60 1.36 51.41
N ILE E 589 16.15 2.57 51.32
CA ILE E 589 15.29 3.73 51.14
C ILE E 589 14.38 3.62 49.89
N TYR E 590 14.88 2.97 48.84
CA TYR E 590 14.17 2.79 47.58
C TYR E 590 12.94 1.92 47.81
N LEU E 591 12.95 1.16 48.90
CA LEU E 591 11.83 0.29 49.21
C LEU E 591 10.55 1.09 49.53
N TYR E 592 10.68 2.36 49.92
CA TYR E 592 9.48 3.15 50.10
C TYR E 592 8.66 3.15 48.80
N ASP E 593 9.33 3.06 47.65
CA ASP E 593 8.61 3.10 46.37
C ASP E 593 7.63 1.93 46.30
N TYR E 594 8.07 0.78 46.79
CA TYR E 594 7.28 -0.43 46.61
C TYR E 594 6.07 -0.36 47.51
N ALA E 595 6.13 0.47 48.54
CA ALA E 595 5.02 0.54 49.47
C ALA E 595 4.07 1.66 49.12
N GLY E 596 4.21 2.25 47.94
CA GLY E 596 3.30 3.33 47.52
C GLY E 596 3.58 4.72 48.11
N GLN E 597 4.75 4.90 48.74
CA GLN E 597 5.11 6.23 49.26
C GLN E 597 6.49 6.69 48.76
N PRO E 598 6.66 6.87 47.42
CA PRO E 598 7.97 7.25 46.88
C PRO E 598 8.47 8.61 47.40
N TRP E 599 7.56 9.47 47.84
CA TRP E 599 7.97 10.77 48.32
C TRP E 599 8.88 10.61 49.53
N LYS E 600 8.74 9.50 50.24
CA LYS E 600 9.61 9.28 51.41
C LYS E 600 11.02 8.88 50.97
N ALA E 601 11.10 8.04 49.95
CA ALA E 601 12.40 7.72 49.36
C ALA E 601 13.07 9.02 48.95
N GLN E 602 12.29 9.90 48.33
CA GLN E 602 12.84 11.14 47.80
C GLN E 602 13.44 11.98 48.91
N TYR E 603 12.71 12.13 50.02
CA TYR E 603 13.23 12.89 51.15
C TYR E 603 14.55 12.32 51.68
N TRP E 604 14.59 11.01 51.92
CA TRP E 604 15.72 10.38 52.63
C TRP E 604 16.92 10.19 51.73
N LEU E 605 16.67 9.80 50.49
CA LEU E 605 17.76 9.70 49.53
C LEU E 605 18.46 11.06 49.43
N ARG E 606 17.71 12.14 49.46
CA ARG E 606 18.34 13.46 49.28
C ARG E 606 19.14 13.85 50.54
N GLN E 607 18.58 13.54 51.73
CA GLN E 607 19.36 13.60 52.97
C GLN E 607 20.72 12.85 52.85
N VAL E 608 20.69 11.59 52.43
CA VAL E 608 21.92 10.80 52.32
C VAL E 608 22.92 11.41 51.32
N MET E 609 22.42 11.75 50.14
CA MET E 609 23.25 12.39 49.14
C MET E 609 23.85 13.70 49.61
N ASP E 610 23.09 14.49 50.35
CA ASP E 610 23.59 15.78 50.82
C ASP E 610 24.54 15.62 52.00
N ARG E 611 24.32 14.60 52.82
CA ARG E 611 24.93 14.61 54.15
C ARG E 611 25.96 13.53 54.39
N MET E 612 25.75 12.37 53.78
CA MET E 612 26.65 11.25 53.99
C MET E 612 27.84 11.28 53.03
N TYR E 613 27.79 12.15 52.03
CA TYR E 613 28.88 12.24 51.03
C TYR E 613 29.41 13.67 50.90
N THR E 614 30.71 13.87 51.10
CA THR E 614 31.38 15.16 50.90
C THR E 614 32.66 14.99 50.08
N PRO E 615 33.14 16.07 49.41
CA PRO E 615 34.21 15.96 48.43
C PRO E 615 35.64 15.98 48.98
N GLY E 616 35.79 16.23 50.28
CA GLY E 616 37.10 16.31 50.88
C GLY E 616 37.74 14.98 51.23
N PRO E 617 38.87 15.03 51.91
CA PRO E 617 39.65 13.83 52.21
C PRO E 617 38.90 12.83 53.11
N ASP E 618 37.97 13.32 53.94
CA ASP E 618 37.14 12.43 54.76
C ASP E 618 35.73 12.34 54.15
N GLY E 619 35.66 12.09 52.85
CA GLY E 619 34.42 12.25 52.10
C GLY E 619 33.29 11.23 52.23
N TYR E 620 33.62 10.01 52.59
CA TYR E 620 32.56 9.01 52.72
C TYR E 620 32.13 8.84 54.18
N CYS E 621 31.04 8.12 54.39
CA CYS E 621 30.53 7.94 55.75
C CYS E 621 30.91 6.57 56.28
N GLY E 622 31.73 5.86 55.50
CA GLY E 622 32.20 4.51 55.86
C GLY E 622 33.02 3.95 54.71
N ASP E 623 33.34 2.66 54.75
CA ASP E 623 34.19 2.06 53.71
C ASP E 623 33.61 2.20 52.30
N GLU E 624 34.44 2.63 51.37
CA GLU E 624 34.05 2.81 49.99
C GLU E 624 33.79 1.46 49.29
N ASP E 625 34.61 0.44 49.57
CA ASP E 625 34.45 -0.93 49.01
C ASP E 625 34.42 -1.07 47.48
N ASN E 626 35.49 -0.66 46.83
CA ASN E 626 35.75 -1.04 45.43
C ASN E 626 34.68 -0.64 44.43
N GLY E 627 34.06 0.50 44.69
CA GLY E 627 33.09 1.05 43.74
C GLY E 627 31.65 1.04 44.23
N GLN E 628 31.34 0.22 45.22
CA GLN E 628 29.95 0.07 45.59
C GLN E 628 29.44 1.35 46.22
N THR E 629 30.12 1.84 47.24
CA THR E 629 29.58 3.01 47.92
C THR E 629 29.61 4.24 47.03
N SER E 630 30.52 4.24 46.06
CA SER E 630 30.58 5.38 45.12
C SER E 630 29.52 5.28 44.03
N ALA E 631 29.35 4.07 43.50
CA ALA E 631 28.37 3.85 42.45
C ALA E 631 26.97 4.04 43.02
N TRP E 632 26.81 3.79 44.32
CA TRP E 632 25.55 4.15 44.96
C TRP E 632 25.24 5.62 44.68
N TYR E 633 26.23 6.48 44.89
CA TYR E 633 26.03 7.91 44.66
C TYR E 633 25.80 8.23 43.16
N VAL E 634 26.65 7.71 42.28
CA VAL E 634 26.46 7.94 40.85
C VAL E 634 25.01 7.62 40.44
N PHE E 635 24.56 6.40 40.70
CA PHE E 635 23.17 6.01 40.41
C PHE E 635 22.21 6.97 41.11
N SER E 636 22.40 7.16 42.42
CA SER E 636 21.44 8.01 43.16
C SER E 636 21.39 9.47 42.69
N ALA E 637 22.52 10.08 42.36
CA ALA E 637 22.46 11.45 41.82
C ALA E 637 21.73 11.47 40.47
N LEU E 638 21.79 10.35 39.75
CA LEU E 638 21.07 10.25 38.46
C LEU E 638 19.56 10.19 38.64
N GLY E 639 19.10 9.64 39.78
CA GLY E 639 17.68 9.56 40.13
C GLY E 639 17.12 8.15 40.24
N PHE E 640 17.97 7.14 40.17
CA PHE E 640 17.47 5.76 40.14
C PHE E 640 18.52 4.72 40.51
N TYR E 641 18.07 3.52 40.85
CA TYR E 641 18.97 2.53 41.44
C TYR E 641 18.51 1.09 41.15
N PRO E 642 19.47 0.22 40.84
CA PRO E 642 19.25 -1.23 40.62
C PRO E 642 19.00 -2.01 41.91
N VAL E 643 17.84 -1.79 42.54
CA VAL E 643 17.49 -2.55 43.73
C VAL E 643 17.70 -4.05 43.53
N CYS E 644 17.31 -4.53 42.35
CA CYS E 644 17.34 -5.98 42.11
C CYS E 644 18.02 -6.35 40.79
N PRO E 645 19.36 -6.42 40.81
CA PRO E 645 20.05 -6.92 39.62
C PRO E 645 19.47 -8.29 39.27
N GLY E 646 19.35 -8.59 37.99
CA GLY E 646 18.69 -9.82 37.57
C GLY E 646 17.39 -9.44 36.92
N THR E 647 16.83 -8.29 37.32
CA THR E 647 15.71 -7.74 36.58
C THR E 647 16.29 -6.72 35.61
N ASP E 648 15.43 -6.15 34.79
CA ASP E 648 15.87 -5.11 33.89
C ASP E 648 15.46 -3.74 34.45
N GLU E 649 15.22 -3.66 35.77
CA GLU E 649 14.63 -2.44 36.37
C GLU E 649 15.60 -1.60 37.19
N TYR E 650 15.43 -0.28 37.10
CA TYR E 650 16.05 0.66 38.01
C TYR E 650 14.92 1.36 38.76
N VAL E 651 14.97 1.33 40.09
CA VAL E 651 13.88 1.88 40.88
C VAL E 651 14.13 3.35 41.11
N MET E 652 13.08 4.14 41.12
CA MET E 652 13.20 5.59 41.10
C MET E 652 13.45 6.23 42.47
N GLY E 653 14.35 7.21 42.50
CA GLY E 653 14.58 8.01 43.70
C GLY E 653 14.33 9.48 43.42
N THR E 654 15.38 10.28 43.48
CA THR E 654 15.31 11.69 43.13
C THR E 654 16.64 12.18 42.60
N PRO E 655 16.65 12.81 41.42
CA PRO E 655 17.94 13.25 40.84
C PRO E 655 18.50 14.45 41.60
N LEU E 656 19.82 14.61 41.55
CA LEU E 656 20.51 15.65 42.30
C LEU E 656 20.79 16.86 41.42
N PHE E 657 20.94 16.64 40.11
CA PHE E 657 21.33 17.73 39.22
C PHE E 657 20.16 18.30 38.38
N LYS E 658 20.35 19.48 37.82
CA LYS E 658 19.35 20.06 36.93
C LYS E 658 19.31 19.33 35.57
N LYS E 659 20.43 18.78 35.16
CA LYS E 659 20.49 17.97 33.94
C LYS E 659 21.57 16.90 34.03
N ALA E 660 21.28 15.72 33.51
CA ALA E 660 22.27 14.68 33.39
C ALA E 660 22.15 14.04 32.04
N THR E 661 23.25 13.86 31.34
CA THR E 661 23.19 13.18 30.04
C THR E 661 24.01 11.91 30.05
N LEU E 662 23.36 10.78 29.75
CA LEU E 662 24.05 9.52 29.63
C LEU E 662 24.34 9.19 28.15
N HIS E 663 25.57 8.80 27.85
CA HIS E 663 25.91 8.34 26.50
C HIS E 663 26.19 6.85 26.58
N PHE E 664 25.29 6.03 26.04
CA PHE E 664 25.45 4.57 26.05
C PHE E 664 26.35 4.04 24.93
N GLU E 665 26.91 2.84 25.12
CA GLU E 665 27.87 2.29 24.17
C GLU E 665 27.22 1.93 22.85
N ASN E 666 25.90 1.76 22.82
CA ASN E 666 25.15 1.55 21.57
C ASN E 666 24.97 2.82 20.75
N GLY E 667 25.56 3.93 21.19
CA GLY E 667 25.53 5.17 20.42
C GLY E 667 24.36 6.09 20.70
N ASN E 668 23.38 5.64 21.48
CA ASN E 668 22.29 6.54 21.85
C ASN E 668 22.61 7.28 23.14
N SER E 669 21.93 8.40 23.37
CA SER E 669 22.12 9.22 24.55
C SER E 669 20.77 9.52 25.19
N LEU E 670 20.76 9.68 26.52
CA LEU E 670 19.52 9.91 27.26
C LEU E 670 19.66 11.13 28.16
N VAL E 671 18.84 12.15 27.95
CA VAL E 671 18.87 13.37 28.77
C VAL E 671 17.84 13.27 29.88
N ILE E 672 18.27 13.52 31.11
CA ILE E 672 17.34 13.52 32.24
C ILE E 672 17.19 14.95 32.71
N ASP E 673 16.06 15.53 32.36
CA ASP E 673 15.89 16.96 32.51
C ASP E 673 15.05 17.31 33.74
N ALA E 674 15.64 18.04 34.67
CA ALA E 674 14.95 18.45 35.89
C ALA E 674 15.25 19.92 36.20
N PRO E 675 14.80 20.83 35.33
CA PRO E 675 15.23 22.23 35.38
C PRO E 675 14.91 22.96 36.68
N ASN E 676 13.90 22.48 37.40
CA ASN E 676 13.52 23.12 38.64
C ASN E 676 14.18 22.46 39.86
N ASN E 677 15.17 21.62 39.63
CA ASN E 677 15.87 20.98 40.75
C ASN E 677 16.61 22.03 41.60
N SER E 678 16.73 21.79 42.90
CA SER E 678 17.45 22.69 43.81
C SER E 678 17.53 22.08 45.21
N THR E 679 18.17 22.80 46.12
CA THR E 679 18.29 22.30 47.46
C THR E 679 16.95 22.00 48.07
N GLU E 680 15.95 22.85 47.80
CA GLU E 680 14.63 22.68 48.40
C GLU E 680 13.70 21.81 47.57
N ASN E 681 13.91 21.78 46.24
CA ASN E 681 13.00 21.04 45.38
C ASN E 681 13.47 19.61 45.16
N PHE E 682 13.26 18.73 46.14
CA PHE E 682 13.78 17.36 46.04
C PHE E 682 12.69 16.31 45.84
N TYR E 683 11.43 16.73 45.86
CA TYR E 683 10.32 15.83 45.57
C TYR E 683 10.00 15.75 44.06
N ILE E 684 9.59 14.57 43.59
CA ILE E 684 9.17 14.47 42.21
C ILE E 684 7.66 14.70 42.07
N ASP E 685 7.29 15.81 41.44
CA ASP E 685 5.89 16.12 41.21
C ASP E 685 5.36 15.31 40.04
N SER E 686 6.12 15.26 38.95
CA SER E 686 5.74 14.39 37.84
C SER E 686 6.92 14.06 36.96
N MET E 687 6.73 13.06 36.09
CA MET E 687 7.76 12.60 35.14
C MET E 687 7.13 12.31 33.77
N SER E 688 7.86 12.58 32.70
CA SER E 688 7.49 12.13 31.36
C SER E 688 8.70 11.52 30.62
N PHE E 689 8.47 10.45 29.90
CA PHE E 689 9.54 9.74 29.23
C PHE E 689 9.28 9.85 27.71
N ASN E 690 10.10 10.64 27.02
CA ASN E 690 9.87 10.86 25.59
C ASN E 690 8.43 11.24 25.30
N GLY E 691 7.92 12.22 26.04
CA GLY E 691 6.54 12.65 25.88
C GLY E 691 5.48 11.88 26.67
N ALA E 692 5.67 10.58 26.86
CA ALA E 692 4.63 9.77 27.49
C ALA E 692 4.71 9.87 29.01
N ASP E 693 3.56 10.04 29.64
CA ASP E 693 3.50 10.17 31.08
C ASP E 693 4.18 8.98 31.77
N HIS E 694 4.89 9.24 32.86
CA HIS E 694 5.56 8.17 33.56
C HIS E 694 5.33 8.26 35.07
N THR E 695 4.29 7.58 35.54
CA THR E 695 3.95 7.58 36.97
C THR E 695 4.58 6.39 37.67
N LYS E 696 5.18 5.47 36.89
CA LYS E 696 5.82 4.28 37.49
C LYS E 696 7.02 4.62 38.36
N ASN E 697 7.26 3.85 39.41
CA ASN E 697 8.47 4.07 40.23
C ASN E 697 9.71 3.37 39.73
N TYR E 698 9.77 3.05 38.44
CA TYR E 698 10.93 2.35 37.90
C TYR E 698 11.05 2.62 36.40
N LEU E 699 12.30 2.55 35.92
CA LEU E 699 12.63 2.62 34.51
C LEU E 699 13.18 1.27 34.03
N ARG E 700 13.09 1.02 32.73
CA ARG E 700 13.56 -0.26 32.18
C ARG E 700 14.87 -0.08 31.39
N HIS E 701 15.78 -1.01 31.59
CA HIS E 701 17.07 -0.99 30.91
C HIS E 701 16.87 -0.82 29.39
N GLU E 702 15.98 -1.62 28.81
CA GLU E 702 15.74 -1.60 27.38
C GLU E 702 15.31 -0.20 26.94
N ASP E 703 14.45 0.42 27.74
CA ASP E 703 13.99 1.77 27.48
C ASP E 703 15.08 2.82 27.64
N LEU E 704 15.91 2.72 28.68
CA LEU E 704 17.00 3.68 28.78
C LEU E 704 17.88 3.63 27.50
N PHE E 705 18.28 2.42 27.09
CA PHE E 705 19.09 2.24 25.90
C PHE E 705 18.51 2.83 24.60
N LYS E 706 17.19 2.98 24.54
CA LYS E 706 16.59 3.62 23.35
C LYS E 706 16.94 5.08 23.29
N GLY E 707 17.37 5.65 24.42
CA GLY E 707 17.74 7.05 24.46
C GLY E 707 16.54 7.99 24.43
N GLY E 708 16.78 9.28 24.22
CA GLY E 708 15.72 10.30 24.21
C GLY E 708 15.80 11.23 25.42
N THR E 709 14.65 11.52 26.00
CA THR E 709 14.58 12.46 27.11
C THR E 709 13.60 12.05 28.18
N ILE E 710 14.05 12.16 29.42
CA ILE E 710 13.18 12.04 30.56
C ILE E 710 13.04 13.43 31.20
N LYS E 711 11.82 13.93 31.34
CA LYS E 711 11.61 15.21 32.01
C LYS E 711 11.09 14.97 33.42
N VAL E 712 11.77 15.55 34.43
CA VAL E 712 11.33 15.44 35.81
C VAL E 712 10.96 16.79 36.45
N ASP E 713 9.68 16.99 36.77
CA ASP E 713 9.22 18.21 37.41
CA ASP E 713 9.24 18.22 37.42
C ASP E 713 9.47 18.14 38.92
N MET E 714 10.42 18.93 39.40
CA MET E 714 10.85 18.90 40.80
C MET E 714 10.05 19.86 41.64
N SER E 715 9.89 19.56 42.92
CA SER E 715 9.09 20.42 43.79
C SER E 715 9.51 20.31 45.25
N ASN E 716 9.27 21.38 46.00
CA ASN E 716 9.50 21.38 47.43
C ASN E 716 8.33 20.73 48.17
N ARG E 717 7.32 20.28 47.42
CA ARG E 717 6.16 19.66 48.06
C ARG E 717 5.98 18.20 47.60
N PRO E 718 5.70 17.32 48.55
CA PRO E 718 5.52 15.94 48.12
C PRO E 718 4.24 15.80 47.32
N ASN E 719 4.25 14.96 46.29
CA ASN E 719 3.02 14.60 45.62
C ASN E 719 2.49 13.24 46.14
N LEU E 720 1.51 13.30 47.04
CA LEU E 720 0.94 12.11 47.64
C LEU E 720 0.16 11.23 46.66
N ASN E 721 -0.06 11.74 45.45
CA ASN E 721 -0.86 11.01 44.47
C ASN E 721 -0.08 10.28 43.37
N ARG E 722 1.19 10.61 43.22
CA ARG E 722 1.98 10.02 42.16
C ARG E 722 2.63 8.70 42.63
N GLY E 723 2.53 7.67 41.80
CA GLY E 723 3.23 6.41 42.06
C GLY E 723 2.73 5.58 43.23
N THR E 724 1.41 5.50 43.41
CA THR E 724 0.78 4.69 44.46
C THR E 724 0.04 3.46 43.95
N LYS E 725 -0.11 3.36 42.64
CA LYS E 725 -0.93 2.31 42.02
C LYS E 725 -0.17 0.99 41.81
N GLU E 726 -0.87 -0.12 41.93
CA GLU E 726 -0.23 -1.42 41.71
C GLU E 726 0.66 -1.37 40.46
N GLU E 727 0.14 -0.76 39.39
CA GLU E 727 0.82 -0.67 38.11
C GLU E 727 2.12 0.15 38.16
N ASP E 728 2.26 1.01 39.16
CA ASP E 728 3.46 1.84 39.31
C ASP E 728 4.63 1.09 39.99
N MET E 729 4.35 -0.11 40.51
CA MET E 729 5.30 -0.79 41.36
C MET E 729 6.34 -1.55 40.56
N PRO E 730 7.59 -1.54 41.03
CA PRO E 730 8.62 -2.34 40.40
C PRO E 730 8.38 -3.81 40.70
N TYR E 731 9.23 -4.67 40.14
CA TYR E 731 9.08 -6.10 40.20
C TYR E 731 9.09 -6.70 41.61
N SER E 732 8.20 -7.66 41.85
CA SER E 732 8.29 -8.57 42.98
C SER E 732 8.02 -9.99 42.47
N PHE E 733 8.85 -10.95 42.85
CA PHE E 733 8.70 -12.34 42.42
C PHE E 733 7.30 -12.88 42.78
N SER E 734 6.79 -12.49 43.95
CA SER E 734 5.50 -13.01 44.40
C SER E 734 4.41 -12.61 43.41
N LYS E 735 4.62 -11.52 42.69
CA LYS E 735 3.63 -10.99 41.76
C LYS E 735 3.83 -11.55 40.36
N GLU E 736 4.93 -12.23 40.14
CA GLU E 736 5.20 -12.89 38.86
C GLU E 736 4.43 -14.20 38.83
N LYS F 1 21.15 38.79 49.89
CA LYS F 1 22.20 37.77 49.64
C LYS F 1 22.87 37.38 50.96
N ASP F 2 23.08 36.10 51.17
CA ASP F 2 23.72 35.66 52.40
C ASP F 2 25.18 35.30 52.12
N TRP F 3 26.09 35.87 52.91
CA TRP F 3 27.50 35.55 52.75
C TRP F 3 28.00 34.51 53.74
N THR F 4 27.27 34.34 54.83
CA THR F 4 27.69 33.40 55.88
C THR F 4 27.77 31.97 55.37
N GLN F 5 27.04 31.65 54.32
CA GLN F 5 27.03 30.28 53.76
C GLN F 5 28.44 29.88 53.34
N TYR F 6 29.26 30.89 53.06
CA TYR F 6 30.64 30.70 52.61
C TYR F 6 31.67 30.56 53.75
N VAL F 7 31.30 30.91 54.97
CA VAL F 7 32.27 30.95 56.08
C VAL F 7 32.44 29.58 56.70
N ASN F 8 33.68 29.09 56.72
CA ASN F 8 33.99 27.79 57.32
C ASN F 8 34.79 28.00 58.60
N PRO F 9 34.09 27.95 59.74
CA PRO F 9 34.74 28.12 61.03
C PRO F 9 35.76 27.02 61.35
N LEU F 10 35.72 25.92 60.60
CA LEU F 10 36.67 24.83 60.82
C LEU F 10 38.00 25.08 60.09
N MET F 11 38.07 26.17 59.34
CA MET F 11 39.25 26.44 58.54
C MET F 11 40.44 26.77 59.41
N GLY F 12 41.50 25.98 59.31
CA GLY F 12 42.62 26.14 60.25
C GLY F 12 42.65 25.20 61.45
N SER F 13 41.58 24.42 61.65
CA SER F 13 41.50 23.52 62.81
C SER F 13 42.24 22.19 62.68
N GLN F 14 42.58 21.79 61.46
CA GLN F 14 43.37 20.56 61.24
C GLN F 14 44.87 20.86 61.34
N SER F 15 45.33 21.05 62.57
CA SER F 15 46.58 21.75 62.88
C SER F 15 47.31 21.01 64.01
N THR F 16 48.62 20.87 63.88
CA THR F 16 49.40 20.21 64.92
C THR F 16 50.50 21.14 65.40
N PHE F 17 51.13 20.79 66.51
CA PHE F 17 52.34 21.47 66.97
C PHE F 17 53.43 21.47 65.87
N GLU F 18 53.59 20.34 65.18
CA GLU F 18 54.65 20.18 64.17
C GLU F 18 54.42 20.97 62.86
N LEU F 19 53.17 21.19 62.48
CA LEU F 19 52.88 21.87 61.21
C LEU F 19 51.55 22.59 61.33
N SER F 20 51.54 23.92 61.34
CA SER F 20 50.29 24.62 61.53
C SER F 20 49.59 24.79 60.19
N THR F 21 48.29 24.53 60.14
CA THR F 21 47.52 24.95 58.96
C THR F 21 46.60 26.10 59.34
N GLY F 22 47.00 26.86 60.35
CA GLY F 22 46.26 28.03 60.76
C GLY F 22 46.22 28.19 62.27
N ASN F 23 46.19 27.06 62.96
CA ASN F 23 46.03 27.03 64.41
C ASN F 23 44.80 27.77 64.94
N THR F 24 43.66 27.55 64.32
CA THR F 24 42.40 28.15 64.77
C THR F 24 41.49 27.14 65.43
N TYR F 25 40.42 27.64 66.01
CA TYR F 25 39.34 26.83 66.52
C TYR F 25 38.09 27.50 65.96
N PRO F 26 36.95 26.79 65.97
CA PRO F 26 35.71 27.38 65.49
C PRO F 26 35.20 28.45 66.46
N ALA F 27 35.46 29.71 66.17
CA ALA F 27 35.00 30.77 67.07
C ALA F 27 33.54 31.04 66.76
N ILE F 28 32.64 30.51 67.58
CA ILE F 28 31.22 30.73 67.42
C ILE F 28 30.94 32.02 68.23
N ALA F 29 30.56 33.09 67.53
CA ALA F 29 30.62 34.40 68.15
C ALA F 29 29.93 35.43 67.30
N ARG F 30 29.74 36.62 67.89
CA ARG F 30 29.40 37.80 67.12
C ARG F 30 30.71 38.44 66.75
N PRO F 31 30.69 39.31 65.74
CA PRO F 31 31.87 40.10 65.42
C PRO F 31 32.43 40.81 66.67
N TRP F 32 33.72 40.62 66.93
CA TRP F 32 34.40 41.24 68.07
C TRP F 32 33.78 40.90 69.44
N GLY F 33 33.10 39.75 69.50
CA GLY F 33 32.36 39.39 70.69
C GLY F 33 33.27 39.26 71.90
N MET F 34 32.77 39.69 73.05
CA MET F 34 33.57 39.63 74.27
C MET F 34 33.83 38.19 74.73
N ASN F 35 32.82 37.32 74.58
CA ASN F 35 32.98 35.88 74.86
C ASN F 35 32.72 35.03 73.61
N PHE F 36 33.68 34.19 73.25
CA PHE F 36 33.55 33.24 72.14
C PHE F 36 33.13 31.89 72.69
N TRP F 37 32.55 31.04 71.87
CA TRP F 37 32.23 29.71 72.34
C TRP F 37 32.74 28.65 71.35
N THR F 38 33.23 27.53 71.83
CA THR F 38 33.72 26.52 70.91
C THR F 38 33.48 25.15 71.50
N PRO F 39 33.22 24.16 70.64
CA PRO F 39 33.29 22.80 71.09
C PRO F 39 34.73 22.59 71.54
N GLN F 40 34.96 21.76 72.54
CA GLN F 40 36.30 21.53 73.05
C GLN F 40 36.63 20.05 72.94
N THR F 41 37.67 19.70 72.17
CA THR F 41 38.12 18.32 72.02
C THR F 41 39.37 18.08 72.86
N GLY F 42 40.16 19.12 73.04
CA GLY F 42 41.39 19.01 73.81
C GLY F 42 41.09 18.97 75.30
N LYS F 43 42.05 18.49 76.09
CA LYS F 43 41.89 18.47 77.52
C LYS F 43 42.10 19.87 78.08
N MET F 44 41.54 20.11 79.26
CA MET F 44 41.66 21.41 79.90
C MET F 44 43.09 21.92 79.93
N GLY F 45 43.28 23.17 79.50
CA GLY F 45 44.60 23.76 79.56
C GLY F 45 45.36 23.71 78.24
N ASP F 46 45.04 22.73 77.42
CA ASP F 46 45.72 22.58 76.13
C ASP F 46 45.36 23.74 75.17
N GLY F 47 46.37 24.33 74.55
CA GLY F 47 46.15 25.43 73.62
C GLY F 47 45.50 24.96 72.33
N TRP F 48 45.64 23.67 72.05
CA TRP F 48 44.94 23.04 70.94
C TRP F 48 43.58 22.52 71.44
N GLN F 49 42.69 23.46 71.77
CA GLN F 49 41.42 23.14 72.40
C GLN F 49 40.38 22.53 71.46
N TYR F 50 40.53 22.79 70.16
CA TYR F 50 39.74 22.09 69.15
C TYR F 50 40.64 21.68 67.98
N THR F 51 40.66 20.39 67.65
CA THR F 51 41.43 19.89 66.49
C THR F 51 40.58 19.00 65.61
N TYR F 52 40.59 19.25 64.30
CA TYR F 52 39.79 18.51 63.37
C TYR F 52 39.87 16.96 63.51
N THR F 53 41.05 16.45 63.80
CA THR F 53 41.27 15.00 63.87
C THR F 53 40.79 14.35 65.17
N ALA F 54 40.49 15.17 66.17
CA ALA F 54 39.99 14.67 67.45
C ALA F 54 38.67 13.96 67.29
N ASN F 55 38.50 12.88 68.03
CA ASN F 55 37.33 12.02 67.94
C ASN F 55 36.24 12.38 68.92
N LYS F 56 36.58 13.17 69.93
CA LYS F 56 35.68 13.32 71.07
C LYS F 56 35.57 14.76 71.55
N ILE F 57 34.34 15.16 71.89
CA ILE F 57 34.11 16.48 72.48
C ILE F 57 33.90 16.27 73.98
N ARG F 58 34.51 17.12 74.80
CA ARG F 58 34.43 16.94 76.26
C ARG F 58 33.81 18.14 76.95
N GLY F 59 33.38 19.11 76.16
CA GLY F 59 32.68 20.26 76.70
C GLY F 59 32.37 21.26 75.60
N PHE F 60 31.55 22.24 75.93
CA PHE F 60 31.33 23.41 75.11
C PHE F 60 31.78 24.58 75.95
N LYS F 61 32.74 25.33 75.43
CA LYS F 61 33.55 26.16 76.30
C LYS F 61 33.53 27.62 75.92
N GLN F 62 33.37 28.48 76.93
CA GLN F 62 33.62 29.89 76.71
C GLN F 62 35.13 30.08 76.66
N THR F 63 35.63 30.75 75.63
CA THR F 63 37.06 30.94 75.50
C THR F 63 37.37 32.36 75.10
N HIS F 64 38.57 32.83 75.44
CA HIS F 64 39.04 34.12 74.92
C HIS F 64 40.35 34.00 74.14
N GLN F 65 40.72 32.77 73.82
CA GLN F 65 42.08 32.50 73.37
C GLN F 65 42.36 33.00 71.95
N PRO F 66 43.42 33.80 71.79
CA PRO F 66 43.92 34.34 70.52
C PRO F 66 44.80 33.35 69.72
N SER F 67 45.60 32.56 70.42
CA SER F 67 46.38 31.54 69.74
C SER F 67 46.76 30.43 70.73
N PRO F 68 47.10 29.24 70.23
CA PRO F 68 47.45 28.18 71.18
C PRO F 68 48.69 28.56 71.98
N TRP F 69 49.50 29.47 71.44
CA TRP F 69 50.78 29.85 72.05
C TRP F 69 50.55 30.74 73.27
N ILE F 70 49.58 31.63 73.13
CA ILE F 70 49.24 32.56 74.20
C ILE F 70 48.34 31.89 75.22
N ASN F 71 47.45 31.03 74.74
CA ASN F 71 46.53 30.29 75.61
C ASN F 71 45.42 31.16 76.18
N ASP F 72 44.70 30.62 77.17
CA ASP F 72 43.35 31.09 77.47
C ASP F 72 43.14 31.70 78.86
N TYR F 73 42.03 32.40 79.03
CA TYR F 73 41.62 32.91 80.33
C TYR F 73 40.10 33.16 80.25
N GLY F 74 39.44 33.27 81.40
CA GLY F 74 38.00 33.52 81.42
C GLY F 74 37.31 32.38 80.71
N GLN F 75 37.62 31.16 81.16
CA GLN F 75 37.25 29.95 80.45
C GLN F 75 36.49 28.99 81.36
N PHE F 76 35.33 28.52 80.92
CA PHE F 76 34.60 27.46 81.63
C PHE F 76 33.84 26.64 80.61
N SER F 77 33.35 25.47 80.99
CA SER F 77 32.64 24.65 80.01
C SER F 77 31.34 24.08 80.54
N ILE F 78 30.49 23.65 79.62
CA ILE F 78 29.26 22.97 79.96
C ILE F 78 29.14 21.73 79.10
N MET F 79 28.64 20.64 79.67
CA MET F 79 28.58 19.40 78.92
C MET F 79 27.39 18.57 79.33
N PRO F 80 26.54 18.19 78.35
CA PRO F 80 25.41 17.37 78.71
C PRO F 80 25.76 15.89 78.60
N ILE F 81 25.25 15.07 79.51
CA ILE F 81 25.55 13.64 79.52
C ILE F 81 24.29 12.85 79.89
N VAL F 82 24.32 11.53 79.69
CA VAL F 82 23.34 10.64 80.30
C VAL F 82 24.03 9.43 80.91
N GLY F 83 23.31 8.69 81.76
CA GLY F 83 23.87 7.47 82.38
C GLY F 83 24.27 7.74 83.82
N GLN F 84 25.56 7.83 84.08
CA GLN F 84 26.06 8.21 85.39
C GLN F 84 26.44 9.70 85.45
N PRO F 85 26.20 10.35 86.59
CA PRO F 85 26.69 11.71 86.68
C PRO F 85 28.21 11.68 86.83
N VAL F 86 28.95 11.96 85.77
CA VAL F 86 30.40 11.96 85.85
C VAL F 86 30.94 13.34 85.52
N PHE F 87 31.90 13.79 86.30
CA PHE F 87 32.53 15.10 86.07
C PHE F 87 33.84 14.99 85.29
N ASP F 88 34.58 13.91 85.50
CA ASP F 88 35.88 13.76 84.86
C ASP F 88 35.80 14.07 83.35
N GLU F 89 36.67 14.96 82.90
CA GLU F 89 36.64 15.45 81.51
C GLU F 89 36.94 14.38 80.44
N GLU F 90 37.48 13.22 80.83
CA GLU F 90 37.68 12.12 79.88
C GLU F 90 36.42 11.25 79.92
N LYS F 91 35.85 11.09 81.11
CA LYS F 91 34.69 10.21 81.34
C LYS F 91 33.40 10.71 80.75
N ARG F 92 33.21 12.03 80.74
CA ARG F 92 31.98 12.62 80.26
C ARG F 92 32.04 12.84 78.75
N ALA F 93 33.22 12.60 78.17
CA ALA F 93 33.45 12.90 76.74
C ALA F 93 32.64 12.02 75.83
N SER F 94 32.39 12.49 74.60
CA SER F 94 31.66 11.68 73.64
C SER F 94 32.21 11.77 72.23
N TRP F 95 32.24 10.63 71.53
CA TRP F 95 32.57 10.61 70.12
C TRP F 95 31.62 11.51 69.36
N PHE F 96 32.06 11.95 68.19
CA PHE F 96 31.23 12.71 67.26
C PHE F 96 31.87 12.57 65.88
N ALA F 97 31.19 13.00 64.81
CA ALA F 97 31.83 13.09 63.51
C ALA F 97 31.46 14.41 62.86
N HIS F 98 32.36 14.95 62.05
CA HIS F 98 32.05 16.22 61.39
C HIS F 98 30.79 16.18 60.54
N LYS F 99 30.36 14.99 60.10
CA LYS F 99 29.11 14.86 59.32
C LYS F 99 27.88 14.82 60.24
N GLY F 100 28.15 14.78 61.54
CA GLY F 100 27.14 15.00 62.57
C GLY F 100 27.27 16.36 63.23
N GLU F 101 27.96 17.28 62.56
CA GLU F 101 28.33 18.58 63.13
C GLU F 101 27.98 19.67 62.10
N VAL F 102 27.59 20.85 62.56
CA VAL F 102 27.34 21.99 61.66
C VAL F 102 27.94 23.18 62.38
N ALA F 103 28.98 23.78 61.81
CA ALA F 103 29.58 24.96 62.42
C ALA F 103 29.38 26.14 61.49
N THR F 104 28.79 27.22 62.01
CA THR F 104 28.71 28.48 61.27
C THR F 104 29.13 29.55 62.27
N PRO F 105 29.45 30.75 61.79
CA PRO F 105 29.89 31.77 62.75
C PRO F 105 28.85 32.02 63.85
N TYR F 106 27.56 31.85 63.54
CA TYR F 106 26.47 32.29 64.46
C TYR F 106 25.70 31.13 65.14
N TYR F 107 26.07 29.88 64.81
CA TYR F 107 25.33 28.69 65.25
C TYR F 107 26.21 27.48 65.13
N TYR F 108 26.26 26.65 66.16
CA TYR F 108 27.04 25.42 66.13
C TYR F 108 26.17 24.28 66.64
N LYS F 109 26.20 23.15 65.94
CA LYS F 109 25.44 21.96 66.38
C LYS F 109 26.33 20.73 66.28
N VAL F 110 26.19 19.84 67.26
CA VAL F 110 26.85 18.55 67.16
C VAL F 110 26.01 17.45 67.85
N TYR F 111 26.02 16.26 67.26
CA TYR F 111 25.42 15.09 67.86
C TYR F 111 26.47 14.37 68.67
N LEU F 112 26.23 14.27 69.96
CA LEU F 112 27.17 13.59 70.86
C LEU F 112 26.73 12.15 70.90
N ALA F 113 27.43 11.31 70.14
CA ALA F 113 27.04 9.93 69.85
C ALA F 113 26.97 8.99 71.05
N GLU F 114 27.83 9.21 72.04
CA GLU F 114 27.86 8.30 73.19
C GLU F 114 26.78 8.63 74.24
N HIS F 115 26.15 9.78 74.08
CA HIS F 115 25.11 10.21 75.02
C HIS F 115 23.73 10.28 74.35
N ASP F 116 23.68 10.01 73.04
CA ASP F 116 22.48 10.26 72.23
C ASP F 116 21.91 11.67 72.47
N ILE F 117 22.78 12.68 72.54
CA ILE F 117 22.35 14.05 72.76
C ILE F 117 22.75 14.99 71.64
N VAL F 118 21.83 15.83 71.17
CA VAL F 118 22.19 16.92 70.27
C VAL F 118 22.43 18.21 71.07
N THR F 119 23.55 18.88 70.84
CA THR F 119 23.79 20.17 71.47
C THR F 119 23.79 21.21 70.38
N GLU F 120 23.09 22.34 70.65
CA GLU F 120 23.12 23.51 69.79
C GLU F 120 23.42 24.72 70.65
N MET F 121 24.13 25.68 70.06
CA MET F 121 24.46 26.90 70.78
C MET F 121 24.55 28.08 69.83
N THR F 122 24.07 29.24 70.27
CA THR F 122 24.04 30.45 69.46
C THR F 122 24.40 31.61 70.36
N PRO F 123 25.55 32.25 70.13
CA PRO F 123 25.95 33.24 71.09
C PRO F 123 25.56 34.63 70.68
N THR F 124 25.55 35.56 71.65
CA THR F 124 25.54 36.97 71.33
C THR F 124 26.94 37.49 71.63
N GLU F 125 27.06 38.79 71.85
CA GLU F 125 28.37 39.37 72.16
C GLU F 125 28.91 38.83 73.50
N ARG F 126 28.03 38.59 74.47
CA ARG F 126 28.50 38.26 75.81
C ARG F 126 27.77 37.08 76.45
N ALA F 127 26.70 36.64 75.81
CA ALA F 127 25.87 35.57 76.33
C ALA F 127 25.77 34.50 75.26
N VAL F 128 25.04 33.43 75.55
CA VAL F 128 24.84 32.37 74.59
C VAL F 128 23.63 31.56 75.00
N LEU F 129 22.92 31.03 74.02
CA LEU F 129 21.82 30.12 74.28
C LEU F 129 22.21 28.70 73.90
N PHE F 130 22.01 27.75 74.81
CA PHE F 130 22.28 26.36 74.54
C PHE F 130 20.95 25.64 74.53
N ARG F 131 20.78 24.73 73.56
CA ARG F 131 19.66 23.80 73.55
C ARG F 131 20.20 22.38 73.49
N PHE F 132 19.85 21.56 74.46
CA PHE F 132 20.23 20.17 74.45
C PHE F 132 18.96 19.33 74.23
N THR F 133 18.97 18.51 73.19
CA THR F 133 17.89 17.60 72.88
C THR F 133 18.29 16.24 73.44
N PHE F 134 17.65 15.82 74.53
CA PHE F 134 18.03 14.60 75.24
C PHE F 134 17.19 13.42 74.70
N PRO F 135 17.70 12.17 74.86
CA PRO F 135 16.89 10.99 74.58
C PRO F 135 16.02 10.65 75.78
N GLU F 136 15.12 9.68 75.61
CA GLU F 136 14.42 9.14 76.77
C GLU F 136 15.46 8.58 77.72
N ASN F 137 15.42 9.04 78.98
CA ASN F 137 16.37 8.62 80.00
C ASN F 137 15.95 9.15 81.38
N ASP F 138 16.03 8.27 82.37
CA ASP F 138 15.69 8.63 83.74
C ASP F 138 16.82 9.44 84.36
N HIS F 139 18.02 9.28 83.81
CA HIS F 139 19.21 9.94 84.33
C HIS F 139 19.93 10.80 83.29
N SER F 140 19.39 11.98 83.06
CA SER F 140 20.00 12.94 82.17
C SER F 140 20.61 14.06 83.01
N TYR F 141 21.84 14.45 82.66
CA TYR F 141 22.52 15.46 83.44
C TYR F 141 23.17 16.50 82.54
N VAL F 142 23.42 17.67 83.11
CA VAL F 142 24.25 18.70 82.50
C VAL F 142 25.42 19.03 83.42
N VAL F 143 26.64 18.87 82.93
CA VAL F 143 27.83 19.17 83.73
C VAL F 143 28.32 20.61 83.52
N VAL F 144 28.59 21.33 84.61
CA VAL F 144 29.23 22.65 84.52
C VAL F 144 30.63 22.65 85.13
N ASP F 145 31.58 23.21 84.40
CA ASP F 145 32.97 23.09 84.79
C ASP F 145 33.62 24.47 84.86
N ALA F 146 34.09 24.81 86.05
CA ALA F 146 34.60 26.14 86.32
C ALA F 146 36.10 26.18 86.14
N PHE F 147 36.68 25.04 85.75
CA PHE F 147 38.13 24.90 85.54
C PHE F 147 38.91 25.07 86.85
N ASP F 148 40.23 24.84 86.82
CA ASP F 148 41.02 24.81 88.04
C ASP F 148 41.77 26.12 88.31
N LYS F 149 42.72 26.07 89.25
CA LYS F 149 43.49 27.25 89.65
C LYS F 149 42.69 28.23 90.52
N GLY F 150 41.65 27.75 91.18
CA GLY F 150 40.80 28.62 91.99
C GLY F 150 39.51 29.01 91.32
N SER F 151 38.43 28.30 91.62
CA SER F 151 37.16 28.64 91.03
C SER F 151 36.03 28.56 92.05
N TYR F 152 34.81 28.77 91.58
CA TYR F 152 33.66 28.92 92.45
C TYR F 152 32.41 28.51 91.70
N ILE F 153 31.47 27.91 92.42
CA ILE F 153 30.20 27.58 91.81
C ILE F 153 29.13 27.49 92.88
N LYS F 154 27.91 27.93 92.56
CA LYS F 154 26.77 27.76 93.47
C LYS F 154 25.48 27.37 92.74
N ILE F 155 24.95 26.19 93.08
CA ILE F 155 23.63 25.77 92.58
C ILE F 155 22.51 26.48 93.35
N ILE F 156 21.53 26.98 92.60
CA ILE F 156 20.42 27.76 93.17
C ILE F 156 19.09 27.14 92.74
N PRO F 157 18.75 25.97 93.30
CA PRO F 157 17.67 25.16 92.74
C PRO F 157 16.40 25.97 92.46
N GLU F 158 16.02 26.83 93.38
CA GLU F 158 14.77 27.54 93.26
C GLU F 158 14.71 28.36 91.96
N GLU F 159 15.85 28.85 91.48
CA GLU F 159 15.85 29.64 90.25
C GLU F 159 16.30 28.82 89.05
N ASN F 160 16.39 27.51 89.25
CA ASN F 160 16.85 26.57 88.21
C ASN F 160 18.20 26.99 87.66
N LYS F 161 19.06 27.50 88.53
CA LYS F 161 20.17 28.31 88.11
C LYS F 161 21.47 27.90 88.75
N ILE F 162 22.57 28.07 88.02
CA ILE F 162 23.90 27.81 88.55
C ILE F 162 24.75 29.04 88.34
N ILE F 163 25.61 29.35 89.31
CA ILE F 163 26.53 30.44 89.10
C ILE F 163 27.90 30.03 89.53
N GLY F 164 28.86 30.88 89.24
CA GLY F 164 30.23 30.59 89.60
C GLY F 164 31.12 31.63 88.99
N TYR F 165 32.41 31.54 89.32
CA TYR F 165 33.43 32.30 88.60
C TYR F 165 34.59 31.38 88.28
N THR F 166 35.35 31.73 87.23
CA THR F 166 36.51 30.99 86.82
C THR F 166 37.68 31.95 86.80
N THR F 167 38.90 31.43 87.02
CA THR F 167 40.11 32.23 87.11
C THR F 167 41.30 31.69 86.29
N ARG F 168 41.25 30.44 85.85
CA ARG F 168 42.40 29.90 85.13
C ARG F 168 42.75 30.83 83.98
N ASN F 169 43.97 31.32 83.98
CA ASN F 169 44.43 32.20 82.93
C ASN F 169 45.86 31.82 82.58
N SER F 170 46.45 32.51 81.61
CA SER F 170 47.81 32.21 81.17
C SER F 170 48.68 33.43 81.41
N GLY F 171 48.33 34.23 82.43
CA GLY F 171 49.12 35.42 82.76
C GLY F 171 48.50 36.69 82.20
N GLY F 172 49.15 37.82 82.48
CA GLY F 172 48.61 39.12 82.08
C GLY F 172 47.27 39.48 82.73
N VAL F 173 47.06 39.05 83.97
CA VAL F 173 45.85 39.46 84.70
C VAL F 173 46.16 39.97 86.10
N PRO F 174 45.42 41.01 86.54
CA PRO F 174 45.52 41.51 87.89
C PRO F 174 45.23 40.40 88.90
N GLU F 175 45.63 40.58 90.14
CA GLU F 175 45.57 39.50 91.14
C GLU F 175 44.13 39.10 91.48
N ASN F 176 43.20 40.01 91.22
CA ASN F 176 41.79 39.81 91.55
C ASN F 176 40.97 39.29 90.36
N PHE F 177 41.65 38.86 89.31
CA PHE F 177 41.01 38.45 88.07
C PHE F 177 39.92 37.40 88.23
N LYS F 178 38.75 37.66 87.67
CA LYS F 178 37.65 36.71 87.72
C LYS F 178 36.72 36.85 86.53
N ASN F 179 36.20 35.73 86.03
CA ASN F 179 35.10 35.82 85.09
C ASN F 179 33.90 35.19 85.76
N TYR F 180 32.83 35.98 85.92
CA TYR F 180 31.63 35.54 86.62
C TYR F 180 30.59 35.11 85.59
N PHE F 181 29.99 33.94 85.81
CA PHE F 181 28.98 33.43 84.90
C PHE F 181 27.70 32.99 85.62
N ILE F 182 26.61 32.94 84.86
CA ILE F 182 25.29 32.54 85.32
C ILE F 182 24.64 31.63 84.27
N ILE F 183 24.00 30.55 84.72
CA ILE F 183 23.39 29.60 83.80
C ILE F 183 21.95 29.31 84.22
N GLU F 184 20.98 29.76 83.42
CA GLU F 184 19.56 29.58 83.73
C GLU F 184 18.96 28.47 82.87
N PHE F 185 18.47 27.42 83.51
CA PHE F 185 17.80 26.30 82.84
C PHE F 185 16.29 26.47 82.85
N ASP F 186 15.63 26.06 81.77
CA ASP F 186 14.17 26.14 81.69
C ASP F 186 13.56 24.82 82.09
N LYS F 187 14.28 24.06 82.91
CA LYS F 187 13.75 22.82 83.45
C LYS F 187 14.26 22.64 84.87
N PRO F 188 13.34 22.34 85.81
CA PRO F 188 13.74 22.25 87.21
C PRO F 188 14.65 21.05 87.46
N PHE F 189 15.63 21.22 88.33
CA PHE F 189 16.54 20.14 88.69
C PHE F 189 15.85 19.06 89.52
N THR F 190 16.13 17.80 89.20
CA THR F 190 15.59 16.68 89.95
C THR F 190 16.75 16.00 90.64
N TYR F 191 17.95 16.39 90.22
CA TYR F 191 19.16 15.90 90.84
C TYR F 191 20.16 17.04 90.90
N LYS F 192 21.03 17.03 91.90
CA LYS F 192 21.99 18.10 92.03
C LYS F 192 23.19 17.72 92.88
N ALA F 193 24.35 18.20 92.47
CA ALA F 193 25.58 17.97 93.19
C ALA F 193 26.58 19.04 92.81
N THR F 194 27.55 19.25 93.67
CA THR F 194 28.67 20.10 93.32
C THR F 194 29.91 19.22 93.37
N VAL F 195 31.00 19.77 92.89
CA VAL F 195 32.22 19.01 92.76
C VAL F 195 33.41 19.79 93.31
N GLU F 196 34.28 19.08 94.00
CA GLU F 196 35.47 19.66 94.56
C GLU F 196 36.62 18.70 94.30
N ASN F 197 37.64 19.17 93.56
CA ASN F 197 38.77 18.33 93.27
C ASN F 197 38.31 16.91 92.96
N GLY F 198 37.39 16.81 92.00
CA GLY F 198 36.97 15.53 91.48
C GLY F 198 36.05 14.69 92.34
N ASN F 199 35.73 15.14 93.55
CA ASN F 199 34.77 14.38 94.35
C ASN F 199 33.35 14.91 94.20
N LEU F 200 32.43 14.01 93.88
CA LEU F 200 31.04 14.35 93.68
C LEU F 200 30.35 14.50 95.02
N GLN F 201 29.62 15.59 95.20
CA GLN F 201 28.92 15.82 96.47
C GLN F 201 27.49 16.27 96.28
N GLU F 202 26.61 15.28 96.29
CA GLU F 202 25.20 15.47 96.01
C GLU F 202 24.57 16.39 97.03
N ASN F 203 23.77 17.35 96.56
CA ASN F 203 22.97 18.21 97.42
C ASN F 203 23.77 19.23 98.22
N VAL F 204 25.06 19.34 97.93
CA VAL F 204 25.89 20.39 98.53
C VAL F 204 25.89 21.53 97.52
N ALA F 205 25.41 22.69 97.95
CA ALA F 205 25.06 23.74 97.00
C ALA F 205 26.24 24.55 96.47
N GLU F 206 27.39 24.46 97.12
CA GLU F 206 28.41 25.47 96.91
C GLU F 206 29.85 24.99 97.13
N GLN F 207 30.77 25.60 96.40
CA GLN F 207 32.17 25.25 96.50
C GLN F 207 33.04 26.46 96.17
N THR F 208 34.06 26.66 97.00
CA THR F 208 35.17 27.51 96.64
C THR F 208 36.36 26.59 96.80
N THR F 209 37.08 26.35 95.72
CA THR F 209 38.10 25.31 95.70
C THR F 209 38.96 25.42 94.43
N ASP F 210 40.02 24.63 94.36
CA ASP F 210 40.91 24.75 93.22
C ASP F 210 40.13 24.53 91.92
N HIS F 211 39.29 23.49 91.89
CA HIS F 211 38.55 23.13 90.68
C HIS F 211 37.09 22.81 90.98
N ALA F 212 36.25 23.84 90.92
CA ALA F 212 34.82 23.70 91.22
C ALA F 212 34.01 23.21 90.02
N GLY F 213 33.04 22.34 90.29
CA GLY F 213 32.14 21.83 89.26
C GLY F 213 30.72 21.71 89.79
N ALA F 214 29.77 21.51 88.88
CA ALA F 214 28.40 21.22 89.27
C ALA F 214 27.82 20.24 88.27
N ILE F 215 26.96 19.36 88.77
CA ILE F 215 26.21 18.46 87.92
C ILE F 215 24.77 18.49 88.35
N ILE F 216 23.89 18.87 87.44
CA ILE F 216 22.47 18.87 87.71
C ILE F 216 21.77 18.00 86.66
N GLY F 217 20.67 17.39 87.05
CA GLY F 217 19.98 16.47 86.17
C GLY F 217 18.49 16.38 86.42
N PHE F 218 17.86 15.47 85.70
CA PHE F 218 16.42 15.32 85.69
C PHE F 218 16.08 14.13 84.81
N LYS F 219 14.80 13.78 84.73
CA LYS F 219 14.34 12.71 83.86
C LYS F 219 13.90 13.37 82.55
N THR F 220 14.22 12.75 81.41
CA THR F 220 13.84 13.34 80.13
C THR F 220 13.11 12.32 79.26
N ARG F 221 12.17 12.81 78.46
CA ARG F 221 11.54 11.96 77.49
C ARG F 221 12.29 12.10 76.15
N LYS F 222 12.01 11.18 75.23
CA LYS F 222 12.74 11.16 73.96
C LYS F 222 12.57 12.48 73.23
N GLY F 223 13.68 13.05 72.76
CA GLY F 223 13.66 14.30 72.00
C GLY F 223 13.37 15.54 72.82
N GLU F 224 13.17 15.39 74.13
CA GLU F 224 12.92 16.55 75.01
C GLU F 224 14.09 17.52 75.01
N GLN F 225 13.78 18.80 74.81
CA GLN F 225 14.78 19.85 74.78
C GLN F 225 14.84 20.66 76.08
N VAL F 226 16.06 20.82 76.59
CA VAL F 226 16.34 21.72 77.71
C VAL F 226 17.18 22.89 77.17
N ASN F 227 16.79 24.11 77.52
CA ASN F 227 17.49 25.30 77.07
C ASN F 227 18.21 25.93 78.25
N ALA F 228 19.45 26.34 78.02
CA ALA F 228 20.23 27.02 79.05
C ALA F 228 20.70 28.37 78.50
N ARG F 229 20.37 29.42 79.24
CA ARG F 229 20.82 30.77 78.90
C ARG F 229 22.04 31.05 79.74
N ILE F 230 23.14 31.41 79.10
CA ILE F 230 24.37 31.63 79.81
C ILE F 230 24.94 32.99 79.50
N ALA F 231 25.59 33.58 80.49
CA ALA F 231 26.29 34.84 80.30
C ALA F 231 27.42 34.94 81.31
N SER F 232 28.39 35.79 81.02
CA SER F 232 29.51 36.01 81.93
C SER F 232 29.97 37.44 81.86
N SER F 233 30.79 37.82 82.82
CA SER F 233 31.24 39.18 82.97
C SER F 233 32.60 39.15 83.66
N PHE F 234 33.42 40.17 83.43
CA PHE F 234 34.68 40.30 84.17
C PHE F 234 34.49 41.30 85.32
N ILE F 235 33.25 41.75 85.50
CA ILE F 235 33.00 42.82 86.48
C ILE F 235 32.33 42.34 87.76
N SER F 236 31.27 41.54 87.63
CA SER F 236 30.53 41.02 88.80
C SER F 236 29.38 40.11 88.37
N PHE F 237 28.76 39.45 89.34
CA PHE F 237 27.56 38.66 89.07
C PHE F 237 26.42 39.57 88.62
N GLU F 238 26.28 40.73 89.25
CA GLU F 238 25.22 41.68 88.85
C GLU F 238 25.37 42.03 87.36
N GLN F 239 26.59 42.37 86.93
CA GLN F 239 26.84 42.73 85.54
C GLN F 239 26.60 41.55 84.61
N ALA F 240 26.81 40.35 85.14
CA ALA F 240 26.55 39.12 84.37
C ALA F 240 25.06 39.00 84.09
N ALA F 241 24.27 39.35 85.09
CA ALA F 241 22.81 39.29 84.93
C ALA F 241 22.32 40.25 83.83
N ALA F 242 22.79 41.50 83.85
CA ALA F 242 22.44 42.44 82.77
C ALA F 242 22.88 41.90 81.41
N ASN F 243 24.05 41.25 81.35
CA ASN F 243 24.59 40.75 80.10
C ASN F 243 23.68 39.66 79.50
N MET F 244 23.08 38.87 80.38
CA MET F 244 22.12 37.84 80.00
C MET F 244 20.96 38.37 79.13
N ASN F 245 20.60 39.65 79.32
CA ASN F 245 19.54 40.31 78.55
C ASN F 245 19.74 40.34 77.04
N GLU F 246 20.98 40.26 76.59
CA GLU F 246 21.25 40.20 75.16
C GLU F 246 20.54 39.03 74.54
N LEU F 247 20.20 38.05 75.35
CA LEU F 247 19.51 36.88 74.85
C LEU F 247 18.03 37.16 74.63
N GLY F 248 17.51 38.18 75.28
CA GLY F 248 16.07 38.45 75.27
C GLY F 248 15.32 37.17 75.58
N LYS F 249 14.24 36.89 74.88
CA LYS F 249 13.62 35.58 74.98
C LYS F 249 13.58 34.88 73.62
N ASP F 250 14.63 35.04 72.85
CA ASP F 250 14.70 34.37 71.56
C ASP F 250 14.96 32.88 71.76
N ASN F 251 14.49 32.05 70.84
CA ASN F 251 14.87 30.66 70.87
C ASN F 251 16.10 30.44 70.00
N ILE F 252 16.56 29.20 69.89
CA ILE F 252 17.72 28.87 69.06
C ILE F 252 17.57 29.43 67.64
N GLU F 253 16.47 29.08 66.96
CA GLU F 253 16.34 29.50 65.56
C GLU F 253 16.41 31.01 65.40
N GLN F 254 15.74 31.73 66.30
CA GLN F 254 15.69 33.18 66.24
C GLN F 254 17.04 33.81 66.53
N LEU F 255 17.71 33.34 67.57
CA LEU F 255 19.05 33.79 67.88
C LEU F 255 20.03 33.46 66.75
N ALA F 256 19.94 32.24 66.24
CA ALA F 256 20.78 31.84 65.10
C ALA F 256 20.58 32.86 63.99
N GLN F 257 19.34 33.15 63.66
CA GLN F 257 19.06 34.11 62.60
C GLN F 257 19.63 35.51 62.92
N LYS F 258 19.57 35.96 64.17
CA LYS F 258 20.10 37.30 64.44
C LYS F 258 21.64 37.34 64.35
N GLY F 259 22.31 36.23 64.67
CA GLY F 259 23.76 36.15 64.49
C GLY F 259 24.07 36.16 63.00
N LYS F 260 23.31 35.37 62.25
CA LYS F 260 23.42 35.35 60.80
C LYS F 260 23.32 36.78 60.28
N ASP F 261 22.33 37.52 60.78
CA ASP F 261 22.08 38.92 60.37
C ASP F 261 23.29 39.82 60.71
N ALA F 262 23.79 39.72 61.92
CA ALA F 262 24.91 40.57 62.32
C ALA F 262 26.15 40.28 61.47
N TRP F 263 26.39 39.00 61.19
CA TRP F 263 27.52 38.60 60.33
C TRP F 263 27.37 39.12 58.91
N ASN F 264 26.22 38.89 58.30
CA ASN F 264 25.98 39.39 56.93
C ASN F 264 26.07 40.93 56.85
N GLN F 265 25.75 41.57 57.97
CA GLN F 265 25.92 42.99 58.09
C GLN F 265 27.38 43.42 57.84
N VAL F 266 28.33 42.81 58.56
CA VAL F 266 29.74 43.09 58.29
C VAL F 266 30.32 42.36 57.06
N LEU F 267 29.94 41.08 56.85
CA LEU F 267 30.48 40.36 55.70
C LEU F 267 30.11 41.03 54.37
N GLY F 268 28.88 41.51 54.30
CA GLY F 268 28.36 42.08 53.07
C GLY F 268 28.92 43.45 52.73
N LYS F 269 29.77 44.01 53.58
CA LYS F 269 30.41 45.27 53.21
C LYS F 269 31.31 45.05 52.00
N ILE F 270 31.61 43.78 51.72
CA ILE F 270 32.39 43.40 50.52
C ILE F 270 31.73 42.25 49.75
N GLU F 271 31.30 42.52 48.52
CA GLU F 271 30.63 41.52 47.69
C GLU F 271 31.54 41.16 46.53
N VAL F 272 31.96 39.90 46.48
CA VAL F 272 32.73 39.42 45.35
C VAL F 272 31.85 38.55 44.46
N GLU F 273 32.13 38.58 43.16
CA GLU F 273 31.37 37.87 42.16
C GLU F 273 32.36 37.30 41.14
N GLY F 274 31.91 36.32 40.36
CA GLY F 274 32.70 35.82 39.25
C GLY F 274 33.96 35.10 39.68
N GLY F 275 33.80 34.25 40.69
CA GLY F 275 34.88 33.37 41.12
C GLY F 275 34.32 31.96 41.24
N ASN F 276 35.11 31.02 41.76
CA ASN F 276 34.60 29.68 41.97
C ASN F 276 34.24 29.50 43.44
N LEU F 277 33.58 28.40 43.77
CA LEU F 277 33.16 28.17 45.14
C LEU F 277 34.35 28.15 46.12
N ASP F 278 35.47 27.55 45.73
CA ASP F 278 36.61 27.51 46.64
C ASP F 278 36.96 28.94 47.02
N GLN F 279 36.94 29.83 46.04
CA GLN F 279 37.41 31.21 46.24
C GLN F 279 36.44 31.99 47.14
N TYR F 280 35.14 31.85 46.89
CA TYR F 280 34.14 32.44 47.79
C TYR F 280 34.36 31.95 49.22
N ARG F 281 34.52 30.63 49.37
CA ARG F 281 34.70 30.12 50.71
C ARG F 281 35.97 30.65 51.33
N THR F 282 37.04 30.68 50.57
CA THR F 282 38.30 31.12 51.15
C THR F 282 38.18 32.59 51.56
N PHE F 283 37.60 33.39 50.69
CA PHE F 283 37.47 34.84 50.91
C PHE F 283 36.65 35.19 52.15
N TYR F 284 35.47 34.60 52.27
CA TYR F 284 34.56 35.00 53.33
C TYR F 284 34.94 34.33 54.65
N SER F 285 35.60 33.18 54.54
CA SER F 285 36.17 32.54 55.71
C SER F 285 37.28 33.46 56.26
N CYS F 286 38.10 34.00 55.37
CA CYS F 286 39.14 34.95 55.81
C CYS F 286 38.56 36.28 56.35
N LEU F 287 37.49 36.79 55.74
CA LEU F 287 36.89 38.03 56.22
C LEU F 287 36.32 37.83 57.63
N TYR F 288 35.59 36.73 57.84
CA TYR F 288 35.16 36.35 59.19
C TYR F 288 36.29 36.35 60.20
N ARG F 289 37.42 35.71 59.86
CA ARG F 289 38.52 35.62 60.81
C ARG F 289 39.11 37.00 61.05
N SER F 290 38.78 37.97 60.19
CA SER F 290 39.37 39.30 60.30
C SER F 290 38.54 40.22 61.17
N LEU F 291 37.40 39.72 61.65
CA LEU F 291 36.44 40.52 62.43
C LEU F 291 36.18 39.95 63.83
N LEU F 292 37.21 39.30 64.37
CA LEU F 292 37.09 38.65 65.66
C LEU F 292 37.96 39.35 66.68
N PHE F 293 39.16 39.75 66.26
CA PHE F 293 40.15 40.28 67.20
C PHE F 293 40.61 41.66 66.79
N PRO F 294 40.93 42.53 67.76
CA PRO F 294 40.82 42.24 69.19
C PRO F 294 39.36 42.18 69.62
N ARG F 295 39.06 41.47 70.70
CA ARG F 295 37.68 41.29 71.15
C ARG F 295 37.22 42.46 71.98
N LYS F 296 35.94 42.80 71.92
CA LYS F 296 35.40 43.75 72.90
C LYS F 296 35.74 43.23 74.29
N PHE F 297 36.11 44.14 75.17
CA PHE F 297 36.35 43.80 76.56
C PHE F 297 35.58 44.79 77.44
N TYR F 298 34.56 45.43 76.87
CA TYR F 298 33.69 46.30 77.65
C TYR F 298 32.26 45.78 77.69
N GLU F 299 31.46 46.34 78.60
CA GLU F 299 30.13 45.83 78.87
C GLU F 299 29.26 47.07 79.12
N LEU F 300 27.96 46.95 78.97
CA LEU F 300 27.10 48.13 79.13
C LEU F 300 26.55 48.26 80.55
N ASP F 301 26.65 49.45 81.14
CA ASP F 301 26.12 49.68 82.47
C ASP F 301 24.62 49.92 82.41
N ALA F 302 24.01 50.13 83.60
CA ALA F 302 22.57 50.26 83.70
C ALA F 302 22.04 51.35 82.76
N ASN F 303 22.95 52.22 82.30
CA ASN F 303 22.58 53.31 81.41
C ASN F 303 23.08 53.13 79.99
N GLY F 304 23.47 51.90 79.64
CA GLY F 304 23.96 51.62 78.29
C GLY F 304 25.26 52.33 77.90
N GLN F 305 26.06 52.68 78.89
CA GLN F 305 27.35 53.31 78.64
C GLN F 305 28.43 52.25 78.85
N PRO F 306 29.52 52.33 78.08
CA PRO F 306 30.56 51.32 78.24
C PRO F 306 31.34 51.44 79.55
N ILE F 307 31.51 50.32 80.24
CA ILE F 307 32.46 50.22 81.36
C ILE F 307 33.25 48.93 81.16
N HIS F 308 34.33 48.76 81.91
CA HIS F 308 35.11 47.55 81.75
C HIS F 308 36.00 47.23 82.93
N TYR F 309 36.18 45.94 83.16
CA TYR F 309 37.22 45.50 84.04
C TYR F 309 38.47 45.95 83.32
N SER F 310 39.47 46.40 84.06
CA SER F 310 40.77 46.71 83.50
C SER F 310 41.63 45.48 83.70
N PRO F 311 42.05 44.84 82.60
CA PRO F 311 42.97 43.73 82.74
C PRO F 311 44.35 44.30 83.10
N TYR F 312 44.43 45.62 83.24
CA TYR F 312 45.69 46.31 83.48
C TYR F 312 45.93 46.68 84.94
N ASN F 313 44.98 47.39 85.56
CA ASN F 313 45.10 47.71 86.98
C ASN F 313 44.01 47.07 87.84
N GLY F 314 43.10 46.34 87.20
CA GLY F 314 42.13 45.53 87.92
C GLY F 314 40.94 46.26 88.49
N GLN F 315 40.79 47.53 88.13
CA GLN F 315 39.66 48.32 88.55
C GLN F 315 38.57 48.26 87.48
N VAL F 316 37.35 48.57 87.87
CA VAL F 316 36.28 48.76 86.91
C VAL F 316 36.24 50.24 86.56
N LEU F 317 36.22 50.55 85.26
CA LEU F 317 36.32 51.94 84.83
C LEU F 317 35.43 52.22 83.63
N PRO F 318 35.09 53.49 83.40
CA PRO F 318 34.27 53.85 82.23
C PRO F 318 35.04 53.80 80.89
N GLY F 319 34.31 53.62 79.80
CA GLY F 319 34.93 53.67 78.47
C GLY F 319 35.27 52.34 77.80
N TYR F 320 35.68 52.45 76.54
CA TYR F 320 35.97 51.29 75.72
C TYR F 320 37.22 50.56 76.16
N MET F 321 37.27 49.28 75.84
CA MET F 321 38.45 48.47 76.08
C MET F 321 38.35 47.23 75.18
N PHE F 322 39.46 46.91 74.50
CA PHE F 322 39.60 45.73 73.66
C PHE F 322 40.90 45.01 74.01
N THR F 323 41.01 43.72 73.67
CA THR F 323 42.27 43.01 73.90
C THR F 323 42.34 41.73 73.04
N ASP F 324 43.36 40.90 73.27
CA ASP F 324 43.58 39.65 72.49
C ASP F 324 43.99 39.91 71.02
N THR F 325 45.04 40.70 70.84
CA THR F 325 45.69 40.85 69.55
C THR F 325 47.16 41.18 69.80
N GLY F 326 48.03 40.73 68.90
CA GLY F 326 49.42 41.13 68.95
C GLY F 326 49.72 42.02 67.77
N PHE F 327 50.12 43.26 68.03
CA PHE F 327 50.36 44.22 66.96
C PHE F 327 51.48 43.77 66.02
N TRP F 328 52.40 42.98 66.53
CA TRP F 328 53.47 42.45 65.68
C TRP F 328 52.84 41.73 64.45
N ASP F 329 51.68 41.13 64.64
CA ASP F 329 50.93 40.53 63.53
C ASP F 329 50.06 41.56 62.84
N THR F 330 49.17 42.18 63.62
CA THR F 330 48.01 42.87 63.08
C THR F 330 48.18 44.33 62.60
N PHE F 331 49.34 44.93 62.87
CA PHE F 331 49.61 46.26 62.33
C PHE F 331 49.71 46.27 60.80
N ARG F 332 50.05 45.11 60.23
CA ARG F 332 50.41 45.00 58.82
C ARG F 332 49.24 45.23 57.86
N CYS F 333 48.12 44.55 58.08
CA CYS F 333 46.95 44.79 57.23
C CYS F 333 45.61 44.59 57.95
N LEU F 334 45.64 43.91 59.09
CA LEU F 334 44.40 43.68 59.84
C LEU F 334 43.78 44.98 60.31
N PHE F 335 44.55 45.82 60.99
CA PHE F 335 43.97 47.07 61.45
C PHE F 335 43.75 48.01 60.30
N PRO F 336 44.61 47.95 59.28
CA PRO F 336 44.32 48.69 58.07
C PRO F 336 42.98 48.28 57.48
N LEU F 337 42.70 46.97 57.45
CA LEU F 337 41.38 46.53 56.98
C LEU F 337 40.27 47.29 57.71
N LEU F 338 40.31 47.31 59.05
CA LEU F 338 39.32 48.05 59.83
C LEU F 338 39.26 49.53 59.45
N ASN F 339 40.42 50.17 59.29
CA ASN F 339 40.41 51.60 58.91
C ASN F 339 39.74 51.83 57.55
N LEU F 340 39.85 50.85 56.66
CA LEU F 340 39.14 50.97 55.37
C LEU F 340 37.62 50.62 55.44
N MET F 341 37.27 49.51 56.07
CA MET F 341 35.88 49.05 55.97
C MET F 341 35.08 49.12 57.27
N TYR F 342 35.75 49.32 58.40
CA TYR F 342 35.03 49.31 59.68
C TYR F 342 35.57 50.39 60.60
N PRO F 343 35.84 51.57 60.05
CA PRO F 343 36.47 52.65 60.81
C PRO F 343 35.74 52.98 62.13
N SER F 344 34.40 52.86 62.18
CA SER F 344 33.68 53.15 63.41
C SER F 344 34.02 52.15 64.53
N VAL F 345 34.34 50.94 64.15
CA VAL F 345 34.78 49.92 65.10
C VAL F 345 36.20 50.20 65.59
N ASN F 346 37.10 50.55 64.70
CA ASN F 346 38.46 50.87 65.13
C ASN F 346 38.46 52.08 66.09
N LYS F 347 37.54 53.01 65.86
CA LYS F 347 37.34 54.15 66.77
C LYS F 347 37.23 53.60 68.18
N GLU F 348 36.26 52.73 68.42
CA GLU F 348 36.09 52.17 69.76
C GLU F 348 37.41 51.58 70.24
N MET F 349 38.13 50.91 69.34
CA MET F 349 39.37 50.21 69.66
C MET F 349 40.49 51.21 70.00
N GLN F 350 40.56 52.28 69.23
CA GLN F 350 41.54 53.32 69.50
C GLN F 350 41.29 53.95 70.89
N GLU F 351 40.04 54.32 71.16
CA GLU F 351 39.68 54.81 72.50
C GLU F 351 40.17 53.82 73.55
N GLY F 352 40.08 52.53 73.23
CA GLY F 352 40.46 51.47 74.16
C GLY F 352 41.95 51.44 74.42
N LEU F 353 42.73 51.76 73.38
CA LEU F 353 44.18 51.89 73.53
C LEU F 353 44.52 53.05 74.47
N ILE F 354 43.78 54.15 74.37
CA ILE F 354 44.04 55.28 75.25
C ILE F 354 43.86 54.87 76.72
N ASN F 355 42.83 54.05 76.96
CA ASN F 355 42.60 53.56 78.31
C ASN F 355 43.69 52.58 78.74
N THR F 356 44.26 51.84 77.79
CA THR F 356 45.34 50.93 78.11
C THR F 356 46.54 51.74 78.57
N TYR F 357 46.84 52.82 77.88
CA TYR F 357 47.93 53.70 78.32
C TYR F 357 47.67 54.26 79.74
N LEU F 358 46.53 54.93 79.91
CA LEU F 358 46.17 55.58 81.17
C LEU F 358 46.16 54.60 82.34
N GLU F 359 45.71 53.38 82.07
CA GLU F 359 45.51 52.41 83.13
C GLU F 359 46.79 51.63 83.42
N SER F 360 47.64 51.49 82.41
CA SER F 360 48.82 50.65 82.55
C SER F 360 50.13 51.43 82.48
N GLY F 361 50.11 52.60 81.85
CA GLY F 361 51.33 53.39 81.65
C GLY F 361 51.99 53.20 80.29
N PHE F 362 51.57 52.16 79.56
CA PHE F 362 52.13 51.83 78.24
C PHE F 362 51.02 51.52 77.23
N PHE F 363 51.28 51.78 75.96
CA PHE F 363 50.45 51.17 74.92
C PHE F 363 50.78 49.67 74.88
N PRO F 364 49.79 48.82 74.62
CA PRO F 364 50.06 47.38 74.53
C PRO F 364 50.85 47.06 73.27
N GLU F 365 51.49 45.88 73.25
CA GLU F 365 51.97 45.30 71.99
C GLU F 365 51.29 43.94 71.77
N TRP F 366 51.50 43.02 72.70
CA TRP F 366 50.70 41.83 72.75
C TRP F 366 49.92 41.91 74.05
N ALA F 367 48.61 41.79 73.96
CA ALA F 367 47.77 41.82 75.13
C ALA F 367 46.79 40.66 75.11
N SER F 368 46.76 39.92 76.23
CA SER F 368 45.82 38.83 76.40
C SER F 368 45.74 38.39 77.86
N PRO F 369 44.89 39.07 78.64
CA PRO F 369 44.20 40.29 78.20
C PRO F 369 44.93 41.53 78.66
N GLY F 370 45.82 41.34 79.65
CA GLY F 370 46.76 42.39 80.06
C GLY F 370 48.09 42.24 79.33
N HIS F 371 49.08 43.08 79.66
CA HIS F 371 50.33 43.01 78.92
C HIS F 371 50.92 41.61 78.98
N ARG F 372 51.32 41.08 77.81
CA ARG F 372 51.95 39.75 77.71
C ARG F 372 53.28 39.78 76.97
N GLY F 373 54.24 38.99 77.42
CA GLY F 373 55.56 38.98 76.81
C GLY F 373 55.61 38.08 75.59
N CYS F 374 55.57 38.68 74.40
CA CYS F 374 55.50 37.94 73.15
C CYS F 374 55.86 38.80 71.95
N MET F 375 56.67 38.24 71.06
CA MET F 375 57.12 38.94 69.85
C MET F 375 57.90 40.22 70.19
N VAL F 376 57.96 41.16 69.24
CA VAL F 376 58.80 42.34 69.39
C VAL F 376 58.26 43.54 68.64
N GLY F 377 59.00 44.65 68.71
CA GLY F 377 58.64 45.84 67.97
C GLY F 377 57.86 46.83 68.83
N ASN F 378 57.71 48.06 68.31
CA ASN F 378 56.87 49.08 68.93
C ASN F 378 55.70 49.36 68.00
N ASN F 379 55.10 48.31 67.47
CA ASN F 379 54.11 48.52 66.41
C ASN F 379 52.79 49.14 66.81
N SER F 380 52.51 49.20 68.11
CA SER F 380 51.37 50.03 68.55
C SER F 380 51.45 51.39 67.86
N ALA F 381 52.67 51.91 67.71
CA ALA F 381 52.82 53.23 67.10
C ALA F 381 52.20 53.30 65.72
N SER F 382 52.32 52.21 64.97
CA SER F 382 51.76 52.10 63.62
C SER F 382 50.23 52.05 63.62
N ILE F 383 49.66 51.32 64.57
CA ILE F 383 48.22 51.24 64.72
C ILE F 383 47.68 52.63 65.00
N LEU F 384 48.26 53.26 66.02
CA LEU F 384 47.81 54.58 66.45
C LEU F 384 47.86 55.65 65.36
N VAL F 385 48.96 55.73 64.63
CA VAL F 385 49.10 56.75 63.59
C VAL F 385 48.28 56.43 62.34
N ASP F 386 48.28 55.17 61.91
CA ASP F 386 47.50 54.83 60.73
C ASP F 386 46.01 55.16 60.93
N ALA F 387 45.51 54.88 62.14
CA ALA F 387 44.12 55.19 62.49
C ALA F 387 43.92 56.70 62.51
N TYR F 388 44.80 57.42 63.18
CA TYR F 388 44.69 58.88 63.16
C TYR F 388 44.74 59.44 61.75
N MET F 389 45.77 59.07 60.99
CA MET F 389 45.89 59.62 59.65
C MET F 389 44.68 59.31 58.78
N LYS F 390 44.01 58.20 59.05
CA LYS F 390 42.86 57.83 58.23
C LYS F 390 41.51 58.30 58.82
N GLY F 391 41.56 59.28 59.70
CA GLY F 391 40.32 59.91 60.18
C GLY F 391 39.71 59.22 61.38
N VAL F 392 40.37 58.18 61.87
CA VAL F 392 39.92 57.56 63.10
C VAL F 392 40.65 58.27 64.23
N LYS F 393 40.07 59.38 64.68
CA LYS F 393 40.72 60.26 65.64
C LYS F 393 40.19 60.09 67.08
N VAL F 394 41.06 59.68 68.01
CA VAL F 394 40.66 59.59 69.42
C VAL F 394 40.35 60.99 69.93
N ASP F 395 39.54 61.12 70.96
CA ASP F 395 39.20 62.44 71.48
C ASP F 395 40.45 63.10 72.03
N ASP F 396 41.00 62.49 73.07
CA ASP F 396 42.11 63.03 73.85
C ASP F 396 43.48 62.76 73.21
N ILE F 397 43.86 63.63 72.27
CA ILE F 397 45.09 63.41 71.51
C ILE F 397 46.38 63.78 72.27
N LYS F 398 46.33 64.83 73.08
CA LYS F 398 47.49 65.18 73.90
C LYS F 398 48.05 63.89 74.48
N THR F 399 47.17 63.10 75.09
CA THR F 399 47.53 61.83 75.72
C THR F 399 48.03 60.78 74.72
N LEU F 400 47.49 60.79 73.51
CA LEU F 400 47.91 59.87 72.48
C LEU F 400 49.38 60.12 72.19
N TYR F 401 49.74 61.38 71.96
CA TYR F 401 51.14 61.70 71.67
C TYR F 401 52.06 61.41 72.87
N GLU F 402 51.71 61.93 74.03
CA GLU F 402 52.50 61.60 75.23
C GLU F 402 52.78 60.09 75.26
N GLY F 403 51.73 59.26 75.21
CA GLY F 403 51.89 57.82 75.23
C GLY F 403 52.92 57.30 74.23
N LEU F 404 52.82 57.77 72.99
CA LEU F 404 53.78 57.39 71.97
C LEU F 404 55.21 57.69 72.42
N ILE F 405 55.46 58.90 72.89
CA ILE F 405 56.79 59.25 73.35
C ILE F 405 57.22 58.34 74.49
N HIS F 406 56.31 58.09 75.43
CA HIS F 406 56.66 57.25 76.58
C HIS F 406 57.19 55.89 76.14
N GLY F 407 56.62 55.38 75.05
CA GLY F 407 57.00 54.09 74.49
C GLY F 407 58.38 54.07 73.86
N THR F 408 58.85 55.22 73.36
CA THR F 408 60.19 55.30 72.72
C THR F 408 61.33 55.45 73.71
N GLU F 409 61.03 55.62 74.99
CA GLU F 409 62.11 55.71 75.96
C GLU F 409 61.86 55.00 77.29
N ASN F 410 61.01 53.98 77.25
CA ASN F 410 60.81 53.10 78.40
C ASN F 410 60.51 51.69 77.93
N VAL F 411 60.63 50.74 78.83
CA VAL F 411 60.27 49.39 78.54
C VAL F 411 59.57 48.90 79.79
N HIS F 412 58.50 48.13 79.62
CA HIS F 412 57.76 47.65 80.76
C HIS F 412 58.68 46.82 81.67
N PRO F 413 58.61 47.05 82.99
CA PRO F 413 59.52 46.32 83.88
C PRO F 413 59.28 44.80 83.98
N GLU F 414 58.09 44.32 83.64
CA GLU F 414 57.75 42.89 83.82
C GLU F 414 57.59 42.14 82.48
N VAL F 415 57.29 42.91 81.42
CA VAL F 415 56.96 42.37 80.10
C VAL F 415 57.86 43.06 79.08
N SER F 416 58.94 42.38 78.67
CA SER F 416 59.94 43.02 77.83
C SER F 416 59.44 43.46 76.44
N SER F 417 58.36 42.84 75.95
CA SER F 417 57.78 43.18 74.65
C SER F 417 56.84 44.39 74.68
N THR F 418 56.59 44.92 75.87
CA THR F 418 55.73 46.09 76.02
C THR F 418 56.61 47.30 76.28
N GLY F 419 56.52 48.32 75.41
CA GLY F 419 57.46 49.43 75.43
C GLY F 419 58.58 49.03 74.48
N ARG F 420 59.79 49.59 74.68
CA ARG F 420 60.90 49.31 73.76
C ARG F 420 62.14 48.74 74.43
N LEU F 421 62.24 47.41 74.47
CA LEU F 421 63.47 46.79 74.96
C LEU F 421 64.61 47.23 74.06
N GLY F 422 65.72 47.65 74.67
CA GLY F 422 66.88 48.14 73.92
C GLY F 422 66.86 49.59 73.48
N TYR F 423 65.87 50.37 73.95
CA TYR F 423 65.77 51.77 73.51
C TYR F 423 67.02 52.56 73.89
N GLU F 424 67.67 52.15 74.98
CA GLU F 424 68.85 52.86 75.47
C GLU F 424 69.92 52.82 74.38
N TYR F 425 70.25 51.62 73.93
CA TYR F 425 71.20 51.44 72.83
C TYR F 425 70.69 52.08 71.54
N TYR F 426 69.44 51.77 71.18
CA TYR F 426 68.89 52.22 69.90
C TYR F 426 68.89 53.73 69.77
N ASN F 427 68.61 54.41 70.87
CA ASN F 427 68.59 55.86 70.86
C ASN F 427 70.00 56.43 70.76
N LYS F 428 70.95 55.76 71.39
CA LYS F 428 72.36 56.18 71.34
C LYS F 428 73.03 55.87 70.00
N LEU F 429 72.85 54.65 69.50
CA LEU F 429 73.68 54.14 68.42
C LEU F 429 72.99 54.12 67.06
N GLY F 430 71.66 54.21 67.07
CA GLY F 430 70.87 54.10 65.84
C GLY F 430 70.43 52.68 65.50
N TYR F 431 70.71 51.74 66.38
CA TYR F 431 70.32 50.34 66.18
C TYR F 431 70.44 49.59 67.49
N VAL F 432 69.82 48.42 67.59
CA VAL F 432 70.02 47.54 68.75
C VAL F 432 71.13 46.51 68.46
N PRO F 433 72.18 46.48 69.29
CA PRO F 433 73.34 45.62 68.99
C PRO F 433 73.09 44.13 69.17
N TYR F 434 73.87 43.35 68.44
CA TYR F 434 73.67 41.93 68.34
C TYR F 434 74.33 41.21 69.49
N ASP F 435 75.23 41.91 70.20
CA ASP F 435 76.06 41.29 71.21
C ASP F 435 75.87 41.89 72.59
N VAL F 436 74.63 42.26 72.93
CA VAL F 436 74.35 42.89 74.22
C VAL F 436 73.26 42.19 75.02
N LYS F 437 73.09 40.88 74.78
CA LYS F 437 72.15 40.09 75.55
C LYS F 437 70.72 40.50 75.26
N ILE F 438 70.51 41.16 74.13
CA ILE F 438 69.15 41.53 73.71
C ILE F 438 68.81 40.83 72.41
N ASN F 439 68.10 39.71 72.53
CA ASN F 439 67.77 38.86 71.40
C ASN F 439 66.80 39.46 70.39
N GLU F 440 66.84 38.96 69.15
CA GLU F 440 65.98 39.41 68.06
C GLU F 440 66.22 40.88 67.75
N ASN F 441 67.48 41.27 67.92
CA ASN F 441 67.92 42.67 67.86
C ASN F 441 67.82 43.38 66.52
N ALA F 442 68.04 42.69 65.40
CA ALA F 442 67.87 43.33 64.09
C ALA F 442 66.40 43.58 63.76
N ALA F 443 65.57 42.58 64.06
CA ALA F 443 64.15 42.71 63.85
C ALA F 443 63.61 43.89 64.68
N ARG F 444 64.00 43.96 65.95
CA ARG F 444 63.55 45.09 66.77
C ARG F 444 63.91 46.40 66.08
N THR F 445 65.18 46.49 65.68
CA THR F 445 65.71 47.67 65.02
C THR F 445 64.92 48.09 63.77
N LEU F 446 64.69 47.15 62.86
CA LEU F 446 64.03 47.47 61.60
C LEU F 446 62.63 48.03 61.89
N GLU F 447 61.92 47.34 62.74
CA GLU F 447 60.56 47.76 63.04
C GLU F 447 60.55 49.08 63.82
N TYR F 448 61.46 49.26 64.77
CA TYR F 448 61.54 50.54 65.46
C TYR F 448 61.64 51.68 64.46
N ALA F 449 62.50 51.51 63.47
CA ALA F 449 62.75 52.57 62.49
C ALA F 449 61.43 52.91 61.83
N TYR F 450 60.70 51.87 61.44
CA TYR F 450 59.39 52.05 60.86
C TYR F 450 58.42 52.71 61.86
N ASP F 451 58.46 52.26 63.12
CA ASP F 451 57.62 52.87 64.13
C ASP F 451 57.95 54.34 64.33
N ASP F 452 59.22 54.68 64.21
CA ASP F 452 59.63 56.08 64.32
C ASP F 452 59.13 56.91 63.14
N TRP F 453 59.16 56.33 61.93
CA TRP F 453 58.60 57.01 60.78
C TRP F 453 57.16 57.38 61.09
N CYS F 454 56.43 56.42 61.65
CA CYS F 454 55.04 56.64 62.01
C CYS F 454 54.90 57.84 62.95
N ILE F 455 55.68 57.85 64.02
CA ILE F 455 55.64 58.94 64.97
C ILE F 455 55.99 60.26 64.29
N TYR F 456 56.96 60.20 63.37
CA TYR F 456 57.33 61.37 62.56
C TYR F 456 56.12 61.94 61.85
N ARG F 457 55.34 61.05 61.26
CA ARG F 457 54.18 61.45 60.51
C ARG F 457 53.17 62.19 61.38
N LEU F 458 52.87 61.64 62.55
CA LEU F 458 51.99 62.34 63.50
C LEU F 458 52.58 63.66 64.03
N ALA F 459 53.86 63.64 64.41
CA ALA F 459 54.53 64.82 64.96
C ALA F 459 54.40 65.99 64.00
N LYS F 460 54.70 65.70 62.73
CA LYS F 460 54.55 66.64 61.63
C LYS F 460 53.11 67.14 61.49
N GLU F 461 52.17 66.21 61.40
CA GLU F 461 50.76 66.58 61.24
C GLU F 461 50.26 67.41 62.42
N LEU F 462 50.88 67.24 63.58
CA LEU F 462 50.44 67.96 64.79
C LEU F 462 51.16 69.30 65.02
N LYS F 463 52.06 69.67 64.12
CA LYS F 463 52.80 70.90 64.29
C LYS F 463 53.59 70.90 65.61
N ARG F 464 54.23 69.77 65.88
CA ARG F 464 55.15 69.68 67.02
C ARG F 464 56.38 70.50 66.68
N PRO F 465 57.20 70.81 67.69
CA PRO F 465 58.45 71.57 67.53
C PRO F 465 59.37 70.95 66.48
N LYS F 466 60.05 71.81 65.72
CA LYS F 466 60.95 71.39 64.63
C LYS F 466 61.92 70.31 65.08
N LYS F 467 62.40 70.44 66.31
CA LYS F 467 63.40 69.52 66.84
C LYS F 467 62.84 68.12 67.06
N GLU F 468 61.61 68.03 67.54
CA GLU F 468 60.96 66.72 67.70
C GLU F 468 60.75 66.03 66.36
N ILE F 469 60.22 66.79 65.40
CA ILE F 469 59.98 66.28 64.05
C ILE F 469 61.27 65.83 63.36
N SER F 470 62.36 66.55 63.61
CA SER F 470 63.67 66.18 63.06
C SER F 470 64.27 64.92 63.70
N LEU F 471 63.97 64.71 64.97
CA LEU F 471 64.45 63.56 65.71
C LEU F 471 63.86 62.24 65.19
N PHE F 472 62.56 62.24 64.91
CA PHE F 472 61.94 61.01 64.43
C PHE F 472 62.19 60.76 62.96
N ALA F 473 62.32 61.84 62.20
CA ALA F 473 62.75 61.76 60.81
C ALA F 473 64.12 61.10 60.70
N LYS F 474 65.00 61.37 61.66
CA LYS F 474 66.32 60.74 61.67
C LYS F 474 66.21 59.27 62.06
N ARG F 475 65.50 59.00 63.14
CA ARG F 475 65.37 57.63 63.63
C ARG F 475 64.70 56.72 62.59
N ALA F 476 63.91 57.32 61.71
CA ALA F 476 63.26 56.54 60.65
C ALA F 476 64.26 55.95 59.65
N MET F 477 65.41 56.57 59.52
CA MET F 477 66.38 56.09 58.55
C MET F 477 67.33 55.12 59.22
N ASN F 478 67.03 54.78 60.47
CA ASN F 478 67.84 53.83 61.24
C ASN F 478 67.96 52.44 60.61
N TYR F 479 67.10 52.14 59.63
CA TYR F 479 67.17 50.81 59.02
C TYR F 479 68.48 50.66 58.26
N LYS F 480 69.13 51.78 57.95
CA LYS F 480 70.37 51.77 57.18
C LYS F 480 71.53 51.22 58.00
N ASN F 481 71.49 51.43 59.32
CA ASN F 481 72.54 50.95 60.22
C ASN F 481 72.70 49.44 60.26
N LEU F 482 71.75 48.69 59.72
CA LEU F 482 71.89 47.25 59.75
C LEU F 482 72.01 46.65 58.35
N PHE F 483 72.24 47.49 57.35
CA PHE F 483 72.36 46.98 56.00
C PHE F 483 73.79 46.60 55.65
N ASP F 484 73.97 45.33 55.29
CA ASP F 484 75.27 44.81 54.92
C ASP F 484 75.51 44.95 53.41
N LYS F 485 76.31 45.95 53.05
CA LYS F 485 76.72 46.23 51.67
C LYS F 485 77.24 44.96 50.98
N GLU F 486 77.93 44.12 51.75
CA GLU F 486 78.56 42.91 51.24
C GLU F 486 77.53 41.86 50.77
N SER F 487 76.49 41.62 51.57
CA SER F 487 75.53 40.57 51.22
C SER F 487 74.26 41.13 50.58
N LYS F 488 74.09 42.44 50.69
CA LYS F 488 72.85 43.10 50.28
C LYS F 488 71.66 42.68 51.13
N LEU F 489 71.96 42.27 52.37
CA LEU F 489 70.94 41.88 53.32
C LEU F 489 71.09 42.65 54.64
N MET F 490 70.04 42.63 55.46
CA MET F 490 70.16 43.12 56.81
C MET F 490 70.91 42.13 57.67
N ARG F 491 71.71 42.65 58.59
CA ARG F 491 72.67 41.84 59.34
C ARG F 491 72.85 42.37 60.76
N GLY F 492 72.87 41.47 61.73
CA GLY F 492 73.11 41.86 63.13
C GLY F 492 74.39 42.66 63.26
N ARG F 493 74.43 43.59 64.20
CA ARG F 493 75.57 44.49 64.32
C ARG F 493 76.02 44.62 65.77
N ASN F 494 77.29 44.30 66.00
CA ASN F 494 77.90 44.41 67.33
C ASN F 494 77.90 45.83 67.89
N GLU F 495 77.88 45.93 69.21
CA GLU F 495 77.89 47.21 69.91
C GLU F 495 79.03 48.12 69.43
N ASP F 496 80.18 47.54 69.13
CA ASP F 496 81.35 48.34 68.70
C ASP F 496 81.28 48.80 67.24
N GLY F 497 80.12 48.66 66.61
CA GLY F 497 79.94 49.13 65.24
C GLY F 497 80.19 48.11 64.13
N THR F 498 80.83 46.99 64.46
CA THR F 498 81.13 45.97 63.44
C THR F 498 79.95 45.01 63.26
N PHE F 499 79.74 44.55 62.02
CA PHE F 499 78.68 43.56 61.75
C PHE F 499 79.06 42.20 62.30
N GLN F 500 78.08 41.43 62.75
CA GLN F 500 78.37 40.16 63.43
C GLN F 500 78.84 39.08 62.46
N SER F 501 79.79 38.27 62.92
CA SER F 501 80.28 37.13 62.16
C SER F 501 80.36 35.94 63.08
N PRO F 502 80.30 34.74 62.49
CA PRO F 502 80.06 34.58 61.07
C PRO F 502 78.60 34.89 60.79
N PHE F 503 78.30 35.38 59.59
CA PHE F 503 76.93 35.71 59.23
C PHE F 503 76.31 34.66 58.35
N SER F 504 75.10 34.27 58.73
CA SER F 504 74.37 33.24 58.02
C SER F 504 72.96 33.73 57.70
N PRO F 505 72.71 34.07 56.42
CA PRO F 505 71.42 34.57 55.92
C PRO F 505 70.26 33.62 56.19
N LEU F 506 70.54 32.32 56.21
CA LEU F 506 69.53 31.28 56.39
C LEU F 506 69.31 30.88 57.85
N LYS F 507 70.01 31.54 58.77
CA LYS F 507 69.83 31.27 60.19
C LYS F 507 68.57 31.96 60.71
N TRP F 508 67.61 31.17 61.18
CA TRP F 508 66.38 31.71 61.76
C TRP F 508 66.61 32.19 63.19
N GLY F 509 65.81 33.15 63.64
CA GLY F 509 65.89 33.60 65.03
C GLY F 509 67.11 34.44 65.35
N ASP F 510 67.47 34.52 66.63
CA ASP F 510 68.69 35.19 67.01
C ASP F 510 68.59 36.68 66.71
N ALA F 511 69.14 37.11 65.57
CA ALA F 511 69.07 38.51 65.20
C ALA F 511 67.64 38.87 64.80
N PHE F 512 66.92 37.88 64.26
CA PHE F 512 65.58 38.13 63.69
C PHE F 512 64.49 37.43 64.49
N THR F 513 63.24 37.67 64.12
CA THR F 513 62.09 37.00 64.76
C THR F 513 61.31 36.23 63.73
N GLU F 514 60.99 34.97 64.04
CA GLU F 514 60.14 34.15 63.18
C GLU F 514 60.68 34.14 61.76
N GLY F 515 61.99 34.04 61.59
CA GLY F 515 62.53 34.06 60.26
C GLY F 515 64.00 34.36 60.25
N ASN F 516 64.55 34.46 59.04
CA ASN F 516 65.95 34.79 58.85
C ASN F 516 66.10 36.13 58.14
N SER F 517 67.33 36.43 57.77
CA SER F 517 67.62 37.65 57.08
C SER F 517 66.84 37.78 55.77
N TRP F 518 66.69 36.66 55.07
CA TRP F 518 66.05 36.67 53.76
C TRP F 518 64.59 37.06 53.91
N HIS F 519 64.06 36.91 55.11
CA HIS F 519 62.70 37.25 55.38
C HIS F 519 62.61 38.66 55.90
N TYR F 520 63.58 39.07 56.72
CA TYR F 520 63.37 40.31 57.48
C TYR F 520 63.92 41.53 56.77
N THR F 521 64.70 41.27 55.73
CA THR F 521 65.45 42.32 55.06
C THR F 521 64.53 43.34 54.40
N TRP F 522 63.33 42.89 54.04
CA TRP F 522 62.33 43.70 53.34
C TRP F 522 61.53 44.58 54.27
N SER F 523 61.87 44.58 55.55
CA SER F 523 61.11 45.38 56.51
C SER F 523 61.50 46.87 56.55
N VAL F 524 61.30 47.52 55.42
CA VAL F 524 61.45 48.96 55.31
C VAL F 524 60.20 49.53 54.60
N PHE F 525 59.06 49.43 55.28
CA PHE F 525 57.76 49.71 54.69
C PHE F 525 57.63 51.12 54.21
N HIS F 526 58.28 52.03 54.92
CA HIS F 526 58.15 53.45 54.68
C HIS F 526 59.21 53.96 53.72
N ASP F 527 60.07 53.09 53.20
CA ASP F 527 61.15 53.57 52.34
C ASP F 527 61.70 52.51 51.42
N PRO F 528 60.83 51.84 50.65
CA PRO F 528 61.43 50.83 49.81
C PRO F 528 62.46 51.46 48.89
N GLN F 529 62.24 52.71 48.50
CA GLN F 529 63.20 53.32 47.57
C GLN F 529 64.56 53.38 48.22
N GLY F 530 64.59 53.68 49.51
CA GLY F 530 65.84 53.70 50.26
C GLY F 530 66.51 52.33 50.29
N LEU F 531 65.70 51.28 50.41
CA LEU F 531 66.24 49.91 50.42
C LEU F 531 66.79 49.60 49.04
N ILE F 532 66.04 49.97 48.00
CA ILE F 532 66.50 49.80 46.62
C ILE F 532 67.82 50.54 46.45
N ASP F 533 67.91 51.73 47.03
CA ASP F 533 69.12 52.55 46.88
C ASP F 533 70.29 51.87 47.58
N LEU F 534 70.07 51.48 48.84
CA LEU F 534 71.03 50.67 49.58
C LEU F 534 71.58 49.53 48.73
N MET F 535 70.73 48.85 47.99
CA MET F 535 71.19 47.64 47.30
C MET F 535 71.81 47.95 45.96
N GLY F 536 71.84 49.23 45.59
CA GLY F 536 72.46 49.63 44.33
C GLY F 536 71.50 49.61 43.14
N GLY F 537 70.22 49.87 43.40
CA GLY F 537 69.28 50.08 42.31
C GLY F 537 68.25 48.99 42.08
N LYS F 538 67.28 49.31 41.24
CA LYS F 538 66.14 48.43 41.01
C LYS F 538 66.50 47.09 40.36
N GLU F 539 67.43 47.07 39.41
CA GLU F 539 67.82 45.80 38.81
C GLU F 539 68.41 44.86 39.85
N MET F 540 69.28 45.38 40.71
CA MET F 540 69.91 44.57 41.74
C MET F 540 68.88 44.13 42.81
N PHE F 541 68.01 45.07 43.20
CA PHE F 541 66.93 44.81 44.13
C PHE F 541 66.05 43.67 43.64
N VAL F 542 65.67 43.73 42.37
CA VAL F 542 64.84 42.70 41.77
C VAL F 542 65.55 41.36 41.74
N THR F 543 66.85 41.38 41.49
CA THR F 543 67.65 40.16 41.53
C THR F 543 67.57 39.55 42.93
N MET F 544 67.76 40.36 43.95
CA MET F 544 67.70 39.83 45.29
C MET F 544 66.33 39.24 45.61
N MET F 545 65.27 39.94 45.21
CA MET F 545 63.90 39.48 45.43
C MET F 545 63.65 38.18 44.70
N ASP F 546 63.97 38.15 43.40
CA ASP F 546 63.78 36.93 42.62
C ASP F 546 64.43 35.73 43.30
N SER F 547 65.58 35.95 43.92
CA SER F 547 66.33 34.81 44.46
C SER F 547 65.69 34.22 45.72
N VAL F 548 64.88 35.02 46.41
CA VAL F 548 64.10 34.52 47.53
C VAL F 548 63.25 33.30 47.17
N PHE F 549 62.65 33.31 45.99
CA PHE F 549 61.83 32.17 45.54
C PHE F 549 62.68 31.01 45.04
N ALA F 550 63.91 31.32 44.63
CA ALA F 550 64.77 30.35 43.93
C ALA F 550 65.70 29.50 44.82
N VAL F 551 66.07 30.01 45.99
CA VAL F 551 67.02 29.35 46.88
C VAL F 551 66.39 28.32 47.78
N PRO F 552 66.81 27.05 47.63
CA PRO F 552 66.17 25.93 48.28
C PRO F 552 65.97 26.32 49.74
N PRO F 553 64.97 25.71 50.40
CA PRO F 553 64.68 26.09 51.76
C PRO F 553 65.58 25.38 52.75
N ILE F 554 66.88 25.68 52.72
CA ILE F 554 67.78 25.17 53.76
C ILE F 554 67.70 26.17 54.91
N PHE F 555 68.10 25.76 56.11
CA PHE F 555 67.91 26.60 57.29
C PHE F 555 68.82 26.18 58.43
N ASP F 556 69.06 27.10 59.36
CA ASP F 556 69.76 26.76 60.58
C ASP F 556 68.83 27.07 61.73
N ASP F 557 68.59 26.08 62.60
CA ASP F 557 67.67 26.24 63.72
C ASP F 557 68.32 26.30 65.09
N SER F 558 69.65 26.37 65.12
CA SER F 558 70.42 26.37 66.37
C SER F 558 69.75 27.22 67.44
N TYR F 559 69.17 28.34 67.02
CA TYR F 559 68.61 29.25 67.98
C TYR F 559 67.46 28.59 68.73
N TYR F 560 66.63 27.83 68.02
CA TYR F 560 65.49 27.16 68.63
C TYR F 560 65.85 25.77 69.14
N GLY F 561 66.85 25.16 68.51
CA GLY F 561 67.24 23.80 68.86
C GLY F 561 66.16 22.78 68.51
N GLN F 562 65.39 23.08 67.46
CA GLN F 562 64.43 22.14 66.86
C GLN F 562 63.77 22.78 65.64
N VAL F 563 63.19 21.96 64.78
CA VAL F 563 62.53 22.48 63.60
C VAL F 563 61.16 23.01 63.97
N ILE F 564 61.09 24.26 64.42
CA ILE F 564 59.80 24.78 64.80
C ILE F 564 58.87 24.67 63.59
N HIS F 565 57.57 24.65 63.87
CA HIS F 565 56.60 24.51 62.80
C HIS F 565 56.79 25.54 61.67
N GLU F 566 57.19 26.76 62.03
CA GLU F 566 57.41 27.81 61.05
C GLU F 566 58.42 27.41 60.01
N ILE F 567 59.46 26.71 60.43
CA ILE F 567 60.48 26.25 59.51
C ILE F 567 59.89 25.16 58.61
N ARG F 568 59.24 24.18 59.21
CA ARG F 568 58.66 23.08 58.44
C ARG F 568 57.68 23.62 57.37
N GLU F 569 56.91 24.64 57.75
CA GLU F 569 55.89 25.25 56.86
C GLU F 569 56.53 25.82 55.60
N MET F 570 57.67 26.47 55.78
CA MET F 570 58.41 27.00 54.66
C MET F 570 58.90 25.88 53.75
N THR F 571 59.51 24.84 54.32
CA THR F 571 60.13 23.79 53.47
C THR F 571 59.13 23.07 52.59
N VAL F 572 57.93 22.86 53.10
CA VAL F 572 56.99 21.97 52.43
C VAL F 572 56.34 22.61 51.21
N MET F 573 56.36 23.94 51.12
CA MET F 573 55.65 24.62 50.02
C MET F 573 56.41 24.67 48.70
N ASN F 574 57.71 24.44 48.75
CA ASN F 574 58.51 24.53 47.53
C ASN F 574 58.42 25.92 46.88
N MET F 575 58.50 26.97 47.69
CA MET F 575 58.59 28.33 47.19
C MET F 575 59.88 28.98 47.67
N GLY F 576 60.98 28.25 47.54
CA GLY F 576 62.26 28.74 48.03
C GLY F 576 62.15 29.16 49.49
N ASN F 577 62.70 30.32 49.82
CA ASN F 577 62.56 30.86 51.18
C ASN F 577 61.38 31.79 51.34
N TYR F 578 60.55 31.94 50.32
CA TYR F 578 59.32 32.70 50.55
C TYR F 578 58.37 31.88 51.46
N ALA F 579 58.30 32.24 52.74
CA ALA F 579 57.44 31.51 53.65
C ALA F 579 56.27 32.41 53.96
N HIS F 580 55.16 32.19 53.26
CA HIS F 580 54.07 33.14 53.34
C HIS F 580 53.44 33.33 54.72
N GLY F 581 53.54 32.35 55.62
CA GLY F 581 52.89 32.47 56.93
C GLY F 581 53.73 33.32 57.87
N ASN F 582 54.93 33.64 57.42
CA ASN F 582 55.87 34.45 58.15
C ASN F 582 55.49 35.95 58.08
N GLN F 583 54.95 36.51 59.16
CA GLN F 583 54.45 37.89 59.07
C GLN F 583 55.37 38.92 58.36
N PRO F 584 56.65 39.02 58.75
CA PRO F 584 57.57 40.01 58.18
C PRO F 584 57.69 39.99 56.65
N ILE F 585 57.41 38.85 56.02
CA ILE F 585 57.60 38.73 54.59
C ILE F 585 56.34 38.93 53.73
N GLN F 586 55.20 39.16 54.39
CA GLN F 586 53.89 39.14 53.72
C GLN F 586 53.61 40.30 52.75
N HIS F 587 54.26 41.43 52.96
CA HIS F 587 54.17 42.52 52.02
C HIS F 587 55.24 42.42 50.91
N MET F 588 56.14 41.45 51.02
CA MET F 588 57.31 41.46 50.15
C MET F 588 57.00 41.53 48.66
N ILE F 589 56.12 40.65 48.19
CA ILE F 589 55.83 40.59 46.77
C ILE F 589 55.40 41.94 46.18
N TYR F 590 54.63 42.71 46.94
CA TYR F 590 54.21 44.04 46.53
C TYR F 590 55.36 45.01 46.28
N LEU F 591 56.51 44.78 46.92
CA LEU F 591 57.67 45.64 46.68
C LEU F 591 58.15 45.56 45.25
N TYR F 592 57.75 44.52 44.52
CA TYR F 592 58.05 44.49 43.09
C TYR F 592 57.57 45.77 42.39
N ASP F 593 56.43 46.31 42.83
CA ASP F 593 55.89 47.54 42.26
C ASP F 593 56.87 48.72 42.38
N TYR F 594 57.53 48.80 43.53
CA TYR F 594 58.39 49.94 43.81
C TYR F 594 59.64 49.88 42.97
N ALA F 595 59.91 48.73 42.35
CA ALA F 595 61.09 48.60 41.50
C ALA F 595 60.70 48.53 40.05
N GLY F 596 59.47 48.99 39.76
CA GLY F 596 58.98 49.09 38.39
C GLY F 596 58.85 47.77 37.66
N GLN F 597 58.57 46.70 38.39
CA GLN F 597 58.17 45.42 37.79
C GLN F 597 56.89 44.86 38.43
N PRO F 598 55.79 45.62 38.35
CA PRO F 598 54.54 45.19 38.98
C PRO F 598 54.09 43.84 38.46
N TRP F 599 54.47 43.52 37.23
CA TRP F 599 53.98 42.28 36.63
C TRP F 599 54.49 41.07 37.39
N LYS F 600 55.65 41.16 38.03
CA LYS F 600 56.14 40.03 38.80
C LYS F 600 55.32 39.89 40.07
N ALA F 601 54.93 41.01 40.66
CA ALA F 601 54.04 40.97 41.81
C ALA F 601 52.73 40.28 41.41
N GLN F 602 52.19 40.66 40.26
CA GLN F 602 50.94 40.05 39.83
C GLN F 602 51.12 38.53 39.78
N TYR F 603 52.27 38.09 39.28
CA TYR F 603 52.51 36.67 39.09
C TYR F 603 52.61 35.91 40.42
N TRP F 604 53.44 36.42 41.30
CA TRP F 604 53.64 35.75 42.58
C TRP F 604 52.41 35.86 43.51
N LEU F 605 51.76 37.03 43.56
CA LEU F 605 50.58 37.15 44.42
C LEU F 605 49.55 36.10 44.02
N ARG F 606 49.33 35.97 42.72
CA ARG F 606 48.35 35.00 42.25
C ARG F 606 48.71 33.55 42.64
N GLN F 607 49.99 33.18 42.47
CA GLN F 607 50.46 31.88 42.92
C GLN F 607 50.17 31.68 44.42
N VAL F 608 50.40 32.73 45.19
CA VAL F 608 50.16 32.63 46.63
C VAL F 608 48.67 32.44 46.93
N MET F 609 47.83 33.32 46.37
CA MET F 609 46.38 33.24 46.53
C MET F 609 45.81 31.88 46.11
N ASP F 610 46.34 31.33 45.00
CA ASP F 610 45.86 30.07 44.44
C ASP F 610 46.36 28.88 45.26
N ARG F 611 47.56 28.98 45.79
CA ARG F 611 48.24 27.81 46.32
C ARG F 611 48.26 27.76 47.85
N MET F 612 48.47 28.90 48.49
CA MET F 612 48.79 28.93 49.91
C MET F 612 47.56 29.01 50.82
N TYR F 613 46.39 29.12 50.21
CA TYR F 613 45.12 29.24 50.91
C TYR F 613 44.16 28.26 50.29
N THR F 614 43.62 27.36 51.11
CA THR F 614 42.51 26.51 50.70
C THR F 614 41.39 26.67 51.72
N PRO F 615 40.15 26.31 51.33
CA PRO F 615 38.92 26.51 52.13
C PRO F 615 38.64 25.40 53.15
N GLY F 616 39.47 24.36 53.17
CA GLY F 616 39.20 23.18 54.02
C GLY F 616 39.72 23.34 55.44
N PRO F 617 39.56 22.30 56.27
CA PRO F 617 40.04 22.40 57.66
C PRO F 617 41.53 22.71 57.78
N ASP F 618 42.33 22.26 56.82
CA ASP F 618 43.76 22.58 56.79
C ASP F 618 44.02 23.72 55.81
N GLY F 619 43.28 24.82 55.95
CA GLY F 619 43.24 25.86 54.90
C GLY F 619 44.41 26.81 54.75
N TYR F 620 45.07 27.11 55.87
CA TYR F 620 46.10 28.14 55.85
C TYR F 620 47.47 27.49 55.69
N CYS F 621 48.51 28.28 55.47
CA CYS F 621 49.84 27.72 55.26
C CYS F 621 50.73 27.84 56.51
N GLY F 622 50.17 28.40 57.57
CA GLY F 622 50.89 28.74 58.81
C GLY F 622 49.92 29.37 59.79
N ASP F 623 50.39 29.92 60.90
CA ASP F 623 49.45 30.47 61.87
C ASP F 623 48.55 31.56 61.27
N GLU F 624 47.28 31.56 61.65
CA GLU F 624 46.35 32.56 61.14
C GLU F 624 46.63 33.95 61.75
N ASP F 625 46.88 33.97 63.07
CA ASP F 625 47.31 35.17 63.78
C ASP F 625 46.33 36.35 63.87
N ASN F 626 45.13 36.09 64.36
CA ASN F 626 44.15 37.11 64.75
C ASN F 626 43.66 38.04 63.67
N GLY F 627 43.72 37.55 62.44
CA GLY F 627 43.13 38.26 61.34
C GLY F 627 44.17 38.57 60.32
N GLN F 628 45.42 38.62 60.76
CA GLN F 628 46.50 39.06 59.89
C GLN F 628 46.65 38.22 58.61
N THR F 629 46.82 36.90 58.73
CA THR F 629 47.03 36.08 57.55
C THR F 629 45.76 36.07 56.67
N SER F 630 44.61 36.17 57.33
CA SER F 630 43.32 36.20 56.67
C SER F 630 43.06 37.50 55.94
N ALA F 631 43.31 38.62 56.63
CA ALA F 631 43.09 39.93 56.03
C ALA F 631 44.03 40.11 54.85
N TRP F 632 45.20 39.47 54.90
CA TRP F 632 46.14 39.56 53.75
C TRP F 632 45.47 39.05 52.51
N TYR F 633 44.77 37.93 52.67
CA TYR F 633 44.04 37.35 51.56
C TYR F 633 42.90 38.27 51.14
N VAL F 634 42.12 38.78 52.10
CA VAL F 634 40.99 39.63 51.74
C VAL F 634 41.50 40.80 50.88
N PHE F 635 42.48 41.50 51.41
CA PHE F 635 43.07 42.61 50.67
C PHE F 635 43.58 42.14 49.33
N SER F 636 44.36 41.06 49.34
CA SER F 636 45.03 40.66 48.11
C SER F 636 44.03 40.28 47.03
N ALA F 637 42.95 39.63 47.44
CA ALA F 637 41.93 39.25 46.46
C ALA F 637 41.29 40.49 45.83
N LEU F 638 41.13 41.57 46.61
CA LEU F 638 40.59 42.79 46.04
C LEU F 638 41.59 43.34 45.02
N GLY F 639 42.86 43.01 45.21
CA GLY F 639 43.93 43.47 44.31
C GLY F 639 44.85 44.57 44.82
N PHE F 640 44.82 44.86 46.12
CA PHE F 640 45.72 45.88 46.69
C PHE F 640 45.99 45.66 48.18
N TYR F 641 47.02 46.32 48.72
CA TYR F 641 47.52 45.95 50.04
C TYR F 641 48.18 47.14 50.72
N PRO F 642 47.87 47.34 52.02
CA PRO F 642 48.52 48.43 52.74
C PRO F 642 49.97 48.10 53.13
N VAL F 643 50.87 48.06 52.16
CA VAL F 643 52.29 47.88 52.45
C VAL F 643 52.75 48.78 53.60
N CYS F 644 52.30 50.04 53.60
CA CYS F 644 52.78 51.01 54.59
C CYS F 644 51.70 51.80 55.33
N PRO F 645 51.05 51.17 56.32
CA PRO F 645 50.11 51.87 57.19
C PRO F 645 50.80 53.10 57.75
N GLY F 646 50.08 54.21 57.89
CA GLY F 646 50.69 55.48 58.26
C GLY F 646 50.76 56.39 57.05
N THR F 647 50.85 55.78 55.87
CA THR F 647 50.58 56.47 54.62
C THR F 647 49.10 56.24 54.30
N ASP F 648 48.65 56.84 53.21
CA ASP F 648 47.26 56.77 52.82
C ASP F 648 47.14 55.87 51.61
N GLU F 649 48.11 54.98 51.44
CA GLU F 649 48.23 54.23 50.19
C GLU F 649 47.93 52.74 50.32
N TYR F 650 47.39 52.16 49.25
CA TYR F 650 47.27 50.72 49.09
C TYR F 650 48.04 50.40 47.83
N VAL F 651 48.96 49.46 47.92
CA VAL F 651 49.82 49.16 46.78
C VAL F 651 49.17 48.07 45.92
N MET F 652 49.25 48.25 44.61
CA MET F 652 48.50 47.40 43.69
C MET F 652 49.12 46.00 43.57
N GLY F 653 48.28 44.98 43.71
CA GLY F 653 48.69 43.62 43.37
C GLY F 653 47.93 43.17 42.13
N THR F 654 47.07 42.17 42.31
CA THR F 654 46.23 41.70 41.22
C THR F 654 44.96 41.10 41.80
N PRO F 655 43.79 41.58 41.34
CA PRO F 655 42.52 41.15 41.88
C PRO F 655 42.27 39.67 41.56
N LEU F 656 41.49 39.00 42.40
CA LEU F 656 41.19 37.57 42.16
C LEU F 656 39.84 37.35 41.45
N PHE F 657 38.86 38.20 41.71
CA PHE F 657 37.51 37.95 41.18
C PHE F 657 37.21 38.81 39.95
N LYS F 658 36.23 38.40 39.13
CA LYS F 658 35.82 39.25 38.03
C LYS F 658 35.20 40.54 38.54
N LYS F 659 34.59 40.51 39.72
CA LYS F 659 33.99 41.72 40.30
C LYS F 659 33.97 41.72 41.82
N ALA F 660 34.38 42.83 42.42
CA ALA F 660 34.26 43.02 43.85
C ALA F 660 33.66 44.41 44.07
N THR F 661 32.84 44.56 45.10
CA THR F 661 32.27 45.86 45.41
C THR F 661 32.44 46.14 46.89
N LEU F 662 33.01 47.30 47.22
CA LEU F 662 33.14 47.69 48.62
C LEU F 662 32.05 48.69 48.96
N HIS F 663 31.44 48.54 50.14
CA HIS F 663 30.45 49.49 50.65
C HIS F 663 30.97 50.18 51.91
N PHE F 664 31.40 51.44 51.78
CA PHE F 664 32.04 52.11 52.91
C PHE F 664 31.04 52.62 53.95
N GLU F 665 31.52 52.91 55.15
CA GLU F 665 30.66 53.43 56.20
C GLU F 665 30.10 54.80 55.84
N ASN F 666 30.88 55.59 55.11
CA ASN F 666 30.43 56.94 54.72
C ASN F 666 29.27 56.86 53.73
N GLY F 667 28.94 55.65 53.30
CA GLY F 667 27.76 55.44 52.44
C GLY F 667 28.03 55.43 50.94
N ASN F 668 29.27 55.66 50.54
CA ASN F 668 29.66 55.54 49.14
C ASN F 668 30.07 54.09 48.88
N SER F 669 30.19 53.73 47.61
CA SER F 669 30.60 52.39 47.28
C SER F 669 31.62 52.40 46.13
N LEU F 670 32.43 51.34 46.06
CA LEU F 670 33.50 51.25 45.07
C LEU F 670 33.47 49.90 44.36
N VAL F 671 33.42 49.94 43.02
CA VAL F 671 33.44 48.70 42.23
C VAL F 671 34.81 48.47 41.61
N ILE F 672 35.44 47.33 41.92
CA ILE F 672 36.62 46.90 41.16
C ILE F 672 36.14 45.93 40.10
N ASP F 673 36.12 46.39 38.86
CA ASP F 673 35.52 45.66 37.75
C ASP F 673 36.57 45.07 36.81
N ALA F 674 36.78 43.76 36.88
CA ALA F 674 37.81 43.12 36.05
C ALA F 674 37.19 41.96 35.32
N PRO F 675 36.36 42.25 34.31
CA PRO F 675 35.51 41.22 33.73
C PRO F 675 36.27 40.13 32.97
N ASN F 676 37.53 40.37 32.66
CA ASN F 676 38.31 39.39 31.89
C ASN F 676 39.18 38.50 32.77
N ASN F 677 39.07 38.69 34.09
CA ASN F 677 39.79 37.85 35.02
C ASN F 677 39.52 36.34 34.84
N SER F 678 40.55 35.52 35.03
CA SER F 678 40.44 34.06 34.99
C SER F 678 41.69 33.40 35.55
N THR F 679 41.69 32.07 35.56
CA THR F 679 42.84 31.32 36.02
C THR F 679 44.12 31.77 35.32
N GLU F 680 44.00 32.12 34.05
CA GLU F 680 45.17 32.39 33.19
C GLU F 680 45.44 33.88 33.09
N ASN F 681 44.40 34.68 33.29
CA ASN F 681 44.49 36.10 33.06
C ASN F 681 44.77 36.89 34.32
N PHE F 682 45.98 36.70 34.89
CA PHE F 682 46.28 37.27 36.20
C PHE F 682 47.09 38.57 36.12
N TYR F 683 47.60 38.88 34.94
CA TYR F 683 48.34 40.14 34.75
C TYR F 683 47.40 41.32 34.53
N ILE F 684 47.80 42.51 34.97
CA ILE F 684 47.01 43.71 34.69
C ILE F 684 47.60 44.43 33.48
N ASP F 685 46.86 44.48 32.38
CA ASP F 685 47.38 45.19 31.21
C ASP F 685 47.12 46.71 31.29
N SER F 686 45.89 47.09 31.62
CA SER F 686 45.60 48.50 31.83
C SER F 686 44.65 48.70 33.00
N MET F 687 44.41 49.95 33.37
CA MET F 687 43.65 50.22 34.58
C MET F 687 43.14 51.65 34.58
N SER F 688 41.86 51.83 34.89
CA SER F 688 41.29 53.17 34.95
C SER F 688 40.45 53.37 36.20
N PHE F 689 40.45 54.60 36.70
CA PHE F 689 39.72 54.97 37.91
C PHE F 689 38.79 56.15 37.61
N ASN F 690 37.48 55.91 37.66
CA ASN F 690 36.54 56.92 37.19
C ASN F 690 37.02 57.52 35.86
N GLY F 691 37.33 56.63 34.91
CA GLY F 691 37.56 57.02 33.52
C GLY F 691 38.86 57.74 33.20
N ALA F 692 39.68 57.97 34.21
CA ALA F 692 41.01 58.54 34.00
C ALA F 692 42.05 57.42 34.06
N ASP F 693 42.84 57.27 32.99
CA ASP F 693 43.88 56.23 32.96
C ASP F 693 44.70 56.18 34.28
N HIS F 694 45.04 54.97 34.73
CA HIS F 694 45.67 54.83 36.03
C HIS F 694 46.85 53.85 36.00
N THR F 695 48.03 54.38 35.72
CA THR F 695 49.26 53.59 35.59
C THR F 695 50.04 53.47 36.90
N LYS F 696 49.61 54.21 37.93
CA LYS F 696 50.27 54.13 39.24
C LYS F 696 50.09 52.75 39.91
N ASN F 697 51.12 52.30 40.63
CA ASN F 697 51.05 51.03 41.37
C ASN F 697 50.43 51.20 42.75
N TYR F 698 49.61 52.23 42.93
CA TYR F 698 48.97 52.40 44.23
C TYR F 698 47.67 53.18 44.19
N LEU F 699 46.83 52.97 45.20
CA LEU F 699 45.58 53.74 45.29
C LEU F 699 45.62 54.58 46.54
N ARG F 700 44.85 55.67 46.54
CA ARG F 700 44.78 56.54 47.70
C ARG F 700 43.47 56.38 48.45
N HIS F 701 43.59 56.21 49.77
CA HIS F 701 42.46 56.02 50.68
C HIS F 701 41.32 57.01 50.40
N GLU F 702 41.63 58.31 50.36
CA GLU F 702 40.65 59.38 50.12
C GLU F 702 39.94 59.26 48.79
N ASP F 703 40.61 58.72 47.78
CA ASP F 703 39.95 58.45 46.51
C ASP F 703 39.05 57.24 46.62
N LEU F 704 39.49 56.21 47.33
CA LEU F 704 38.61 55.04 47.48
C LEU F 704 37.31 55.50 48.14
N PHE F 705 37.45 56.29 49.19
CA PHE F 705 36.32 56.69 50.01
C PHE F 705 35.28 57.52 49.22
N LYS F 706 35.72 58.22 48.19
CA LYS F 706 34.80 58.96 47.33
C LYS F 706 33.98 58.01 46.50
N GLY F 707 34.46 56.78 46.37
CA GLY F 707 33.71 55.73 45.67
C GLY F 707 33.77 55.82 44.17
N GLY F 708 32.90 55.05 43.50
CA GLY F 708 32.94 54.97 42.04
C GLY F 708 33.34 53.60 41.51
N THR F 709 34.12 53.59 40.42
CA THR F 709 34.50 52.36 39.72
C THR F 709 35.96 52.39 39.22
N ILE F 710 36.65 51.28 39.43
CA ILE F 710 37.98 51.06 38.88
C ILE F 710 37.83 49.94 37.86
N LYS F 711 38.40 50.11 36.68
CA LYS F 711 38.31 49.08 35.65
C LYS F 711 39.68 48.43 35.54
N VAL F 712 39.73 47.10 35.61
CA VAL F 712 41.00 46.39 35.46
C VAL F 712 40.92 45.46 34.26
N ASP F 713 41.72 45.72 33.24
CA ASP F 713 41.76 44.84 32.08
C ASP F 713 42.82 43.76 32.26
N MET F 714 42.37 42.51 32.33
CA MET F 714 43.25 41.40 32.68
C MET F 714 43.79 40.67 31.45
N SER F 715 45.03 40.21 31.55
CA SER F 715 45.72 39.58 30.45
C SER F 715 46.49 38.36 30.92
N ASN F 716 46.70 37.41 30.01
CA ASN F 716 47.57 36.28 30.33
C ASN F 716 49.04 36.60 30.04
N ARG F 717 49.32 37.82 29.58
CA ARG F 717 50.71 38.27 29.36
C ARG F 717 51.03 39.54 30.16
N PRO F 718 52.27 39.65 30.65
CA PRO F 718 52.67 40.84 31.40
C PRO F 718 52.69 42.10 30.52
N ASN F 719 52.28 43.24 31.07
CA ASN F 719 52.50 44.47 30.32
C ASN F 719 53.78 45.13 30.78
N LEU F 720 54.79 45.07 29.93
CA LEU F 720 56.15 45.48 30.30
C LEU F 720 56.31 46.97 30.48
N ASN F 721 55.39 47.75 29.90
CA ASN F 721 55.49 49.21 29.94
C ASN F 721 54.72 49.82 31.10
N ARG F 722 53.79 49.06 31.68
CA ARG F 722 52.87 49.68 32.62
C ARG F 722 53.45 49.79 34.00
N GLY F 723 53.23 50.95 34.63
CA GLY F 723 53.69 51.20 36.00
C GLY F 723 55.19 51.13 36.24
N THR F 724 55.98 51.61 35.28
CA THR F 724 57.43 51.62 35.43
C THR F 724 58.00 53.02 35.62
N LYS F 725 57.14 54.03 35.58
CA LYS F 725 57.59 55.43 35.66
C LYS F 725 57.78 55.87 37.11
N GLU F 726 58.63 56.85 37.30
CA GLU F 726 58.93 57.39 38.63
C GLU F 726 57.63 57.84 39.35
N GLU F 727 56.70 58.43 38.60
CA GLU F 727 55.48 58.95 39.19
C GLU F 727 54.48 57.83 39.51
N ASP F 728 54.73 56.65 38.95
CA ASP F 728 53.92 55.46 39.24
C ASP F 728 54.28 54.81 40.59
N MET F 729 55.29 55.36 41.26
CA MET F 729 55.82 54.72 42.48
C MET F 729 55.09 55.14 43.75
N PRO F 730 54.81 54.16 44.60
CA PRO F 730 54.26 54.41 45.92
C PRO F 730 55.23 55.19 46.81
N TYR F 731 54.70 55.71 47.91
CA TYR F 731 55.46 56.48 48.87
C TYR F 731 56.77 55.83 49.35
N SER F 732 57.84 56.62 49.34
CA SER F 732 59.11 56.27 49.96
C SER F 732 59.61 57.50 50.70
N PHE F 733 60.04 57.32 51.94
CA PHE F 733 60.52 58.43 52.72
C PHE F 733 61.67 59.15 52.03
N SER F 734 62.63 58.40 51.52
CA SER F 734 63.76 58.98 50.82
C SER F 734 63.26 59.79 49.64
N LYS F 735 62.20 59.32 48.99
CA LYS F 735 61.60 60.06 47.88
C LYS F 735 60.92 61.33 48.36
N GLU F 736 60.18 61.25 49.48
CA GLU F 736 59.58 62.47 50.04
C GLU F 736 60.67 63.52 50.18
N LEU F 737 61.83 63.10 50.71
CA LEU F 737 62.95 64.01 50.91
C LEU F 737 63.44 64.63 49.58
N GLU F 738 63.22 63.92 48.48
CA GLU F 738 63.11 64.56 47.15
C GLU F 738 64.39 64.42 46.34
S2 Z5L G . 9.47 -45.04 -16.50
C2 Z5L G . 10.88 -44.82 -15.42
C1 Z5L G . 11.34 -46.15 -14.80
O1 Z5L G . 12.65 -45.97 -14.23
C1M Z5L G . 13.18 -47.17 -13.65
O5 Z5L G . 10.39 -46.57 -13.82
C3 Z5L G . 10.65 -43.79 -14.32
O3 Z5L G . 10.10 -42.61 -14.91
C4 Z5L G . 9.69 -44.34 -13.26
O4 Z5L G . 9.52 -43.46 -12.15
C5 Z5L G . 10.22 -45.66 -12.73
C6 Z5L G . 9.22 -46.23 -11.72
O6 Z5L G . 9.38 -47.65 -11.65
C1 MAN G . 9.86 -43.76 -17.69
C2 MAN G . 8.61 -43.30 -18.44
C3 MAN G . 8.27 -44.20 -19.63
C4 MAN G . 9.53 -44.52 -20.43
C5 MAN G . 10.57 -45.15 -19.53
C6 MAN G . 11.81 -45.51 -20.35
O2 MAN G . 8.88 -41.96 -18.86
O3 MAN G . 7.33 -43.53 -20.49
O4 MAN G . 9.29 -45.43 -21.48
O5 MAN G . 10.94 -44.17 -18.55
O6 MAN G . 12.56 -44.35 -20.71
S2 Z5L H . 27.03 -5.88 -3.45
C2 Z5L H . 26.83 -7.34 -2.47
C1 Z5L H . 27.58 -7.25 -1.14
O1 Z5L H . 27.18 -8.30 -0.25
C1M Z5L H . 27.65 -8.06 1.08
O5 Z5L H . 29.00 -7.31 -1.35
C3 Z5L H . 27.27 -8.57 -3.27
O3 Z5L H . 26.69 -8.54 -4.59
C4 Z5L H . 28.79 -8.65 -3.38
O4 Z5L H . 29.16 -9.92 -3.94
C5 Z5L H . 29.43 -8.51 -2.00
C6 Z5L H . 30.95 -8.45 -2.11
O6 Z5L H . 31.50 -8.28 -0.78
C1 MAN H . 25.47 -5.89 -4.31
C2 MAN H . 25.49 -5.04 -5.59
C3 MAN H . 25.18 -3.56 -5.41
C4 MAN H . 24.05 -3.38 -4.40
C5 MAN H . 24.24 -4.20 -3.12
C6 MAN H . 23.02 -4.04 -2.21
O2 MAN H . 24.54 -5.60 -6.54
O3 MAN H . 24.78 -3.03 -6.70
O4 MAN H . 23.92 -1.98 -4.10
O5 MAN H . 24.42 -5.60 -3.36
O6 MAN H . 21.85 -4.55 -2.86
S2 Z5L I . -45.21 -12.38 -17.99
C2 Z5L I . -46.47 -13.44 -18.66
C1 Z5L I . -46.54 -14.76 -17.89
O1 Z5L I . -47.78 -15.38 -18.23
C1M Z5L I . -48.25 -16.33 -17.26
O5 Z5L I . -45.49 -15.65 -18.32
C3 Z5L I . -46.37 -13.69 -20.17
O3 Z5L I . -46.11 -12.49 -20.90
C4 Z5L I . -45.25 -14.67 -20.49
O4 Z5L I . -45.15 -14.89 -21.92
C5 Z5L I . -45.57 -15.94 -19.71
C6 Z5L I . -44.57 -17.04 -20.05
O6 Z5L I . -44.25 -17.75 -18.86
C1 MAN I . -45.87 -10.74 -18.28
C2 MAN I . -44.78 -9.66 -18.27
C3 MAN I . -44.39 -9.16 -16.87
C4 MAN I . -45.63 -8.95 -16.01
C5 MAN I . -46.55 -10.16 -16.01
C6 MAN I . -47.83 -9.93 -15.19
O2 MAN I . -45.30 -8.52 -18.98
O3 MAN I . -43.74 -7.88 -17.01
O4 MAN I . -45.28 -8.55 -14.69
O5 MAN I . -46.94 -10.44 -17.36
O6 MAN I . -48.77 -9.07 -15.87
S2 Z5L J . -67.43 -3.35 -55.79
C2 Z5L J . -66.97 -4.97 -55.27
C1 Z5L J . -67.65 -6.04 -56.14
O1 Z5L J . -67.04 -7.31 -55.88
C1M Z5L J . -67.24 -8.27 -56.93
O5 Z5L J . -69.05 -6.12 -55.81
C3 Z5L J . -67.28 -5.19 -53.77
O3 Z5L J . -66.80 -4.10 -52.96
C4 Z5L J . -68.78 -5.39 -53.53
O4 Z5L J . -69.08 -5.67 -52.16
C5 Z5L J . -69.31 -6.50 -54.45
C6 Z5L J . -70.81 -6.67 -54.31
O6 Z5L J . -71.27 -7.79 -55.10
C1 MAN J . -66.00 -2.46 -55.26
C2 MAN J . -66.18 -0.94 -55.27
C3 MAN J . -66.06 -0.32 -56.66
C4 MAN J . -64.89 -0.89 -57.45
C5 MAN J . -64.96 -2.42 -57.41
C6 MAN J . -63.82 -3.09 -58.17
O2 MAN J . -65.16 -0.35 -54.45
O3 MAN J . -65.83 1.09 -56.46
O4 MAN J . -64.94 -0.36 -58.79
O5 MAN J . -64.87 -2.85 -56.05
O6 MAN J . -62.62 -2.40 -57.86
S2 Z5L K . 34.77 -5.88 56.73
C2 Z5L K . 36.24 -5.75 57.71
C1 Z5L K . 36.57 -7.13 58.28
O1 Z5L K . 37.95 -7.09 58.66
C1M Z5L K . 38.44 -8.35 59.15
O5 Z5L K . 35.73 -7.44 59.38
C3 Z5L K . 36.14 -4.67 58.81
O3 Z5L K . 35.62 -3.44 58.29
C4 Z5L K . 35.30 -5.13 59.99
O4 Z5L K . 35.43 -4.17 61.06
C5 Z5L K . 35.82 -6.48 60.45
C6 Z5L K . 35.02 -6.96 61.66
O6 Z5L K . 35.06 -8.39 61.66
C1 MAN K . 35.07 -4.61 55.53
C2 MAN K . 33.77 -4.12 54.86
C3 MAN K . 33.31 -5.02 53.72
C4 MAN K . 34.45 -5.37 52.78
C5 MAN K . 35.60 -5.98 53.57
C6 MAN K . 36.77 -6.38 52.67
O2 MAN K . 33.94 -2.77 54.37
O3 MAN K . 32.30 -4.33 52.97
O4 MAN K . 33.95 -6.32 51.80
O5 MAN K . 36.05 -5.05 54.55
O6 MAN K . 37.48 -5.22 52.19
S2 Z5L L . 55.02 32.49 67.71
C2 Z5L L . 55.02 31.00 68.67
C1 Z5L L . 55.90 31.16 69.90
O1 Z5L L . 55.68 30.07 70.81
C1M Z5L L . 56.08 30.39 72.14
O5 Z5L L . 57.27 31.19 69.50
C3 Z5L L . 55.40 29.78 67.82
O3 Z5L L . 54.77 29.83 66.54
C4 Z5L L . 56.90 29.74 67.58
O4 Z5L L . 57.22 28.50 66.96
C5 Z5L L . 57.69 29.97 68.87
C6 Z5L L . 59.18 30.08 68.54
O6 Z5L L . 59.90 30.32 69.75
C1 MAN L . 53.43 32.45 66.95
C2 MAN L . 53.42 33.33 65.68
C3 MAN L . 53.23 34.82 65.95
C4 MAN L . 52.23 35.06 67.09
C5 MAN L . 52.54 34.18 68.30
C6 MAN L . 51.61 34.47 69.47
O2 MAN L . 52.37 32.82 64.83
O3 MAN L . 52.74 35.48 64.76
O4 MAN L . 52.26 36.45 67.47
O5 MAN L . 52.45 32.81 67.93
O6 MAN L . 50.27 34.05 69.18
CA CA M . 6.55 -41.57 -20.12
C1 GOL N . 27.04 -21.15 -38.26
O1 GOL N . 25.80 -21.27 -37.60
C2 GOL N . 27.73 -19.86 -37.85
O2 GOL N . 26.88 -19.09 -37.02
C3 GOL N . 29.01 -20.15 -37.10
O3 GOL N . 30.03 -19.34 -37.64
CA CA O . 24.97 -4.22 -8.84
CA CA P . -43.26 -7.06 -18.94
C1 GOL Q . -51.92 14.61 -7.49
O1 GOL Q . -52.92 14.28 -6.56
C2 GOL Q . -51.42 16.04 -7.24
O2 GOL Q . -50.06 16.14 -7.61
C3 GOL Q . -52.26 17.00 -8.07
O3 GOL Q . -51.92 18.33 -7.77
CA CA R . -65.87 1.84 -54.33
CA CA S . 31.60 -2.20 53.38
C1 GOL T . 34.68 1.32 27.73
O1 GOL T . 36.11 1.32 27.63
C2 GOL T . 34.06 2.38 26.81
O2 GOL T . 32.78 2.80 27.26
C3 GOL T . 34.98 3.58 26.71
O3 GOL T . 34.86 4.08 25.40
CA CA U . 52.51 34.17 62.91
#